data_6TG9
#
_entry.id   6TG9
#
_cell.length_a   1.00
_cell.length_b   1.00
_cell.length_c   1.00
_cell.angle_alpha   90.00
_cell.angle_beta   90.00
_cell.angle_gamma   90.00
#
_symmetry.space_group_name_H-M   'P 1'
#
loop_
_entity.id
_entity.type
_entity.pdbx_description
1 polymer 'Formate dehydrogenase subunit alpha'
2 polymer 'Formate dehydrogenase subunit beta'
3 polymer 'Formate dehydrogenase subunit gamma'
4 polymer 'NAD-dependent formate dehydrogenase subunit delta'
5 non-polymer '2-AMINO-5,6-DIMERCAPTO-7-METHYL-3,7,8A,9-TETRAHYDRO-8-OXA-1,3,9,10-TETRAAZA-ANTHRACEN-4-ONE GUANOSINE DINUCLEOTIDE'
6 non-polymer 'MOLYBDENUM(VI) ION'
7 non-polymer 'FE2/S2 (INORGANIC) CLUSTER'
8 non-polymer 'IRON/SULFUR CLUSTER'
9 non-polymer 'HYDROSULFURIC ACID'
10 non-polymer 'FLAVIN MONONUCLEOTIDE'
11 non-polymer '1,4-DIHYDRONICOTINAMIDE ADENINE DINUCLEOTIDE'
#
loop_
_entity_poly.entity_id
_entity_poly.type
_entity_poly.pdbx_seq_one_letter_code
_entity_poly.pdbx_strand_id
1 'polypeptide(L)'
;MKDLIIPPLDWTQDMGTPKREGAPVHLTIDGVEVTVPAGTSVLRAAAEAGISIPKLCATDNVEPVGSCRLCMVEIEGMRG
TPTSCTTPVAPGMRVHTQTPQLQKLRRGVMELYISDHPLDCLTCAANGDCELQDMAGAVGLREVRYQAKDTHFARRDATG
PNPRYIPKDNSNPYFSYDPAKCIVCMRCVRACEEVQGTFALTVMGRGFDARISPAAPDFLSSDCVSCGACVQACPTATLV
EKSVERIGTPERKVVTTCAYCGVGCSFEAHMLGDQLVRMVPWKGGAANRGHSCVKGRFAYGYATHQDRILKPMIRDKITD
PWREVNWTEALDFTATRLRALRDSHGADALGVITSSRCTNEETYLVQKLARAVFGTNNTDTCARVCHSPTGYGLKQTFGT
SAGTQDFDSVEETDLALVIGANPTDGHPVFASRLRKRLRAGAKLIVVDPRRIDLLNTPHRGEAWHLQLKPGTNVAVMTAM
AHVIVTEQIFDKRFIGDRCDWDEWADYAEFVANPEYAPEAVESLTGVPAGLLRQAARAYAAAPNAAIYYGLGVTEHSQGS
TTVIAIANLAMMTGNIGRPGVGVNPLRGQNNVQGSCDMGSFPHEFPGYRHVSDDATRGLFERTWGVTLSSEPGLRIPNML
DAAVEGRFKALYVQGEDILQSDPDTRHVSAGLAAMDLVIVHDLFLNETANYAHVFLPGSTFLEKDGTFTNAERRINRVRR
VMAPKAGFADWEVTQMLANALGAGWHYTHPSEIMAEIAATTPGFAAVTYEMLDARGSVQWPCNEKAPEGSPIMHVEGFVR
GKGRFIRTAYLPTDEKTGPRFPLLLTTGRILSQYNVGAQTRRTENTVWHGEDRLEIHPTDAETRGIRDGDWVRLASRAGE
TTLRATVTDRVSPGVVYTTFHHPDTQANVVTTDTSDWATNCPEYKVTAVQVAASNGPSDWQQDYAAQAAAARRIEAAE
;
A,E
2 'polypeptide(L)'
;MKIWLPCDAAAKACGAEAVLAALRLEAEKRGGALDIARNGSRGMIWLEPLLEVETPAGRIGFGPMTPADVPALFDALESH
PKALGLVEEIPFFKRQTRLTFARCGRIEPLSLAQFAAAEGWAGLRKALKMTPAEVVEEVLASGLRGRGGAGFPTGIKWRT
VAAAQADQKYIVCNVDEGDSGSFADRMLIEGDPFCLVEGMAIAGHAVGATRGYVYIRSEYPDAIAVMRAAIAMAKPFLAE
AGFEMEVRVGAGAYVCGEETSLLNSLEGKRGTVRAKPPLPALKGLFGKPTVVNNLLSLAAVPWIIAHGAKAYESFGMDRS
RGTIPLQIGGNVKRGGLFETGFGITLGELVEDICGGTASGRPVKAVQVGGPLGAYHPVSDYHLPFCYEQFAGQGGLVGHA
GLVVHDDTADMLKLARFAMEFCAIESCGTCTPCRIGAVRGVEVIDRIAAGDASAMPLLDDLCQTMKLGSLCALGGFTPYP
VQSAIRHFPADFPCAREAAE
;
B,F
3 'polypeptide(L)'
;MTDTARLRAILAAHRGREGALLPILHDVQAAFGFIPEDAYAPIAADLGLTRAEVAGVVGFYHDFRKAPAGRHVIKLCRAE
ACQAMGMDAVQARLESALGLRLGDSSEAVTLEAVYCLGLCACAPAAMVDDRLVGRLDAAAVAGIVAELGA
;
G,C
4 'polypeptide(L)' MSDDKIIRMANQIAAFFAVQPGDRAGPVAAHISENWSAPMRAALLAHVAAQSPGLDPLVIAAAPQIRPVPA D,H
#
loop_
_chem_comp.id
_chem_comp.type
_chem_comp.name
_chem_comp.formula
6MO non-polymer 'MOLYBDENUM(VI) ION' 'Mo 6'
FES non-polymer 'FE2/S2 (INORGANIC) CLUSTER' 'Fe2 S2'
FMN non-polymer 'FLAVIN MONONUCLEOTIDE' 'C17 H21 N4 O9 P'
H2S non-polymer 'HYDROSULFURIC ACID' 'H2 S'
MGD non-polymer '2-AMINO-5,6-DIMERCAPTO-7-METHYL-3,7,8A,9-TETRAHYDRO-8-OXA-1,3,9,10-TETRAAZA-ANTHRACEN-4-ONE GUANOSINE DINUCLEOTIDE' 'C20 H26 N10 O13 P2 S2'
NAI non-polymer '1,4-DIHYDRONICOTINAMIDE ADENINE DINUCLEOTIDE' 'C21 H29 N7 O14 P2'
SF4 non-polymer 'IRON/SULFUR CLUSTER' 'Fe4 S4'
#
# COMPACT_ATOMS: atom_id res chain seq x y z
N PRO A 7 12.27 1.01 20.26
CA PRO A 7 11.82 2.39 20.46
C PRO A 7 10.30 2.50 20.49
N PRO A 8 9.79 3.68 20.85
CA PRO A 8 8.33 3.84 20.95
C PRO A 8 7.61 3.47 19.68
N LEU A 9 6.30 3.25 19.77
CA LEU A 9 5.48 2.93 18.61
C LEU A 9 4.89 4.20 18.02
N ASP A 10 4.73 5.21 18.86
CA ASP A 10 4.16 6.49 18.44
C ASP A 10 4.90 7.05 17.23
N TRP A 11 6.14 6.64 17.07
CA TRP A 11 7.03 7.22 16.06
C TRP A 11 6.75 6.75 14.64
N THR A 12 6.50 5.46 14.52
CA THR A 12 6.38 4.81 13.23
C THR A 12 4.92 4.57 12.88
N GLN A 13 4.13 4.34 13.92
CA GLN A 13 2.74 3.97 13.77
C GLN A 13 1.85 5.12 14.18
N ASP A 14 0.79 5.34 13.40
CA ASP A 14 -0.23 6.30 13.79
C ASP A 14 -1.27 5.61 14.62
N MET A 15 -1.14 5.78 15.92
CA MET A 15 -2.13 5.28 16.84
C MET A 15 -3.40 6.07 16.61
N GLY A 16 -4.45 5.73 17.33
CA GLY A 16 -5.72 6.38 17.12
C GLY A 16 -5.82 7.69 17.83
N THR A 17 -5.74 7.63 19.15
CA THR A 17 -5.98 8.78 19.99
C THR A 17 -4.72 9.19 20.72
N PRO A 18 -4.71 10.40 21.28
CA PRO A 18 -3.54 10.90 21.99
C PRO A 18 -3.25 10.09 23.24
N LYS A 19 -2.08 10.32 23.82
CA LYS A 19 -1.68 9.61 25.01
C LYS A 19 -2.24 10.29 26.23
N ARG A 20 -2.71 9.50 27.19
CA ARG A 20 -3.28 10.03 28.41
C ARG A 20 -2.43 9.62 29.60
N GLU A 21 -2.47 10.43 30.65
CA GLU A 21 -1.79 10.09 31.90
C GLU A 21 -2.82 9.68 32.94
N GLY A 22 -2.45 8.72 33.77
CA GLY A 22 -3.35 8.25 34.80
C GLY A 22 -2.85 6.97 35.45
N ALA A 23 -3.73 6.31 36.19
CA ALA A 23 -3.40 5.06 36.83
C ALA A 23 -3.39 3.94 35.81
N PRO A 24 -2.65 2.86 36.10
CA PRO A 24 -2.68 1.73 35.18
C PRO A 24 -4.04 1.06 35.19
N VAL A 25 -4.43 0.52 34.05
CA VAL A 25 -5.71 -0.14 33.91
C VAL A 25 -5.53 -1.34 33.03
N HIS A 26 -5.98 -2.50 33.52
CA HIS A 26 -5.86 -3.73 32.78
C HIS A 26 -7.15 -4.05 32.04
N LEU A 27 -7.03 -4.53 30.81
CA LEU A 27 -8.18 -4.92 30.02
C LEU A 27 -7.79 -5.97 29.00
N THR A 28 -8.78 -6.51 28.30
CA THR A 28 -8.52 -7.58 27.35
C THR A 28 -9.03 -7.26 25.97
N ILE A 29 -8.14 -6.74 25.14
CA ILE A 29 -8.43 -6.43 23.76
C ILE A 29 -8.32 -7.68 22.91
N ASP A 30 -9.48 -8.17 22.46
CA ASP A 30 -9.55 -9.32 21.55
C ASP A 30 -8.86 -10.54 22.12
N GLY A 31 -8.85 -10.65 23.44
CA GLY A 31 -8.26 -11.79 24.12
C GLY A 31 -6.79 -11.59 24.43
N VAL A 32 -6.35 -10.33 24.44
CA VAL A 32 -4.98 -10.00 24.75
C VAL A 32 -4.94 -8.97 25.86
N GLU A 33 -4.13 -9.26 26.88
CA GLU A 33 -4.06 -8.38 28.03
C GLU A 33 -3.30 -7.11 27.71
N VAL A 34 -3.82 -6.00 28.21
CA VAL A 34 -3.18 -4.71 28.01
C VAL A 34 -3.28 -3.91 29.29
N THR A 35 -2.23 -3.15 29.59
CA THR A 35 -2.24 -2.25 30.73
C THR A 35 -1.89 -0.85 30.26
N VAL A 36 -2.81 0.09 30.49
CA VAL A 36 -2.63 1.44 30.00
C VAL A 36 -3.32 2.43 30.89
N PRO A 37 -2.93 3.71 30.81
CA PRO A 37 -3.58 4.75 31.59
C PRO A 37 -5.10 4.74 31.46
N ALA A 38 -5.78 5.49 32.31
CA ALA A 38 -7.22 5.38 32.46
C ALA A 38 -7.99 5.91 31.26
N GLY A 39 -7.82 7.21 31.00
CA GLY A 39 -8.54 7.86 29.93
C GLY A 39 -8.22 7.30 28.57
N THR A 40 -7.15 6.53 28.48
CA THR A 40 -6.72 5.99 27.20
C THR A 40 -7.84 5.19 26.57
N SER A 41 -7.96 5.32 25.26
CA SER A 41 -9.04 4.71 24.53
C SER A 41 -8.77 3.24 24.27
N VAL A 42 -9.75 2.63 23.64
CA VAL A 42 -9.69 1.23 23.24
C VAL A 42 -8.83 1.08 22.02
N LEU A 43 -8.86 2.10 21.19
CA LEU A 43 -8.20 2.07 19.91
C LEU A 43 -6.71 2.14 20.09
N ARG A 44 -6.27 3.09 20.91
CA ARG A 44 -4.86 3.25 21.20
C ARG A 44 -4.30 2.01 21.89
N ALA A 45 -5.09 1.46 22.81
CA ALA A 45 -4.67 0.27 23.52
C ALA A 45 -4.52 -0.89 22.57
N ALA A 46 -5.51 -1.07 21.71
CA ALA A 46 -5.50 -2.12 20.72
C ALA A 46 -4.32 -1.96 19.78
N ALA A 47 -3.90 -0.72 19.59
CA ALA A 47 -2.76 -0.40 18.76
C ALA A 47 -1.49 -0.84 19.46
N GLU A 48 -1.43 -0.52 20.74
CA GLU A 48 -0.31 -0.87 21.59
C GLU A 48 -0.18 -2.37 21.74
N ALA A 49 -1.28 -3.08 21.51
CA ALA A 49 -1.32 -4.52 21.68
C ALA A 49 -1.11 -5.23 20.35
N GLY A 50 -1.10 -4.47 19.25
CA GLY A 50 -0.83 -5.03 17.94
C GLY A 50 -2.08 -5.34 17.14
N ILE A 51 -3.21 -5.45 17.82
CA ILE A 51 -4.48 -5.70 17.17
C ILE A 51 -4.99 -4.40 16.58
N SER A 52 -4.97 -4.32 15.26
CA SER A 52 -5.36 -3.12 14.54
C SER A 52 -6.86 -3.06 14.31
N ILE A 53 -7.41 -1.88 14.47
CA ILE A 53 -8.82 -1.64 14.21
C ILE A 53 -8.92 -0.63 13.09
N PRO A 54 -9.87 -0.83 12.12
CA PRO A 54 -10.23 0.12 10.99
C PRO A 54 -10.60 1.54 11.46
N LYS A 55 -9.83 2.55 11.05
CA LYS A 55 -10.09 3.96 11.48
C LYS A 55 -9.80 4.90 10.32
N LEU A 56 -10.59 5.96 10.14
CA LEU A 56 -10.32 6.98 9.10
C LEU A 56 -10.27 8.37 9.73
N CYS A 57 -11.17 8.68 10.66
CA CYS A 57 -11.28 10.05 11.21
C CYS A 57 -10.48 10.23 12.49
N ALA A 58 -9.79 9.19 12.97
CA ALA A 58 -9.09 9.31 14.27
C ALA A 58 -7.59 9.49 14.03
N THR A 59 -6.99 10.53 14.60
CA THR A 59 -5.53 10.74 14.48
C THR A 59 -5.00 11.15 15.86
N ASP A 60 -3.71 10.87 16.16
CA ASP A 60 -3.14 11.17 17.50
C ASP A 60 -3.00 12.68 17.71
N ASN A 61 -2.74 13.40 16.64
CA ASN A 61 -2.49 14.83 16.69
C ASN A 61 -3.64 15.53 17.38
N VAL A 62 -4.81 14.91 17.30
CA VAL A 62 -6.05 15.57 17.72
C VAL A 62 -6.92 14.66 18.54
N GLU A 63 -8.00 15.23 19.05
CA GLU A 63 -8.97 14.49 19.82
C GLU A 63 -9.94 13.80 18.88
N PRO A 64 -10.43 12.63 19.28
CA PRO A 64 -11.25 11.74 18.47
C PRO A 64 -12.66 12.25 18.28
N VAL A 65 -13.33 11.83 17.21
CA VAL A 65 -14.74 12.26 16.93
C VAL A 65 -15.40 11.10 16.17
N GLY A 66 -16.62 10.71 16.53
CA GLY A 66 -17.21 9.52 15.89
C GLY A 66 -17.86 9.84 14.56
N SER A 67 -17.07 10.11 13.53
CA SER A 67 -17.62 10.50 12.21
C SER A 67 -17.66 9.30 11.25
N CYS A 68 -16.53 8.61 11.08
CA CYS A 68 -16.47 7.44 10.16
C CYS A 68 -17.36 6.31 10.66
N ARG A 69 -17.34 6.04 11.98
CA ARG A 69 -18.15 4.95 12.59
C ARG A 69 -17.56 3.61 12.18
N LEU A 70 -16.31 3.57 11.72
CA LEU A 70 -15.68 2.31 11.24
C LEU A 70 -14.86 1.63 12.34
N CYS A 71 -14.73 2.25 13.51
CA CYS A 71 -13.93 1.66 14.63
C CYS A 71 -14.90 1.07 15.66
N MET A 72 -16.06 0.62 15.19
CA MET A 72 -17.07 0.00 16.00
C MET A 72 -16.62 -1.36 16.49
N VAL A 73 -16.93 -1.64 17.75
CA VAL A 73 -16.58 -2.92 18.37
C VAL A 73 -17.66 -3.37 19.31
N GLU A 74 -17.74 -4.67 19.52
CA GLU A 74 -18.66 -5.24 20.47
C GLU A 74 -18.01 -5.35 21.84
N ILE A 75 -18.64 -4.74 22.84
CA ILE A 75 -18.11 -4.75 24.19
C ILE A 75 -19.10 -5.41 25.14
N GLU A 76 -18.58 -6.27 26.00
CA GLU A 76 -19.40 -6.96 26.97
C GLU A 76 -19.85 -5.98 28.03
N GLY A 77 -21.16 -5.86 28.19
CA GLY A 77 -21.72 -4.94 29.16
C GLY A 77 -22.25 -3.67 28.52
N MET A 78 -22.08 -3.55 27.22
CA MET A 78 -22.65 -2.43 26.48
C MET A 78 -23.68 -2.89 25.48
N ARG A 79 -24.50 -1.94 25.05
CA ARG A 79 -25.53 -2.19 24.06
C ARG A 79 -25.08 -1.66 22.71
N GLY A 80 -25.13 -2.52 21.70
CA GLY A 80 -24.83 -2.11 20.35
C GLY A 80 -23.37 -2.20 20.00
N THR A 81 -22.95 -1.35 19.08
CA THR A 81 -21.61 -1.36 18.56
C THR A 81 -20.97 0.01 18.72
N PRO A 82 -20.49 0.30 19.93
CA PRO A 82 -19.89 1.60 20.23
C PRO A 82 -18.52 1.79 19.61
N THR A 83 -18.09 3.02 19.54
CA THR A 83 -16.80 3.34 18.97
C THR A 83 -15.66 3.24 19.95
N SER A 84 -14.51 2.86 19.44
CA SER A 84 -13.31 2.72 20.23
C SER A 84 -12.59 4.04 20.40
N CYS A 85 -12.80 4.93 19.46
CA CYS A 85 -12.18 6.23 19.47
C CYS A 85 -12.67 7.03 20.64
N THR A 86 -13.93 6.81 20.98
CA THR A 86 -14.62 7.60 21.97
C THR A 86 -14.84 6.83 23.25
N THR A 87 -14.55 5.54 23.20
CA THR A 87 -14.82 4.68 24.34
C THR A 87 -13.57 4.50 25.19
N PRO A 88 -13.50 5.20 26.32
CA PRO A 88 -12.38 5.05 27.24
C PRO A 88 -12.41 3.71 27.96
N VAL A 89 -11.23 3.15 28.20
CA VAL A 89 -11.14 1.85 28.85
C VAL A 89 -11.63 1.92 30.27
N ALA A 90 -11.93 0.74 30.80
CA ALA A 90 -12.25 0.57 32.20
C ALA A 90 -11.77 -0.80 32.62
N PRO A 91 -11.51 -0.99 33.91
CA PRO A 91 -10.91 -2.24 34.36
C PRO A 91 -11.83 -3.44 34.17
N GLY A 92 -11.25 -4.55 33.73
CA GLY A 92 -12.02 -5.77 33.54
C GLY A 92 -12.87 -5.75 32.31
N MET A 93 -12.66 -4.76 31.45
CA MET A 93 -13.42 -4.66 30.22
C MET A 93 -12.92 -5.65 29.20
N ARG A 94 -13.84 -6.39 28.60
CA ARG A 94 -13.51 -7.35 27.57
C ARG A 94 -14.18 -6.95 26.27
N VAL A 95 -13.36 -6.70 25.26
CA VAL A 95 -13.84 -6.18 24.00
C VAL A 95 -13.49 -7.08 22.82
N HIS A 96 -14.43 -7.18 21.89
CA HIS A 96 -14.25 -7.96 20.68
C HIS A 96 -14.13 -7.02 19.50
N THR A 97 -13.20 -7.33 18.62
CA THR A 97 -12.79 -6.41 17.57
C THR A 97 -13.29 -6.81 16.18
N GLN A 98 -13.45 -8.12 15.95
CA GLN A 98 -13.92 -8.56 14.64
C GLN A 98 -14.93 -9.68 14.67
N THR A 99 -16.19 -9.29 14.61
CA THR A 99 -17.30 -10.21 14.46
C THR A 99 -17.92 -10.04 13.08
N PRO A 100 -18.85 -10.92 12.70
CA PRO A 100 -19.57 -10.84 11.41
C PRO A 100 -20.38 -9.56 11.29
N GLN A 101 -21.00 -9.18 12.40
CA GLN A 101 -21.84 -8.00 12.46
C GLN A 101 -21.05 -6.76 12.10
N LEU A 102 -19.92 -6.63 12.75
CA LEU A 102 -19.08 -5.47 12.61
C LEU A 102 -18.54 -5.39 11.20
N GLN A 103 -18.20 -6.55 10.67
CA GLN A 103 -17.73 -6.66 9.30
C GLN A 103 -18.78 -6.09 8.37
N LYS A 104 -20.01 -6.54 8.55
CA LYS A 104 -21.10 -6.10 7.71
C LYS A 104 -21.28 -4.59 7.78
N LEU A 105 -21.29 -4.07 9.00
CA LEU A 105 -21.52 -2.65 9.19
C LEU A 105 -20.42 -1.82 8.57
N ARG A 106 -19.18 -2.24 8.75
CA ARG A 106 -18.05 -1.50 8.23
C ARG A 106 -18.08 -1.51 6.71
N ARG A 107 -18.43 -2.65 6.13
CA ARG A 107 -18.57 -2.73 4.70
C ARG A 107 -19.63 -1.76 4.24
N GLY A 108 -20.73 -1.68 4.97
CA GLY A 108 -21.81 -0.78 4.61
C GLY A 108 -21.43 0.67 4.64
N VAL A 109 -20.68 1.03 5.67
CA VAL A 109 -20.21 2.39 5.83
C VAL A 109 -19.26 2.76 4.68
N MET A 110 -18.34 1.87 4.36
CA MET A 110 -17.41 2.13 3.27
C MET A 110 -18.14 2.19 1.94
N GLU A 111 -19.17 1.38 1.81
CA GLU A 111 -20.06 1.43 0.68
C GLU A 111 -20.63 2.82 0.49
N LEU A 112 -21.14 3.36 1.58
CA LEU A 112 -21.69 4.69 1.56
C LEU A 112 -20.66 5.72 1.19
N TYR A 113 -19.46 5.55 1.72
CA TYR A 113 -18.39 6.48 1.44
C TYR A 113 -18.11 6.54 -0.03
N ILE A 114 -17.78 5.36 -0.55
CA ILE A 114 -17.33 5.17 -1.90
C ILE A 114 -18.42 5.41 -2.92
N SER A 115 -19.67 5.36 -2.48
CA SER A 115 -20.78 5.76 -3.31
C SER A 115 -20.68 7.23 -3.70
N ASP A 116 -19.85 7.98 -2.98
CA ASP A 116 -19.65 9.39 -3.25
C ASP A 116 -18.19 9.70 -3.50
N HIS A 117 -17.45 8.71 -3.99
CA HIS A 117 -16.05 8.87 -4.26
C HIS A 117 -15.72 8.48 -5.68
N PRO A 118 -14.77 9.19 -6.31
CA PRO A 118 -14.36 8.81 -7.63
C PRO A 118 -13.40 7.65 -7.63
N LEU A 119 -13.46 6.86 -8.69
CA LEU A 119 -12.58 5.74 -8.83
C LEU A 119 -11.34 6.15 -9.60
N ASP A 120 -10.67 7.18 -9.11
CA ASP A 120 -9.47 7.68 -9.75
C ASP A 120 -8.23 7.16 -9.08
N CYS A 121 -8.39 6.17 -8.22
CA CYS A 121 -7.23 5.45 -7.75
C CYS A 121 -6.52 4.99 -9.00
N LEU A 122 -5.22 4.77 -8.88
CA LEU A 122 -4.40 4.29 -10.00
C LEU A 122 -3.99 5.42 -10.91
N THR A 123 -4.58 6.58 -10.69
CA THR A 123 -4.08 7.81 -11.28
C THR A 123 -4.32 8.97 -10.34
N CYS A 124 -4.41 8.67 -9.04
CA CYS A 124 -4.48 9.69 -8.01
C CYS A 124 -3.13 9.79 -7.35
N ALA A 125 -2.88 10.96 -6.80
CA ALA A 125 -1.60 11.28 -6.21
C ALA A 125 -1.30 10.43 -5.00
N ALA A 126 -2.30 10.22 -4.18
CA ALA A 126 -2.11 9.53 -2.92
C ALA A 126 -2.31 8.05 -3.03
N ASN A 127 -1.82 7.45 -4.09
CA ASN A 127 -1.98 6.03 -4.24
C ASN A 127 -0.84 5.35 -3.52
N GLY A 128 -1.20 4.46 -2.61
CA GLY A 128 -0.23 3.83 -1.74
C GLY A 128 -0.16 4.53 -0.41
N ASP A 129 -0.75 5.72 -0.35
CA ASP A 129 -0.74 6.52 0.87
C ASP A 129 -2.11 7.12 1.17
N CYS A 130 -3.17 6.39 0.88
CA CYS A 130 -4.51 6.84 1.20
C CYS A 130 -5.10 5.92 2.25
N GLU A 131 -5.55 6.53 3.35
CA GLU A 131 -6.08 5.81 4.47
C GLU A 131 -7.51 5.37 4.25
N LEU A 132 -8.03 5.68 3.07
CA LEU A 132 -9.36 5.26 2.68
C LEU A 132 -9.29 3.98 1.88
N GLN A 133 -8.33 3.95 0.99
CA GLN A 133 -8.11 2.82 0.11
C GLN A 133 -7.78 1.56 0.90
N ASP A 134 -6.89 1.74 1.87
CA ASP A 134 -6.39 0.63 2.64
C ASP A 134 -7.37 0.18 3.72
N MET A 135 -8.34 1.03 4.06
CA MET A 135 -9.38 0.63 4.98
C MET A 135 -10.60 0.15 4.21
N ALA A 136 -10.56 0.32 2.90
CA ALA A 136 -11.58 -0.24 2.03
C ALA A 136 -11.21 -1.62 1.57
N GLY A 137 -9.91 -1.90 1.54
CA GLY A 137 -9.46 -3.24 1.27
C GLY A 137 -9.42 -4.09 2.50
N ALA A 138 -9.24 -3.44 3.65
CA ALA A 138 -9.15 -4.14 4.91
C ALA A 138 -10.47 -4.75 5.28
N VAL A 139 -11.48 -3.90 5.39
CA VAL A 139 -12.79 -4.33 5.79
C VAL A 139 -13.34 -5.38 4.82
N GLY A 140 -12.92 -5.32 3.57
CA GLY A 140 -13.35 -6.27 2.58
C GLY A 140 -14.49 -5.83 1.70
N LEU A 141 -14.35 -4.65 1.12
CA LEU A 141 -15.36 -4.15 0.20
C LEU A 141 -15.16 -4.74 -1.18
N ARG A 142 -16.27 -5.17 -1.78
CA ARG A 142 -16.22 -5.87 -3.05
C ARG A 142 -17.34 -5.47 -4.00
N GLU A 143 -18.27 -4.65 -3.53
CA GLU A 143 -19.42 -4.28 -4.32
C GLU A 143 -20.08 -3.03 -3.78
N VAL A 144 -20.49 -2.16 -4.70
CA VAL A 144 -21.26 -0.98 -4.37
C VAL A 144 -22.58 -1.03 -5.13
N ARG A 145 -23.68 -0.90 -4.39
CA ARG A 145 -24.99 -1.18 -4.92
C ARG A 145 -25.83 0.05 -5.19
N TYR A 146 -25.38 1.20 -4.71
CA TYR A 146 -26.14 2.42 -4.87
C TYR A 146 -25.90 3.07 -6.23
N GLN A 147 -26.93 3.07 -7.06
CA GLN A 147 -26.87 3.77 -8.33
C GLN A 147 -27.01 5.25 -8.08
N ALA A 148 -25.92 5.86 -7.64
CA ALA A 148 -25.91 7.26 -7.20
C ALA A 148 -26.21 8.25 -8.32
N LYS A 149 -26.92 9.32 -7.96
CA LYS A 149 -27.25 10.38 -8.88
C LYS A 149 -26.73 11.70 -8.35
N ASP A 150 -26.84 11.87 -7.04
CA ASP A 150 -26.33 13.06 -6.38
C ASP A 150 -24.91 12.81 -5.91
N THR A 151 -23.96 13.46 -6.57
CA THR A 151 -22.56 13.33 -6.23
C THR A 151 -21.86 14.67 -6.23
N HIS A 152 -20.64 14.66 -5.71
CA HIS A 152 -19.81 15.85 -5.65
C HIS A 152 -18.71 15.85 -6.69
N PHE A 153 -18.28 14.67 -7.12
CA PHE A 153 -17.16 14.57 -8.05
C PHE A 153 -17.58 14.76 -9.49
N ALA A 154 -18.77 14.29 -9.82
CA ALA A 154 -19.27 14.35 -11.16
C ALA A 154 -19.43 15.77 -11.64
N ARG A 155 -18.66 16.13 -12.66
CA ARG A 155 -18.78 17.43 -13.29
C ARG A 155 -20.12 17.55 -13.97
N ARG A 156 -20.44 16.54 -14.75
CA ARG A 156 -21.67 16.52 -15.52
C ARG A 156 -22.66 15.57 -14.88
N ASP A 157 -23.75 16.14 -14.37
CA ASP A 157 -24.87 15.35 -13.92
C ASP A 157 -25.81 15.14 -15.09
N ALA A 158 -27.02 14.71 -14.80
CA ALA A 158 -28.07 14.66 -15.81
C ALA A 158 -28.68 16.05 -15.92
N THR A 159 -29.10 16.42 -17.12
CA THR A 159 -29.76 17.70 -17.34
C THR A 159 -28.81 18.88 -17.30
N GLY A 160 -27.54 18.62 -16.98
CA GLY A 160 -26.55 19.68 -16.97
C GLY A 160 -25.44 19.51 -15.95
N PRO A 161 -24.72 20.61 -15.68
CA PRO A 161 -23.59 20.62 -14.73
C PRO A 161 -24.03 20.30 -13.31
N ASN A 162 -23.10 19.78 -12.51
CA ASN A 162 -23.37 19.51 -11.12
C ASN A 162 -23.15 20.79 -10.31
N PRO A 163 -24.17 21.21 -9.54
CA PRO A 163 -24.00 22.39 -8.69
C PRO A 163 -23.09 22.11 -7.52
N ARG A 164 -23.07 20.84 -7.12
CA ARG A 164 -22.29 20.39 -6.00
C ARG A 164 -20.81 20.39 -6.31
N TYR A 165 -20.48 20.29 -7.58
CA TYR A 165 -19.09 20.21 -8.00
C TYR A 165 -18.36 21.49 -7.70
N ILE A 166 -17.27 21.36 -6.97
CA ILE A 166 -16.43 22.50 -6.65
C ILE A 166 -15.09 22.28 -7.33
N PRO A 167 -14.68 23.24 -8.16
CA PRO A 167 -13.43 23.01 -8.87
C PRO A 167 -12.23 23.09 -7.95
N LYS A 168 -11.14 22.50 -8.40
CA LYS A 168 -9.89 22.50 -7.68
C LYS A 168 -9.44 23.89 -7.32
N ASP A 169 -8.45 23.96 -6.43
CA ASP A 169 -7.96 25.24 -5.94
C ASP A 169 -6.46 25.17 -5.77
N ASN A 170 -5.73 25.57 -6.81
CA ASN A 170 -4.29 25.48 -6.81
C ASN A 170 -3.67 26.84 -6.57
N SER A 171 -4.38 27.70 -5.85
CA SER A 171 -3.90 29.04 -5.56
C SER A 171 -2.63 28.98 -4.74
N ASN A 172 -2.60 28.03 -3.82
CA ASN A 172 -1.41 27.79 -3.04
C ASN A 172 -0.38 27.12 -3.91
N PRO A 173 0.89 27.51 -3.78
CA PRO A 173 1.98 26.99 -4.59
C PRO A 173 2.61 25.74 -4.06
N TYR A 174 2.07 25.22 -2.97
CA TYR A 174 2.67 24.09 -2.30
C TYR A 174 1.69 22.97 -2.10
N PHE A 175 0.40 23.28 -1.95
CA PHE A 175 -0.59 22.22 -1.96
C PHE A 175 -1.90 22.61 -2.59
N SER A 176 -2.70 21.58 -2.88
CA SER A 176 -3.90 21.71 -3.67
C SER A 176 -5.07 21.02 -3.02
N TYR A 177 -6.24 21.60 -3.23
CA TYR A 177 -7.47 21.15 -2.62
C TYR A 177 -8.50 20.68 -3.63
N ASP A 178 -8.68 19.36 -3.70
CA ASP A 178 -9.68 18.76 -4.58
C ASP A 178 -10.78 18.08 -3.79
N PRO A 179 -11.86 18.82 -3.50
CA PRO A 179 -12.94 18.39 -2.60
C PRO A 179 -13.78 17.27 -3.13
N ALA A 180 -13.54 16.92 -4.39
CA ALA A 180 -14.28 15.87 -5.05
C ALA A 180 -14.07 14.58 -4.32
N LYS A 181 -12.93 14.51 -3.67
CA LYS A 181 -12.50 13.32 -2.98
C LYS A 181 -12.57 13.48 -1.47
N CYS A 182 -13.34 14.46 -1.01
CA CYS A 182 -13.43 14.72 0.41
C CYS A 182 -14.43 13.81 1.07
N ILE A 183 -13.94 13.07 2.04
CA ILE A 183 -14.76 12.53 3.08
C ILE A 183 -14.60 13.55 4.17
N VAL A 184 -15.62 13.69 5.00
CA VAL A 184 -15.75 14.85 5.86
C VAL A 184 -15.27 14.55 7.27
N CYS A 185 -14.33 13.62 7.37
CA CYS A 185 -13.65 13.30 8.61
C CYS A 185 -13.22 14.51 9.44
N MET A 186 -12.97 15.63 8.78
CA MET A 186 -12.68 16.90 9.43
C MET A 186 -11.37 16.94 10.21
N ARG A 187 -10.46 16.03 9.92
CA ARG A 187 -9.12 16.08 10.48
C ARG A 187 -8.38 17.36 10.15
N CYS A 188 -8.72 17.94 9.01
CA CYS A 188 -8.08 19.13 8.51
C CYS A 188 -8.36 20.31 9.44
N VAL A 189 -9.63 20.47 9.70
CA VAL A 189 -10.16 21.44 10.62
C VAL A 189 -9.58 21.28 12.00
N ARG A 190 -9.72 20.07 12.50
CA ARG A 190 -9.30 19.72 13.83
C ARG A 190 -7.85 20.04 14.04
N ALA A 191 -7.07 19.89 12.98
CA ALA A 191 -5.64 20.17 13.06
C ALA A 191 -5.34 21.64 13.04
N CYS A 192 -5.98 22.38 12.16
CA CYS A 192 -5.72 23.81 12.10
C CYS A 192 -6.24 24.48 13.36
N GLU A 193 -7.12 23.82 14.09
CA GLU A 193 -7.69 24.46 15.27
C GLU A 193 -7.15 23.98 16.61
N GLU A 194 -6.70 22.73 16.68
CA GLU A 194 -6.17 22.18 17.91
C GLU A 194 -4.67 22.27 17.95
N VAL A 195 -4.07 21.89 16.84
CA VAL A 195 -2.63 21.75 16.73
C VAL A 195 -1.94 23.08 16.46
N GLN A 196 -2.18 23.63 15.28
CA GLN A 196 -1.61 24.91 14.93
C GLN A 196 -2.17 26.00 15.79
N GLY A 197 -3.44 26.30 15.60
CA GLY A 197 -4.13 27.25 16.42
C GLY A 197 -4.66 28.47 15.72
N THR A 198 -4.74 28.40 14.40
CA THR A 198 -5.33 29.46 13.60
C THR A 198 -6.53 28.96 12.83
N PHE A 199 -7.72 29.25 13.34
CA PHE A 199 -8.94 28.66 12.81
C PHE A 199 -9.25 29.18 11.42
N ALA A 200 -8.58 28.61 10.42
CA ALA A 200 -8.71 29.06 9.05
C ALA A 200 -9.68 28.23 8.28
N LEU A 201 -10.05 27.10 8.85
CA LEU A 201 -10.87 26.13 8.17
C LEU A 201 -12.14 25.88 8.91
N THR A 202 -13.22 25.70 8.16
CA THR A 202 -14.47 25.35 8.76
C THR A 202 -15.25 24.47 7.82
N VAL A 203 -16.43 24.11 8.27
CA VAL A 203 -17.31 23.21 7.54
C VAL A 203 -18.55 23.98 7.14
N MET A 204 -18.60 24.39 5.89
CA MET A 204 -19.73 25.13 5.41
C MET A 204 -20.79 24.16 4.95
N GLY A 205 -21.89 24.13 5.68
CA GLY A 205 -23.06 23.40 5.26
C GLY A 205 -23.58 22.44 6.30
N ARG A 206 -24.75 21.91 6.01
CA ARG A 206 -25.42 21.01 6.92
C ARG A 206 -25.80 19.72 6.23
N GLY A 207 -24.95 18.74 6.38
CA GLY A 207 -25.22 17.41 5.87
C GLY A 207 -24.41 17.05 4.65
N PHE A 208 -25.09 16.52 3.66
CA PHE A 208 -24.47 16.12 2.42
C PHE A 208 -23.83 17.31 1.75
N ASP A 209 -24.40 18.48 2.00
CA ASP A 209 -23.93 19.72 1.44
C ASP A 209 -22.75 20.28 2.20
N ALA A 210 -22.23 19.50 3.14
CA ALA A 210 -21.17 19.97 3.99
C ALA A 210 -19.87 19.85 3.27
N ARG A 211 -19.24 20.99 3.08
CA ARG A 211 -17.96 21.01 2.41
C ARG A 211 -16.99 21.79 3.24
N ILE A 212 -15.77 21.27 3.31
CA ILE A 212 -14.71 21.97 3.96
C ILE A 212 -14.48 23.24 3.20
N SER A 213 -14.11 24.30 3.91
CA SER A 213 -13.84 25.55 3.26
C SER A 213 -13.23 26.53 4.20
N PRO A 214 -12.29 27.32 3.68
CA PRO A 214 -11.85 28.56 4.30
C PRO A 214 -12.72 29.69 3.84
N ALA A 215 -13.10 30.60 4.72
CA ALA A 215 -13.99 31.66 4.32
C ALA A 215 -13.31 32.57 3.33
N ALA A 216 -13.08 32.06 2.13
CA ALA A 216 -12.51 32.84 1.07
C ALA A 216 -12.52 32.08 -0.24
N PRO A 217 -12.37 32.80 -1.36
CA PRO A 217 -12.37 32.19 -2.69
C PRO A 217 -11.31 31.12 -2.84
N ASP A 218 -10.19 31.33 -2.16
CA ASP A 218 -9.06 30.43 -2.24
C ASP A 218 -8.29 30.41 -0.94
N PHE A 219 -7.48 29.39 -0.75
CA PHE A 219 -6.73 29.20 0.47
C PHE A 219 -5.80 30.38 0.73
N LEU A 220 -5.13 30.81 -0.32
CA LEU A 220 -4.15 31.88 -0.22
C LEU A 220 -4.73 33.14 0.37
N SER A 221 -5.88 33.54 -0.13
CA SER A 221 -6.56 34.75 0.34
C SER A 221 -6.94 34.65 1.80
N SER A 222 -6.91 33.43 2.32
CA SER A 222 -7.41 33.15 3.65
C SER A 222 -6.44 33.54 4.74
N ASP A 223 -6.75 33.06 5.94
CA ASP A 223 -5.88 33.19 7.08
C ASP A 223 -4.88 32.04 7.13
N CYS A 224 -5.06 31.05 6.25
CA CYS A 224 -4.11 29.96 6.14
C CYS A 224 -2.78 30.47 5.69
N VAL A 225 -1.80 30.25 6.53
CA VAL A 225 -0.45 30.62 6.19
C VAL A 225 0.20 29.49 5.39
N SER A 226 0.50 28.40 6.07
CA SER A 226 0.85 27.14 5.45
C SER A 226 1.07 26.23 6.64
N CYS A 227 1.93 25.22 6.49
CA CYS A 227 2.27 24.22 7.51
C CYS A 227 1.61 22.89 7.38
N GLY A 228 0.86 22.70 6.31
CA GLY A 228 0.55 21.36 5.88
C GLY A 228 0.23 20.37 6.96
N ALA A 229 -0.31 20.86 8.06
CA ALA A 229 -0.91 20.03 9.06
C ALA A 229 -2.18 19.46 8.48
N CYS A 230 -2.94 20.37 7.89
CA CYS A 230 -4.11 20.05 7.13
C CYS A 230 -3.81 18.98 6.09
N VAL A 231 -2.61 19.03 5.55
CA VAL A 231 -2.16 18.12 4.52
C VAL A 231 -1.64 16.81 5.08
N GLN A 232 -0.89 16.92 6.15
CA GLN A 232 -0.30 15.78 6.81
C GLN A 232 -1.39 14.89 7.35
N ALA A 233 -2.56 15.45 7.55
CA ALA A 233 -3.65 14.71 8.14
C ALA A 233 -4.69 14.20 7.16
N CYS A 234 -4.92 14.92 6.08
CA CYS A 234 -5.81 14.45 5.03
C CYS A 234 -5.37 13.10 4.51
N PRO A 235 -6.20 12.07 4.68
CA PRO A 235 -5.95 10.75 4.11
C PRO A 235 -6.18 10.63 2.62
N THR A 236 -7.07 11.43 2.06
CA THR A 236 -7.63 11.15 0.77
C THR A 236 -7.27 12.12 -0.33
N ALA A 237 -6.03 12.56 -0.36
CA ALA A 237 -5.51 13.25 -1.54
C ALA A 237 -6.33 14.44 -1.99
N THR A 238 -7.26 14.85 -1.16
CA THR A 238 -8.03 16.03 -1.40
C THR A 238 -7.12 17.21 -1.22
N LEU A 239 -6.49 17.24 -0.08
CA LEU A 239 -5.42 18.15 0.22
C LEU A 239 -4.13 17.42 0.01
N VAL A 240 -3.38 17.84 -0.99
CA VAL A 240 -2.19 17.11 -1.35
C VAL A 240 -1.08 18.02 -1.78
N GLU A 241 0.14 17.60 -1.50
CA GLU A 241 1.33 18.31 -1.93
C GLU A 241 1.53 18.16 -3.42
N LYS A 242 1.85 19.26 -4.07
CA LYS A 242 2.02 19.28 -5.50
C LYS A 242 3.22 18.49 -5.98
N SER A 243 4.25 18.46 -5.17
CA SER A 243 5.46 17.74 -5.49
C SER A 243 5.21 16.25 -5.54
N VAL A 244 4.03 15.85 -5.08
CA VAL A 244 3.60 14.45 -5.13
C VAL A 244 2.71 14.22 -6.33
N GLU A 245 2.11 15.29 -6.83
CA GLU A 245 1.33 15.21 -8.04
C GLU A 245 2.26 15.08 -9.23
N ARG A 246 3.25 15.96 -9.27
CA ARG A 246 4.24 15.96 -10.33
C ARG A 246 5.08 14.71 -10.27
N ILE A 247 5.88 14.63 -9.21
CA ILE A 247 6.67 13.45 -8.93
C ILE A 247 5.76 12.39 -8.36
N GLY A 248 6.23 11.16 -8.34
CA GLY A 248 5.44 10.07 -7.82
C GLY A 248 5.38 10.00 -6.32
N THR A 249 4.68 9.00 -5.81
CA THR A 249 4.58 8.81 -4.38
C THR A 249 5.86 8.13 -3.94
N PRO A 250 6.42 8.56 -2.81
CA PRO A 250 7.73 8.12 -2.34
C PRO A 250 7.77 6.71 -1.79
N GLU A 251 8.96 6.25 -1.48
CA GLU A 251 9.17 4.90 -0.99
C GLU A 251 9.83 4.90 0.36
N ARG A 252 10.93 5.63 0.49
CA ARG A 252 11.69 5.60 1.74
C ARG A 252 11.66 6.91 2.50
N LYS A 253 12.11 6.86 3.76
CA LYS A 253 12.08 8.01 4.64
C LYS A 253 13.41 8.17 5.36
N VAL A 254 13.82 9.42 5.53
CA VAL A 254 15.08 9.70 6.20
C VAL A 254 14.98 10.88 7.13
N VAL A 255 15.40 10.71 8.37
CA VAL A 255 15.17 11.71 9.38
C VAL A 255 16.26 12.78 9.41
N THR A 256 15.82 14.02 9.43
CA THR A 256 16.70 15.18 9.42
C THR A 256 16.13 16.24 10.33
N THR A 257 16.73 17.42 10.29
CA THR A 257 16.19 18.56 10.98
C THR A 257 16.15 19.76 10.07
N CYS A 258 15.39 20.76 10.48
CA CYS A 258 15.24 21.98 9.72
C CYS A 258 16.44 22.90 9.91
N ALA A 259 16.70 23.71 8.89
CA ALA A 259 17.84 24.60 8.86
C ALA A 259 17.39 26.00 9.19
N TYR A 260 16.51 26.08 10.15
CA TYR A 260 15.81 27.31 10.48
C TYR A 260 15.42 27.38 11.96
N CYS A 261 15.19 28.58 12.45
CA CYS A 261 14.28 28.85 13.57
C CYS A 261 14.72 28.37 14.95
N GLY A 262 15.71 27.50 15.00
CA GLY A 262 16.25 27.09 16.28
C GLY A 262 15.33 26.34 17.21
N VAL A 263 14.22 25.87 16.67
CA VAL A 263 13.29 25.06 17.42
C VAL A 263 13.69 23.61 17.29
N GLY A 264 14.20 23.27 16.11
CA GLY A 264 14.72 21.95 15.86
C GLY A 264 13.64 21.01 15.42
N CYS A 265 12.73 21.54 14.63
CA CYS A 265 11.62 20.77 14.16
C CYS A 265 12.15 19.66 13.28
N SER A 266 12.14 18.45 13.83
CA SER A 266 12.60 17.26 13.14
C SER A 266 11.67 16.78 12.06
N PHE A 267 12.25 16.41 10.92
CA PHE A 267 11.47 15.99 9.77
C PHE A 267 11.92 14.62 9.31
N GLU A 268 11.11 14.01 8.47
CA GLU A 268 11.48 12.82 7.76
C GLU A 268 11.22 13.12 6.30
N ALA A 269 12.29 13.09 5.53
CA ALA A 269 12.27 13.39 4.13
C ALA A 269 11.86 12.16 3.38
N HIS A 270 10.84 12.27 2.57
CA HIS A 270 10.34 11.15 1.79
C HIS A 270 11.01 11.18 0.45
N MET A 271 11.48 10.02 0.04
CA MET A 271 12.38 9.92 -1.07
C MET A 271 11.96 8.80 -2.01
N LEU A 272 12.02 9.15 -3.29
CA LEU A 272 11.78 8.24 -4.39
C LEU A 272 13.05 8.20 -5.22
N GLY A 273 13.95 7.30 -4.85
CA GLY A 273 15.29 7.32 -5.41
C GLY A 273 16.19 8.32 -4.73
N ASP A 274 16.48 9.41 -5.44
CA ASP A 274 17.30 10.48 -4.91
C ASP A 274 16.58 11.81 -5.06
N GLN A 275 15.35 11.75 -5.58
CA GLN A 275 14.57 12.93 -5.80
C GLN A 275 13.71 13.20 -4.58
N LEU A 276 13.86 14.40 -4.00
CA LEU A 276 13.13 14.73 -2.79
C LEU A 276 11.71 15.12 -3.13
N VAL A 277 10.79 14.29 -2.71
CA VAL A 277 9.40 14.45 -3.05
C VAL A 277 8.75 15.39 -2.05
N ARG A 278 9.04 15.15 -0.78
CA ARG A 278 8.49 15.98 0.27
C ARG A 278 9.19 15.79 1.58
N MET A 279 8.79 16.60 2.55
CA MET A 279 9.32 16.55 3.88
C MET A 279 8.15 16.58 4.83
N VAL A 280 8.08 15.60 5.73
CA VAL A 280 6.97 15.53 6.65
C VAL A 280 7.45 15.30 8.06
N PRO A 281 6.87 16.00 9.03
CA PRO A 281 7.29 15.81 10.42
C PRO A 281 7.19 14.38 10.90
N TRP A 282 7.87 14.12 12.02
CA TRP A 282 8.24 12.77 12.38
C TRP A 282 7.47 12.22 13.56
N LYS A 283 6.87 13.10 14.34
CA LYS A 283 6.23 12.70 15.60
C LYS A 283 7.31 12.41 16.62
N GLY A 284 8.44 13.05 16.44
CA GLY A 284 9.54 12.94 17.37
C GLY A 284 10.21 14.27 17.59
N GLY A 285 11.06 14.31 18.60
CA GLY A 285 11.64 15.55 19.05
C GLY A 285 10.65 16.18 19.98
N ALA A 286 11.11 16.57 21.16
CA ALA A 286 10.24 17.26 22.09
C ALA A 286 9.90 18.62 21.52
N ALA A 287 10.65 19.01 20.49
CA ALA A 287 10.52 20.31 19.87
C ALA A 287 9.31 20.38 18.98
N ASN A 288 9.10 19.32 18.22
CA ASN A 288 7.92 19.24 17.36
C ASN A 288 7.32 17.87 17.50
N ARG A 289 6.07 17.81 17.91
CA ARG A 289 5.41 16.54 18.03
C ARG A 289 4.56 16.26 16.80
N GLY A 290 5.17 16.39 15.64
CA GLY A 290 4.49 16.16 14.39
C GLY A 290 3.92 17.41 13.76
N HIS A 291 4.54 18.54 14.04
CA HIS A 291 4.08 19.81 13.52
C HIS A 291 5.27 20.56 12.95
N SER A 292 5.00 21.68 12.30
CA SER A 292 5.97 22.35 11.48
C SER A 292 5.61 23.79 11.20
N CYS A 293 6.27 24.32 10.18
CA CYS A 293 5.88 25.55 9.55
C CYS A 293 6.01 25.38 8.06
N VAL A 294 5.87 26.48 7.36
CA VAL A 294 5.93 26.48 5.92
C VAL A 294 7.33 26.30 5.41
N LYS A 295 8.27 26.95 6.07
CA LYS A 295 9.65 26.99 5.66
C LYS A 295 10.32 25.64 5.67
N GLY A 296 10.02 24.85 6.66
CA GLY A 296 10.65 23.56 6.81
C GLY A 296 9.95 22.51 6.01
N ARG A 297 8.63 22.55 6.08
CA ARG A 297 7.77 21.60 5.41
C ARG A 297 7.92 21.68 3.91
N PHE A 298 8.01 22.89 3.39
CA PHE A 298 7.91 23.09 1.97
C PHE A 298 9.13 23.71 1.31
N ALA A 299 9.71 24.73 1.93
CA ALA A 299 10.86 25.40 1.36
C ALA A 299 12.15 24.63 1.51
N TYR A 300 12.44 23.79 0.53
CA TYR A 300 13.67 23.05 0.46
C TYR A 300 14.15 23.05 -0.97
N GLY A 301 13.67 24.02 -1.74
CA GLY A 301 13.94 24.11 -3.15
C GLY A 301 15.09 25.02 -3.52
N TYR A 302 15.71 25.63 -2.53
CA TYR A 302 16.91 26.42 -2.75
C TYR A 302 18.07 25.52 -3.15
N ALA A 303 17.98 24.26 -2.79
CA ALA A 303 19.05 23.30 -3.01
C ALA A 303 19.07 22.81 -4.45
N THR A 304 18.15 23.31 -5.25
CA THR A 304 17.95 22.81 -6.60
C THR A 304 17.70 23.97 -7.54
N HIS A 305 18.07 25.16 -7.08
CA HIS A 305 17.88 26.37 -7.84
C HIS A 305 19.00 26.48 -8.85
N GLN A 306 18.70 27.13 -9.96
CA GLN A 306 19.67 27.30 -11.02
C GLN A 306 20.79 28.23 -10.58
N ASP A 307 20.49 29.07 -9.61
CA ASP A 307 21.41 30.10 -9.17
C ASP A 307 22.43 29.57 -8.18
N ARG A 308 22.24 28.34 -7.73
CA ARG A 308 23.22 27.74 -6.84
C ARG A 308 24.52 27.57 -7.57
N ILE A 309 25.61 27.69 -6.82
CA ILE A 309 26.94 27.61 -7.37
C ILE A 309 27.58 26.30 -6.97
N LEU A 310 28.26 25.67 -7.93
CA LEU A 310 28.70 24.30 -7.76
C LEU A 310 30.20 24.13 -7.96
N LYS A 311 30.88 25.20 -8.35
CA LYS A 311 32.32 25.14 -8.55
C LYS A 311 33.05 26.32 -7.95
N PRO A 312 34.23 26.08 -7.39
CA PRO A 312 35.02 27.16 -6.80
C PRO A 312 35.39 28.22 -7.81
N MET A 313 35.67 29.42 -7.33
CA MET A 313 35.91 30.56 -8.20
C MET A 313 36.91 31.49 -7.54
N ILE A 314 37.78 32.08 -8.34
CA ILE A 314 38.77 33.00 -7.81
C ILE A 314 38.86 34.20 -8.73
N ARG A 315 39.24 35.32 -8.15
CA ARG A 315 39.11 36.60 -8.80
C ARG A 315 40.44 37.30 -8.90
N ASP A 316 41.11 37.37 -7.75
CA ASP A 316 42.37 38.08 -7.61
C ASP A 316 42.16 39.59 -7.60
N LYS A 317 40.93 40.01 -7.86
CA LYS A 317 40.56 41.42 -7.71
C LYS A 317 39.05 41.59 -7.88
N ILE A 318 38.43 42.32 -6.96
CA ILE A 318 36.98 42.38 -6.87
C ILE A 318 36.32 43.01 -8.08
N THR A 319 37.02 43.94 -8.72
CA THR A 319 36.47 44.60 -9.89
C THR A 319 36.44 43.62 -11.05
N ASP A 320 37.47 42.78 -11.09
CA ASP A 320 37.59 41.78 -12.13
C ASP A 320 36.50 40.73 -11.96
N PRO A 321 36.15 40.05 -13.05
CA PRO A 321 35.11 39.02 -13.00
C PRO A 321 35.63 37.74 -12.39
N TRP A 322 34.73 36.79 -12.19
CA TRP A 322 35.09 35.53 -11.59
C TRP A 322 35.74 34.63 -12.62
N ARG A 323 36.14 33.45 -12.17
CA ARG A 323 36.70 32.45 -13.06
C ARG A 323 36.43 31.08 -12.48
N GLU A 324 35.54 30.34 -13.12
CA GLU A 324 35.21 28.99 -12.67
C GLU A 324 36.48 28.16 -12.68
N VAL A 325 36.76 27.52 -11.55
CA VAL A 325 38.04 26.93 -11.29
C VAL A 325 37.86 25.68 -10.45
N ASN A 326 38.80 24.74 -10.54
CA ASN A 326 38.73 23.53 -9.73
C ASN A 326 39.16 23.85 -8.30
N TRP A 327 39.24 22.81 -7.48
CA TRP A 327 39.51 22.97 -6.06
C TRP A 327 40.97 23.30 -5.76
N THR A 328 41.84 22.50 -6.35
CA THR A 328 43.25 22.49 -6.00
C THR A 328 43.90 23.86 -6.14
N GLU A 329 43.83 24.45 -7.32
CA GLU A 329 44.52 25.69 -7.58
C GLU A 329 43.90 26.82 -6.78
N ALA A 330 42.60 26.70 -6.54
CA ALA A 330 41.89 27.68 -5.74
C ALA A 330 42.44 27.70 -4.33
N LEU A 331 42.49 26.53 -3.71
CA LEU A 331 43.02 26.38 -2.36
C LEU A 331 44.49 26.80 -2.31
N ASP A 332 45.21 26.53 -3.39
CA ASP A 332 46.61 26.92 -3.46
C ASP A 332 46.74 28.42 -3.37
N PHE A 333 46.00 29.10 -4.22
CA PHE A 333 45.96 30.56 -4.26
C PHE A 333 45.62 31.11 -2.89
N THR A 334 44.56 30.54 -2.33
CA THR A 334 44.05 30.92 -1.03
C THR A 334 45.15 30.86 0.03
N ALA A 335 45.71 29.68 0.19
CA ALA A 335 46.69 29.43 1.24
C ALA A 335 47.94 30.27 1.03
N THR A 336 48.29 30.49 -0.23
CA THR A 336 49.44 31.32 -0.55
C THR A 336 49.23 32.71 -0.01
N ARG A 337 48.11 33.32 -0.39
CA ARG A 337 47.82 34.68 0.02
C ARG A 337 47.75 34.74 1.54
N LEU A 338 47.20 33.69 2.14
CA LEU A 338 47.02 33.64 3.58
C LEU A 338 48.35 33.65 4.29
N ARG A 339 49.27 32.81 3.84
CA ARG A 339 50.58 32.72 4.46
C ARG A 339 51.33 34.02 4.25
N ALA A 340 51.14 34.61 3.08
CA ALA A 340 51.78 35.88 2.77
C ALA A 340 51.38 36.90 3.81
N LEU A 341 50.07 37.01 4.03
CA LEU A 341 49.50 37.99 4.94
C LEU A 341 49.86 37.70 6.39
N ARG A 342 49.97 36.42 6.69
CA ARG A 342 50.29 35.96 8.03
C ARG A 342 51.73 36.30 8.38
N ASP A 343 52.60 36.29 7.38
CA ASP A 343 54.00 36.62 7.56
C ASP A 343 54.17 38.14 7.56
N SER A 344 53.31 38.83 6.83
CA SER A 344 53.45 40.27 6.68
C SER A 344 52.87 41.06 7.84
N HIS A 345 51.60 40.83 8.15
CA HIS A 345 50.91 41.61 9.17
C HIS A 345 50.71 40.87 10.48
N GLY A 346 51.02 39.57 10.49
CA GLY A 346 50.86 38.77 11.69
C GLY A 346 49.62 37.89 11.68
N ALA A 347 49.60 36.89 12.55
CA ALA A 347 48.49 35.94 12.60
C ALA A 347 47.21 36.61 13.07
N ASP A 348 47.35 37.68 13.83
CA ASP A 348 46.20 38.41 14.36
C ASP A 348 45.54 39.22 13.26
N ALA A 349 46.14 39.20 12.07
CA ALA A 349 45.59 39.89 10.92
C ALA A 349 44.65 38.99 10.15
N LEU A 350 44.32 37.84 10.71
CA LEU A 350 43.38 36.92 10.09
C LEU A 350 42.11 36.82 10.91
N GLY A 351 41.24 35.91 10.51
CA GLY A 351 40.00 35.70 11.21
C GLY A 351 39.01 34.86 10.44
N VAL A 352 37.99 34.39 11.15
CA VAL A 352 36.93 33.63 10.54
C VAL A 352 35.60 34.16 11.01
N ILE A 353 34.54 33.63 10.41
CA ILE A 353 33.19 33.91 10.83
C ILE A 353 32.38 32.63 10.64
N THR A 354 32.08 31.98 11.75
CA THR A 354 31.41 30.70 11.73
C THR A 354 29.94 30.88 11.34
N SER A 355 29.30 29.81 10.91
CA SER A 355 27.89 29.88 10.55
C SER A 355 27.08 28.95 11.44
N SER A 356 26.12 29.53 12.11
CA SER A 356 25.20 28.79 12.93
C SER A 356 24.40 27.82 12.08
N ARG A 357 24.13 28.25 10.86
CA ARG A 357 23.37 27.45 9.92
C ARG A 357 24.04 26.10 9.71
N CYS A 358 25.35 26.09 9.90
CA CYS A 358 26.15 24.89 9.76
C CYS A 358 26.05 24.01 10.99
N THR A 359 26.61 22.81 10.91
CA THR A 359 26.62 21.91 12.05
C THR A 359 27.58 22.41 13.11
N ASN A 360 27.69 21.65 14.20
CA ASN A 360 28.59 22.00 15.29
C ASN A 360 29.96 21.42 15.02
N GLU A 361 29.98 20.36 14.23
CA GLU A 361 31.21 19.73 13.82
C GLU A 361 32.07 20.68 12.98
N GLU A 362 31.44 21.23 11.95
CA GLU A 362 32.09 22.17 11.06
C GLU A 362 32.51 23.40 11.81
N THR A 363 31.70 23.75 12.79
CA THR A 363 31.96 24.88 13.67
C THR A 363 33.27 24.68 14.43
N TYR A 364 33.38 23.49 15.02
CA TYR A 364 34.57 23.08 15.75
C TYR A 364 35.79 23.10 14.84
N LEU A 365 35.64 22.56 13.64
CA LEU A 365 36.71 22.58 12.68
C LEU A 365 37.17 23.98 12.33
N VAL A 366 36.22 24.89 12.22
CA VAL A 366 36.54 26.25 11.79
C VAL A 366 37.27 26.97 12.90
N GLN A 367 36.80 26.81 14.12
CA GLN A 367 37.46 27.49 15.23
C GLN A 367 38.84 26.88 15.45
N LYS A 368 39.00 25.59 15.14
CA LYS A 368 40.31 24.98 15.17
C LYS A 368 41.20 25.65 14.13
N LEU A 369 40.68 25.76 12.93
CA LEU A 369 41.39 26.35 11.80
C LEU A 369 41.85 27.74 12.17
N ALA A 370 41.05 28.41 12.98
CA ALA A 370 41.34 29.77 13.36
C ALA A 370 42.35 29.84 14.49
N ARG A 371 42.35 28.82 15.34
CA ARG A 371 43.23 28.82 16.51
C ARG A 371 44.47 28.01 16.28
N ALA A 372 44.29 26.75 15.88
CA ALA A 372 45.39 25.83 15.71
C ALA A 372 46.27 26.21 14.53
N VAL A 373 45.63 26.56 13.41
CA VAL A 373 46.32 26.78 12.16
C VAL A 373 46.78 28.22 11.99
N PHE A 374 45.84 29.13 11.84
CA PHE A 374 46.16 30.54 11.64
C PHE A 374 47.02 31.02 12.78
N GLY A 375 46.67 30.58 13.98
CA GLY A 375 47.39 30.98 15.18
C GLY A 375 46.82 32.22 15.83
N THR A 376 45.52 32.21 16.06
CA THR A 376 44.85 33.36 16.66
C THR A 376 43.59 32.97 17.42
N ASN A 377 42.85 33.98 17.85
CA ASN A 377 41.59 33.77 18.55
C ASN A 377 40.49 34.59 17.87
N ASN A 378 40.82 35.18 16.73
CA ASN A 378 39.89 36.01 16.01
C ASN A 378 38.87 35.21 15.22
N THR A 379 37.95 34.55 15.93
CA THR A 379 36.79 33.94 15.32
C THR A 379 35.53 34.59 15.87
N ASP A 380 34.38 34.29 15.27
CA ASP A 380 33.11 34.82 15.74
C ASP A 380 31.96 34.12 15.05
N THR A 381 30.75 34.62 15.26
CA THR A 381 29.58 34.05 14.62
C THR A 381 28.38 34.99 14.69
N CYS A 382 27.23 34.48 14.29
CA CYS A 382 26.03 35.28 14.19
C CYS A 382 25.47 35.68 15.55
N ALA A 383 25.94 35.01 16.60
CA ALA A 383 25.40 35.21 17.92
C ALA A 383 25.84 36.50 18.59
N ARG A 384 26.80 37.21 18.00
CA ARG A 384 27.16 38.51 18.53
C ARG A 384 25.97 39.44 18.45
N VAL A 385 25.08 39.15 17.50
CA VAL A 385 24.01 40.06 17.17
C VAL A 385 22.66 39.45 17.55
N CYS A 386 22.65 38.14 17.78
CA CYS A 386 21.48 37.48 18.33
C CYS A 386 21.84 36.69 19.57
N HIS A 387 21.50 37.27 20.72
CA HIS A 387 21.61 36.60 22.01
C HIS A 387 23.04 36.43 22.51
N SER A 388 23.84 37.48 22.43
CA SER A 388 25.08 37.51 23.18
C SER A 388 24.90 38.03 24.59
N PRO A 389 24.13 39.11 24.77
CA PRO A 389 23.96 39.66 26.11
C PRO A 389 23.40 38.63 27.07
N THR A 390 22.62 37.73 26.49
CA THR A 390 22.02 36.64 27.21
C THR A 390 23.07 35.83 27.91
N GLY A 391 24.12 35.50 27.16
CA GLY A 391 25.16 34.61 27.62
C GLY A 391 26.09 35.29 28.59
N TYR A 392 25.86 36.58 28.81
CA TYR A 392 26.60 37.33 29.80
C TYR A 392 25.80 37.45 31.09
N GLY A 393 24.55 37.87 30.94
CA GLY A 393 23.67 38.02 32.08
C GLY A 393 23.42 36.71 32.79
N LEU A 394 22.97 35.71 32.05
CA LEU A 394 22.68 34.41 32.64
C LEU A 394 23.93 33.75 33.20
N LYS A 395 25.08 34.30 32.83
CA LYS A 395 26.34 33.74 33.26
C LYS A 395 26.75 34.39 34.55
N GLN A 396 26.43 35.67 34.65
CA GLN A 396 26.76 36.45 35.83
C GLN A 396 25.80 36.12 36.97
N THR A 397 24.62 35.66 36.59
CA THR A 397 23.59 35.34 37.57
C THR A 397 23.54 33.86 37.94
N PHE A 398 23.31 33.01 36.94
CA PHE A 398 23.12 31.59 37.20
C PHE A 398 24.43 30.79 37.10
N GLY A 399 25.03 30.81 35.93
CA GLY A 399 26.27 30.10 35.70
C GLY A 399 26.36 29.53 34.29
N THR A 400 25.24 29.54 33.59
CA THR A 400 25.19 29.05 32.21
C THR A 400 24.75 30.13 31.23
N SER A 401 25.40 30.15 30.07
CA SER A 401 24.96 30.98 28.97
C SER A 401 24.03 30.19 28.07
N ALA A 402 22.96 29.63 28.66
CA ALA A 402 22.04 28.80 27.91
C ALA A 402 20.64 28.80 28.52
N GLY A 403 19.71 28.13 27.85
CA GLY A 403 18.34 28.08 28.30
C GLY A 403 18.19 27.47 29.68
N THR A 404 16.95 27.26 30.09
CA THR A 404 16.65 26.75 31.42
C THR A 404 15.72 25.56 31.37
N GLN A 405 14.91 25.48 30.32
CA GLN A 405 13.88 24.47 30.21
C GLN A 405 13.75 23.98 28.79
N ASP A 406 12.88 23.00 28.61
CA ASP A 406 12.52 22.51 27.29
C ASP A 406 11.35 23.31 26.75
N PHE A 407 10.74 22.80 25.69
CA PHE A 407 9.51 23.37 25.17
C PHE A 407 8.30 22.57 25.63
N ASP A 408 8.55 21.43 26.26
CA ASP A 408 7.49 20.62 26.83
C ASP A 408 7.05 21.15 28.18
N SER A 409 7.83 22.06 28.72
CA SER A 409 7.55 22.65 30.01
C SER A 409 6.32 23.54 29.97
N VAL A 410 6.18 24.27 28.87
CA VAL A 410 5.09 25.22 28.71
C VAL A 410 3.74 24.57 28.94
N GLU A 411 3.69 23.27 28.69
CA GLU A 411 2.46 22.49 28.88
C GLU A 411 2.00 22.53 30.32
N GLU A 412 2.91 22.88 31.21
CA GLU A 412 2.67 22.79 32.63
C GLU A 412 2.63 24.16 33.29
N THR A 413 2.85 25.20 32.51
CA THR A 413 2.83 26.54 33.05
C THR A 413 1.41 27.05 33.21
N ASP A 414 1.29 28.13 33.96
CA ASP A 414 0.00 28.73 34.25
C ASP A 414 0.04 30.19 33.89
N LEU A 415 1.14 30.61 33.29
CA LEU A 415 1.30 31.98 32.85
C LEU A 415 2.53 32.15 32.00
N ALA A 416 2.42 33.03 31.01
CA ALA A 416 3.48 33.28 30.07
C ALA A 416 3.76 34.76 29.96
N LEU A 417 4.99 35.14 30.26
CA LEU A 417 5.41 36.51 30.15
C LEU A 417 6.40 36.60 29.00
N VAL A 418 6.05 37.39 28.01
CA VAL A 418 6.79 37.45 26.78
C VAL A 418 7.35 38.83 26.57
N ILE A 419 8.67 38.94 26.69
CA ILE A 419 9.34 40.21 26.47
C ILE A 419 10.13 40.10 25.19
N GLY A 420 9.85 41.00 24.25
CA GLY A 420 10.59 41.03 23.01
C GLY A 420 10.57 39.73 22.24
N ALA A 421 9.39 39.31 21.80
CA ALA A 421 9.31 38.16 20.93
C ALA A 421 8.01 38.10 20.16
N ASN A 422 8.06 37.43 19.02
CA ASN A 422 6.91 37.24 18.16
C ASN A 422 6.95 35.81 17.65
N PRO A 423 6.68 34.85 18.53
CA PRO A 423 6.81 33.43 18.29
C PRO A 423 5.98 32.89 17.15
N THR A 424 5.04 33.68 16.65
CA THR A 424 4.21 33.21 15.56
C THR A 424 4.95 33.30 14.25
N ASP A 425 6.00 34.09 14.25
CA ASP A 425 6.76 34.35 13.05
C ASP A 425 8.17 33.83 13.22
N GLY A 426 8.76 34.18 14.34
CA GLY A 426 10.03 33.61 14.76
C GLY A 426 10.00 32.12 15.01
N HIS A 427 9.28 31.70 16.03
CA HIS A 427 9.22 30.31 16.41
C HIS A 427 7.81 29.76 16.45
N PRO A 428 7.24 29.49 15.27
CA PRO A 428 5.84 29.10 15.07
C PRO A 428 5.39 27.90 15.87
N VAL A 429 6.20 26.85 15.83
CA VAL A 429 5.85 25.59 16.44
C VAL A 429 5.82 25.68 17.95
N PHE A 430 6.49 26.68 18.49
CA PHE A 430 6.45 26.92 19.91
C PHE A 430 5.19 27.69 20.25
N ALA A 431 4.86 28.63 19.39
CA ALA A 431 3.68 29.45 19.58
C ALA A 431 2.45 28.59 19.53
N SER A 432 2.51 27.52 18.76
CA SER A 432 1.39 26.61 18.70
C SER A 432 1.12 26.00 20.07
N ARG A 433 2.19 25.49 20.68
CA ARG A 433 2.10 24.84 21.96
C ARG A 433 1.75 25.81 23.05
N LEU A 434 2.07 27.06 22.78
CA LEU A 434 1.71 28.13 23.69
C LEU A 434 0.23 28.45 23.63
N ARG A 435 -0.30 28.50 22.42
CA ARG A 435 -1.70 28.77 22.22
C ARG A 435 -2.53 27.63 22.74
N LYS A 436 -2.00 26.42 22.63
CA LYS A 436 -2.68 25.24 23.14
C LYS A 436 -2.94 25.36 24.61
N ARG A 437 -2.07 26.10 25.27
CA ARG A 437 -2.12 26.28 26.70
C ARG A 437 -2.92 27.52 27.06
N LEU A 438 -2.84 28.53 26.21
CA LEU A 438 -3.64 29.72 26.38
C LEU A 438 -5.13 29.42 26.28
N ARG A 439 -5.47 28.57 25.31
CA ARG A 439 -6.84 28.16 25.09
C ARG A 439 -7.31 27.23 26.20
N ALA A 440 -6.37 26.80 27.03
CA ALA A 440 -6.67 25.89 28.12
C ALA A 440 -6.59 26.60 29.45
N GLY A 441 -6.72 27.93 29.42
CA GLY A 441 -6.85 28.71 30.63
C GLY A 441 -5.70 29.63 30.98
N ALA A 442 -4.49 29.22 30.62
CA ALA A 442 -3.31 29.98 30.99
C ALA A 442 -3.41 31.45 30.58
N LYS A 443 -2.55 32.27 31.16
CA LYS A 443 -2.63 33.70 30.98
C LYS A 443 -1.39 34.25 30.30
N LEU A 444 -1.50 35.48 29.81
CA LEU A 444 -0.48 36.05 28.96
C LEU A 444 -0.19 37.50 29.29
N ILE A 445 1.10 37.83 29.38
CA ILE A 445 1.53 39.20 29.44
C ILE A 445 2.49 39.43 28.29
N VAL A 446 2.27 40.51 27.56
CA VAL A 446 3.11 40.86 26.43
C VAL A 446 3.60 42.28 26.58
N VAL A 447 4.89 42.48 26.37
CA VAL A 447 5.55 43.72 26.70
C VAL A 447 6.08 44.44 25.47
N ASP A 448 5.72 43.96 24.29
CA ASP A 448 6.15 44.59 23.07
C ASP A 448 5.37 45.87 22.84
N PRO A 449 5.91 46.77 21.99
CA PRO A 449 5.29 48.00 21.52
C PRO A 449 4.53 47.81 20.24
N ARG A 450 4.33 46.56 19.87
CA ARG A 450 3.87 46.21 18.55
C ARG A 450 2.94 45.02 18.69
N ARG A 451 1.65 45.24 18.45
CA ARG A 451 0.66 44.19 18.64
C ARG A 451 0.99 42.97 17.81
N ILE A 452 1.29 41.89 18.49
CA ILE A 452 1.67 40.66 17.83
C ILE A 452 0.47 39.74 17.73
N ASP A 453 0.54 38.79 16.81
CA ASP A 453 -0.59 37.93 16.52
C ASP A 453 -0.80 36.88 17.59
N LEU A 454 0.10 36.85 18.57
CA LEU A 454 -0.04 35.95 19.70
C LEU A 454 -1.09 36.47 20.64
N LEU A 455 -1.33 37.77 20.54
CA LEU A 455 -2.29 38.46 21.38
C LEU A 455 -3.68 38.28 20.84
N ASN A 456 -3.76 38.15 19.52
CA ASN A 456 -5.02 37.95 18.84
C ASN A 456 -5.20 36.49 18.51
N THR A 457 -4.70 35.61 19.36
CA THR A 457 -4.95 34.20 19.14
C THR A 457 -6.39 33.88 19.50
N PRO A 458 -6.98 32.89 18.83
CA PRO A 458 -8.37 32.52 19.07
C PRO A 458 -8.60 31.76 20.36
N HIS A 459 -9.76 31.96 20.97
CA HIS A 459 -10.13 31.27 22.19
C HIS A 459 -9.14 31.60 23.30
N ARG A 460 -8.52 32.77 23.17
CA ARG A 460 -7.55 33.21 24.14
C ARG A 460 -8.17 33.38 25.50
N GLY A 461 -7.39 33.10 26.54
CA GLY A 461 -7.80 33.39 27.89
C GLY A 461 -7.62 34.87 28.17
N GLU A 462 -7.10 35.18 29.35
CA GLU A 462 -6.84 36.55 29.73
C GLU A 462 -5.54 37.04 29.09
N ALA A 463 -5.44 38.34 28.86
CA ALA A 463 -4.25 38.91 28.26
C ALA A 463 -4.02 40.35 28.67
N TRP A 464 -2.77 40.63 29.04
CA TRP A 464 -2.35 41.99 29.30
C TRP A 464 -1.29 42.38 28.30
N HIS A 465 -1.34 43.62 27.84
CA HIS A 465 -0.42 44.11 26.85
C HIS A 465 0.20 45.43 27.26
N LEU A 466 1.50 45.42 27.51
CA LEU A 466 2.23 46.62 27.83
C LEU A 466 2.86 47.20 26.60
N GLN A 467 2.14 48.08 25.92
CA GLN A 467 2.60 48.66 24.69
C GLN A 467 3.43 49.87 25.00
N LEU A 468 4.72 49.63 25.15
CA LEU A 468 5.67 50.62 25.63
C LEU A 468 6.40 51.31 24.49
N LYS A 469 7.40 52.10 24.85
CA LYS A 469 8.28 52.73 23.89
C LYS A 469 9.61 51.98 23.85
N PRO A 470 10.07 51.62 22.64
CA PRO A 470 11.27 50.77 22.52
C PRO A 470 12.50 51.38 23.17
N GLY A 471 13.25 50.56 23.88
CA GLY A 471 14.39 51.04 24.63
C GLY A 471 14.15 50.98 26.12
N THR A 472 12.92 51.32 26.50
CA THR A 472 12.53 51.32 27.89
C THR A 472 12.01 49.97 28.31
N ASN A 473 12.92 49.03 28.48
CA ASN A 473 12.59 47.64 28.73
C ASN A 473 13.08 47.18 30.08
N VAL A 474 14.02 47.93 30.63
CA VAL A 474 14.58 47.65 31.93
C VAL A 474 13.83 48.42 32.99
N ALA A 475 13.33 49.60 32.60
CA ALA A 475 12.58 50.45 33.51
C ALA A 475 11.36 49.70 33.97
N VAL A 476 10.69 49.09 33.01
CA VAL A 476 9.48 48.34 33.22
C VAL A 476 9.70 47.16 34.15
N MET A 477 10.82 46.47 33.97
CA MET A 477 11.15 45.32 34.81
C MET A 477 11.45 45.77 36.22
N THR A 478 12.18 46.87 36.31
CA THR A 478 12.53 47.44 37.59
C THR A 478 11.28 47.81 38.35
N ALA A 479 10.30 48.34 37.61
CA ALA A 479 9.05 48.77 38.21
C ALA A 479 8.23 47.56 38.66
N MET A 480 8.25 46.51 37.86
CA MET A 480 7.64 45.25 38.25
C MET A 480 8.21 44.78 39.59
N ALA A 481 9.53 44.83 39.69
CA ALA A 481 10.21 44.39 40.89
C ALA A 481 9.89 45.30 42.07
N HIS A 482 9.76 46.59 41.77
CA HIS A 482 9.41 47.58 42.77
C HIS A 482 8.06 47.28 43.34
N VAL A 483 7.15 46.91 42.47
CA VAL A 483 5.82 46.53 42.85
C VAL A 483 5.87 45.31 43.74
N ILE A 484 6.58 44.29 43.29
CA ILE A 484 6.63 43.03 44.02
C ILE A 484 7.24 43.21 45.40
N VAL A 485 8.20 44.11 45.52
CA VAL A 485 8.93 44.29 46.77
C VAL A 485 8.20 45.24 47.71
N THR A 486 7.57 46.26 47.13
CA THR A 486 6.77 47.20 47.89
C THR A 486 5.66 46.42 48.57
N GLU A 487 4.93 45.68 47.76
CA GLU A 487 4.07 44.62 48.26
C GLU A 487 4.95 43.49 48.76
N GLN A 488 4.34 42.42 49.26
CA GLN A 488 5.10 41.28 49.70
C GLN A 488 4.51 40.01 49.10
N ILE A 489 4.99 39.68 47.91
CA ILE A 489 4.44 38.60 47.13
C ILE A 489 5.51 37.57 46.83
N PHE A 490 6.76 38.00 46.87
CA PHE A 490 7.87 37.13 46.51
C PHE A 490 7.97 35.93 47.45
N ASP A 491 8.78 34.96 47.03
CA ASP A 491 9.01 33.76 47.80
C ASP A 491 10.29 33.90 48.62
N LYS A 492 10.16 33.78 49.93
CA LYS A 492 11.29 33.96 50.82
C LYS A 492 12.06 32.65 50.99
N ARG A 493 11.31 31.56 50.95
CA ARG A 493 11.90 30.24 51.07
C ARG A 493 12.89 30.03 49.95
N PHE A 494 12.47 30.36 48.75
CA PHE A 494 13.29 30.15 47.58
C PHE A 494 14.57 30.95 47.68
N ILE A 495 14.44 32.20 48.09
CA ILE A 495 15.58 33.09 48.20
C ILE A 495 16.57 32.54 49.21
N GLY A 496 16.07 32.14 50.36
CA GLY A 496 16.93 31.64 51.41
C GLY A 496 17.62 30.35 51.01
N ASP A 497 16.94 29.54 50.20
CA ASP A 497 17.42 28.21 49.89
C ASP A 497 18.40 28.20 48.72
N ARG A 498 17.92 28.64 47.56
CA ARG A 498 18.66 28.49 46.32
C ARG A 498 19.49 29.72 45.98
N CYS A 499 19.16 30.85 46.58
CA CYS A 499 19.91 32.08 46.38
C CYS A 499 20.53 32.58 47.68
N ASP A 500 21.13 33.76 47.62
CA ASP A 500 21.75 34.37 48.78
C ASP A 500 20.80 35.38 49.40
N TRP A 501 21.03 35.72 50.66
CA TRP A 501 20.17 36.65 51.37
C TRP A 501 20.82 38.01 51.52
N ASP A 502 22.14 38.02 51.61
CA ASP A 502 22.88 39.25 51.81
C ASP A 502 22.66 40.17 50.62
N GLU A 503 22.50 39.55 49.46
CA GLU A 503 22.38 40.28 48.21
C GLU A 503 20.92 40.64 47.95
N TRP A 504 20.02 39.78 48.41
CA TRP A 504 18.60 40.01 48.27
C TRP A 504 18.18 41.28 49.00
N ALA A 505 18.75 41.47 50.18
CA ALA A 505 18.47 42.66 50.97
C ALA A 505 18.85 43.92 50.22
N ASP A 506 20.05 43.91 49.66
CA ASP A 506 20.56 45.06 48.92
C ASP A 506 19.68 45.34 47.73
N TYR A 507 19.35 44.29 47.00
CA TYR A 507 18.52 44.43 45.82
C TYR A 507 17.16 45.02 46.17
N ALA A 508 16.60 44.57 47.29
CA ALA A 508 15.27 44.99 47.69
C ALA A 508 15.32 46.46 48.08
N GLU A 509 16.37 46.83 48.78
CA GLU A 509 16.53 48.20 49.24
C GLU A 509 16.78 49.15 48.08
N PHE A 510 17.36 48.60 47.02
CA PHE A 510 17.62 49.37 45.82
C PHE A 510 16.34 49.59 45.04
N VAL A 511 15.67 48.48 44.78
CA VAL A 511 14.46 48.45 43.98
C VAL A 511 13.31 49.16 44.67
N ALA A 512 13.31 49.10 45.99
CA ALA A 512 12.21 49.63 46.78
C ALA A 512 12.11 51.14 46.64
N ASN A 513 13.11 51.75 46.01
CA ASN A 513 13.10 53.17 45.78
C ASN A 513 11.86 53.57 45.00
N PRO A 514 11.28 54.73 45.32
CA PRO A 514 10.05 55.18 44.66
C PRO A 514 10.30 55.79 43.29
N GLU A 515 11.56 55.91 42.90
CA GLU A 515 11.91 56.48 41.61
C GLU A 515 11.71 55.44 40.53
N TYR A 516 11.94 54.19 40.90
CA TYR A 516 11.74 53.07 40.00
C TYR A 516 10.31 52.58 40.07
N ALA A 517 9.39 53.45 40.48
CA ALA A 517 7.99 53.06 40.63
C ALA A 517 7.23 53.30 39.34
N PRO A 518 6.17 52.49 39.11
CA PRO A 518 5.37 52.54 37.88
C PRO A 518 4.71 53.89 37.62
N GLU A 519 4.54 54.65 38.68
CA GLU A 519 3.81 55.92 38.62
C GLU A 519 4.64 57.01 37.97
N ALA A 520 5.95 56.79 37.90
CA ALA A 520 6.87 57.80 37.36
C ALA A 520 7.32 57.44 35.95
N VAL A 521 7.58 56.16 35.75
CA VAL A 521 8.08 55.65 34.48
C VAL A 521 7.02 55.76 33.39
N GLU A 522 5.77 55.86 33.82
CA GLU A 522 4.65 55.96 32.89
C GLU A 522 4.85 57.09 31.89
N SER A 523 5.61 58.09 32.30
CA SER A 523 5.85 59.26 31.47
C SER A 523 6.76 58.92 30.30
N LEU A 524 7.92 58.35 30.62
CA LEU A 524 8.93 58.03 29.61
C LEU A 524 8.64 56.71 28.91
N THR A 525 7.93 55.83 29.60
CA THR A 525 7.69 54.49 29.10
C THR A 525 6.51 54.44 28.14
N GLY A 526 5.43 55.12 28.52
CA GLY A 526 4.24 55.18 27.69
C GLY A 526 3.19 54.18 28.12
N VAL A 527 3.61 53.22 28.94
CA VAL A 527 2.69 52.23 29.46
C VAL A 527 1.93 52.82 30.64
N PRO A 528 0.67 52.41 30.83
CA PRO A 528 -0.03 52.88 32.03
C PRO A 528 0.53 52.27 33.31
N ALA A 529 0.10 52.81 34.44
CA ALA A 529 0.58 52.37 35.74
C ALA A 529 -0.23 51.21 36.29
N GLY A 530 -1.54 51.37 36.30
CA GLY A 530 -2.43 50.37 36.85
C GLY A 530 -2.25 49.03 36.18
N LEU A 531 -2.09 49.09 34.87
CA LEU A 531 -1.94 47.90 34.05
C LEU A 531 -0.70 47.13 34.45
N LEU A 532 0.37 47.89 34.66
CA LEU A 532 1.64 47.33 35.07
C LEU A 532 1.53 46.68 36.44
N ARG A 533 0.90 47.38 37.38
CA ARG A 533 0.71 46.84 38.70
C ARG A 533 -0.03 45.51 38.64
N GLN A 534 -1.08 45.50 37.82
CA GLN A 534 -1.93 44.35 37.66
C GLN A 534 -1.15 43.17 37.13
N ALA A 535 -0.39 43.42 36.08
CA ALA A 535 0.42 42.40 35.44
C ALA A 535 1.43 41.82 36.41
N ALA A 536 2.01 42.69 37.21
CA ALA A 536 3.02 42.27 38.15
C ALA A 536 2.42 41.38 39.21
N ARG A 537 1.28 41.80 39.72
CA ARG A 537 0.57 41.02 40.72
C ARG A 537 0.23 39.66 40.18
N ALA A 538 -0.19 39.64 38.92
CA ALA A 538 -0.60 38.41 38.26
C ALA A 538 0.55 37.46 38.07
N TYR A 539 1.71 38.01 37.72
CA TYR A 539 2.90 37.20 37.53
C TYR A 539 3.38 36.64 38.86
N ALA A 540 3.36 37.50 39.87
CA ALA A 540 3.89 37.16 41.17
C ALA A 540 2.97 36.20 41.92
N ALA A 541 1.71 36.20 41.53
CA ALA A 541 0.69 35.44 42.21
C ALA A 541 0.64 34.01 41.70
N ALA A 542 0.89 33.84 40.42
CA ALA A 542 0.71 32.56 39.77
C ALA A 542 1.65 31.51 40.36
N PRO A 543 1.23 30.23 40.34
CA PRO A 543 2.06 29.15 40.86
C PRO A 543 3.28 28.88 40.01
N ASN A 544 3.02 28.65 38.73
CA ASN A 544 4.05 28.33 37.78
C ASN A 544 3.99 29.27 36.60
N ALA A 545 4.90 30.24 36.57
CA ALA A 545 4.97 31.19 35.49
C ALA A 545 6.25 30.99 34.71
N ALA A 546 6.25 31.42 33.45
CA ALA A 546 7.41 31.23 32.62
C ALA A 546 7.65 32.43 31.73
N ILE A 547 8.93 32.78 31.58
CA ILE A 547 9.33 33.91 30.78
C ILE A 547 9.97 33.42 29.50
N TYR A 548 9.54 34.00 28.39
CA TYR A 548 10.13 33.69 27.10
C TYR A 548 10.52 34.99 26.42
N TYR A 549 11.81 35.26 26.33
CA TYR A 549 12.26 36.53 25.77
C TYR A 549 13.12 36.34 24.54
N GLY A 550 13.23 37.41 23.77
CA GLY A 550 13.97 37.39 22.53
C GLY A 550 14.81 38.63 22.29
N LEU A 551 14.63 39.23 21.12
CA LEU A 551 15.49 40.29 20.66
C LEU A 551 15.08 41.68 21.05
N GLY A 552 13.97 41.81 21.75
CA GLY A 552 13.53 43.12 22.16
C GLY A 552 14.32 43.60 23.35
N VAL A 553 14.94 42.64 24.04
CA VAL A 553 15.71 42.95 25.22
C VAL A 553 17.19 43.04 24.90
N THR A 554 17.68 42.07 24.13
CA THR A 554 19.08 41.95 23.82
C THR A 554 19.59 43.07 22.95
N GLU A 555 19.06 43.14 21.75
CA GLU A 555 19.52 44.09 20.78
C GLU A 555 19.19 45.49 21.21
N HIS A 556 19.93 45.97 22.19
CA HIS A 556 19.78 47.31 22.70
C HIS A 556 21.03 47.74 23.41
N SER A 557 21.08 49.01 23.78
CA SER A 557 22.21 49.58 24.49
C SER A 557 22.26 49.02 25.91
N GLN A 558 21.16 48.42 26.34
CA GLN A 558 21.10 47.70 27.61
C GLN A 558 20.40 46.38 27.43
N GLY A 559 21.17 45.37 27.03
CA GLY A 559 20.64 44.05 26.83
C GLY A 559 20.98 43.11 27.95
N SER A 560 22.25 43.15 28.33
CA SER A 560 22.76 42.31 29.40
C SER A 560 22.06 42.72 30.68
N THR A 561 21.92 44.02 30.85
CA THR A 561 21.26 44.60 32.01
C THR A 561 19.84 44.10 32.13
N THR A 562 19.13 44.13 31.01
CA THR A 562 17.76 43.69 30.95
C THR A 562 17.61 42.22 31.26
N VAL A 563 18.47 41.41 30.67
CA VAL A 563 18.43 39.98 30.89
C VAL A 563 18.65 39.68 32.36
N ILE A 564 19.56 40.42 32.96
CA ILE A 564 19.85 40.29 34.36
C ILE A 564 18.62 40.63 35.19
N ALA A 565 17.96 41.73 34.83
CA ALA A 565 16.76 42.16 35.54
C ALA A 565 15.69 41.08 35.49
N ILE A 566 15.61 40.45 34.34
CA ILE A 566 14.63 39.41 34.08
C ILE A 566 14.90 38.21 34.96
N ALA A 567 16.16 37.81 35.03
CA ALA A 567 16.54 36.68 35.86
C ALA A 567 16.30 37.01 37.33
N ASN A 568 16.51 38.27 37.69
CA ASN A 568 16.23 38.72 39.05
C ASN A 568 14.77 38.52 39.38
N LEU A 569 13.89 38.96 38.50
CA LEU A 569 12.46 38.72 38.70
C LEU A 569 12.17 37.24 38.86
N ALA A 570 12.73 36.44 37.97
CA ALA A 570 12.47 35.02 37.96
C ALA A 570 12.91 34.35 39.25
N MET A 571 13.97 34.87 39.86
CA MET A 571 14.52 34.29 41.07
C MET A 571 13.77 34.80 42.29
N MET A 572 13.34 36.05 42.21
CA MET A 572 12.57 36.69 43.25
C MET A 572 11.24 35.98 43.45
N THR A 573 10.56 35.71 42.34
CA THR A 573 9.23 35.14 42.40
C THR A 573 9.26 33.65 42.68
N GLY A 574 10.32 33.00 42.20
CA GLY A 574 10.53 31.59 42.49
C GLY A 574 10.18 30.70 41.33
N ASN A 575 10.15 31.29 40.14
CA ASN A 575 9.75 30.57 38.94
C ASN A 575 10.94 29.92 38.26
N ILE A 576 11.75 29.20 39.02
CA ILE A 576 12.95 28.59 38.49
C ILE A 576 13.20 27.22 39.08
N GLY A 577 13.72 26.32 38.25
CA GLY A 577 14.10 25.00 38.71
C GLY A 577 12.92 24.07 38.81
N ARG A 578 12.06 24.12 37.80
CA ARG A 578 10.85 23.33 37.79
C ARG A 578 10.23 23.32 36.39
N PRO A 579 9.59 22.22 36.02
CA PRO A 579 8.88 22.19 34.74
C PRO A 579 7.66 23.09 34.75
N GLY A 580 7.63 24.06 33.85
CA GLY A 580 6.53 25.00 33.78
C GLY A 580 7.00 26.41 34.04
N VAL A 581 8.24 26.54 34.48
CA VAL A 581 8.79 27.84 34.82
C VAL A 581 10.24 27.92 34.40
N GLY A 582 10.73 29.13 34.29
CA GLY A 582 12.11 29.35 33.93
C GLY A 582 12.29 30.70 33.29
N VAL A 583 13.51 30.93 32.79
CA VAL A 583 13.79 32.11 32.00
C VAL A 583 14.35 31.64 30.67
N ASN A 584 13.47 31.44 29.70
CA ASN A 584 13.84 30.90 28.42
C ASN A 584 14.10 31.98 27.38
N PRO A 585 15.34 32.09 26.91
CA PRO A 585 15.57 32.90 25.73
C PRO A 585 15.33 32.09 24.49
N LEU A 586 14.66 32.70 23.52
CA LEU A 586 14.35 32.02 22.28
C LEU A 586 15.45 32.19 21.27
N ARG A 587 16.35 31.20 21.23
CA ARG A 587 17.46 31.24 20.30
C ARG A 587 16.89 31.21 18.91
N GLY A 588 17.65 31.72 17.97
CA GLY A 588 17.18 31.88 16.61
C GLY A 588 17.69 30.83 15.68
N GLN A 589 18.76 31.16 14.98
CA GLN A 589 19.34 30.27 14.00
C GLN A 589 19.58 28.92 14.60
N ASN A 590 19.54 27.91 13.74
CA ASN A 590 19.93 26.58 14.13
C ASN A 590 21.38 26.59 14.55
N ASN A 591 21.66 25.85 15.60
CA ASN A 591 23.04 25.65 16.00
C ASN A 591 23.75 26.95 16.31
N VAL A 592 23.00 27.95 16.76
CA VAL A 592 23.58 29.07 17.47
C VAL A 592 24.13 28.57 18.78
N GLN A 593 23.33 27.78 19.48
CA GLN A 593 23.73 27.23 20.75
C GLN A 593 24.92 26.30 20.58
N GLY A 594 24.84 25.44 19.57
CA GLY A 594 25.93 24.55 19.27
C GLY A 594 27.18 25.32 18.94
N SER A 595 27.03 26.34 18.10
CA SER A 595 28.14 27.18 17.70
C SER A 595 28.83 27.83 18.87
N CYS A 596 28.04 28.44 19.76
CA CYS A 596 28.60 29.13 20.91
C CYS A 596 29.21 28.12 21.86
N ASP A 597 28.68 26.91 21.85
CA ASP A 597 29.17 25.86 22.71
C ASP A 597 30.50 25.34 22.20
N MET A 598 30.61 25.26 20.87
CA MET A 598 31.86 24.89 20.23
C MET A 598 32.65 26.13 19.88
N GLY A 599 33.02 26.89 20.90
CA GLY A 599 33.79 28.10 20.69
C GLY A 599 33.01 29.14 19.94
N SER A 600 33.51 29.49 18.76
CA SER A 600 32.83 30.47 17.92
C SER A 600 32.70 31.78 18.64
N PHE A 601 33.50 31.95 19.68
CA PHE A 601 33.62 33.22 20.35
C PHE A 601 35.09 33.49 20.55
N PRO A 602 35.49 34.76 20.48
CA PRO A 602 36.91 35.11 20.55
C PRO A 602 37.46 35.16 21.95
N HIS A 603 36.69 34.72 22.93
CA HIS A 603 37.13 34.79 24.31
C HIS A 603 36.97 33.45 25.00
N GLU A 604 36.65 32.41 24.24
CA GLU A 604 36.41 31.13 24.86
C GLU A 604 36.79 29.94 24.00
N PHE A 605 36.85 28.79 24.67
CA PHE A 605 37.07 27.52 24.03
C PHE A 605 35.77 26.74 24.07
N PRO A 606 35.73 25.60 23.38
CA PRO A 606 34.55 24.75 23.48
C PRO A 606 34.22 24.38 24.91
N GLY A 607 33.07 24.84 25.38
CA GLY A 607 32.63 24.57 26.75
C GLY A 607 32.49 25.84 27.56
N TYR A 608 32.44 26.96 26.85
CA TYR A 608 32.31 28.25 27.49
C TYR A 608 33.43 28.45 28.50
N ARG A 609 34.56 27.81 28.23
CA ARG A 609 35.75 27.97 29.05
C ARG A 609 36.61 29.07 28.49
N HIS A 610 36.93 30.04 29.33
CA HIS A 610 37.71 31.19 28.90
C HIS A 610 39.02 30.73 28.29
N VAL A 611 39.65 31.65 27.57
CA VAL A 611 40.81 31.35 26.76
C VAL A 611 42.08 31.54 27.58
N SER A 612 41.96 32.31 28.66
CA SER A 612 43.10 32.63 29.50
C SER A 612 43.36 31.54 30.53
N ASP A 613 42.42 30.60 30.62
CA ASP A 613 42.58 29.46 31.52
C ASP A 613 43.70 28.56 31.01
N ASP A 614 44.81 28.52 31.74
CA ASP A 614 45.96 27.74 31.36
C ASP A 614 45.67 26.24 31.40
N ALA A 615 44.83 25.84 32.34
CA ALA A 615 44.51 24.44 32.53
C ALA A 615 43.80 23.87 31.32
N THR A 616 43.11 24.74 30.60
CA THR A 616 42.33 24.35 29.43
C THR A 616 43.17 24.47 28.17
N ARG A 617 43.94 25.54 28.11
CA ARG A 617 44.83 25.77 26.99
C ARG A 617 45.83 24.64 26.90
N GLY A 618 46.25 24.13 28.05
CA GLY A 618 47.17 23.00 28.08
C GLY A 618 46.54 21.77 27.49
N LEU A 619 45.31 21.49 27.93
CA LEU A 619 44.57 20.33 27.46
C LEU A 619 44.50 20.37 25.96
N PHE A 620 44.18 21.54 25.44
CA PHE A 620 43.94 21.67 24.01
C PHE A 620 45.23 21.69 23.20
N GLU A 621 46.29 22.24 23.77
CA GLU A 621 47.58 22.22 23.11
C GLU A 621 48.01 20.78 22.96
N ARG A 622 47.74 20.00 23.99
CA ARG A 622 48.06 18.60 24.02
C ARG A 622 47.23 17.80 23.03
N THR A 623 45.96 18.18 22.91
CA THR A 623 45.03 17.43 22.09
C THR A 623 45.22 17.73 20.60
N TRP A 624 45.59 18.97 20.32
CA TRP A 624 45.77 19.41 18.94
C TRP A 624 47.24 19.43 18.56
N GLY A 625 48.10 19.36 19.57
CA GLY A 625 49.53 19.32 19.35
C GLY A 625 50.01 20.60 18.68
N VAL A 626 49.71 21.72 19.33
CA VAL A 626 50.10 23.02 18.81
C VAL A 626 50.02 24.04 19.94
N THR A 627 50.79 25.11 19.80
CA THR A 627 50.75 26.18 20.79
C THR A 627 49.64 27.16 20.47
N LEU A 628 48.83 27.46 21.49
CA LEU A 628 47.69 28.34 21.32
C LEU A 628 47.94 29.68 21.98
N SER A 629 47.05 30.63 21.72
CA SER A 629 47.16 31.96 22.31
C SER A 629 46.27 32.07 23.53
N SER A 630 46.67 32.93 24.45
CA SER A 630 45.97 33.11 25.71
C SER A 630 45.11 34.36 25.65
N GLU A 631 45.37 35.20 24.66
CA GLU A 631 44.64 36.43 24.52
C GLU A 631 43.39 36.22 23.69
N PRO A 632 42.30 36.93 24.04
CA PRO A 632 41.02 36.81 23.35
C PRO A 632 41.01 37.56 22.03
N GLY A 633 40.31 37.02 21.04
CA GLY A 633 40.32 37.62 19.72
C GLY A 633 39.34 38.75 19.54
N LEU A 634 39.23 39.21 18.31
CA LEU A 634 38.38 40.35 17.96
C LEU A 634 36.95 39.92 17.72
N ARG A 635 36.05 40.89 17.72
CA ARG A 635 34.67 40.64 17.37
C ARG A 635 34.36 41.40 16.08
N ILE A 636 33.29 41.01 15.41
CA ILE A 636 33.00 41.48 14.06
C ILE A 636 33.17 42.99 13.90
N PRO A 637 32.53 43.78 14.77
CA PRO A 637 32.68 45.23 14.65
C PRO A 637 34.12 45.64 14.78
N ASN A 638 34.83 44.95 15.67
CA ASN A 638 36.23 45.20 15.88
C ASN A 638 37.00 44.87 14.62
N MET A 639 36.64 43.76 14.00
CA MET A 639 37.27 43.35 12.75
C MET A 639 37.16 44.44 11.71
N LEU A 640 35.96 44.96 11.57
CA LEU A 640 35.68 45.90 10.50
C LEU A 640 36.37 47.22 10.78
N ASP A 641 36.35 47.67 12.02
CA ASP A 641 37.00 48.92 12.37
C ASP A 641 38.49 48.78 12.13
N ALA A 642 39.04 47.62 12.49
CA ALA A 642 40.43 47.35 12.30
C ALA A 642 40.77 47.48 10.83
N ALA A 643 40.12 46.63 10.04
CA ALA A 643 40.39 46.53 8.62
C ALA A 643 40.25 47.88 7.95
N VAL A 644 39.35 48.72 8.45
CA VAL A 644 39.27 50.09 7.98
C VAL A 644 40.55 50.81 8.34
N GLU A 645 41.01 50.59 9.56
CA GLU A 645 42.21 51.24 10.07
C GLU A 645 43.45 50.49 9.61
N GLY A 646 43.28 49.21 9.29
CA GLY A 646 44.40 48.37 8.89
C GLY A 646 44.54 47.18 9.82
N ARG A 647 45.74 46.63 9.90
CA ARG A 647 46.05 45.52 10.79
C ARG A 647 44.99 44.42 10.81
N PHE A 648 44.28 44.29 9.68
CA PHE A 648 43.39 43.16 9.45
C PHE A 648 43.19 43.02 7.95
N LYS A 649 43.58 41.89 7.40
CA LYS A 649 43.67 41.74 5.95
C LYS A 649 42.95 40.51 5.40
N ALA A 650 42.70 39.54 6.26
CA ALA A 650 42.10 38.29 5.82
C ALA A 650 40.80 37.98 6.52
N LEU A 651 39.99 37.11 5.91
CA LEU A 651 38.72 36.72 6.49
C LEU A 651 38.13 35.54 5.76
N TYR A 652 37.70 34.54 6.53
CA TYR A 652 37.10 33.34 5.98
C TYR A 652 35.65 33.24 6.39
N VAL A 653 34.79 33.87 5.61
CA VAL A 653 33.37 33.94 5.91
C VAL A 653 32.66 32.66 5.57
N GLN A 654 32.33 31.89 6.60
CA GLN A 654 31.51 30.71 6.45
C GLN A 654 30.04 31.01 6.68
N GLY A 655 29.21 30.59 5.74
CA GLY A 655 27.77 30.62 5.88
C GLY A 655 27.18 31.82 6.61
N GLU A 656 27.56 33.02 6.19
CA GLU A 656 26.96 34.22 6.75
C GLU A 656 27.11 35.41 5.81
N ASP A 657 26.08 36.24 5.79
CA ASP A 657 26.07 37.44 4.98
C ASP A 657 26.33 38.68 5.81
N ILE A 658 27.60 39.03 5.93
CA ILE A 658 28.03 40.10 6.80
C ILE A 658 27.60 41.48 6.31
N LEU A 659 26.95 41.55 5.16
CA LEU A 659 26.65 42.85 4.57
C LEU A 659 25.21 43.24 4.78
N GLN A 660 24.32 42.36 4.37
CA GLN A 660 22.89 42.60 4.48
C GLN A 660 22.41 42.32 5.88
N SER A 661 23.15 41.46 6.58
CA SER A 661 22.78 41.02 7.90
C SER A 661 23.73 41.58 8.95
N ASP A 662 24.15 42.83 8.73
CA ASP A 662 24.93 43.54 9.73
C ASP A 662 24.73 45.03 9.55
N PRO A 663 24.93 45.80 10.63
CA PRO A 663 24.55 47.20 10.72
C PRO A 663 25.56 48.18 10.16
N ASP A 664 25.09 49.37 9.83
CA ASP A 664 25.93 50.38 9.24
C ASP A 664 26.56 49.80 7.99
N THR A 665 25.69 49.45 7.04
CA THR A 665 26.11 48.77 5.82
C THR A 665 27.24 49.49 5.11
N ARG A 666 27.20 50.82 5.11
CA ARG A 666 28.26 51.60 4.49
C ARG A 666 29.60 51.23 5.11
N HIS A 667 29.64 51.26 6.43
CA HIS A 667 30.85 51.04 7.17
C HIS A 667 31.39 49.64 6.95
N VAL A 668 30.50 48.66 7.05
CA VAL A 668 30.91 47.28 6.88
C VAL A 668 31.43 47.05 5.48
N SER A 669 30.84 47.72 4.50
CA SER A 669 31.30 47.58 3.13
C SER A 669 32.69 48.17 2.98
N ALA A 670 32.87 49.37 3.51
CA ALA A 670 34.15 50.06 3.43
C ALA A 670 35.22 49.27 4.15
N GLY A 671 34.81 48.48 5.14
CA GLY A 671 35.74 47.69 5.92
C GLY A 671 36.03 46.35 5.28
N LEU A 672 35.10 45.90 4.46
CA LEU A 672 35.21 44.63 3.77
C LEU A 672 35.99 44.79 2.48
N ALA A 673 36.01 46.01 1.96
CA ALA A 673 36.72 46.32 0.74
C ALA A 673 38.20 46.44 1.03
N ALA A 674 38.51 47.13 2.12
CA ALA A 674 39.89 47.27 2.56
C ALA A 674 40.34 45.98 3.22
N MET A 675 40.38 44.92 2.42
CA MET A 675 40.75 43.61 2.91
C MET A 675 41.31 42.81 1.75
N ASP A 676 42.60 42.51 1.83
CA ASP A 676 43.33 41.93 0.73
C ASP A 676 42.79 40.56 0.35
N LEU A 677 41.99 40.00 1.23
CA LEU A 677 41.41 38.69 1.00
C LEU A 677 40.21 38.46 1.89
N VAL A 678 39.10 38.07 1.27
CA VAL A 678 37.91 37.70 2.01
C VAL A 678 37.26 36.53 1.31
N ILE A 679 37.46 35.36 1.89
CA ILE A 679 36.94 34.14 1.33
C ILE A 679 35.46 34.02 1.64
N VAL A 680 34.76 33.26 0.83
CA VAL A 680 33.35 32.99 1.04
C VAL A 680 33.07 31.51 0.87
N HIS A 681 32.16 31.01 1.70
CA HIS A 681 31.88 29.60 1.76
C HIS A 681 30.38 29.39 1.85
N ASP A 682 29.64 30.09 1.00
CA ASP A 682 28.19 29.93 0.95
C ASP A 682 27.78 29.07 -0.23
N LEU A 683 26.49 28.98 -0.43
CA LEU A 683 25.90 28.20 -1.51
C LEU A 683 25.68 29.07 -2.73
N PHE A 684 25.13 30.25 -2.48
CA PHE A 684 24.76 31.18 -3.53
C PHE A 684 25.64 32.39 -3.50
N LEU A 685 25.45 33.26 -4.48
CA LEU A 685 26.24 34.47 -4.57
C LEU A 685 25.59 35.55 -3.73
N ASN A 686 26.06 35.65 -2.49
CA ASN A 686 25.49 36.57 -1.53
C ASN A 686 26.00 37.98 -1.73
N GLU A 687 25.43 38.89 -0.97
CA GLU A 687 25.79 40.30 -1.00
C GLU A 687 27.21 40.50 -0.51
N THR A 688 27.70 39.53 0.25
CA THR A 688 29.06 39.58 0.77
C THR A 688 30.07 39.33 -0.32
N ALA A 689 29.66 38.54 -1.32
CA ALA A 689 30.57 38.10 -2.37
C ALA A 689 30.84 39.21 -3.37
N ASN A 690 30.17 40.32 -3.20
CA ASN A 690 30.38 41.48 -4.06
C ASN A 690 31.70 42.16 -3.76
N TYR A 691 32.32 41.75 -2.67
CA TYR A 691 33.55 42.35 -2.19
C TYR A 691 34.58 41.26 -1.96
N ALA A 692 34.34 40.11 -2.58
CA ALA A 692 35.16 38.94 -2.34
C ALA A 692 36.25 38.74 -3.36
N HIS A 693 37.17 37.86 -3.02
CA HIS A 693 38.27 37.49 -3.89
C HIS A 693 38.22 36.01 -4.21
N VAL A 694 37.53 35.26 -3.36
CA VAL A 694 37.49 33.82 -3.46
C VAL A 694 36.08 33.34 -3.18
N PHE A 695 35.81 32.10 -3.54
CA PHE A 695 34.50 31.51 -3.33
C PHE A 695 34.60 30.01 -3.24
N LEU A 696 33.94 29.44 -2.26
CA LEU A 696 33.87 28.00 -2.12
C LEU A 696 32.44 27.57 -1.91
N PRO A 697 31.96 26.63 -2.73
CA PRO A 697 30.62 26.09 -2.51
C PRO A 697 30.49 25.39 -1.18
N GLY A 698 29.30 25.42 -0.62
CA GLY A 698 29.02 24.68 0.58
C GLY A 698 28.02 23.59 0.30
N SER A 699 27.42 23.07 1.34
CA SER A 699 26.44 22.01 1.19
C SER A 699 25.23 22.32 2.04
N THR A 700 24.08 21.85 1.60
CA THR A 700 22.87 22.06 2.36
C THR A 700 22.74 20.99 3.42
N PHE A 701 21.78 21.17 4.31
CA PHE A 701 21.55 20.24 5.40
C PHE A 701 21.11 18.88 4.89
N LEU A 702 20.75 18.82 3.61
CA LEU A 702 20.32 17.59 2.99
C LEU A 702 21.49 16.75 2.57
N GLU A 703 22.60 17.44 2.31
CA GLU A 703 23.81 16.82 1.82
C GLU A 703 24.79 16.55 2.93
N LYS A 704 24.59 17.25 4.04
CA LYS A 704 25.44 17.13 5.21
C LYS A 704 25.18 15.86 6.02
N ASP A 705 25.89 15.76 7.12
CA ASP A 705 25.73 14.71 8.10
C ASP A 705 26.35 15.19 9.39
N GLY A 706 25.60 15.16 10.48
CA GLY A 706 26.11 15.71 11.74
C GLY A 706 25.04 15.98 12.77
N THR A 707 25.10 17.15 13.40
CA THR A 707 24.12 17.50 14.41
C THR A 707 23.78 18.97 14.45
N PHE A 708 22.69 19.27 15.14
CA PHE A 708 22.23 20.63 15.38
C PHE A 708 21.79 20.77 16.82
N THR A 709 22.38 21.72 17.51
CA THR A 709 22.07 21.99 18.90
C THR A 709 21.15 23.19 19.03
N ASN A 710 19.90 22.93 19.39
CA ASN A 710 18.87 23.96 19.39
C ASN A 710 18.79 24.76 20.69
N ALA A 711 17.71 25.50 20.83
CA ALA A 711 17.55 26.44 21.94
C ALA A 711 17.34 25.73 23.26
N GLU A 712 16.68 24.58 23.23
CA GLU A 712 16.45 23.82 24.44
C GLU A 712 17.60 22.84 24.64
N ARG A 713 18.75 23.18 24.07
CA ARG A 713 19.98 22.43 24.27
C ARG A 713 19.92 21.02 23.72
N ARG A 714 18.87 20.72 22.98
CA ARG A 714 18.70 19.43 22.37
C ARG A 714 19.64 19.28 21.20
N ILE A 715 20.22 18.09 21.07
CA ILE A 715 21.11 17.79 19.97
C ILE A 715 20.42 16.85 19.00
N ASN A 716 19.82 17.43 17.97
CA ASN A 716 19.14 16.67 16.95
C ASN A 716 20.17 16.22 15.93
N ARG A 717 19.91 15.10 15.25
CA ARG A 717 20.87 14.52 14.34
C ARG A 717 20.47 14.80 12.91
N VAL A 718 21.45 15.07 12.06
CA VAL A 718 21.21 15.44 10.68
C VAL A 718 21.80 14.37 9.79
N ARG A 719 20.99 13.92 8.84
CA ARG A 719 21.34 12.80 8.00
C ARG A 719 21.48 13.21 6.56
N ARG A 720 22.10 12.33 5.77
CA ARG A 720 22.37 12.59 4.37
C ARG A 720 21.38 11.84 3.49
N VAL A 721 20.65 12.59 2.67
CA VAL A 721 19.62 12.02 1.82
C VAL A 721 20.00 12.20 0.37
N MET A 722 20.50 13.37 0.06
CA MET A 722 21.01 13.67 -1.27
C MET A 722 22.51 13.41 -1.28
N ALA A 723 23.16 13.83 -2.36
CA ALA A 723 24.59 13.74 -2.45
C ALA A 723 25.16 15.11 -2.80
N PRO A 724 26.30 15.48 -2.21
CA PRO A 724 26.81 16.83 -2.42
C PRO A 724 27.05 17.13 -3.87
N LYS A 725 26.36 18.14 -4.38
CA LYS A 725 26.43 18.49 -5.79
C LYS A 725 27.81 19.04 -6.11
N ALA A 726 28.37 19.79 -5.16
CA ALA A 726 29.71 20.33 -5.31
C ALA A 726 30.77 19.30 -4.96
N GLY A 727 30.32 18.12 -4.51
CA GLY A 727 31.21 17.00 -4.30
C GLY A 727 31.71 16.87 -2.88
N PHE A 728 31.77 17.99 -2.18
CA PHE A 728 32.28 18.00 -0.82
C PHE A 728 31.45 18.89 0.09
N ALA A 729 31.17 18.37 1.28
CA ALA A 729 30.48 19.15 2.28
C ALA A 729 31.43 20.19 2.85
N ASP A 730 31.01 20.83 3.94
CA ASP A 730 31.71 22.00 4.45
C ASP A 730 32.89 21.65 5.36
N TRP A 731 32.74 20.59 6.15
CA TRP A 731 33.85 20.12 6.97
C TRP A 731 34.96 19.57 6.09
N GLU A 732 34.56 18.93 5.01
CA GLU A 732 35.51 18.43 4.02
C GLU A 732 36.31 19.59 3.46
N VAL A 733 35.62 20.65 3.09
CA VAL A 733 36.26 21.84 2.55
C VAL A 733 37.18 22.47 3.58
N THR A 734 36.75 22.47 4.82
CA THR A 734 37.51 23.12 5.87
C THR A 734 38.83 22.40 6.05
N GLN A 735 38.77 21.08 6.10
CA GLN A 735 39.98 20.30 6.29
C GLN A 735 40.84 20.40 5.04
N MET A 736 40.20 20.53 3.88
CA MET A 736 40.92 20.73 2.64
C MET A 736 41.82 21.93 2.81
N LEU A 737 41.19 23.03 3.20
CA LEU A 737 41.88 24.31 3.35
C LEU A 737 42.99 24.21 4.38
N ALA A 738 42.69 23.57 5.50
CA ALA A 738 43.65 23.49 6.60
C ALA A 738 44.87 22.67 6.22
N ASN A 739 44.63 21.50 5.62
CA ASN A 739 45.71 20.64 5.17
C ASN A 739 46.51 21.33 4.08
N ALA A 740 45.83 22.14 3.27
CA ALA A 740 46.48 22.86 2.20
C ALA A 740 47.37 23.94 2.78
N LEU A 741 47.00 24.41 3.97
CA LEU A 741 47.82 25.41 4.63
C LEU A 741 49.00 24.75 5.32
N GLY A 742 48.77 23.57 5.90
CA GLY A 742 49.85 22.81 6.49
C GLY A 742 49.56 22.16 7.82
N ALA A 743 48.32 22.23 8.27
CA ALA A 743 47.96 21.65 9.55
C ALA A 743 48.14 20.14 9.55
N GLY A 744 47.38 19.45 8.72
CA GLY A 744 47.47 18.01 8.62
C GLY A 744 46.46 17.25 9.45
N TRP A 745 45.17 17.51 9.21
CA TRP A 745 44.13 16.73 9.85
C TRP A 745 43.69 15.61 8.90
N HIS A 746 43.12 14.55 9.45
CA HIS A 746 42.62 13.46 8.64
C HIS A 746 41.30 12.94 9.18
N TYR A 747 40.21 13.47 8.63
CA TYR A 747 38.86 13.07 9.02
C TYR A 747 38.14 12.44 7.83
N THR A 748 37.46 11.33 8.09
CA THR A 748 36.73 10.61 7.06
C THR A 748 35.23 10.61 7.35
N HIS A 749 34.87 10.96 8.57
CA HIS A 749 33.49 11.00 8.98
C HIS A 749 33.37 11.86 10.23
N PRO A 750 32.31 12.69 10.32
CA PRO A 750 32.19 13.62 11.43
C PRO A 750 31.95 12.95 12.78
N SER A 751 31.72 11.63 12.76
CA SER A 751 31.58 10.89 14.00
C SER A 751 32.89 10.99 14.77
N GLU A 752 33.98 10.96 14.02
CA GLU A 752 35.32 11.09 14.61
C GLU A 752 35.46 12.43 15.31
N ILE A 753 34.89 13.46 14.69
CA ILE A 753 34.99 14.80 15.21
C ILE A 753 34.18 14.93 16.49
N MET A 754 32.98 14.36 16.46
CA MET A 754 32.11 14.39 17.62
C MET A 754 32.81 13.63 18.75
N ALA A 755 33.56 12.61 18.40
CA ALA A 755 34.35 11.86 19.37
C ALA A 755 35.42 12.74 19.99
N GLU A 756 36.13 13.46 19.13
CA GLU A 756 37.14 14.41 19.57
C GLU A 756 36.55 15.39 20.57
N ILE A 757 35.38 15.90 20.23
CA ILE A 757 34.72 16.89 21.05
C ILE A 757 34.35 16.29 22.41
N ALA A 758 33.75 15.10 22.39
CA ALA A 758 33.36 14.43 23.61
C ALA A 758 34.58 14.25 24.48
N ALA A 759 35.72 14.07 23.84
CA ALA A 759 36.97 13.87 24.55
C ALA A 759 37.46 15.16 25.19
N THR A 760 37.35 16.26 24.45
CA THR A 760 37.89 17.53 24.91
C THR A 760 36.99 18.22 25.92
N THR A 761 35.80 18.59 25.48
CA THR A 761 34.90 19.38 26.31
C THR A 761 33.97 18.49 27.12
N PRO A 762 33.59 18.96 28.33
CA PRO A 762 32.66 18.22 29.17
C PRO A 762 31.22 18.52 28.79
N GLY A 763 30.32 17.60 29.10
CA GLY A 763 28.94 17.72 28.69
C GLY A 763 28.65 16.80 27.51
N PHE A 764 29.55 16.81 26.54
CA PHE A 764 29.38 16.00 25.34
C PHE A 764 30.09 14.66 25.46
N ALA A 765 30.58 14.35 26.64
CA ALA A 765 31.43 13.18 26.83
C ALA A 765 30.68 11.90 26.54
N ALA A 766 29.37 11.94 26.75
CA ALA A 766 28.53 10.78 26.57
C ALA A 766 27.88 10.77 25.20
N VAL A 767 28.12 11.81 24.43
CA VAL A 767 27.47 11.96 23.13
C VAL A 767 28.06 10.98 22.14
N THR A 768 27.16 10.28 21.46
CA THR A 768 27.54 9.38 20.38
C THR A 768 26.38 9.31 19.40
N TYR A 769 26.70 9.09 18.14
CA TYR A 769 25.67 9.08 17.11
C TYR A 769 24.65 7.99 17.35
N GLU A 770 25.12 6.86 17.90
CA GLU A 770 24.24 5.75 18.17
C GLU A 770 23.21 6.13 19.23
N MET A 771 23.65 6.92 20.20
CA MET A 771 22.76 7.41 21.24
C MET A 771 21.65 8.25 20.62
N LEU A 772 22.05 9.20 19.78
CA LEU A 772 21.11 10.07 19.10
C LEU A 772 20.14 9.26 18.26
N ASP A 773 20.63 8.17 17.69
CA ASP A 773 19.82 7.34 16.82
C ASP A 773 18.78 6.57 17.64
N ALA A 774 19.18 6.15 18.83
CA ALA A 774 18.32 5.32 19.67
C ALA A 774 17.41 6.17 20.53
N ARG A 775 18.02 6.99 21.37
CA ARG A 775 17.27 7.86 22.25
C ARG A 775 16.40 8.82 21.45
N GLY A 776 16.90 9.19 20.28
CA GLY A 776 16.23 10.16 19.43
C GLY A 776 16.82 11.56 19.55
N SER A 777 17.26 11.92 20.74
CA SER A 777 17.82 13.25 20.96
C SER A 777 18.41 13.39 22.36
N VAL A 778 19.27 14.38 22.51
CA VAL A 778 19.97 14.57 23.76
C VAL A 778 20.16 16.04 24.11
N GLN A 779 20.10 16.32 25.41
CA GLN A 779 20.44 17.63 25.93
C GLN A 779 21.92 17.64 26.33
N TRP A 780 22.66 18.63 25.86
CA TRP A 780 24.12 18.52 25.80
C TRP A 780 24.81 18.37 27.16
N PRO A 781 24.16 18.78 28.24
CA PRO A 781 24.78 18.41 29.52
C PRO A 781 24.59 16.94 29.83
N CYS A 782 25.34 16.08 29.14
CA CYS A 782 25.22 14.65 29.30
C CYS A 782 26.57 13.99 29.57
N ASN A 783 26.95 13.99 30.84
CA ASN A 783 28.15 13.34 31.28
C ASN A 783 27.77 12.03 31.95
N GLU A 784 28.75 11.37 32.58
CA GLU A 784 28.47 10.17 33.38
C GLU A 784 27.37 10.49 34.38
N LYS A 785 27.38 11.72 34.87
CA LYS A 785 26.24 12.26 35.61
C LYS A 785 25.24 12.79 34.61
N ALA A 786 23.96 12.52 34.86
CA ALA A 786 22.91 12.89 33.93
C ALA A 786 23.21 12.29 32.56
N PRO A 787 23.23 10.96 32.48
CA PRO A 787 23.55 10.25 31.24
C PRO A 787 22.46 10.40 30.19
N GLU A 788 21.20 10.29 30.62
CA GLU A 788 20.07 10.42 29.72
C GLU A 788 20.05 11.82 29.13
N GLY A 789 20.38 12.79 29.97
CA GLY A 789 20.40 14.19 29.57
C GLY A 789 19.86 15.05 30.68
N SER A 790 19.80 16.35 30.45
CA SER A 790 19.35 17.30 31.44
C SER A 790 18.25 18.18 30.87
N PRO A 791 17.03 17.66 30.81
CA PRO A 791 15.90 18.39 30.24
C PRO A 791 15.68 19.74 30.88
N ILE A 792 16.03 19.87 32.15
CA ILE A 792 15.84 21.11 32.87
C ILE A 792 17.12 21.49 33.60
N MET A 793 17.50 22.75 33.50
CA MET A 793 18.70 23.25 34.14
C MET A 793 18.35 23.83 35.50
N HIS A 794 19.32 23.83 36.41
CA HIS A 794 19.13 24.43 37.72
C HIS A 794 18.06 23.72 38.52
N VAL A 795 17.85 22.44 38.24
CA VAL A 795 16.77 21.70 38.88
C VAL A 795 17.08 21.49 40.36
N GLU A 796 18.36 21.29 40.65
CA GLU A 796 18.82 21.15 42.03
C GLU A 796 19.96 22.10 42.28
N GLY A 797 19.64 23.30 42.76
CA GLY A 797 20.64 24.31 43.02
C GLY A 797 21.24 24.81 41.72
N PHE A 798 21.71 26.04 41.73
CA PHE A 798 22.25 26.64 40.53
C PHE A 798 23.64 26.11 40.25
N VAL A 799 24.17 26.46 39.08
CA VAL A 799 25.46 25.93 38.64
C VAL A 799 26.61 26.53 39.43
N ARG A 800 26.65 27.85 39.53
CA ARG A 800 27.67 28.51 40.33
C ARG A 800 27.47 28.16 41.80
N GLY A 801 26.28 27.68 42.13
CA GLY A 801 25.97 27.25 43.48
C GLY A 801 24.90 28.11 44.11
N LYS A 802 25.01 29.41 43.89
CA LYS A 802 24.06 30.36 44.43
C LYS A 802 23.75 31.46 43.43
N GLY A 803 22.47 31.73 43.24
CA GLY A 803 22.05 32.82 42.39
C GLY A 803 22.62 34.13 42.87
N ARG A 804 22.54 35.14 42.02
CA ARG A 804 23.11 36.43 42.36
C ARG A 804 22.17 37.56 41.95
N PHE A 805 21.87 38.43 42.90
CA PHE A 805 20.99 39.55 42.66
C PHE A 805 21.80 40.78 42.30
N ILE A 806 21.37 41.46 41.25
CA ILE A 806 22.15 42.56 40.71
C ILE A 806 21.28 43.77 40.50
N ARG A 807 21.86 44.93 40.80
CA ARG A 807 21.14 46.18 40.76
C ARG A 807 21.14 46.75 39.35
N THR A 808 19.97 46.70 38.73
CA THR A 808 19.79 47.21 37.38
C THR A 808 19.20 48.61 37.40
N ALA A 809 19.57 49.41 36.40
CA ALA A 809 19.03 50.76 36.28
C ALA A 809 18.83 51.11 34.83
N TYR A 810 17.95 52.07 34.59
CA TYR A 810 17.62 52.46 33.23
C TYR A 810 18.49 53.61 32.78
N LEU A 811 19.33 53.34 31.79
CA LEU A 811 20.15 54.36 31.19
C LEU A 811 19.51 54.89 29.92
N PRO A 812 19.22 56.19 29.87
CA PRO A 812 18.64 56.76 28.65
C PRO A 812 19.51 56.54 27.43
N THR A 813 18.94 55.87 26.44
CA THR A 813 19.66 55.57 25.23
C THR A 813 20.10 56.83 24.47
N ASP A 814 21.17 56.66 23.71
CA ASP A 814 21.80 57.71 22.96
C ASP A 814 21.12 57.95 21.63
N GLU A 815 20.20 57.05 21.29
CA GLU A 815 19.50 57.10 20.02
C GLU A 815 18.15 57.77 20.22
N LYS A 816 18.11 58.74 21.13
CA LYS A 816 16.89 59.46 21.37
C LYS A 816 16.49 60.21 20.12
N THR A 817 15.29 60.74 20.11
CA THR A 817 14.71 61.30 18.91
C THR A 817 14.64 62.81 18.96
N GLY A 818 14.67 63.42 17.79
CA GLY A 818 14.60 64.87 17.69
C GLY A 818 13.78 65.32 16.50
N PRO A 819 13.88 66.61 16.16
CA PRO A 819 13.09 67.26 15.11
C PRO A 819 13.23 66.58 13.76
N ARG A 820 14.47 66.36 13.35
CA ARG A 820 14.74 65.82 12.03
C ARG A 820 14.68 64.30 12.06
N PHE A 821 14.71 63.73 13.27
CA PHE A 821 14.51 62.30 13.44
C PHE A 821 13.50 62.06 14.56
N PRO A 822 12.24 62.46 14.32
CA PRO A 822 11.15 62.43 15.30
C PRO A 822 10.63 61.03 15.57
N LEU A 823 10.52 60.23 14.52
CA LEU A 823 10.01 58.89 14.65
C LEU A 823 11.08 57.94 15.14
N LEU A 824 10.64 56.75 15.52
CA LEU A 824 11.56 55.68 15.84
C LEU A 824 11.48 54.61 14.77
N LEU A 825 12.22 53.53 14.98
CA LEU A 825 12.29 52.47 14.02
C LEU A 825 12.48 51.15 14.73
N THR A 826 12.09 50.09 14.04
CA THR A 826 12.24 48.76 14.57
C THR A 826 12.36 47.81 13.40
N THR A 827 13.20 46.80 13.55
CA THR A 827 13.40 45.82 12.52
C THR A 827 13.06 44.47 13.10
N GLY A 828 12.47 43.62 12.26
CA GLY A 828 11.91 42.40 12.74
C GLY A 828 11.80 41.35 11.67
N ARG A 829 10.65 40.68 11.64
CA ARG A 829 10.54 39.46 10.88
C ARG A 829 9.20 39.12 10.32
N ILE A 830 9.23 38.07 9.51
CA ILE A 830 8.07 37.56 8.84
C ILE A 830 8.16 36.04 8.86
N LEU A 831 7.01 35.41 8.71
CA LEU A 831 6.90 33.98 8.80
C LEU A 831 7.46 33.27 7.59
N SER A 832 7.15 33.81 6.44
CA SER A 832 7.44 33.16 5.18
C SER A 832 8.92 33.22 4.87
N GLN A 833 9.51 34.38 5.08
CA GLN A 833 10.89 34.58 4.71
C GLN A 833 11.83 34.54 5.89
N TYR A 834 13.01 34.00 5.63
CA TYR A 834 14.06 33.96 6.62
C TYR A 834 14.89 35.22 6.52
N ASN A 835 15.95 35.31 7.32
CA ASN A 835 16.66 36.53 7.55
C ASN A 835 16.99 37.35 6.34
N VAL A 836 17.70 36.77 5.38
CA VAL A 836 18.09 37.51 4.18
C VAL A 836 17.49 36.84 2.96
N GLY A 837 16.99 35.63 3.17
CA GLY A 837 16.20 34.96 2.17
C GLY A 837 16.99 34.44 1.00
N ALA A 838 18.28 34.26 1.22
CA ALA A 838 19.13 33.64 0.23
C ALA A 838 18.60 32.26 -0.06
N GLN A 839 17.96 31.68 0.95
CA GLN A 839 17.44 30.34 0.88
C GLN A 839 15.98 30.33 0.54
N THR A 840 15.37 31.50 0.60
CA THR A 840 13.93 31.59 0.74
C THR A 840 13.30 32.47 -0.33
N ARG A 841 14.06 33.46 -0.79
CA ARG A 841 13.65 34.25 -1.94
C ARG A 841 13.76 33.40 -3.19
N ARG A 842 14.48 32.30 -3.09
CA ARG A 842 14.64 31.37 -4.16
C ARG A 842 13.61 30.26 -4.05
N THR A 843 12.48 30.60 -3.46
CA THR A 843 11.36 29.69 -3.32
C THR A 843 10.05 30.39 -3.67
N GLU A 844 8.96 29.69 -3.49
CA GLU A 844 7.65 30.21 -3.81
C GLU A 844 7.02 30.94 -2.64
N ASN A 845 7.85 31.36 -1.69
CA ASN A 845 7.37 32.07 -0.53
C ASN A 845 7.43 33.56 -0.73
N THR A 846 7.69 33.97 -1.95
CA THR A 846 7.64 35.39 -2.31
C THR A 846 6.21 35.81 -2.59
N VAL A 847 5.29 34.91 -2.28
CA VAL A 847 3.88 35.14 -2.46
C VAL A 847 3.32 35.95 -1.33
N TRP A 848 3.51 35.42 -0.13
CA TRP A 848 3.04 36.04 1.09
C TRP A 848 3.85 37.30 1.37
N HIS A 849 5.07 37.33 0.87
CA HIS A 849 5.97 38.43 1.10
C HIS A 849 7.00 38.53 -0.01
N GLY A 850 6.76 39.41 -0.97
CA GLY A 850 7.68 39.58 -2.07
C GLY A 850 8.38 40.92 -2.04
N GLU A 851 7.87 41.80 -1.19
CA GLU A 851 8.48 43.10 -0.99
C GLU A 851 8.42 43.51 0.46
N ASP A 852 9.53 44.04 0.96
CA ASP A 852 9.57 44.57 2.31
C ASP A 852 8.72 45.81 2.40
N ARG A 853 8.05 45.99 3.53
CA ARG A 853 7.14 47.10 3.69
C ARG A 853 7.26 47.71 5.07
N LEU A 854 6.77 48.93 5.18
CA LEU A 854 6.94 49.73 6.36
C LEU A 854 5.64 49.91 7.12
N GLU A 855 5.51 49.26 8.28
CA GLU A 855 4.29 49.36 9.06
C GLU A 855 4.25 50.66 9.82
N ILE A 856 3.75 51.69 9.16
CA ILE A 856 3.64 53.00 9.78
C ILE A 856 2.26 53.19 10.38
N HIS A 857 2.16 54.14 11.31
CA HIS A 857 0.91 54.47 11.95
C HIS A 857 0.16 55.53 11.14
N PRO A 858 -1.18 55.49 11.17
CA PRO A 858 -1.95 56.41 10.34
C PRO A 858 -1.73 57.87 10.72
N THR A 859 -1.93 58.19 11.99
CA THR A 859 -1.86 59.56 12.45
C THR A 859 -0.48 60.13 12.22
N ASP A 860 0.51 59.25 12.18
CA ASP A 860 1.88 59.64 11.92
C ASP A 860 2.13 59.66 10.42
N ALA A 861 1.08 59.41 9.65
CA ALA A 861 1.19 59.37 8.20
C ALA A 861 0.34 60.46 7.54
N GLU A 862 -0.78 60.79 8.16
CA GLU A 862 -1.71 61.75 7.59
C GLU A 862 -1.01 63.07 7.32
N THR A 863 -0.28 63.55 8.31
CA THR A 863 0.44 64.81 8.21
C THR A 863 1.58 64.72 7.21
N ARG A 864 1.93 63.50 6.84
CA ARG A 864 3.01 63.28 5.89
C ARG A 864 2.45 63.08 4.49
N GLY A 865 1.25 62.51 4.41
CA GLY A 865 0.60 62.30 3.15
C GLY A 865 0.78 60.89 2.62
N ILE A 866 1.00 59.96 3.54
CA ILE A 866 1.24 58.58 3.17
C ILE A 866 -0.06 57.83 2.94
N ARG A 867 -0.01 56.90 2.00
CA ARG A 867 -1.13 56.01 1.74
C ARG A 867 -0.60 54.61 1.45
N ASP A 868 -1.42 53.60 1.72
CA ASP A 868 -1.02 52.23 1.55
C ASP A 868 -0.66 51.93 0.11
N GLY A 869 0.62 51.66 -0.13
CA GLY A 869 1.12 51.30 -1.45
C GLY A 869 2.00 52.38 -2.02
N ASP A 870 2.27 53.38 -1.19
CA ASP A 870 3.07 54.52 -1.59
C ASP A 870 4.54 54.30 -1.23
N TRP A 871 5.42 55.00 -1.94
CA TRP A 871 6.85 54.88 -1.73
C TRP A 871 7.33 56.00 -0.82
N VAL A 872 8.17 55.64 0.15
CA VAL A 872 8.66 56.57 1.12
C VAL A 872 10.16 56.41 1.28
N ARG A 873 10.77 57.36 1.97
CA ARG A 873 12.19 57.31 2.29
C ARG A 873 12.41 57.44 3.78
N LEU A 874 13.37 56.66 4.26
CA LEU A 874 13.80 56.68 5.64
C LEU A 874 15.06 57.49 5.80
N ALA A 875 14.91 58.80 5.96
CA ALA A 875 16.06 59.67 6.08
C ALA A 875 16.61 59.60 7.50
N SER A 876 17.46 58.62 7.75
CA SER A 876 18.11 58.50 9.05
C SER A 876 19.49 59.13 9.05
N ARG A 877 20.20 58.91 10.14
CA ARG A 877 21.51 59.50 10.36
C ARG A 877 22.61 58.70 9.68
N ALA A 878 22.48 57.38 9.73
CA ALA A 878 23.53 56.49 9.27
C ALA A 878 23.33 56.09 7.83
N GLY A 879 22.32 56.67 7.20
CA GLY A 879 22.05 56.37 5.81
C GLY A 879 20.70 56.85 5.32
N GLU A 880 20.22 56.19 4.28
CA GLU A 880 18.96 56.54 3.65
C GLU A 880 18.51 55.40 2.76
N THR A 881 17.21 55.22 2.65
CA THR A 881 16.65 54.07 1.96
C THR A 881 15.24 54.37 1.49
N THR A 882 14.80 53.68 0.45
CA THR A 882 13.46 53.84 -0.06
C THR A 882 12.70 52.54 0.10
N LEU A 883 11.41 52.66 0.38
CA LEU A 883 10.62 51.51 0.76
C LEU A 883 9.14 51.75 0.58
N ARG A 884 8.38 50.69 0.42
CA ARG A 884 6.95 50.80 0.22
C ARG A 884 6.25 50.76 1.57
N ALA A 885 5.18 51.55 1.70
CA ALA A 885 4.56 51.77 2.99
C ALA A 885 3.35 50.88 3.23
N THR A 886 2.89 50.88 4.48
CA THR A 886 1.75 50.10 4.90
C THR A 886 1.21 50.69 6.19
N VAL A 887 0.02 51.26 6.13
CA VAL A 887 -0.55 51.92 7.29
C VAL A 887 -1.27 50.90 8.14
N THR A 888 -1.01 50.94 9.44
CA THR A 888 -1.53 49.93 10.33
C THR A 888 -1.52 50.44 11.76
N ASP A 889 -2.56 50.10 12.53
CA ASP A 889 -2.63 50.49 13.93
C ASP A 889 -1.94 49.48 14.84
N ARG A 890 -1.20 48.56 14.22
CA ARG A 890 -0.47 47.54 14.93
C ARG A 890 0.53 48.19 15.87
N VAL A 891 1.33 49.06 15.30
CA VAL A 891 2.33 49.80 16.04
C VAL A 891 1.73 50.98 16.76
N SER A 892 2.46 51.52 17.73
CA SER A 892 2.05 52.72 18.41
C SER A 892 2.52 53.94 17.66
N PRO A 893 1.90 55.09 17.91
CA PRO A 893 2.31 56.32 17.24
C PRO A 893 3.69 56.77 17.67
N GLY A 894 4.53 57.12 16.70
CA GLY A 894 5.92 57.42 16.98
C GLY A 894 6.77 56.18 16.95
N VAL A 895 6.31 55.16 16.24
CA VAL A 895 7.04 53.92 16.09
C VAL A 895 6.82 53.39 14.69
N VAL A 896 7.85 52.75 14.15
CA VAL A 896 7.83 52.28 12.78
C VAL A 896 8.51 50.93 12.72
N TYR A 897 8.05 50.07 11.81
CA TYR A 897 8.52 48.71 11.76
C TYR A 897 8.87 48.32 10.34
N THR A 898 10.06 47.76 10.19
CA THR A 898 10.58 47.40 8.89
C THR A 898 11.02 45.95 8.90
N THR A 899 11.37 45.45 7.73
CA THR A 899 11.83 44.09 7.60
C THR A 899 13.02 44.06 6.66
N PHE A 900 14.00 43.23 6.98
CA PHE A 900 15.28 43.23 6.28
C PHE A 900 15.50 42.02 5.39
N HIS A 901 14.44 41.30 5.09
CA HIS A 901 14.56 40.03 4.40
C HIS A 901 14.97 40.20 2.96
N HIS A 902 14.68 41.37 2.40
CA HIS A 902 14.94 41.62 0.99
C HIS A 902 16.11 42.60 0.83
N PRO A 903 17.02 42.32 -0.10
CA PRO A 903 18.23 43.11 -0.33
C PRO A 903 18.00 44.28 -1.26
N ASP A 904 16.99 44.14 -2.09
CA ASP A 904 16.61 45.20 -3.00
C ASP A 904 16.41 46.46 -2.18
N THR A 905 15.91 46.25 -0.97
CA THR A 905 15.88 47.29 0.03
C THR A 905 17.04 47.11 0.98
N GLN A 906 17.76 48.19 1.23
CA GLN A 906 18.92 48.14 2.09
C GLN A 906 18.56 48.76 3.41
N ALA A 907 18.22 47.90 4.37
CA ALA A 907 17.60 48.35 5.61
C ALA A 907 18.61 48.59 6.71
N ASN A 908 19.66 47.78 6.75
CA ASN A 908 20.66 47.88 7.81
C ASN A 908 21.62 49.02 7.55
N VAL A 909 21.44 49.71 6.43
CA VAL A 909 22.20 50.91 6.14
C VAL A 909 21.67 52.05 6.99
N VAL A 910 20.38 51.99 7.29
CA VAL A 910 19.74 52.94 8.18
C VAL A 910 20.22 52.71 9.58
N THR A 911 20.42 51.44 9.89
CA THR A 911 20.73 51.00 11.23
C THR A 911 22.08 51.53 11.69
N THR A 912 22.18 51.79 12.98
CA THR A 912 23.28 52.56 13.51
C THR A 912 24.27 51.65 14.22
N ASP A 913 25.46 52.19 14.51
CA ASP A 913 26.56 51.42 15.07
C ASP A 913 26.43 51.17 16.56
N THR A 914 25.47 51.83 17.20
CA THR A 914 25.34 51.75 18.64
C THR A 914 25.03 50.32 19.07
N SER A 915 25.55 49.93 20.22
CA SER A 915 25.52 48.54 20.62
C SER A 915 25.52 48.36 22.14
N ASP A 916 25.37 47.11 22.55
CA ASP A 916 25.41 46.74 23.96
C ASP A 916 26.77 47.08 24.56
N TRP A 917 26.84 47.10 25.89
CA TRP A 917 28.07 47.50 26.56
C TRP A 917 28.99 46.31 26.74
N ALA A 918 28.40 45.15 26.99
CA ALA A 918 29.17 43.94 27.22
C ALA A 918 29.59 43.24 25.94
N THR A 919 28.62 42.74 25.19
CA THR A 919 28.90 41.91 24.05
C THR A 919 28.89 42.68 22.73
N ASN A 920 28.56 43.95 22.80
CA ASN A 920 28.59 44.79 21.61
C ASN A 920 27.58 44.33 20.57
N CYS A 921 26.46 43.77 21.02
CA CYS A 921 25.36 43.46 20.13
C CYS A 921 24.68 44.77 19.73
N PRO A 922 24.34 44.92 18.45
CA PRO A 922 23.94 46.24 18.00
C PRO A 922 22.53 46.65 18.38
N GLU A 923 22.24 47.92 18.14
CA GLU A 923 20.93 48.48 18.41
C GLU A 923 20.12 48.45 17.14
N TYR A 924 19.54 47.30 16.86
CA TYR A 924 18.72 47.11 15.68
C TYR A 924 17.33 47.67 15.89
N LYS A 925 16.85 47.51 17.10
CA LYS A 925 15.45 47.73 17.41
C LYS A 925 15.16 49.18 17.74
N VAL A 926 16.18 50.02 17.62
CA VAL A 926 16.03 51.43 17.87
C VAL A 926 16.86 52.23 16.90
N THR A 927 16.21 53.16 16.21
CA THR A 927 16.90 54.01 15.28
C THR A 927 16.03 55.20 14.95
N ALA A 928 16.53 56.39 15.24
CA ALA A 928 15.81 57.61 14.97
C ALA A 928 15.75 57.84 13.46
N VAL A 929 14.54 57.89 12.92
CA VAL A 929 14.38 58.05 11.49
C VAL A 929 13.38 59.12 11.13
N GLN A 930 13.32 59.40 9.84
CA GLN A 930 12.38 60.34 9.28
C GLN A 930 11.76 59.72 8.06
N VAL A 931 10.50 59.32 8.20
CA VAL A 931 9.77 58.74 7.10
C VAL A 931 9.08 59.85 6.34
N ALA A 932 9.37 59.94 5.06
CA ALA A 932 8.75 60.97 4.23
C ALA A 932 8.38 60.38 2.89
N ALA A 933 7.66 61.14 2.07
CA ALA A 933 7.22 60.65 0.78
C ALA A 933 8.27 60.96 -0.28
N SER A 934 8.45 60.03 -1.21
CA SER A 934 9.44 60.18 -2.26
C SER A 934 9.21 59.24 -3.42
N ASN A 935 9.87 59.53 -4.53
CA ASN A 935 9.74 58.76 -5.75
C ASN A 935 11.07 58.15 -6.17
N GLY A 936 12.09 59.00 -6.28
CA GLY A 936 13.41 58.53 -6.63
C GLY A 936 13.88 57.56 -5.56
N PRO A 937 14.37 56.38 -5.97
CA PRO A 937 14.59 55.38 -4.94
C PRO A 937 15.64 55.80 -3.90
N SER A 938 16.85 56.07 -4.36
CA SER A 938 17.93 56.44 -3.45
C SER A 938 19.23 56.69 -4.19
N ASP A 939 20.24 57.11 -3.44
CA ASP A 939 21.57 57.29 -3.98
C ASP A 939 22.44 56.10 -3.64
N TRP A 940 22.08 55.38 -2.59
CA TRP A 940 22.86 54.26 -2.12
C TRP A 940 22.48 52.98 -2.85
N GLN A 941 21.17 52.77 -2.98
CA GLN A 941 20.66 51.56 -3.59
C GLN A 941 21.13 51.44 -5.03
N GLN A 942 21.18 52.56 -5.72
CA GLN A 942 21.65 52.59 -7.10
C GLN A 942 23.08 52.08 -7.20
N ASP A 943 23.96 52.68 -6.41
CA ASP A 943 25.37 52.28 -6.41
C ASP A 943 25.53 50.83 -6.00
N TYR A 944 24.71 50.40 -5.05
CA TYR A 944 24.78 49.04 -4.57
C TYR A 944 24.45 48.07 -5.69
N ALA A 945 23.36 48.34 -6.39
CA ALA A 945 22.94 47.47 -7.48
C ALA A 945 24.00 47.48 -8.57
N ALA A 946 24.58 48.64 -8.81
CA ALA A 946 25.62 48.77 -9.82
C ALA A 946 26.78 47.85 -9.49
N GLN A 947 27.24 47.95 -8.24
CA GLN A 947 28.34 47.13 -7.74
C GLN A 947 28.02 45.65 -7.86
N ALA A 948 26.82 45.29 -7.42
CA ALA A 948 26.41 43.90 -7.35
C ALA A 948 26.30 43.31 -8.74
N ALA A 949 25.98 44.15 -9.71
CA ALA A 949 25.80 43.70 -11.07
C ALA A 949 27.16 43.58 -11.74
N ALA A 950 28.04 44.50 -11.39
CA ALA A 950 29.38 44.51 -11.95
C ALA A 950 30.30 43.55 -11.23
N ALA A 951 29.76 42.81 -10.27
CA ALA A 951 30.56 41.92 -9.45
C ALA A 951 30.08 40.48 -9.47
N ARG A 952 28.80 40.29 -9.81
CA ARG A 952 28.23 38.96 -9.87
C ARG A 952 28.28 38.41 -11.29
N ARG A 953 29.17 38.95 -12.10
CA ARG A 953 29.35 38.49 -13.46
C ARG A 953 30.51 37.52 -13.53
N ILE A 954 30.34 36.45 -14.30
CA ILE A 954 31.31 35.37 -14.34
C ILE A 954 31.94 35.28 -15.72
N GLU A 955 33.10 34.63 -15.79
CA GLU A 955 33.84 34.51 -17.02
C GLU A 955 34.55 33.17 -17.11
N MET B 1 -70.39 41.48 30.20
CA MET B 1 -70.14 40.06 30.50
C MET B 1 -68.69 39.71 30.18
N LYS B 2 -68.08 38.90 31.04
CA LYS B 2 -66.69 38.53 30.88
C LYS B 2 -66.46 37.71 29.64
N ILE B 3 -65.34 37.96 28.97
CA ILE B 3 -64.99 37.26 27.75
C ILE B 3 -63.56 36.75 27.86
N TRP B 4 -63.36 35.50 27.47
CA TRP B 4 -62.05 34.87 27.51
C TRP B 4 -61.65 34.39 26.13
N LEU B 5 -61.05 35.28 25.35
CA LEU B 5 -60.62 34.95 24.00
C LEU B 5 -59.16 34.51 24.02
N PRO B 6 -58.86 33.29 23.53
CA PRO B 6 -57.49 32.79 23.60
C PRO B 6 -56.45 33.64 22.89
N CYS B 7 -55.22 33.59 23.40
CA CYS B 7 -54.12 34.35 22.82
C CYS B 7 -53.10 33.39 22.19
N ASP B 8 -53.43 32.10 22.17
CA ASP B 8 -52.55 31.08 21.66
C ASP B 8 -52.44 31.16 20.15
N ALA B 9 -51.35 30.61 19.61
CA ALA B 9 -51.13 30.58 18.18
C ALA B 9 -52.20 29.75 17.50
N ALA B 10 -52.68 28.74 18.21
CA ALA B 10 -53.71 27.85 17.70
C ALA B 10 -55.00 28.61 17.49
N ALA B 11 -55.08 29.82 18.03
CA ALA B 11 -56.28 30.63 17.96
C ALA B 11 -56.07 31.79 17.00
N LYS B 12 -54.92 32.44 17.12
CA LYS B 12 -54.57 33.56 16.27
C LYS B 12 -54.48 33.11 14.81
N ALA B 13 -54.14 31.84 14.62
CA ALA B 13 -54.05 31.27 13.29
C ALA B 13 -55.41 31.20 12.64
N CYS B 14 -56.37 30.64 13.36
CA CYS B 14 -57.71 30.45 12.84
C CYS B 14 -58.51 31.75 12.79
N GLY B 15 -57.89 32.84 13.24
CA GLY B 15 -58.49 34.15 13.10
C GLY B 15 -59.08 34.72 14.38
N ALA B 16 -58.52 34.31 15.51
CA ALA B 16 -59.02 34.76 16.80
C ALA B 16 -59.00 36.28 16.91
N GLU B 17 -57.99 36.89 16.30
CA GLU B 17 -57.85 38.34 16.32
C GLU B 17 -59.00 39.02 15.57
N ALA B 18 -59.42 38.38 14.48
CA ALA B 18 -60.54 38.90 13.71
C ALA B 18 -61.79 38.86 14.57
N VAL B 19 -61.90 37.83 15.38
CA VAL B 19 -63.03 37.67 16.29
C VAL B 19 -63.00 38.79 17.31
N LEU B 20 -61.79 39.09 17.78
CA LEU B 20 -61.61 40.17 18.74
C LEU B 20 -62.10 41.48 18.15
N ALA B 21 -61.66 41.74 16.93
CA ALA B 21 -62.06 42.94 16.18
C ALA B 21 -63.57 43.01 16.08
N ALA B 22 -64.20 41.90 15.70
CA ALA B 22 -65.63 41.88 15.48
C ALA B 22 -66.39 42.13 16.77
N LEU B 23 -65.89 41.54 17.85
CA LEU B 23 -66.49 41.73 19.17
C LEU B 23 -66.45 43.19 19.55
N ARG B 24 -65.27 43.79 19.42
CA ARG B 24 -65.09 45.17 19.81
C ARG B 24 -65.97 46.06 18.96
N LEU B 25 -66.08 45.72 17.69
CA LEU B 25 -66.91 46.46 16.75
C LEU B 25 -68.37 46.44 17.20
N GLU B 26 -68.86 45.24 17.50
CA GLU B 26 -70.24 45.06 17.90
C GLU B 26 -70.54 45.79 19.19
N ALA B 27 -69.59 45.73 20.12
CA ALA B 27 -69.77 46.36 21.42
C ALA B 27 -69.79 47.86 21.25
N GLU B 28 -68.95 48.38 20.38
CA GLU B 28 -68.96 49.78 20.02
C GLU B 28 -70.31 50.15 19.40
N LYS B 29 -70.87 49.21 18.66
CA LYS B 29 -72.17 49.41 18.04
C LYS B 29 -73.30 49.03 18.97
N ARG B 30 -72.98 48.17 19.94
CA ARG B 30 -73.97 47.75 20.93
C ARG B 30 -73.38 47.91 22.32
N GLY B 31 -73.75 49.01 22.98
CA GLY B 31 -73.21 49.33 24.28
C GLY B 31 -73.26 48.18 25.26
N GLY B 32 -72.09 47.77 25.74
CA GLY B 32 -71.99 46.69 26.69
C GLY B 32 -70.73 46.82 27.53
N ALA B 33 -70.48 45.86 28.40
CA ALA B 33 -69.30 45.87 29.25
C ALA B 33 -68.05 45.66 28.42
N LEU B 34 -68.03 44.57 27.66
CA LEU B 34 -66.90 44.26 26.79
C LEU B 34 -65.63 44.12 27.60
N ASP B 35 -65.67 43.14 28.49
CA ASP B 35 -64.54 42.78 29.32
C ASP B 35 -63.84 41.55 28.74
N ILE B 36 -62.66 41.76 28.16
CA ILE B 36 -61.95 40.69 27.46
C ILE B 36 -60.76 40.17 28.25
N ALA B 37 -60.57 38.86 28.18
CA ALA B 37 -59.39 38.22 28.71
C ALA B 37 -58.66 37.57 27.56
N ARG B 38 -57.42 37.15 27.81
CA ARG B 38 -56.57 36.63 26.76
C ARG B 38 -55.87 35.36 27.21
N ASN B 39 -56.67 34.43 27.73
CA ASN B 39 -56.15 33.18 28.26
C ASN B 39 -55.45 32.36 27.20
N GLY B 40 -54.89 31.23 27.62
CA GLY B 40 -54.22 30.33 26.71
C GLY B 40 -55.21 29.42 26.02
N SER B 41 -54.79 28.20 25.75
CA SER B 41 -55.67 27.20 25.16
C SER B 41 -56.05 26.13 26.16
N ARG B 42 -57.34 25.80 26.17
CA ARG B 42 -57.83 24.74 27.03
C ARG B 42 -57.30 23.39 26.57
N GLY B 43 -57.07 23.28 25.27
CA GLY B 43 -56.52 22.07 24.69
C GLY B 43 -57.40 21.43 23.65
N MET B 44 -58.52 22.07 23.35
CA MET B 44 -59.43 21.57 22.32
C MET B 44 -59.37 22.48 21.11
N ILE B 45 -58.59 22.04 20.13
CA ILE B 45 -58.18 22.88 19.03
C ILE B 45 -59.22 22.91 17.93
N TRP B 46 -60.12 21.94 17.94
CA TRP B 46 -61.13 21.84 16.91
C TRP B 46 -62.16 22.96 17.01
N LEU B 47 -62.07 23.71 18.10
CA LEU B 47 -62.94 24.85 18.33
C LEU B 47 -62.16 25.96 19.01
N GLU B 48 -60.87 26.03 18.71
CA GLU B 48 -59.94 26.84 19.48
C GLU B 48 -60.38 28.30 19.63
N PRO B 49 -60.98 28.87 18.58
CA PRO B 49 -61.48 30.23 18.75
C PRO B 49 -62.75 30.25 19.60
N LEU B 50 -62.63 29.76 20.83
CA LEU B 50 -63.78 29.60 21.69
C LEU B 50 -63.91 30.77 22.65
N LEU B 51 -65.11 31.33 22.70
CA LEU B 51 -65.36 32.52 23.49
C LEU B 51 -66.01 32.16 24.82
N GLU B 52 -65.19 31.73 25.77
CA GLU B 52 -65.68 31.34 27.08
C GLU B 52 -66.26 32.55 27.81
N VAL B 53 -67.54 32.46 28.16
CA VAL B 53 -68.22 33.55 28.85
C VAL B 53 -68.57 33.13 30.26
N GLU B 54 -68.40 34.05 31.20
CA GLU B 54 -68.63 33.75 32.61
C GLU B 54 -70.12 33.68 32.94
N THR B 55 -70.45 32.78 33.84
CA THR B 55 -71.80 32.66 34.38
C THR B 55 -71.67 32.12 35.80
N PRO B 56 -72.72 32.31 36.61
CA PRO B 56 -72.67 31.82 37.99
C PRO B 56 -72.40 30.33 38.07
N ALA B 57 -72.75 29.62 37.01
CA ALA B 57 -72.58 28.17 36.95
C ALA B 57 -71.14 27.80 36.60
N GLY B 58 -70.48 28.67 35.84
CA GLY B 58 -69.12 28.40 35.40
C GLY B 58 -68.70 29.24 34.22
N ARG B 59 -68.20 28.58 33.18
CA ARG B 59 -67.78 29.28 31.97
C ARG B 59 -68.29 28.53 30.74
N ILE B 60 -69.23 29.15 30.05
CA ILE B 60 -69.84 28.51 28.90
C ILE B 60 -68.99 28.76 27.68
N GLY B 61 -68.66 27.67 26.99
CA GLY B 61 -67.80 27.72 25.82
C GLY B 61 -68.58 27.77 24.52
N PHE B 62 -67.96 28.37 23.52
CA PHE B 62 -68.55 28.47 22.19
C PHE B 62 -67.66 27.77 21.19
N GLY B 63 -68.20 27.50 20.01
CA GLY B 63 -67.49 26.72 19.02
C GLY B 63 -66.38 27.48 18.33
N PRO B 64 -66.01 27.04 17.13
CA PRO B 64 -64.98 27.72 16.35
C PRO B 64 -65.50 29.05 15.84
N MET B 65 -65.52 30.02 16.74
CA MET B 65 -66.12 31.31 16.48
C MET B 65 -65.48 32.02 15.31
N THR B 66 -66.29 32.30 14.30
CA THR B 66 -65.89 33.16 13.20
C THR B 66 -66.48 34.55 13.46
N PRO B 67 -65.87 35.59 12.88
CA PRO B 67 -66.28 36.97 13.15
C PRO B 67 -67.69 37.27 12.65
N ALA B 68 -68.16 36.45 11.73
CA ALA B 68 -69.46 36.64 11.10
C ALA B 68 -70.57 36.13 12.02
N ASP B 69 -70.16 35.34 13.01
CA ASP B 69 -71.09 34.66 13.89
C ASP B 69 -71.18 35.40 15.22
N VAL B 70 -70.29 36.35 15.38
CA VAL B 70 -70.28 37.24 16.53
C VAL B 70 -71.61 37.98 16.75
N PRO B 71 -72.23 38.46 15.65
CA PRO B 71 -73.52 39.13 15.78
C PRO B 71 -74.55 38.30 16.53
N ALA B 72 -74.34 36.99 16.51
CA ALA B 72 -75.22 36.05 17.20
C ALA B 72 -75.12 36.24 18.70
N LEU B 73 -74.07 36.92 19.15
CA LEU B 73 -73.90 37.22 20.55
C LEU B 73 -74.65 38.48 20.94
N PHE B 74 -74.64 38.78 22.23
CA PHE B 74 -75.28 39.98 22.76
C PHE B 74 -76.79 39.98 22.58
N ASP B 75 -77.34 38.87 22.09
CA ASP B 75 -78.78 38.74 21.91
C ASP B 75 -79.30 37.57 22.73
N ALA B 76 -78.65 36.41 22.58
CA ALA B 76 -79.00 35.23 23.36
C ALA B 76 -77.88 34.21 23.32
N LEU B 77 -77.39 33.83 24.49
CA LEU B 77 -76.31 32.87 24.61
C LEU B 77 -76.83 31.44 24.66
N GLU B 78 -78.14 31.29 24.72
CA GLU B 78 -78.77 29.97 24.84
C GLU B 78 -79.15 29.42 23.48
N SER B 79 -79.61 30.31 22.60
CA SER B 79 -80.12 29.91 21.31
C SER B 79 -79.03 30.02 20.25
N HIS B 80 -77.78 30.02 20.71
CA HIS B 80 -76.66 30.17 19.80
C HIS B 80 -76.36 28.85 19.10
N PRO B 81 -76.03 28.90 17.80
CA PRO B 81 -75.72 27.66 17.07
C PRO B 81 -74.49 26.96 17.62
N LYS B 82 -73.41 27.70 17.76
CA LYS B 82 -72.17 27.15 18.32
C LYS B 82 -72.15 27.31 19.83
N ALA B 83 -73.08 26.63 20.49
CA ALA B 83 -73.16 26.68 21.94
C ALA B 83 -72.81 25.32 22.52
N LEU B 84 -71.90 25.32 23.49
CA LEU B 84 -71.32 24.09 23.99
C LEU B 84 -71.64 23.85 25.46
N GLY B 85 -72.03 24.91 26.16
CA GLY B 85 -72.27 24.84 27.58
C GLY B 85 -70.97 24.92 28.34
N LEU B 86 -70.95 24.36 29.55
CA LEU B 86 -69.75 24.40 30.36
C LEU B 86 -68.61 23.67 29.68
N VAL B 87 -67.55 24.43 29.41
CA VAL B 87 -66.37 23.91 28.75
C VAL B 87 -65.72 22.80 29.57
N GLU B 88 -65.82 22.90 30.89
CA GLU B 88 -65.19 21.94 31.79
C GLU B 88 -65.95 20.62 31.80
N GLU B 89 -67.14 20.63 31.23
CA GLU B 89 -68.03 19.48 31.29
C GLU B 89 -67.97 18.68 30.00
N ILE B 90 -67.11 19.09 29.09
CA ILE B 90 -66.97 18.41 27.83
C ILE B 90 -66.20 17.11 28.07
N PRO B 91 -66.70 15.99 27.51
CA PRO B 91 -66.09 14.68 27.77
C PRO B 91 -64.62 14.61 27.38
N PHE B 92 -64.23 15.43 26.43
CA PHE B 92 -62.84 15.51 26.01
C PHE B 92 -61.98 16.12 27.11
N PHE B 93 -62.64 16.85 28.00
CA PHE B 93 -61.95 17.54 29.09
C PHE B 93 -62.15 16.81 30.40
N LYS B 94 -63.31 16.18 30.55
CA LYS B 94 -63.68 15.50 31.78
C LYS B 94 -62.84 14.25 32.02
N ARG B 95 -62.50 13.57 30.94
CA ARG B 95 -61.80 12.31 31.03
C ARG B 95 -60.31 12.51 31.29
N GLN B 96 -59.89 13.77 31.40
CA GLN B 96 -58.49 14.09 31.63
C GLN B 96 -58.14 14.19 33.11
N THR B 97 -57.05 13.54 33.47
CA THR B 97 -56.47 13.68 34.80
C THR B 97 -55.99 15.12 34.96
N ARG B 98 -55.21 15.57 33.98
CA ARG B 98 -54.86 16.98 33.85
C ARG B 98 -54.18 17.57 35.08
N LEU B 99 -52.98 17.10 35.38
CA LEU B 99 -52.19 17.65 36.48
C LEU B 99 -51.28 18.78 36.03
N THR B 100 -50.37 18.44 35.13
CA THR B 100 -49.34 19.38 34.68
C THR B 100 -49.94 20.58 33.99
N PHE B 101 -50.94 20.35 33.14
CA PHE B 101 -51.59 21.42 32.41
C PHE B 101 -52.80 21.95 33.17
N ALA B 102 -52.82 21.73 34.47
CA ALA B 102 -54.00 22.00 35.27
C ALA B 102 -54.48 23.43 35.15
N ARG B 103 -53.56 24.37 35.21
CA ARG B 103 -53.90 25.79 35.26
C ARG B 103 -53.46 26.50 34.00
N CYS B 104 -53.63 25.84 32.87
CA CYS B 104 -53.16 26.38 31.59
C CYS B 104 -54.15 27.33 30.95
N GLY B 105 -55.33 26.81 30.61
CA GLY B 105 -56.25 27.55 29.77
C GLY B 105 -57.36 28.28 30.50
N ARG B 106 -57.18 28.50 31.80
CA ARG B 106 -58.21 29.13 32.61
C ARG B 106 -57.68 30.34 33.34
N ILE B 107 -56.48 30.77 32.99
CA ILE B 107 -55.89 31.96 33.58
C ILE B 107 -55.26 32.81 32.50
N GLU B 108 -55.10 34.10 32.81
CA GLU B 108 -54.28 34.95 31.97
C GLU B 108 -52.83 34.60 32.29
N PRO B 109 -52.07 34.21 31.26
CA PRO B 109 -50.74 33.63 31.47
C PRO B 109 -49.76 34.56 32.16
N LEU B 110 -49.83 35.85 31.84
CA LEU B 110 -48.91 36.82 32.42
C LEU B 110 -49.55 37.55 33.59
N SER B 111 -50.44 36.86 34.30
CA SER B 111 -51.07 37.42 35.49
C SER B 111 -50.60 36.70 36.73
N LEU B 112 -49.72 37.33 37.49
CA LEU B 112 -49.16 36.74 38.69
C LEU B 112 -50.23 36.51 39.74
N ALA B 113 -51.23 37.39 39.76
CA ALA B 113 -52.28 37.30 40.74
C ALA B 113 -53.01 35.97 40.61
N GLN B 114 -53.42 35.66 39.38
CA GLN B 114 -54.15 34.44 39.10
C GLN B 114 -53.30 33.22 39.35
N PHE B 115 -52.05 33.28 38.92
CA PHE B 115 -51.15 32.16 39.08
C PHE B 115 -50.96 31.86 40.56
N ALA B 116 -50.82 32.91 41.36
CA ALA B 116 -50.59 32.77 42.79
C ALA B 116 -51.83 32.22 43.44
N ALA B 117 -52.98 32.71 43.00
CA ALA B 117 -54.26 32.26 43.49
C ALA B 117 -54.54 30.85 43.00
N ALA B 118 -53.76 30.42 42.01
CA ALA B 118 -53.91 29.09 41.43
C ALA B 118 -52.87 28.12 41.98
N GLU B 119 -52.49 28.34 43.24
CA GLU B 119 -51.49 27.52 43.91
C GLU B 119 -50.11 27.84 43.36
N GLY B 120 -49.94 29.05 42.86
CA GLY B 120 -48.70 29.46 42.24
C GLY B 120 -47.61 29.80 43.24
N TRP B 121 -46.37 29.54 42.83
CA TRP B 121 -45.20 29.85 43.64
C TRP B 121 -45.22 29.11 44.97
N ALA B 122 -45.86 27.94 44.97
CA ALA B 122 -45.96 27.13 46.18
C ALA B 122 -44.72 26.27 46.34
N GLY B 123 -44.42 25.50 45.30
CA GLY B 123 -43.30 24.58 45.35
C GLY B 123 -41.99 25.30 45.54
N LEU B 124 -41.88 26.47 44.90
CA LEU B 124 -40.67 27.27 44.99
C LEU B 124 -40.48 27.76 46.42
N ARG B 125 -41.55 28.29 46.99
CA ARG B 125 -41.49 28.83 48.35
C ARG B 125 -41.35 27.73 49.38
N LYS B 126 -41.58 26.50 48.93
CA LYS B 126 -41.45 25.35 49.79
C LYS B 126 -40.04 24.76 49.75
N ALA B 127 -39.40 24.86 48.60
CA ALA B 127 -38.12 24.22 48.38
C ALA B 127 -36.98 24.93 49.10
N LEU B 128 -37.04 26.25 49.12
CA LEU B 128 -35.98 27.06 49.70
C LEU B 128 -35.81 26.74 51.18
N LYS B 129 -36.89 26.33 51.81
CA LYS B 129 -36.85 25.90 53.20
C LYS B 129 -36.16 24.56 53.30
N MET B 130 -36.37 23.74 52.29
CA MET B 130 -35.79 22.41 52.25
C MET B 130 -34.31 22.51 51.96
N THR B 131 -33.64 21.37 51.90
CA THR B 131 -32.22 21.35 51.56
C THR B 131 -32.03 20.93 50.12
N PRO B 132 -30.85 21.20 49.56
CA PRO B 132 -30.51 20.82 48.19
C PRO B 132 -30.55 19.31 47.98
N ALA B 133 -30.44 18.55 49.06
CA ALA B 133 -30.39 17.10 48.98
C ALA B 133 -31.76 16.49 49.27
N GLU B 134 -32.50 17.10 50.19
CA GLU B 134 -33.84 16.64 50.50
C GLU B 134 -34.73 16.74 49.28
N VAL B 135 -34.62 17.87 48.59
CA VAL B 135 -35.43 18.12 47.40
C VAL B 135 -35.07 17.11 46.33
N VAL B 136 -33.78 16.83 46.23
CA VAL B 136 -33.27 15.89 45.24
C VAL B 136 -33.85 14.51 45.50
N GLU B 137 -33.85 14.08 46.76
CA GLU B 137 -34.38 12.77 47.09
C GLU B 137 -35.89 12.74 46.92
N GLU B 138 -36.55 13.87 47.11
CA GLU B 138 -37.97 13.95 46.91
C GLU B 138 -38.28 13.68 45.44
N VAL B 139 -37.52 14.36 44.59
CA VAL B 139 -37.68 14.23 43.15
C VAL B 139 -37.31 12.83 42.69
N LEU B 140 -36.38 12.21 43.41
CA LEU B 140 -35.90 10.88 43.06
C LEU B 140 -36.89 9.80 43.45
N ALA B 141 -37.57 10.01 44.57
CA ALA B 141 -38.53 9.04 45.08
C ALA B 141 -39.53 8.70 44.01
N SER B 142 -40.02 9.74 43.35
CA SER B 142 -40.92 9.58 42.23
C SER B 142 -40.19 8.96 41.04
N GLY B 143 -38.91 9.30 40.91
CA GLY B 143 -38.12 8.85 39.76
C GLY B 143 -38.86 9.24 38.50
N LEU B 144 -38.93 10.54 38.24
CA LEU B 144 -39.98 11.05 37.38
C LEU B 144 -39.92 10.44 35.99
N ARG B 145 -39.06 10.98 35.11
CA ARG B 145 -38.49 10.25 33.98
C ARG B 145 -37.87 11.24 33.01
N GLY B 146 -37.27 10.71 31.95
CA GLY B 146 -36.97 11.52 30.78
C GLY B 146 -38.19 11.58 29.87
N ARG B 147 -38.70 12.77 29.62
CA ARG B 147 -39.91 12.94 28.85
C ARG B 147 -39.64 13.14 27.37
N GLY B 148 -38.50 13.75 27.05
CA GLY B 148 -38.17 14.05 25.67
C GLY B 148 -37.32 12.99 25.03
N GLY B 149 -37.41 11.76 25.55
CA GLY B 149 -36.62 10.66 25.03
C GLY B 149 -37.05 9.30 25.53
N ALA B 150 -36.05 8.45 25.74
CA ALA B 150 -36.30 7.09 26.22
C ALA B 150 -36.81 7.12 27.65
N GLY B 151 -36.25 8.01 28.45
CA GLY B 151 -36.64 8.17 29.83
C GLY B 151 -35.57 7.76 30.80
N PHE B 152 -34.87 8.75 31.33
CA PHE B 152 -33.87 8.51 32.36
C PHE B 152 -34.34 9.17 33.65
N PRO B 153 -34.14 8.49 34.78
CA PRO B 153 -34.56 9.13 36.03
C PRO B 153 -33.85 10.44 36.26
N THR B 154 -34.62 11.52 36.35
CA THR B 154 -34.05 12.84 36.50
C THR B 154 -33.36 12.98 37.84
N GLY B 155 -33.80 12.19 38.81
CA GLY B 155 -33.23 12.25 40.14
C GLY B 155 -31.76 11.89 40.10
N ILE B 156 -31.45 10.84 39.34
CA ILE B 156 -30.10 10.36 39.22
C ILE B 156 -29.22 11.42 38.58
N LYS B 157 -29.79 12.10 37.60
CA LYS B 157 -29.07 13.16 36.89
C LYS B 157 -28.74 14.28 37.84
N TRP B 158 -29.73 14.67 38.63
CA TRP B 158 -29.56 15.77 39.57
C TRP B 158 -28.51 15.41 40.59
N ARG B 159 -28.53 14.16 41.01
CA ARG B 159 -27.58 13.65 41.97
C ARG B 159 -26.17 13.72 41.41
N THR B 160 -26.03 13.26 40.17
CA THR B 160 -24.74 13.23 39.50
C THR B 160 -24.17 14.63 39.37
N VAL B 161 -25.02 15.57 39.01
CA VAL B 161 -24.58 16.95 38.84
C VAL B 161 -24.21 17.57 40.18
N ALA B 162 -24.98 17.26 41.21
CA ALA B 162 -24.76 17.83 42.52
C ALA B 162 -23.45 17.30 43.11
N ALA B 163 -23.16 16.04 42.83
CA ALA B 163 -21.93 15.42 43.31
C ALA B 163 -20.80 15.65 42.33
N ALA B 164 -20.63 16.90 41.91
CA ALA B 164 -19.60 17.26 40.96
C ALA B 164 -19.18 18.70 41.18
N GLN B 165 -17.89 18.89 41.43
CA GLN B 165 -17.39 20.16 41.91
C GLN B 165 -16.94 21.10 40.80
N ALA B 166 -17.41 22.34 40.89
CA ALA B 166 -17.04 23.39 39.96
C ALA B 166 -17.59 24.71 40.46
N ASP B 167 -17.03 25.80 39.95
CA ASP B 167 -17.40 27.13 40.42
C ASP B 167 -18.78 27.53 39.95
N GLN B 168 -19.18 27.01 38.80
CA GLN B 168 -20.43 27.39 38.18
C GLN B 168 -21.05 26.24 37.42
N LYS B 169 -22.17 25.74 37.94
CA LYS B 169 -22.94 24.74 37.24
C LYS B 169 -24.05 25.41 36.48
N TYR B 170 -24.74 24.65 35.65
CA TYR B 170 -25.74 25.22 34.75
C TYR B 170 -26.98 24.36 34.69
N ILE B 171 -28.04 24.97 34.19
CA ILE B 171 -29.30 24.26 33.99
C ILE B 171 -29.93 24.70 32.68
N VAL B 172 -30.45 23.73 31.95
CA VAL B 172 -30.96 23.97 30.62
C VAL B 172 -32.27 23.25 30.39
N CYS B 173 -33.21 23.95 29.77
CA CYS B 173 -34.47 23.37 29.35
C CYS B 173 -34.49 23.28 27.84
N ASN B 174 -34.62 22.07 27.33
CA ASN B 174 -34.57 21.82 25.91
C ASN B 174 -35.96 21.77 25.30
N VAL B 175 -36.59 22.94 25.19
CA VAL B 175 -37.85 23.05 24.49
C VAL B 175 -37.56 23.36 23.02
N ASP B 176 -37.25 22.31 22.28
CA ASP B 176 -36.95 22.42 20.87
C ASP B 176 -37.69 21.32 20.14
N GLU B 177 -38.97 21.19 20.45
CA GLU B 177 -39.77 20.11 19.92
C GLU B 177 -40.01 20.34 18.44
N GLY B 178 -38.99 20.03 17.65
CA GLY B 178 -39.07 20.18 16.20
C GLY B 178 -39.86 19.05 15.58
N ASP B 179 -40.34 18.16 16.44
CA ASP B 179 -41.12 17.02 16.02
C ASP B 179 -42.49 17.43 15.53
N SER B 180 -43.14 16.53 14.81
CA SER B 180 -44.48 16.75 14.31
C SER B 180 -45.49 16.14 15.25
N GLY B 181 -46.57 16.89 15.52
CA GLY B 181 -47.58 16.43 16.43
C GLY B 181 -47.31 16.86 17.85
N SER B 182 -46.05 17.15 18.11
CA SER B 182 -45.62 17.61 19.41
C SER B 182 -45.75 19.12 19.50
N PHE B 183 -46.73 19.57 20.27
CA PHE B 183 -46.98 21.00 20.45
C PHE B 183 -47.39 21.32 21.87
N ALA B 184 -47.16 20.38 22.78
CA ALA B 184 -47.56 20.54 24.16
C ALA B 184 -46.73 21.63 24.83
N ASP B 185 -45.46 21.65 24.49
CA ASP B 185 -44.53 22.61 25.07
C ASP B 185 -44.96 24.02 24.74
N ARG B 186 -45.41 24.22 23.50
CA ARG B 186 -45.87 25.50 23.06
C ARG B 186 -47.07 25.97 23.87
N MET B 187 -48.02 25.07 24.08
CA MET B 187 -49.20 25.40 24.86
C MET B 187 -48.81 25.76 26.27
N LEU B 188 -47.82 25.05 26.79
CA LEU B 188 -47.41 25.22 28.18
C LEU B 188 -46.62 26.49 28.43
N ILE B 189 -45.90 26.97 27.43
CA ILE B 189 -45.10 28.17 27.62
C ILE B 189 -45.81 29.38 27.04
N GLU B 190 -46.93 29.13 26.35
CA GLU B 190 -47.79 30.20 25.90
C GLU B 190 -48.90 30.41 26.91
N GLY B 191 -49.29 29.33 27.57
CA GLY B 191 -50.29 29.38 28.62
C GLY B 191 -49.67 28.72 29.83
N ASP B 192 -49.70 29.39 30.97
CA ASP B 192 -48.99 28.92 32.15
C ASP B 192 -47.47 28.87 31.90
N PRO B 193 -46.86 30.03 31.65
CA PRO B 193 -45.40 30.08 31.52
C PRO B 193 -44.70 29.90 32.85
N PHE B 194 -45.27 30.55 33.86
CA PHE B 194 -44.63 30.68 35.16
C PHE B 194 -44.25 29.36 35.79
N CYS B 195 -44.92 28.29 35.37
CA CYS B 195 -44.63 26.97 35.91
C CYS B 195 -43.21 26.59 35.54
N LEU B 196 -42.80 26.98 34.34
CA LEU B 196 -41.47 26.66 33.85
C LEU B 196 -40.43 27.44 34.64
N VAL B 197 -40.71 28.72 34.87
CA VAL B 197 -39.84 29.57 35.66
C VAL B 197 -39.63 28.91 37.01
N GLU B 198 -40.74 28.51 37.59
CA GLU B 198 -40.77 27.89 38.90
C GLU B 198 -39.94 26.62 38.96
N GLY B 199 -40.15 25.75 37.99
CA GLY B 199 -39.47 24.48 37.94
C GLY B 199 -37.98 24.66 37.77
N MET B 200 -37.59 25.58 36.90
CA MET B 200 -36.17 25.84 36.71
C MET B 200 -35.56 26.42 37.97
N ALA B 201 -36.30 27.30 38.65
CA ALA B 201 -35.79 27.93 39.87
C ALA B 201 -35.55 26.87 40.91
N ILE B 202 -36.51 25.97 41.04
CA ILE B 202 -36.42 24.88 41.99
C ILE B 202 -35.25 23.99 41.66
N ALA B 203 -35.13 23.62 40.39
CA ALA B 203 -34.09 22.70 39.96
C ALA B 203 -32.71 23.32 40.13
N GLY B 204 -32.64 24.64 40.02
CA GLY B 204 -31.38 25.35 40.17
C GLY B 204 -30.98 25.47 41.61
N HIS B 205 -31.98 25.68 42.47
CA HIS B 205 -31.74 25.67 43.89
C HIS B 205 -31.28 24.29 44.33
N ALA B 206 -31.86 23.29 43.70
CA ALA B 206 -31.65 21.91 44.07
C ALA B 206 -30.26 21.43 43.69
N VAL B 207 -29.95 21.58 42.40
CA VAL B 207 -28.68 21.11 41.87
C VAL B 207 -27.52 21.86 42.49
N GLY B 208 -27.64 23.18 42.56
CA GLY B 208 -26.54 24.02 43.00
C GLY B 208 -26.07 25.00 41.95
N ALA B 209 -27.00 25.47 41.12
CA ALA B 209 -26.68 26.44 40.09
C ALA B 209 -27.26 27.81 40.39
N THR B 210 -26.82 28.79 39.63
CA THR B 210 -27.32 30.15 39.75
C THR B 210 -27.75 30.67 38.39
N ARG B 211 -27.14 30.13 37.35
CA ARG B 211 -27.41 30.54 35.99
C ARG B 211 -28.20 29.45 35.27
N GLY B 212 -29.19 29.87 34.48
CA GLY B 212 -30.05 28.93 33.80
C GLY B 212 -30.43 29.41 32.42
N TYR B 213 -30.76 28.47 31.54
CA TYR B 213 -31.11 28.80 30.16
C TYR B 213 -32.31 28.02 29.69
N VAL B 214 -32.98 28.56 28.69
CA VAL B 214 -34.10 27.91 28.06
C VAL B 214 -33.98 28.07 26.57
N TYR B 215 -34.07 26.96 25.85
CA TYR B 215 -33.85 26.94 24.42
C TYR B 215 -35.15 26.81 23.67
N ILE B 216 -35.58 27.93 23.09
CA ILE B 216 -36.80 27.96 22.29
C ILE B 216 -36.43 27.90 20.83
N ARG B 217 -37.31 27.33 20.04
CA ARG B 217 -37.13 27.36 18.60
C ARG B 217 -37.48 28.71 18.04
N SER B 218 -37.25 28.87 16.75
CA SER B 218 -37.59 30.08 16.04
C SER B 218 -38.95 29.93 15.39
N GLU B 219 -39.45 28.71 15.34
CA GLU B 219 -40.74 28.43 14.77
C GLU B 219 -41.82 28.58 15.84
N TYR B 220 -41.42 29.01 17.03
CA TYR B 220 -42.35 29.31 18.12
C TYR B 220 -42.14 30.71 18.68
N PRO B 221 -42.32 31.75 17.85
CA PRO B 221 -42.07 33.15 18.18
C PRO B 221 -42.93 33.75 19.29
N ASP B 222 -44.22 33.49 19.26
CA ASP B 222 -45.14 34.04 20.24
C ASP B 222 -44.79 33.48 21.60
N ALA B 223 -44.42 32.21 21.61
CA ALA B 223 -44.00 31.54 22.82
C ALA B 223 -42.73 32.16 23.35
N ILE B 224 -41.87 32.59 22.43
CA ILE B 224 -40.60 33.20 22.81
C ILE B 224 -40.89 34.48 23.54
N ALA B 225 -41.76 35.28 22.93
CA ALA B 225 -42.17 36.56 23.49
C ALA B 225 -42.74 36.38 24.88
N VAL B 226 -43.62 35.40 25.01
CA VAL B 226 -44.25 35.11 26.29
C VAL B 226 -43.22 34.75 27.34
N MET B 227 -42.29 33.86 27.00
CA MET B 227 -41.33 33.40 27.98
C MET B 227 -40.43 34.54 28.39
N ARG B 228 -40.15 35.44 27.45
CA ARG B 228 -39.35 36.61 27.77
C ARG B 228 -40.08 37.45 28.77
N ALA B 229 -41.37 37.67 28.53
CA ALA B 229 -42.19 38.48 29.42
C ALA B 229 -42.24 37.84 30.80
N ALA B 230 -42.29 36.51 30.82
CA ALA B 230 -42.37 35.75 32.06
C ALA B 230 -41.10 35.92 32.89
N ILE B 231 -39.97 35.70 32.24
CA ILE B 231 -38.69 35.80 32.89
C ILE B 231 -38.49 37.23 33.37
N ALA B 232 -39.05 38.19 32.64
CA ALA B 232 -38.89 39.59 32.96
C ALA B 232 -39.81 40.03 34.10
N MET B 233 -40.92 39.33 34.24
CA MET B 233 -41.91 39.64 35.27
C MET B 233 -41.56 39.07 36.62
N ALA B 234 -40.97 37.89 36.62
CA ALA B 234 -40.79 37.12 37.84
C ALA B 234 -39.44 37.36 38.48
N LYS B 235 -38.84 38.50 38.18
CA LYS B 235 -37.50 38.79 38.66
C LYS B 235 -37.47 38.84 40.18
N PRO B 236 -38.48 39.48 40.80
CA PRO B 236 -38.57 39.47 42.27
C PRO B 236 -38.69 38.06 42.83
N PHE B 237 -39.50 37.23 42.18
CA PHE B 237 -39.70 35.85 42.64
C PHE B 237 -38.48 35.00 42.34
N LEU B 238 -37.59 35.51 41.50
CA LEU B 238 -36.43 34.76 41.08
C LEU B 238 -35.24 35.04 41.97
N ALA B 239 -35.07 36.31 42.31
CA ALA B 239 -33.99 36.74 43.16
C ALA B 239 -34.03 36.03 44.50
N GLU B 240 -35.24 35.76 44.96
CA GLU B 240 -35.48 35.07 46.22
C GLU B 240 -34.71 33.75 46.27
N ALA B 241 -34.52 33.16 45.09
CA ALA B 241 -33.87 31.87 44.98
C ALA B 241 -32.42 32.01 44.53
N GLY B 242 -32.02 33.22 44.17
CA GLY B 242 -30.69 33.45 43.65
C GLY B 242 -30.54 32.73 42.33
N PHE B 243 -31.38 33.11 41.38
CA PHE B 243 -31.47 32.44 40.10
C PHE B 243 -31.73 33.44 39.00
N GLU B 244 -30.92 33.39 37.96
CA GLU B 244 -31.09 34.27 36.82
C GLU B 244 -31.13 33.42 35.57
N MET B 245 -32.28 33.43 34.90
CA MET B 245 -32.50 32.58 33.75
C MET B 245 -32.61 33.44 32.51
N GLU B 246 -32.18 32.89 31.39
CA GLU B 246 -32.26 33.61 30.13
C GLU B 246 -32.79 32.73 29.02
N VAL B 247 -33.39 33.37 28.02
CA VAL B 247 -33.95 32.66 26.89
C VAL B 247 -32.95 32.69 25.75
N ARG B 248 -32.88 31.60 25.01
CA ARG B 248 -32.05 31.55 23.83
C ARG B 248 -32.81 30.93 22.70
N VAL B 249 -32.84 31.66 21.60
CA VAL B 249 -33.56 31.26 20.42
C VAL B 249 -32.69 30.39 19.55
N GLY B 250 -33.29 29.35 18.99
CA GLY B 250 -32.58 28.49 18.08
C GLY B 250 -32.37 29.17 16.75
N ALA B 251 -31.99 28.40 15.75
CA ALA B 251 -31.80 28.95 14.42
C ALA B 251 -32.24 28.00 13.33
N GLY B 252 -33.23 27.16 13.63
CA GLY B 252 -33.81 26.30 12.63
C GLY B 252 -32.99 25.06 12.37
N ALA B 253 -32.83 24.23 13.39
CA ALA B 253 -32.09 23.00 13.26
C ALA B 253 -32.61 21.93 14.20
N TYR B 254 -33.29 20.94 13.64
CA TYR B 254 -33.89 19.86 14.39
C TYR B 254 -32.90 19.20 15.32
N VAL B 255 -31.71 18.97 14.81
CA VAL B 255 -30.69 18.20 15.51
C VAL B 255 -30.30 18.86 16.82
N CYS B 256 -30.62 20.15 16.96
CA CYS B 256 -30.24 20.89 18.14
C CYS B 256 -31.11 20.50 19.32
N GLY B 257 -32.02 19.56 19.07
CA GLY B 257 -32.81 18.99 20.14
C GLY B 257 -31.99 18.01 20.96
N GLU B 258 -30.95 17.46 20.36
CA GLU B 258 -30.02 16.61 21.09
C GLU B 258 -29.28 17.48 22.10
N GLU B 259 -29.03 16.93 23.28
CA GLU B 259 -28.43 17.70 24.36
C GLU B 259 -27.09 18.32 23.99
N THR B 260 -26.22 17.50 23.41
CA THR B 260 -24.87 17.93 23.09
C THR B 260 -24.90 19.07 22.10
N SER B 261 -25.62 18.86 21.02
CA SER B 261 -25.71 19.86 19.97
C SER B 261 -26.35 21.12 20.51
N LEU B 262 -27.31 20.95 21.38
CA LEU B 262 -28.00 22.06 22.00
C LEU B 262 -26.99 22.93 22.71
N LEU B 263 -26.26 22.33 23.64
CA LEU B 263 -25.34 23.09 24.47
C LEU B 263 -24.10 23.52 23.69
N ASN B 264 -23.92 22.95 22.50
CA ASN B 264 -22.90 23.40 21.56
C ASN B 264 -23.36 24.69 20.91
N SER B 265 -24.67 24.77 20.69
CA SER B 265 -25.29 25.91 20.07
C SER B 265 -25.42 27.07 21.05
N LEU B 266 -25.61 26.73 22.31
CA LEU B 266 -25.58 27.73 23.37
C LEU B 266 -24.20 28.37 23.43
N GLU B 267 -23.18 27.55 23.27
CA GLU B 267 -21.80 27.99 23.43
C GLU B 267 -21.32 28.93 22.34
N GLY B 268 -22.16 29.15 21.33
CA GLY B 268 -21.80 30.00 20.22
C GLY B 268 -21.27 29.26 19.00
N LYS B 269 -21.19 27.95 19.09
CA LYS B 269 -20.65 27.13 18.01
C LYS B 269 -21.74 26.53 17.15
N ARG B 270 -21.36 25.64 16.25
CA ARG B 270 -22.29 25.06 15.31
C ARG B 270 -22.77 23.73 15.83
N GLY B 271 -24.06 23.46 15.64
CA GLY B 271 -24.71 22.35 16.30
C GLY B 271 -24.31 20.98 15.81
N THR B 272 -23.03 20.68 15.96
CA THR B 272 -22.53 19.35 15.68
C THR B 272 -22.54 18.51 16.93
N VAL B 273 -23.21 17.38 16.85
CA VAL B 273 -23.30 16.48 17.98
C VAL B 273 -21.93 16.02 18.42
N ARG B 274 -21.76 15.93 19.72
CA ARG B 274 -20.54 15.42 20.32
C ARG B 274 -20.69 13.95 20.63
N ALA B 275 -19.57 13.24 20.59
CA ALA B 275 -19.54 11.87 21.08
C ALA B 275 -19.69 11.90 22.59
N LYS B 276 -19.96 10.74 23.18
CA LYS B 276 -20.31 10.70 24.59
C LYS B 276 -19.35 9.91 25.46
N PRO B 277 -18.05 10.20 25.37
CA PRO B 277 -17.24 9.69 26.48
C PRO B 277 -17.57 10.44 27.77
N PRO B 278 -17.59 11.78 27.75
CA PRO B 278 -18.09 12.56 28.88
C PRO B 278 -19.55 12.91 28.71
N LEU B 279 -20.30 12.91 29.81
CA LEU B 279 -21.67 13.37 29.76
C LEU B 279 -21.74 14.84 30.12
N PRO B 280 -22.76 15.54 29.63
CA PRO B 280 -22.96 16.96 29.90
C PRO B 280 -23.06 17.24 31.38
N ALA B 281 -23.50 16.24 32.13
CA ALA B 281 -23.64 16.38 33.58
C ALA B 281 -22.28 16.56 34.19
N LEU B 282 -21.29 15.89 33.61
CA LEU B 282 -19.91 15.99 34.07
C LEU B 282 -19.24 17.20 33.44
N LYS B 283 -19.37 17.29 32.13
CA LYS B 283 -18.78 18.37 31.36
C LYS B 283 -19.67 18.77 30.21
N GLY B 284 -20.47 19.79 30.43
CA GLY B 284 -21.40 20.24 29.43
C GLY B 284 -21.13 21.65 28.95
N LEU B 285 -21.91 22.57 29.47
CA LEU B 285 -21.84 23.95 29.04
C LEU B 285 -20.57 24.60 29.55
N PHE B 286 -19.73 25.02 28.60
CA PHE B 286 -18.48 25.67 28.93
C PHE B 286 -17.61 24.80 29.81
N GLY B 287 -17.66 23.49 29.57
CA GLY B 287 -16.87 22.54 30.33
C GLY B 287 -17.40 22.29 31.72
N LYS B 288 -18.48 22.98 32.07
CA LYS B 288 -19.04 22.86 33.41
C LYS B 288 -20.12 21.81 33.48
N PRO B 289 -20.43 21.33 34.70
CA PRO B 289 -21.54 20.41 34.90
C PRO B 289 -22.85 21.12 34.63
N THR B 290 -23.74 20.49 33.89
CA THR B 290 -25.01 21.11 33.55
C THR B 290 -26.11 20.08 33.55
N VAL B 291 -27.27 20.49 34.02
CA VAL B 291 -28.42 19.62 34.07
C VAL B 291 -29.35 19.99 32.92
N VAL B 292 -29.45 19.10 31.95
CA VAL B 292 -30.27 19.36 30.78
C VAL B 292 -31.54 18.54 30.86
N ASN B 293 -32.66 19.18 30.59
CA ASN B 293 -33.96 18.53 30.75
C ASN B 293 -35.00 19.06 29.79
N ASN B 294 -36.07 18.28 29.65
CA ASN B 294 -37.23 18.69 28.88
C ASN B 294 -38.12 19.57 29.74
N LEU B 295 -39.00 20.28 29.08
CA LEU B 295 -39.91 21.21 29.74
C LEU B 295 -40.88 20.46 30.63
N LEU B 296 -41.43 19.38 30.11
CA LEU B 296 -42.41 18.59 30.83
C LEU B 296 -41.83 17.99 32.10
N SER B 297 -40.53 17.74 32.07
CA SER B 297 -39.86 17.15 33.22
C SER B 297 -39.59 18.20 34.29
N LEU B 298 -39.54 19.46 33.87
CA LEU B 298 -39.32 20.57 34.78
C LEU B 298 -40.64 21.21 35.19
N ALA B 299 -41.71 20.85 34.49
CA ALA B 299 -43.03 21.39 34.81
C ALA B 299 -43.67 20.58 35.92
N ALA B 300 -43.16 19.37 36.11
CA ALA B 300 -43.69 18.46 37.12
C ALA B 300 -42.96 18.58 38.44
N VAL B 301 -41.79 19.20 38.41
CA VAL B 301 -40.93 19.30 39.57
C VAL B 301 -41.61 20.05 40.72
N PRO B 302 -42.13 21.26 40.44
CA PRO B 302 -42.75 22.02 41.51
C PRO B 302 -43.96 21.31 42.07
N TRP B 303 -44.80 20.83 41.17
CA TRP B 303 -46.00 20.10 41.54
C TRP B 303 -45.62 18.89 42.39
N ILE B 304 -44.53 18.24 42.00
CA ILE B 304 -44.07 17.05 42.71
C ILE B 304 -43.70 17.40 44.13
N ILE B 305 -42.74 18.31 44.26
CA ILE B 305 -42.16 18.61 45.56
C ILE B 305 -43.19 19.23 46.48
N ALA B 306 -44.17 19.89 45.88
CA ALA B 306 -45.17 20.62 46.65
C ALA B 306 -46.28 19.71 47.11
N HIS B 307 -46.92 19.05 46.16
CA HIS B 307 -48.05 18.19 46.43
C HIS B 307 -47.62 16.84 46.99
N GLY B 308 -46.32 16.61 47.04
CA GLY B 308 -45.79 15.36 47.54
C GLY B 308 -45.46 14.37 46.43
N ALA B 309 -44.29 13.78 46.53
CA ALA B 309 -43.82 12.82 45.51
C ALA B 309 -44.73 11.60 45.45
N LYS B 310 -45.19 11.17 46.61
CA LYS B 310 -45.98 9.95 46.72
C LYS B 310 -47.26 10.05 45.93
N ALA B 311 -47.77 11.26 45.80
CA ALA B 311 -49.01 11.49 45.05
C ALA B 311 -48.73 11.33 43.56
N TYR B 312 -47.62 11.89 43.12
CA TYR B 312 -47.19 11.76 41.73
C TYR B 312 -46.88 10.31 41.41
N GLU B 313 -46.47 9.58 42.43
CA GLU B 313 -46.08 8.19 42.28
C GLU B 313 -47.29 7.28 42.11
N SER B 314 -48.47 7.84 42.36
CA SER B 314 -49.72 7.08 42.30
C SER B 314 -50.15 6.82 40.87
N PHE B 315 -50.19 7.88 40.08
CA PHE B 315 -50.63 7.79 38.70
C PHE B 315 -49.61 7.06 37.83
N GLY B 316 -50.09 6.31 36.86
CA GLY B 316 -49.22 5.68 35.88
C GLY B 316 -49.15 4.18 36.00
N MET B 317 -48.25 3.57 35.23
CA MET B 317 -48.04 2.14 35.28
C MET B 317 -46.95 1.81 36.29
N ASP B 318 -46.49 0.55 36.28
CA ASP B 318 -45.51 0.11 37.26
C ASP B 318 -44.20 0.87 37.11
N ARG B 319 -43.77 1.05 35.86
CA ARG B 319 -42.50 1.70 35.58
C ARG B 319 -42.71 3.17 35.24
N SER B 320 -43.61 3.43 34.31
CA SER B 320 -43.97 4.78 33.94
C SER B 320 -44.97 5.35 34.95
N ARG B 321 -44.55 6.36 35.69
CA ARG B 321 -45.42 6.98 36.69
C ARG B 321 -45.70 8.44 36.37
N GLY B 322 -46.89 8.88 36.75
CA GLY B 322 -47.30 10.25 36.53
C GLY B 322 -48.13 10.40 35.26
N THR B 323 -48.69 11.58 35.07
CA THR B 323 -49.53 11.86 33.92
C THR B 323 -48.70 12.23 32.72
N ILE B 324 -49.26 11.97 31.53
CA ILE B 324 -48.61 12.33 30.29
C ILE B 324 -49.63 13.04 29.40
N PRO B 325 -49.17 14.03 28.65
CA PRO B 325 -50.01 14.64 27.63
C PRO B 325 -49.89 13.94 26.30
N LEU B 326 -51.02 13.65 25.67
CA LEU B 326 -51.05 13.08 24.35
C LEU B 326 -51.50 14.15 23.40
N GLN B 327 -50.60 14.53 22.50
CA GLN B 327 -50.91 15.50 21.48
C GLN B 327 -51.44 14.76 20.27
N ILE B 328 -52.52 15.27 19.72
CA ILE B 328 -53.22 14.58 18.64
C ILE B 328 -53.50 15.55 17.51
N GLY B 329 -52.87 15.30 16.38
CA GLY B 329 -52.98 16.21 15.25
C GLY B 329 -53.15 15.51 13.92
N GLY B 330 -53.06 16.28 12.85
CA GLY B 330 -53.26 15.76 11.51
C GLY B 330 -54.72 15.58 11.19
N ASN B 331 -55.00 14.65 10.29
CA ASN B 331 -56.37 14.35 9.91
C ASN B 331 -57.07 13.67 11.08
N VAL B 332 -57.73 14.47 11.90
CA VAL B 332 -58.44 13.96 13.05
C VAL B 332 -59.50 14.96 13.44
N LYS B 333 -60.68 14.46 13.77
CA LYS B 333 -61.81 15.33 14.06
C LYS B 333 -61.53 16.23 15.25
N ARG B 334 -61.35 15.63 16.41
CA ARG B 334 -61.08 16.40 17.62
C ARG B 334 -59.62 16.29 18.00
N GLY B 335 -58.83 17.23 17.53
CA GLY B 335 -57.41 17.24 17.82
C GLY B 335 -57.10 17.83 19.16
N GLY B 336 -55.87 18.30 19.31
CA GLY B 336 -55.49 19.04 20.50
C GLY B 336 -54.69 18.23 21.49
N LEU B 337 -55.08 18.32 22.76
CA LEU B 337 -54.30 17.75 23.83
C LEU B 337 -55.16 16.96 24.79
N PHE B 338 -54.62 15.86 25.28
CA PHE B 338 -55.30 15.01 26.24
C PHE B 338 -54.34 14.55 27.31
N GLU B 339 -54.40 15.15 28.50
CA GLU B 339 -53.52 14.75 29.58
C GLU B 339 -54.18 13.69 30.43
N THR B 340 -53.50 12.57 30.62
CA THR B 340 -54.06 11.47 31.39
C THR B 340 -52.98 10.52 31.88
N GLY B 341 -53.35 9.60 32.75
CA GLY B 341 -52.44 8.57 33.19
C GLY B 341 -52.24 7.55 32.09
N PHE B 342 -51.08 6.91 32.09
CA PHE B 342 -50.77 5.91 31.09
C PHE B 342 -51.75 4.75 31.15
N GLY B 343 -51.63 3.81 30.22
CA GLY B 343 -52.47 2.63 30.22
C GLY B 343 -53.66 2.73 29.29
N ILE B 344 -53.85 3.91 28.71
CA ILE B 344 -54.93 4.10 27.75
C ILE B 344 -54.46 3.69 26.35
N THR B 345 -55.37 3.10 25.59
CA THR B 345 -55.04 2.63 24.26
C THR B 345 -55.26 3.72 23.22
N LEU B 346 -54.52 3.65 22.11
CA LEU B 346 -54.69 4.61 21.06
C LEU B 346 -55.99 4.31 20.32
N GLY B 347 -56.48 3.09 20.50
CA GLY B 347 -57.78 2.71 19.98
C GLY B 347 -58.82 3.70 20.46
N GLU B 348 -58.87 3.85 21.78
CA GLU B 348 -59.81 4.75 22.43
C GLU B 348 -59.51 6.20 22.06
N LEU B 349 -58.23 6.55 22.08
CA LEU B 349 -57.83 7.94 21.93
C LEU B 349 -58.09 8.45 20.53
N VAL B 350 -58.24 7.53 19.58
CA VAL B 350 -58.30 7.91 18.18
C VAL B 350 -59.66 7.65 17.58
N GLU B 351 -60.41 6.68 18.12
CA GLU B 351 -61.71 6.36 17.57
C GLU B 351 -62.85 6.78 18.49
N ASP B 352 -62.59 6.76 19.79
CA ASP B 352 -63.63 7.02 20.78
C ASP B 352 -63.56 8.45 21.27
N ILE B 353 -62.39 8.83 21.76
CA ILE B 353 -62.19 10.15 22.33
C ILE B 353 -62.16 11.21 21.26
N CYS B 354 -61.26 11.06 20.29
CA CYS B 354 -61.07 12.05 19.24
C CYS B 354 -61.86 11.72 17.99
N GLY B 355 -62.95 10.99 18.15
CA GLY B 355 -63.80 10.64 17.02
C GLY B 355 -63.00 9.91 15.97
N GLY B 356 -63.11 10.32 14.72
CA GLY B 356 -62.34 9.72 13.65
C GLY B 356 -61.45 10.70 12.90
N THR B 357 -61.81 10.95 11.65
CA THR B 357 -61.02 11.81 10.77
C THR B 357 -61.81 13.00 10.27
N ALA B 358 -61.09 14.07 9.95
CA ALA B 358 -61.69 15.29 9.46
C ALA B 358 -62.42 15.03 8.16
N SER B 359 -61.84 14.16 7.35
CA SER B 359 -62.39 13.85 6.04
C SER B 359 -63.50 12.82 6.14
N GLY B 360 -63.68 12.26 7.34
CA GLY B 360 -64.70 11.26 7.57
C GLY B 360 -64.24 9.87 7.19
N ARG B 361 -63.14 9.80 6.45
CA ARG B 361 -62.57 8.53 6.04
C ARG B 361 -62.03 7.79 7.26
N PRO B 362 -61.73 6.49 7.09
CA PRO B 362 -61.08 5.70 8.14
C PRO B 362 -59.63 6.10 8.34
N VAL B 363 -58.96 5.47 9.30
CA VAL B 363 -57.54 5.71 9.51
C VAL B 363 -56.74 4.52 9.07
N LYS B 364 -55.66 4.77 8.35
CA LYS B 364 -54.80 3.71 7.87
C LYS B 364 -53.53 3.67 8.66
N ALA B 365 -53.22 4.78 9.31
CA ALA B 365 -51.95 4.93 9.99
C ALA B 365 -52.06 5.87 11.17
N VAL B 366 -51.23 5.63 12.17
CA VAL B 366 -51.12 6.52 13.31
C VAL B 366 -49.68 6.56 13.76
N GLN B 367 -49.06 7.72 13.61
CA GLN B 367 -47.63 7.84 13.82
C GLN B 367 -47.27 8.39 15.19
N VAL B 368 -47.04 7.48 16.13
CA VAL B 368 -46.58 7.85 17.46
C VAL B 368 -45.16 8.33 17.36
N GLY B 369 -44.76 9.19 18.28
CA GLY B 369 -43.47 9.82 18.19
C GLY B 369 -43.47 10.72 16.98
N GLY B 370 -42.35 11.39 16.76
CA GLY B 370 -42.25 12.24 15.60
C GLY B 370 -42.01 11.43 14.34
N PRO B 371 -41.24 11.98 13.41
CA PRO B 371 -40.80 11.26 12.20
C PRO B 371 -39.71 10.26 12.51
N LEU B 372 -39.35 10.19 13.79
CA LEU B 372 -38.47 9.16 14.30
C LEU B 372 -39.30 8.06 14.92
N GLY B 373 -40.52 7.92 14.44
CA GLY B 373 -41.45 7.00 15.04
C GLY B 373 -42.29 6.25 14.03
N ALA B 374 -42.78 5.10 14.45
CA ALA B 374 -43.36 4.14 13.54
C ALA B 374 -44.79 4.46 13.19
N TYR B 375 -45.29 3.76 12.18
CA TYR B 375 -46.63 3.96 11.68
C TYR B 375 -47.54 2.83 12.13
N HIS B 376 -48.07 2.93 13.33
CA HIS B 376 -48.92 1.88 13.84
C HIS B 376 -50.29 1.94 13.18
N PRO B 377 -50.75 0.81 12.64
CA PRO B 377 -52.08 0.73 12.03
C PRO B 377 -53.17 0.47 13.05
N VAL B 378 -54.39 0.25 12.56
CA VAL B 378 -55.53 0.02 13.42
C VAL B 378 -55.36 -1.25 14.24
N SER B 379 -54.68 -2.24 13.66
CA SER B 379 -54.51 -3.54 14.30
C SER B 379 -53.81 -3.43 15.65
N ASP B 380 -53.06 -2.34 15.84
CA ASP B 380 -52.33 -2.14 17.08
C ASP B 380 -53.13 -1.33 18.10
N TYR B 381 -54.44 -1.28 17.93
CA TYR B 381 -55.31 -0.58 18.86
C TYR B 381 -55.32 -1.21 20.25
N HIS B 382 -54.77 -2.41 20.33
CA HIS B 382 -54.71 -3.13 21.59
C HIS B 382 -53.40 -2.82 22.31
N LEU B 383 -52.87 -1.63 22.07
CA LEU B 383 -51.54 -1.27 22.54
C LEU B 383 -51.57 -0.02 23.42
N PRO B 384 -51.63 -0.21 24.76
CA PRO B 384 -51.66 0.93 25.68
C PRO B 384 -50.38 1.75 25.62
N PHE B 385 -50.45 3.00 26.04
CA PHE B 385 -49.30 3.90 25.98
C PHE B 385 -48.38 3.73 27.17
N CYS B 386 -47.11 3.47 26.86
CA CYS B 386 -46.05 3.46 27.85
C CYS B 386 -44.74 3.29 27.12
N TYR B 387 -43.65 3.77 27.72
CA TYR B 387 -42.35 3.72 27.08
C TYR B 387 -42.01 2.27 26.70
N GLU B 388 -42.31 1.37 27.62
CA GLU B 388 -41.85 -0.01 27.57
C GLU B 388 -42.51 -0.84 26.47
N GLN B 389 -43.83 -0.91 26.50
CA GLN B 389 -44.57 -1.74 25.56
C GLN B 389 -44.39 -1.24 24.13
N PHE B 390 -44.33 0.07 23.98
CA PHE B 390 -44.16 0.68 22.67
C PHE B 390 -42.73 0.53 22.17
N ALA B 391 -41.76 0.55 23.08
CA ALA B 391 -40.37 0.32 22.70
C ALA B 391 -40.15 -1.13 22.32
N GLY B 392 -40.94 -2.01 22.92
CA GLY B 392 -40.83 -3.44 22.67
C GLY B 392 -41.61 -3.88 21.46
N GLN B 393 -42.73 -3.20 21.21
CA GLN B 393 -43.57 -3.51 20.06
C GLN B 393 -43.15 -2.70 18.85
N GLY B 394 -41.87 -2.79 18.50
CA GLY B 394 -41.33 -2.14 17.32
C GLY B 394 -41.78 -0.72 17.12
N GLY B 395 -41.44 0.16 18.07
CA GLY B 395 -41.88 1.54 17.98
C GLY B 395 -41.21 2.50 18.94
N LEU B 396 -41.95 3.55 19.31
CA LEU B 396 -41.42 4.60 20.18
C LEU B 396 -42.51 5.52 20.71
N VAL B 397 -42.33 5.98 21.94
CA VAL B 397 -43.11 7.08 22.47
C VAL B 397 -42.17 8.02 23.21
N GLY B 398 -42.00 9.20 22.63
CA GLY B 398 -41.13 10.22 23.19
C GLY B 398 -41.97 11.34 23.75
N HIS B 399 -42.15 12.39 22.95
CA HIS B 399 -42.99 13.50 23.33
C HIS B 399 -44.47 13.19 23.09
N ALA B 400 -44.80 11.90 22.93
CA ALA B 400 -46.18 11.45 22.86
C ALA B 400 -46.90 12.04 21.67
N GLY B 401 -46.14 12.42 20.65
CA GLY B 401 -46.71 12.92 19.42
C GLY B 401 -47.67 11.91 18.83
N LEU B 402 -48.67 12.40 18.12
CA LEU B 402 -49.65 11.53 17.50
C LEU B 402 -50.35 12.22 16.34
N VAL B 403 -50.01 11.82 15.12
CA VAL B 403 -50.69 12.32 13.93
C VAL B 403 -51.55 11.21 13.36
N VAL B 404 -52.31 11.52 12.32
CA VAL B 404 -53.19 10.55 11.71
C VAL B 404 -53.24 10.71 10.20
N HIS B 405 -53.40 9.59 9.52
CA HIS B 405 -53.54 9.58 8.07
C HIS B 405 -54.68 8.66 7.66
N ASP B 406 -55.45 9.10 6.68
CA ASP B 406 -56.57 8.32 6.19
C ASP B 406 -56.19 7.53 4.95
N ASP B 407 -57.18 6.84 4.39
CA ASP B 407 -56.96 5.92 3.28
C ASP B 407 -56.41 6.59 2.03
N THR B 408 -56.50 7.92 1.99
CA THR B 408 -56.06 8.67 0.83
C THR B 408 -54.58 9.04 0.94
N ALA B 409 -53.86 8.31 1.79
CA ALA B 409 -52.44 8.55 1.99
C ALA B 409 -51.62 7.53 1.22
N ASP B 410 -50.40 7.92 0.84
CA ASP B 410 -49.49 7.01 0.17
C ASP B 410 -48.27 6.82 1.06
N MET B 411 -48.12 5.59 1.54
CA MET B 411 -47.08 5.29 2.52
C MET B 411 -45.70 5.50 1.92
N LEU B 412 -45.61 5.32 0.60
CA LEU B 412 -44.36 5.51 -0.10
C LEU B 412 -43.87 6.93 0.08
N LYS B 413 -44.77 7.87 -0.15
CA LYS B 413 -44.46 9.28 -0.08
C LYS B 413 -43.95 9.64 1.30
N LEU B 414 -44.58 9.06 2.32
CA LEU B 414 -44.23 9.35 3.69
C LEU B 414 -42.88 8.77 4.07
N ALA B 415 -42.68 7.53 3.67
CA ALA B 415 -41.42 6.85 3.92
C ALA B 415 -40.29 7.61 3.25
N ARG B 416 -40.60 8.25 2.15
CA ARG B 416 -39.61 9.03 1.44
C ARG B 416 -39.34 10.33 2.18
N PHE B 417 -40.41 10.94 2.66
CA PHE B 417 -40.31 12.21 3.37
C PHE B 417 -39.47 12.02 4.61
N ALA B 418 -39.54 10.84 5.20
CA ALA B 418 -38.72 10.53 6.37
C ALA B 418 -37.23 10.69 6.12
N MET B 419 -36.73 10.01 5.11
CA MET B 419 -35.33 10.13 4.75
C MET B 419 -35.00 11.52 4.26
N GLU B 420 -35.95 12.13 3.56
CA GLU B 420 -35.75 13.47 3.06
C GLU B 420 -35.54 14.44 4.22
N PHE B 421 -36.23 14.16 5.31
CA PHE B 421 -36.09 14.90 6.55
C PHE B 421 -34.73 14.68 7.15
N CYS B 422 -34.43 13.42 7.43
CA CYS B 422 -33.14 13.04 7.97
C CYS B 422 -32.00 13.59 7.14
N ALA B 423 -32.31 13.95 5.89
CA ALA B 423 -31.33 14.49 4.97
C ALA B 423 -31.19 15.99 5.09
N ILE B 424 -32.33 16.66 5.17
CA ILE B 424 -32.34 18.11 5.26
C ILE B 424 -32.04 18.54 6.68
N GLU B 425 -32.37 17.68 7.62
CA GLU B 425 -32.03 17.90 9.02
C GLU B 425 -30.93 16.94 9.43
N SER B 426 -29.69 17.42 9.40
CA SER B 426 -28.55 16.57 9.66
C SER B 426 -27.30 17.38 9.90
N CYS B 427 -26.70 17.21 11.05
CA CYS B 427 -25.52 17.95 11.40
C CYS B 427 -24.44 17.72 10.38
N GLY B 428 -24.41 16.51 9.84
CA GLY B 428 -23.43 16.16 8.84
C GLY B 428 -22.12 15.71 9.45
N THR B 429 -22.22 15.07 10.59
CA THR B 429 -21.06 14.70 11.36
C THR B 429 -20.69 13.26 11.10
N CYS B 430 -21.68 12.37 11.10
CA CYS B 430 -21.40 10.97 10.89
C CYS B 430 -22.00 10.58 9.57
N THR B 431 -21.34 9.62 8.94
CA THR B 431 -21.58 9.24 7.58
C THR B 431 -22.95 8.64 7.30
N PRO B 432 -23.44 7.78 8.19
CA PRO B 432 -24.74 7.13 8.01
C PRO B 432 -25.98 8.03 8.00
N CYS B 433 -25.83 9.33 8.24
CA CYS B 433 -26.96 10.24 8.07
C CYS B 433 -26.66 11.24 6.97
N ARG B 434 -25.40 11.57 6.77
CA ARG B 434 -25.03 12.38 5.64
C ARG B 434 -25.47 11.72 4.38
N ILE B 435 -24.91 10.53 4.17
CA ILE B 435 -25.00 9.86 2.91
C ILE B 435 -26.13 8.85 2.88
N GLY B 436 -26.29 8.16 4.00
CA GLY B 436 -27.25 7.08 4.08
C GLY B 436 -28.62 7.57 3.68
N ALA B 437 -28.92 8.79 4.10
CA ALA B 437 -30.23 9.36 3.94
C ALA B 437 -30.52 9.72 2.49
N VAL B 438 -29.61 10.49 1.93
CA VAL B 438 -29.73 10.97 0.56
C VAL B 438 -29.56 9.83 -0.43
N ARG B 439 -29.15 8.67 0.07
CA ARG B 439 -29.06 7.49 -0.75
C ARG B 439 -30.32 6.65 -0.62
N GLY B 440 -30.88 6.62 0.58
CA GLY B 440 -32.12 5.93 0.82
C GLY B 440 -33.24 6.57 0.04
N VAL B 441 -33.12 7.87 -0.14
CA VAL B 441 -34.13 8.61 -0.86
C VAL B 441 -34.09 8.28 -2.35
N GLU B 442 -32.97 7.74 -2.81
CA GLU B 442 -32.85 7.27 -4.18
C GLU B 442 -33.31 5.83 -4.27
N VAL B 443 -32.98 5.07 -3.25
CA VAL B 443 -33.36 3.68 -3.16
C VAL B 443 -34.87 3.52 -3.14
N ILE B 444 -35.54 4.42 -2.44
CA ILE B 444 -36.98 4.34 -2.32
C ILE B 444 -37.60 4.67 -3.68
N ASP B 445 -36.99 5.61 -4.38
CA ASP B 445 -37.42 5.92 -5.74
C ASP B 445 -37.28 4.69 -6.63
N ARG B 446 -36.16 4.00 -6.49
CA ARG B 446 -35.91 2.79 -7.26
C ARG B 446 -36.97 1.75 -6.97
N ILE B 447 -37.38 1.67 -5.71
CA ILE B 447 -38.43 0.75 -5.32
C ILE B 447 -39.74 1.16 -5.96
N ALA B 448 -39.97 2.46 -6.02
CA ALA B 448 -41.17 3.01 -6.62
C ALA B 448 -41.23 2.62 -8.08
N ALA B 449 -40.06 2.56 -8.70
CA ALA B 449 -39.95 2.07 -10.06
C ALA B 449 -40.36 0.60 -10.12
N GLY B 450 -39.79 -0.21 -9.25
CA GLY B 450 -40.19 -1.60 -9.14
C GLY B 450 -39.04 -2.58 -8.94
N ASP B 451 -37.83 -2.05 -8.90
CA ASP B 451 -36.64 -2.87 -8.73
C ASP B 451 -36.75 -3.78 -7.50
N ALA B 452 -36.06 -4.89 -7.54
CA ALA B 452 -36.11 -5.88 -6.48
C ALA B 452 -34.77 -5.98 -5.79
N SER B 453 -33.79 -5.29 -6.34
CA SER B 453 -32.46 -5.24 -5.76
C SER B 453 -32.34 -4.07 -4.79
N ALA B 454 -33.49 -3.60 -4.33
CA ALA B 454 -33.56 -2.38 -3.52
C ALA B 454 -33.97 -2.66 -2.09
N MET B 455 -35.02 -3.46 -1.94
CA MET B 455 -35.60 -3.72 -0.63
C MET B 455 -34.56 -4.29 0.36
N PRO B 456 -33.80 -5.30 -0.06
CA PRO B 456 -32.76 -5.81 0.84
C PRO B 456 -31.66 -4.79 1.07
N LEU B 457 -31.38 -4.03 0.03
CA LEU B 457 -30.43 -2.94 0.10
C LEU B 457 -30.88 -1.95 1.14
N LEU B 458 -32.16 -1.61 1.06
CA LEU B 458 -32.79 -0.71 1.99
C LEU B 458 -32.70 -1.22 3.41
N ASP B 459 -32.92 -2.51 3.57
CA ASP B 459 -32.88 -3.12 4.89
C ASP B 459 -31.49 -3.04 5.50
N ASP B 460 -30.48 -3.36 4.69
CA ASP B 460 -29.10 -3.30 5.14
C ASP B 460 -28.73 -1.87 5.52
N LEU B 461 -29.15 -0.93 4.69
CA LEU B 461 -28.94 0.47 4.95
C LEU B 461 -29.54 0.89 6.28
N CYS B 462 -30.80 0.50 6.48
CA CYS B 462 -31.52 0.83 7.69
C CYS B 462 -30.77 0.28 8.88
N GLN B 463 -30.22 -0.91 8.71
CA GLN B 463 -29.57 -1.60 9.81
C GLN B 463 -28.29 -0.90 10.20
N THR B 464 -27.51 -0.50 9.20
CA THR B 464 -26.25 0.17 9.49
C THR B 464 -26.52 1.55 10.04
N MET B 465 -27.62 2.16 9.65
CA MET B 465 -28.01 3.44 10.18
C MET B 465 -28.41 3.34 11.63
N LYS B 466 -29.13 2.29 11.96
CA LYS B 466 -29.50 2.00 13.34
C LYS B 466 -28.27 1.80 14.21
N LEU B 467 -27.41 0.89 13.78
CA LEU B 467 -26.30 0.45 14.61
C LEU B 467 -25.11 1.39 14.63
N GLY B 468 -24.96 2.20 13.59
CA GLY B 468 -23.77 2.98 13.42
C GLY B 468 -23.94 4.44 13.73
N SER B 469 -25.09 4.99 13.38
CA SER B 469 -25.32 6.39 13.56
C SER B 469 -25.13 6.81 14.99
N LEU B 470 -24.77 8.07 15.13
CA LEU B 470 -24.33 8.63 16.38
C LEU B 470 -25.47 9.13 17.22
N CYS B 471 -26.42 9.79 16.57
CA CYS B 471 -27.55 10.33 17.26
C CYS B 471 -28.74 9.50 16.85
N ALA B 472 -29.93 9.90 17.25
CA ALA B 472 -31.11 9.12 16.96
C ALA B 472 -31.64 9.44 15.58
N LEU B 473 -31.48 10.68 15.16
CA LEU B 473 -32.03 11.15 13.92
C LEU B 473 -31.63 10.30 12.74
N GLY B 474 -30.56 9.55 12.90
CA GLY B 474 -30.10 8.65 11.87
C GLY B 474 -30.08 7.23 12.38
N GLY B 475 -30.72 7.02 13.52
CA GLY B 475 -30.78 5.72 14.13
C GLY B 475 -32.20 5.28 14.31
N PHE B 476 -33.11 6.24 14.25
CA PHE B 476 -34.52 6.00 14.44
C PHE B 476 -35.28 6.21 13.14
N THR B 477 -34.67 6.98 12.25
CA THR B 477 -35.17 7.20 10.91
C THR B 477 -35.67 5.95 10.18
N PRO B 478 -35.00 4.81 10.38
CA PRO B 478 -35.41 3.56 9.73
C PRO B 478 -36.75 3.01 10.15
N TYR B 479 -37.23 3.42 11.31
CA TYR B 479 -38.43 2.84 11.89
C TYR B 479 -39.66 3.16 11.05
N PRO B 480 -39.85 4.42 10.69
CA PRO B 480 -40.92 4.83 9.78
C PRO B 480 -40.97 3.99 8.53
N VAL B 481 -39.81 3.84 7.94
CA VAL B 481 -39.64 3.12 6.70
C VAL B 481 -40.05 1.68 6.84
N GLN B 482 -39.37 0.99 7.74
CA GLN B 482 -39.58 -0.43 7.94
C GLN B 482 -41.01 -0.68 8.35
N SER B 483 -41.59 0.24 9.10
CA SER B 483 -42.96 0.11 9.57
C SER B 483 -43.94 0.24 8.44
N ALA B 484 -43.76 1.26 7.63
CA ALA B 484 -44.62 1.48 6.48
C ALA B 484 -44.53 0.32 5.51
N ILE B 485 -43.38 -0.34 5.50
CA ILE B 485 -43.14 -1.43 4.59
C ILE B 485 -43.74 -2.74 5.09
N ARG B 486 -43.61 -3.00 6.39
CA ARG B 486 -44.04 -4.27 6.94
C ARG B 486 -45.51 -4.25 7.36
N HIS B 487 -46.05 -3.06 7.57
CA HIS B 487 -47.44 -2.89 7.92
C HIS B 487 -48.31 -2.61 6.70
N PHE B 488 -47.73 -1.89 5.74
CA PHE B 488 -48.46 -1.46 4.55
C PHE B 488 -47.71 -1.85 3.28
N PRO B 489 -47.69 -3.16 2.96
CA PRO B 489 -47.02 -3.72 1.79
C PRO B 489 -47.79 -3.49 0.49
N ALA B 490 -49.02 -3.05 0.61
CA ALA B 490 -49.90 -2.92 -0.55
C ALA B 490 -49.63 -1.63 -1.30
N ASP B 491 -48.64 -0.89 -0.83
CA ASP B 491 -48.32 0.42 -1.38
C ASP B 491 -46.88 0.43 -1.86
N PHE B 492 -46.11 -0.54 -1.38
CA PHE B 492 -44.72 -0.70 -1.80
C PHE B 492 -44.58 -1.87 -2.77
N PRO B 493 -44.59 -1.58 -4.08
CA PRO B 493 -44.46 -2.66 -5.06
C PRO B 493 -43.07 -3.27 -5.09
N THR C 2 -22.94 53.58 7.82
CA THR C 2 -23.94 53.56 8.88
C THR C 2 -24.17 52.14 9.39
N ASP C 3 -23.85 51.16 8.55
CA ASP C 3 -24.04 49.76 8.91
C ASP C 3 -23.11 49.40 10.06
N THR C 4 -21.89 49.94 9.99
CA THR C 4 -20.87 49.68 10.98
C THR C 4 -21.36 50.12 12.35
N ALA C 5 -22.05 51.24 12.38
CA ALA C 5 -22.54 51.80 13.62
C ALA C 5 -23.55 50.87 14.26
N ARG C 6 -24.49 50.41 13.44
CA ARG C 6 -25.52 49.50 13.91
C ARG C 6 -24.91 48.23 14.43
N LEU C 7 -23.94 47.72 13.69
CA LEU C 7 -23.28 46.49 14.04
C LEU C 7 -22.54 46.63 15.37
N ARG C 8 -21.86 47.76 15.54
CA ARG C 8 -21.15 48.05 16.77
C ARG C 8 -22.11 48.12 17.93
N ALA C 9 -23.26 48.74 17.68
CA ALA C 9 -24.29 48.86 18.68
C ALA C 9 -24.71 47.47 19.15
N ILE C 10 -24.97 46.62 18.16
CA ILE C 10 -25.41 45.25 18.42
C ILE C 10 -24.41 44.51 19.26
N LEU C 11 -23.14 44.72 18.94
CA LEU C 11 -22.07 44.01 19.60
C LEU C 11 -21.89 44.49 21.02
N ALA C 12 -22.13 45.78 21.21
CA ALA C 12 -22.01 46.40 22.51
C ALA C 12 -23.13 45.90 23.40
N ALA C 13 -24.27 45.68 22.78
CA ALA C 13 -25.46 45.21 23.49
C ALA C 13 -25.32 43.78 23.98
N HIS C 14 -24.41 43.02 23.38
CA HIS C 14 -24.20 41.64 23.76
C HIS C 14 -22.78 41.44 24.29
N ARG C 15 -22.29 42.41 25.05
CA ARG C 15 -20.94 42.35 25.57
C ARG C 15 -20.89 41.60 26.90
N GLY C 16 -19.93 40.70 27.02
CA GLY C 16 -19.71 39.98 28.26
C GLY C 16 -20.57 38.76 28.42
N ARG C 17 -21.54 38.59 27.52
CA ARG C 17 -22.43 37.45 27.58
C ARG C 17 -21.68 36.15 27.35
N GLU C 18 -22.33 35.05 27.67
CA GLU C 18 -21.75 33.72 27.50
C GLU C 18 -22.25 33.10 26.21
N GLY C 19 -21.34 32.91 25.27
CA GLY C 19 -21.70 32.34 23.99
C GLY C 19 -22.69 33.23 23.29
N ALA C 20 -22.25 34.42 22.91
CA ALA C 20 -23.16 35.44 22.43
C ALA C 20 -23.16 35.54 20.92
N LEU C 21 -22.67 34.51 20.25
CA LEU C 21 -22.59 34.56 18.81
C LEU C 21 -23.97 34.47 18.18
N LEU C 22 -24.77 33.55 18.69
CA LEU C 22 -26.10 33.30 18.16
C LEU C 22 -27.01 34.51 18.28
N PRO C 23 -27.12 35.07 19.49
CA PRO C 23 -27.93 36.27 19.67
C PRO C 23 -27.48 37.42 18.78
N ILE C 24 -26.18 37.60 18.70
CA ILE C 24 -25.61 38.69 17.95
C ILE C 24 -25.98 38.54 16.50
N LEU C 25 -25.89 37.32 15.99
CA LEU C 25 -26.24 37.05 14.62
C LEU C 25 -27.72 37.25 14.39
N HIS C 26 -28.52 36.83 15.36
CA HIS C 26 -29.96 37.00 15.26
C HIS C 26 -30.27 38.45 15.03
N ASP C 27 -29.65 39.28 15.84
CA ASP C 27 -29.91 40.71 15.85
C ASP C 27 -29.40 41.36 14.58
N VAL C 28 -28.23 40.90 14.12
CA VAL C 28 -27.64 41.40 12.89
C VAL C 28 -28.57 41.11 11.73
N GLN C 29 -29.18 39.93 11.75
CA GLN C 29 -30.10 39.54 10.71
C GLN C 29 -31.36 40.34 10.76
N ALA C 30 -31.90 40.48 11.97
CA ALA C 30 -33.12 41.22 12.20
C ALA C 30 -32.96 42.63 11.69
N ALA C 31 -31.74 43.14 11.79
CA ALA C 31 -31.42 44.49 11.39
C ALA C 31 -31.43 44.65 9.87
N PHE C 32 -30.55 43.90 9.20
CA PHE C 32 -30.38 44.02 7.76
C PHE C 32 -31.35 43.13 6.99
N GLY C 33 -31.34 41.84 7.31
CA GLY C 33 -32.11 40.85 6.59
C GLY C 33 -31.27 39.66 6.20
N PHE C 34 -29.97 39.75 6.43
CA PHE C 34 -29.06 38.65 6.15
C PHE C 34 -27.72 38.94 6.81
N ILE C 35 -26.83 37.96 6.78
CA ILE C 35 -25.50 38.14 7.36
C ILE C 35 -24.51 38.44 6.24
N PRO C 36 -24.24 39.73 6.00
CA PRO C 36 -23.30 40.08 4.95
C PRO C 36 -21.88 39.70 5.31
N GLU C 37 -21.13 39.23 4.33
CA GLU C 37 -19.75 38.78 4.56
C GLU C 37 -18.88 39.93 5.03
N ASP C 38 -19.38 41.15 4.85
CA ASP C 38 -18.74 42.34 5.36
C ASP C 38 -18.78 42.39 6.88
N ALA C 39 -19.57 41.52 7.48
CA ALA C 39 -19.79 41.54 8.92
C ALA C 39 -19.48 40.20 9.57
N TYR C 40 -18.61 39.43 8.94
CA TYR C 40 -18.10 38.19 9.52
C TYR C 40 -16.90 38.49 10.39
N ALA C 41 -16.15 39.52 10.01
CA ALA C 41 -14.91 39.86 10.68
C ALA C 41 -15.07 40.54 12.03
N PRO C 42 -15.73 41.71 12.07
CA PRO C 42 -15.87 42.46 13.32
C PRO C 42 -16.46 41.64 14.45
N ILE C 43 -17.39 40.78 14.11
CA ILE C 43 -18.00 39.88 15.07
C ILE C 43 -16.91 39.06 15.72
N ALA C 44 -16.04 38.51 14.87
CA ALA C 44 -14.96 37.66 15.31
C ALA C 44 -13.98 38.44 16.16
N ALA C 45 -13.73 39.67 15.75
CA ALA C 45 -12.80 40.55 16.43
C ALA C 45 -13.28 40.83 17.84
N ASP C 46 -14.58 41.01 17.98
CA ASP C 46 -15.17 41.31 19.27
C ASP C 46 -15.21 40.08 20.15
N LEU C 47 -15.55 38.94 19.55
CA LEU C 47 -15.73 37.71 20.31
C LEU C 47 -14.46 36.88 20.43
N GLY C 48 -13.42 37.28 19.71
CA GLY C 48 -12.15 36.58 19.77
C GLY C 48 -12.16 35.31 18.97
N LEU C 49 -13.05 35.27 17.99
CA LEU C 49 -13.17 34.13 17.11
C LEU C 49 -12.43 34.39 15.82
N THR C 50 -12.64 33.51 14.86
CA THR C 50 -12.08 33.64 13.54
C THR C 50 -13.19 33.68 12.51
N ARG C 51 -12.98 34.43 11.44
CA ARG C 51 -13.96 34.58 10.38
C ARG C 51 -14.59 33.27 9.98
N ALA C 52 -13.77 32.24 9.98
CA ALA C 52 -14.17 30.90 9.62
C ALA C 52 -15.26 30.33 10.52
N GLU C 53 -15.06 30.45 11.82
CA GLU C 53 -16.02 29.92 12.78
C GLU C 53 -17.36 30.57 12.57
N VAL C 54 -17.32 31.88 12.37
CA VAL C 54 -18.52 32.67 12.15
C VAL C 54 -19.25 32.22 10.91
N ALA C 55 -18.50 32.01 9.84
CA ALA C 55 -19.11 31.69 8.57
C ALA C 55 -19.69 30.30 8.64
N GLY C 56 -19.05 29.45 9.44
CA GLY C 56 -19.51 28.09 9.59
C GLY C 56 -20.81 28.04 10.33
N VAL C 57 -20.90 28.85 11.38
CA VAL C 57 -22.11 28.96 12.16
C VAL C 57 -23.25 29.47 11.29
N VAL C 58 -22.96 30.53 10.55
CA VAL C 58 -23.90 31.11 9.61
C VAL C 58 -24.38 30.12 8.58
N GLY C 59 -23.49 29.25 8.15
CA GLY C 59 -23.80 28.29 7.11
C GLY C 59 -24.61 27.12 7.62
N PHE C 60 -24.35 26.72 8.85
CA PHE C 60 -25.03 25.60 9.45
C PHE C 60 -26.51 25.87 9.60
N TYR C 61 -26.82 26.96 10.29
CA TYR C 61 -28.20 27.29 10.61
C TYR C 61 -28.91 27.92 9.44
N HIS C 62 -30.19 27.59 9.36
CA HIS C 62 -31.02 27.93 8.23
C HIS C 62 -31.64 29.31 8.34
N ASP C 63 -31.85 29.73 9.58
CA ASP C 63 -32.58 30.96 9.85
C ASP C 63 -31.73 32.19 9.62
N PHE C 64 -30.46 31.98 9.31
CA PHE C 64 -29.56 33.08 8.99
C PHE C 64 -29.44 33.22 7.49
N ARG C 65 -30.00 34.30 6.98
CA ARG C 65 -30.06 34.49 5.54
C ARG C 65 -28.70 34.84 4.99
N LYS C 66 -28.35 34.23 3.86
CA LYS C 66 -27.12 34.51 3.17
C LYS C 66 -27.38 35.59 2.13
N ALA C 67 -28.63 35.65 1.70
CA ALA C 67 -29.07 36.70 0.80
C ALA C 67 -30.49 37.12 1.19
N PRO C 68 -30.84 38.38 0.91
CA PRO C 68 -32.13 38.89 1.37
C PRO C 68 -33.32 38.27 0.66
N ALA C 69 -34.51 38.43 1.24
CA ALA C 69 -35.73 37.88 0.68
C ALA C 69 -36.57 38.93 0.00
N GLY C 70 -37.72 38.52 -0.51
CA GLY C 70 -38.65 39.44 -1.13
C GLY C 70 -39.31 40.34 -0.10
N ARG C 71 -40.18 41.21 -0.58
CA ARG C 71 -40.89 42.11 0.31
C ARG C 71 -41.77 41.31 1.26
N HIS C 72 -42.26 40.18 0.77
CA HIS C 72 -43.06 39.28 1.61
C HIS C 72 -42.40 37.92 1.69
N VAL C 73 -42.79 37.15 2.70
CA VAL C 73 -42.23 35.84 2.92
C VAL C 73 -43.32 34.88 3.32
N ILE C 74 -43.24 33.66 2.81
CA ILE C 74 -44.25 32.66 3.05
C ILE C 74 -43.63 31.32 3.37
N LYS C 75 -43.67 30.97 4.66
CA LYS C 75 -43.21 29.69 5.11
C LYS C 75 -44.39 28.75 5.14
N LEU C 76 -44.20 27.55 4.61
CA LEU C 76 -45.29 26.62 4.46
C LEU C 76 -44.86 25.24 4.96
N CYS C 77 -45.50 24.77 6.02
CA CYS C 77 -45.13 23.52 6.63
C CYS C 77 -45.16 22.42 5.59
N ARG C 78 -44.25 21.47 5.71
CA ARG C 78 -44.16 20.35 4.81
C ARG C 78 -43.98 19.12 5.67
N ALA C 79 -44.37 19.25 6.92
CA ALA C 79 -44.17 18.20 7.89
C ALA C 79 -45.24 17.12 7.76
N GLU C 80 -45.29 16.22 8.73
CA GLU C 80 -46.19 15.07 8.68
C GLU C 80 -47.63 15.50 8.70
N ALA C 81 -48.00 16.18 9.77
CA ALA C 81 -49.39 16.46 10.04
C ALA C 81 -49.97 17.35 8.97
N CYS C 82 -49.34 18.49 8.76
CA CYS C 82 -49.82 19.42 7.76
C CYS C 82 -49.91 18.72 6.41
N GLN C 83 -49.00 17.78 6.15
CA GLN C 83 -49.08 16.98 4.93
C GLN C 83 -50.37 16.18 4.89
N ALA C 84 -50.75 15.63 6.03
CA ALA C 84 -51.90 14.75 6.10
C ALA C 84 -53.17 15.46 5.66
N MET C 85 -53.37 16.68 6.13
CA MET C 85 -54.63 17.37 5.88
C MET C 85 -54.54 18.22 4.62
N GLY C 86 -53.71 17.79 3.67
CA GLY C 86 -53.70 18.39 2.35
C GLY C 86 -52.87 19.64 2.20
N MET C 87 -51.56 19.51 2.40
CA MET C 87 -50.66 20.63 2.22
C MET C 87 -50.19 20.71 0.79
N ASP C 88 -50.12 19.57 0.13
CA ASP C 88 -49.61 19.51 -1.24
C ASP C 88 -50.44 20.37 -2.17
N ALA C 89 -51.75 20.23 -2.07
CA ALA C 89 -52.68 20.93 -2.94
C ALA C 89 -52.59 22.43 -2.73
N VAL C 90 -52.50 22.80 -1.46
CA VAL C 90 -52.33 24.19 -1.06
C VAL C 90 -51.09 24.78 -1.67
N GLN C 91 -50.00 24.03 -1.52
CA GLN C 91 -48.71 24.39 -2.03
C GLN C 91 -48.79 24.65 -3.52
N ALA C 92 -49.42 23.71 -4.20
CA ALA C 92 -49.59 23.77 -5.65
C ALA C 92 -50.34 25.03 -6.05
N ARG C 93 -51.48 25.27 -5.40
CA ARG C 93 -52.29 26.43 -5.71
C ARG C 93 -51.51 27.71 -5.52
N LEU C 94 -50.76 27.77 -4.42
CA LEU C 94 -50.06 28.99 -4.05
C LEU C 94 -48.92 29.26 -5.02
N GLU C 95 -48.19 28.21 -5.37
CA GLU C 95 -47.04 28.33 -6.25
C GLU C 95 -47.47 28.52 -7.69
N SER C 96 -48.74 28.21 -7.97
CA SER C 96 -49.32 28.53 -9.26
C SER C 96 -49.73 29.99 -9.30
N ALA C 97 -50.30 30.45 -8.19
CA ALA C 97 -50.72 31.83 -8.05
C ALA C 97 -49.54 32.76 -8.22
N LEU C 98 -48.57 32.62 -7.32
CA LEU C 98 -47.39 33.47 -7.35
C LEU C 98 -46.49 33.10 -8.52
N GLY C 99 -46.62 31.86 -8.97
CA GLY C 99 -45.80 31.37 -10.06
C GLY C 99 -44.42 30.97 -9.57
N LEU C 100 -44.29 30.87 -8.25
CA LEU C 100 -43.01 30.55 -7.63
C LEU C 100 -43.06 29.22 -6.91
N ARG C 101 -42.23 28.30 -7.36
CA ARG C 101 -42.15 26.99 -6.74
C ARG C 101 -41.56 27.08 -5.35
N LEU C 102 -41.48 25.93 -4.70
CA LEU C 102 -40.94 25.83 -3.35
C LEU C 102 -39.44 26.13 -3.30
N GLY C 103 -39.04 27.03 -2.42
CA GLY C 103 -37.64 27.35 -2.25
C GLY C 103 -37.15 28.44 -3.18
N ASP C 104 -37.94 28.72 -4.22
CA ASP C 104 -37.58 29.72 -5.20
C ASP C 104 -38.08 31.08 -4.74
N SER C 105 -37.15 32.03 -4.64
CA SER C 105 -37.48 33.36 -4.14
C SER C 105 -37.60 34.38 -5.26
N SER C 106 -37.75 35.64 -4.87
CA SER C 106 -37.80 36.72 -5.84
C SER C 106 -37.60 38.06 -5.12
N GLU C 107 -37.81 39.15 -5.83
CA GLU C 107 -37.79 40.48 -5.22
C GLU C 107 -39.16 40.77 -4.62
N ALA C 108 -40.17 40.07 -5.12
CA ALA C 108 -41.54 40.26 -4.71
C ALA C 108 -41.88 39.44 -3.47
N VAL C 109 -41.66 38.13 -3.57
CA VAL C 109 -41.98 37.22 -2.48
C VAL C 109 -40.89 36.18 -2.32
N THR C 110 -41.12 35.26 -1.39
CA THR C 110 -40.19 34.18 -1.14
C THR C 110 -40.93 33.05 -0.47
N LEU C 111 -41.14 31.97 -1.21
CA LEU C 111 -41.82 30.81 -0.67
C LEU C 111 -40.80 29.80 -0.19
N GLU C 112 -40.99 29.29 1.02
CA GLU C 112 -40.04 28.36 1.61
C GLU C 112 -40.74 27.46 2.60
N ALA C 113 -40.00 26.51 3.17
CA ALA C 113 -40.56 25.55 4.09
C ALA C 113 -39.98 25.71 5.50
N VAL C 114 -40.73 25.25 6.49
CA VAL C 114 -40.39 25.48 7.88
C VAL C 114 -40.39 24.20 8.73
N TYR C 115 -41.16 23.22 8.27
CA TYR C 115 -41.16 21.86 8.83
C TYR C 115 -41.80 21.70 10.21
N CYS C 116 -42.31 22.81 10.77
CA CYS C 116 -43.38 22.77 11.78
C CYS C 116 -43.62 24.17 12.32
N LEU C 117 -44.78 24.37 12.92
CA LEU C 117 -45.10 25.65 13.53
C LEU C 117 -45.85 25.53 14.85
N GLY C 118 -46.15 24.29 15.23
CA GLY C 118 -46.95 24.04 16.41
C GLY C 118 -48.43 23.96 16.11
N LEU C 119 -48.80 24.22 14.86
CA LEU C 119 -50.17 24.15 14.41
C LEU C 119 -50.48 22.78 13.84
N CYS C 120 -50.21 21.74 14.62
CA CYS C 120 -50.29 20.38 14.12
C CYS C 120 -51.71 19.85 14.05
N ALA C 121 -52.63 20.51 14.74
CA ALA C 121 -54.04 20.15 14.67
C ALA C 121 -54.69 20.95 13.57
N CYS C 122 -54.49 22.25 13.63
CA CYS C 122 -54.82 23.13 12.51
C CYS C 122 -53.84 22.81 11.41
N ALA C 123 -53.98 21.62 10.82
CA ALA C 123 -52.90 20.99 10.09
C ALA C 123 -52.32 21.89 9.02
N PRO C 124 -53.12 22.28 8.02
CA PRO C 124 -52.46 23.07 7.00
C PRO C 124 -52.12 24.44 7.55
N ALA C 125 -50.84 24.67 7.81
CA ALA C 125 -50.41 25.89 8.48
C ALA C 125 -49.36 26.62 7.66
N ALA C 126 -49.23 27.91 7.91
CA ALA C 126 -48.25 28.72 7.23
C ALA C 126 -47.91 29.94 8.05
N MET C 127 -46.79 30.56 7.72
CA MET C 127 -46.42 31.83 8.29
C MET C 127 -46.21 32.82 7.15
N VAL C 128 -47.13 33.77 7.04
CA VAL C 128 -47.03 34.80 6.04
C VAL C 128 -46.68 36.11 6.72
N ASP C 129 -45.46 36.57 6.49
CA ASP C 129 -45.02 37.86 6.98
C ASP C 129 -45.31 37.99 8.48
N ASP C 130 -44.85 37.01 9.25
CA ASP C 130 -44.93 37.06 10.69
C ASP C 130 -46.35 36.87 11.22
N ARG C 131 -47.26 36.47 10.34
CA ARG C 131 -48.62 36.18 10.74
C ARG C 131 -48.94 34.72 10.46
N LEU C 132 -49.36 34.01 11.50
CA LEU C 132 -49.66 32.60 11.35
C LEU C 132 -51.04 32.38 10.79
N VAL C 133 -51.18 31.31 10.01
CA VAL C 133 -52.45 30.97 9.40
C VAL C 133 -52.63 29.47 9.45
N GLY C 134 -53.87 29.04 9.62
CA GLY C 134 -54.17 27.63 9.75
C GLY C 134 -55.44 27.26 9.02
N ARG C 135 -55.69 25.96 8.93
CA ARG C 135 -56.86 25.46 8.23
C ARG C 135 -56.87 26.00 6.81
N LEU C 136 -55.69 26.04 6.21
CA LEU C 136 -55.53 26.53 4.86
C LEU C 136 -56.10 25.56 3.85
N ASP C 137 -57.38 25.73 3.55
CA ASP C 137 -58.00 25.00 2.47
C ASP C 137 -57.71 25.80 1.20
N ALA C 138 -58.09 25.28 0.04
CA ALA C 138 -57.78 25.94 -1.23
C ALA C 138 -58.52 27.26 -1.45
N ALA C 139 -59.24 27.75 -0.44
CA ALA C 139 -59.94 29.03 -0.58
C ALA C 139 -59.20 30.17 0.10
N ALA C 140 -58.71 29.91 1.30
CA ALA C 140 -58.02 30.94 2.08
C ALA C 140 -56.77 31.40 1.34
N VAL C 141 -56.28 30.59 0.43
CA VAL C 141 -55.09 30.91 -0.35
C VAL C 141 -55.36 32.14 -1.19
N ALA C 142 -56.61 32.28 -1.62
CA ALA C 142 -57.02 33.45 -2.37
C ALA C 142 -56.81 34.71 -1.54
N GLY C 143 -57.18 34.64 -0.27
CA GLY C 143 -57.04 35.77 0.63
C GLY C 143 -55.60 36.00 1.01
N ILE C 144 -54.84 34.91 1.00
CA ILE C 144 -53.41 34.94 1.27
C ILE C 144 -52.71 35.75 0.19
N VAL C 145 -53.11 35.51 -1.05
CA VAL C 145 -52.49 36.13 -2.20
C VAL C 145 -53.04 37.53 -2.42
N ALA C 146 -54.26 37.76 -1.93
CA ALA C 146 -54.93 39.03 -2.13
C ALA C 146 -54.21 40.15 -1.38
N GLU C 147 -53.82 39.85 -0.15
CA GLU C 147 -53.11 40.81 0.67
C GLU C 147 -51.62 40.80 0.33
N LEU C 148 -51.27 40.12 -0.75
CA LEU C 148 -49.88 39.81 -1.02
C LEU C 148 -49.61 39.75 -2.52
N GLY C 149 -49.12 40.85 -3.07
CA GLY C 149 -48.83 40.91 -4.49
C GLY C 149 -47.37 40.62 -4.82
N SER D 2 33.44 63.17 17.43
CA SER D 2 34.71 62.43 17.16
C SER D 2 35.16 61.67 18.40
N ASP D 3 34.28 60.80 18.89
CA ASP D 3 34.61 59.98 20.04
C ASP D 3 35.15 58.64 19.57
N ASP D 4 36.13 58.10 20.28
CA ASP D 4 36.68 56.81 19.95
C ASP D 4 35.70 55.74 20.41
N LYS D 5 35.47 54.75 19.56
CA LYS D 5 34.54 53.69 19.86
C LYS D 5 34.93 53.01 21.17
N ILE D 6 36.25 52.95 21.38
CA ILE D 6 36.81 52.30 22.54
C ILE D 6 36.46 53.06 23.82
N ILE D 7 36.55 54.38 23.76
CA ILE D 7 36.24 55.23 24.90
C ILE D 7 34.77 55.07 25.24
N ARG D 8 33.96 55.02 24.19
CA ARG D 8 32.53 54.89 24.32
C ARG D 8 32.18 53.61 25.06
N MET D 9 32.77 52.51 24.61
CA MET D 9 32.53 51.21 25.21
C MET D 9 32.98 51.16 26.65
N ALA D 10 34.13 51.77 26.92
CA ALA D 10 34.65 51.82 28.28
C ALA D 10 33.68 52.56 29.19
N ASN D 11 33.24 53.73 28.75
CA ASN D 11 32.32 54.53 29.53
C ASN D 11 31.01 53.80 29.77
N GLN D 12 30.56 53.04 28.78
CA GLN D 12 29.36 52.22 28.93
C GLN D 12 29.52 51.19 30.04
N ILE D 13 30.62 50.46 29.99
CA ILE D 13 30.90 49.42 30.96
C ILE D 13 30.96 50.05 32.36
N ALA D 14 31.55 51.23 32.42
CA ALA D 14 31.65 51.98 33.67
C ALA D 14 30.28 52.38 34.19
N ALA D 15 29.45 52.91 33.30
CA ALA D 15 28.11 53.35 33.62
C ALA D 15 27.37 52.22 34.29
N PHE D 16 27.57 51.03 33.75
CA PHE D 16 26.95 49.87 34.37
C PHE D 16 27.52 49.61 35.74
N PHE D 17 28.80 49.23 35.77
CA PHE D 17 29.41 48.71 37.00
C PHE D 17 29.43 49.74 38.12
N ALA D 18 29.04 50.98 37.81
CA ALA D 18 29.00 52.01 38.82
C ALA D 18 27.93 51.77 39.87
N VAL D 19 26.77 51.30 39.42
CA VAL D 19 25.64 51.13 40.31
C VAL D 19 25.82 49.91 41.18
N GLN D 20 26.81 49.09 40.84
CA GLN D 20 27.03 47.87 41.57
C GLN D 20 27.48 48.16 42.99
N PRO D 21 27.36 47.17 43.87
CA PRO D 21 27.81 47.26 45.26
C PRO D 21 29.22 46.73 45.43
N GLY D 22 30.03 47.39 46.23
CA GLY D 22 31.36 46.89 46.53
C GLY D 22 32.42 47.38 45.56
N ASP D 23 33.30 46.48 45.14
CA ASP D 23 34.34 46.81 44.19
C ASP D 23 33.71 47.15 42.84
N ARG D 24 33.88 48.40 42.42
CA ARG D 24 33.28 48.87 41.18
C ARG D 24 34.31 48.98 40.05
N ALA D 25 35.59 48.85 40.40
CA ALA D 25 36.66 48.99 39.41
C ALA D 25 37.31 47.66 39.08
N GLY D 26 37.46 46.82 40.09
CA GLY D 26 38.00 45.50 39.90
C GLY D 26 37.29 44.76 38.78
N PRO D 27 35.95 44.71 38.86
CA PRO D 27 35.11 44.05 37.86
C PRO D 27 35.27 44.68 36.48
N VAL D 28 35.33 45.99 36.43
CA VAL D 28 35.54 46.70 35.17
C VAL D 28 36.79 46.19 34.50
N ALA D 29 37.88 46.21 35.25
CA ALA D 29 39.17 45.78 34.76
C ALA D 29 39.13 44.33 34.33
N ALA D 30 38.43 43.52 35.12
CA ALA D 30 38.35 42.11 34.86
C ALA D 30 37.67 41.89 33.53
N HIS D 31 36.60 42.62 33.31
CA HIS D 31 35.81 42.47 32.10
C HIS D 31 36.60 42.91 30.88
N ILE D 32 37.22 44.07 30.99
CA ILE D 32 38.00 44.61 29.88
C ILE D 32 39.21 43.73 29.59
N SER D 33 39.69 43.01 30.59
CA SER D 33 40.81 42.11 30.41
C SER D 33 40.40 40.75 29.87
N GLU D 34 39.17 40.34 30.16
CA GLU D 34 38.69 39.05 29.73
C GLU D 34 38.08 39.10 28.33
N ASN D 35 37.69 40.31 27.91
CA ASN D 35 36.90 40.44 26.69
C ASN D 35 37.66 41.11 25.55
N TRP D 36 38.45 42.13 25.87
CA TRP D 36 39.14 42.91 24.84
C TRP D 36 40.46 42.29 24.44
N SER D 37 40.97 42.71 23.29
CA SER D 37 42.20 42.16 22.75
C SER D 37 43.38 43.08 22.99
N ALA D 38 44.53 42.69 22.48
CA ALA D 38 45.79 43.37 22.75
C ALA D 38 45.81 44.83 22.29
N PRO D 39 45.64 45.07 20.98
CA PRO D 39 45.71 46.45 20.50
C PRO D 39 44.70 47.37 21.16
N MET D 40 43.51 46.85 21.43
CA MET D 40 42.45 47.65 22.02
C MET D 40 42.81 48.07 23.44
N ARG D 41 43.26 47.10 24.24
CA ARG D 41 43.70 47.37 25.59
C ARG D 41 44.81 48.40 25.58
N ALA D 42 45.73 48.25 24.63
CA ALA D 42 46.86 49.16 24.54
C ALA D 42 46.38 50.57 24.26
N ALA D 43 45.42 50.68 23.35
CA ALA D 43 44.88 51.98 22.98
C ALA D 43 44.22 52.62 24.19
N LEU D 44 43.46 51.82 24.92
CA LEU D 44 42.79 52.31 26.11
C LEU D 44 43.77 52.81 27.16
N LEU D 45 44.82 52.03 27.38
CA LEU D 45 45.80 52.37 28.40
C LEU D 45 46.50 53.65 27.98
N ALA D 46 46.73 53.78 26.68
CA ALA D 46 47.35 54.97 26.14
C ALA D 46 46.46 56.18 26.37
N HIS D 47 45.16 55.98 26.24
CA HIS D 47 44.21 57.05 26.47
C HIS D 47 44.24 57.49 27.92
N VAL D 48 44.18 56.52 28.82
CA VAL D 48 44.13 56.81 30.25
C VAL D 48 45.42 57.44 30.73
N ALA D 49 46.53 57.06 30.10
CA ALA D 49 47.83 57.59 30.46
C ALA D 49 47.99 58.99 29.90
N ALA D 50 47.39 59.21 28.74
CA ALA D 50 47.41 60.50 28.07
C ALA D 50 46.36 61.42 28.66
N GLN D 51 45.51 60.86 29.50
CA GLN D 51 44.46 61.63 30.16
C GLN D 51 43.54 62.28 29.13
N SER D 52 42.97 61.46 28.26
CA SER D 52 42.01 61.98 27.28
C SER D 52 40.69 62.29 27.96
N PRO D 53 39.98 63.31 27.45
CA PRO D 53 38.69 63.72 28.01
C PRO D 53 37.53 62.89 27.48
N GLY D 54 36.35 63.05 28.07
CA GLY D 54 35.19 62.27 27.69
C GLY D 54 35.30 60.87 28.25
N LEU D 55 35.98 60.75 29.38
CA LEU D 55 36.28 59.46 29.98
C LEU D 55 35.92 59.47 31.45
N ASP D 56 35.38 58.36 31.93
CA ASP D 56 34.92 58.29 33.31
C ASP D 56 36.07 58.03 34.27
N PRO D 57 36.05 58.68 35.44
CA PRO D 57 37.13 58.52 36.42
C PRO D 57 37.27 57.08 36.90
N LEU D 58 36.17 56.33 36.81
CA LEU D 58 36.18 54.95 37.22
C LEU D 58 37.12 54.14 36.36
N VAL D 59 37.11 54.42 35.06
CA VAL D 59 38.01 53.73 34.14
C VAL D 59 39.42 54.15 34.40
N ILE D 60 39.61 55.41 34.75
CA ILE D 60 40.93 55.92 35.09
C ILE D 60 41.47 55.14 36.27
N ALA D 61 40.58 54.79 37.19
CA ALA D 61 40.96 54.06 38.39
C ALA D 61 41.20 52.60 38.08
N ALA D 62 40.47 52.11 37.10
CA ALA D 62 40.48 50.68 36.77
C ALA D 62 41.59 50.30 35.79
N ALA D 63 42.14 51.28 35.10
CA ALA D 63 43.12 51.04 34.06
C ALA D 63 44.37 50.32 34.57
N PRO D 64 44.93 50.80 35.69
CA PRO D 64 46.12 50.18 36.26
C PRO D 64 45.94 48.72 36.62
N GLN D 65 44.70 48.31 36.80
CA GLN D 65 44.38 46.95 37.20
C GLN D 65 44.14 46.03 36.00
N ILE D 66 44.17 46.61 34.80
CA ILE D 66 43.91 45.87 33.59
C ILE D 66 45.04 44.91 33.31
N ARG D 67 44.71 43.79 32.66
CA ARG D 67 45.70 42.85 32.22
C ARG D 67 46.72 43.56 31.33
N PRO D 68 48.02 43.38 31.62
CA PRO D 68 49.06 44.10 30.88
C PRO D 68 49.21 43.61 29.45
N VAL D 69 49.77 44.46 28.59
CA VAL D 69 49.96 44.09 27.19
C VAL D 69 51.43 43.73 26.92
N PRO D 70 51.66 42.59 26.24
CA PRO D 70 53.02 42.18 25.89
C PRO D 70 53.66 43.09 24.85
N PRO E 7 19.42 -10.57 8.59
CA PRO E 7 19.15 -11.73 7.74
C PRO E 7 19.08 -11.37 6.26
N PRO E 8 19.04 -12.37 5.39
CA PRO E 8 19.02 -12.10 3.94
C PRO E 8 17.90 -11.16 3.54
N LEU E 9 18.00 -10.58 2.35
CA LEU E 9 16.96 -9.72 1.82
C LEU E 9 15.99 -10.50 0.97
N ASP E 10 16.45 -11.61 0.43
CA ASP E 10 15.63 -12.47 -0.41
C ASP E 10 14.34 -12.87 0.28
N TRP E 11 14.36 -12.84 1.61
CA TRP E 11 13.27 -13.35 2.42
C TRP E 11 12.06 -12.44 2.47
N THR E 12 12.33 -11.15 2.63
CA THR E 12 11.31 -10.16 2.87
C THR E 12 11.00 -9.38 1.60
N GLN E 13 12.02 -9.23 0.78
CA GLN E 13 11.93 -8.42 -0.41
C GLN E 13 11.93 -9.29 -1.65
N ASP E 14 11.08 -8.94 -2.60
CA ASP E 14 11.10 -9.59 -3.90
C ASP E 14 12.06 -8.88 -4.80
N MET E 15 13.26 -9.44 -4.90
CA MET E 15 14.24 -8.95 -5.83
C MET E 15 13.71 -9.19 -7.22
N GLY E 16 14.47 -8.76 -8.22
CA GLY E 16 14.01 -8.88 -9.58
C GLY E 16 14.27 -10.25 -10.16
N THR E 17 15.54 -10.59 -10.24
CA THR E 17 15.96 -11.81 -10.90
C THR E 17 16.59 -12.78 -9.92
N PRO E 18 16.73 -14.03 -10.34
CA PRO E 18 17.30 -15.06 -9.48
C PRO E 18 18.75 -14.77 -9.13
N LYS E 19 19.28 -15.51 -8.17
CA LYS E 19 20.64 -15.33 -7.74
C LYS E 19 21.57 -16.14 -8.64
N ARG E 20 22.70 -15.54 -8.99
CA ARG E 20 23.67 -16.20 -9.85
C ARG E 20 24.97 -16.42 -9.09
N GLU E 21 25.70 -17.44 -9.49
CA GLU E 21 27.02 -17.70 -8.93
C GLU E 21 28.09 -17.31 -9.93
N GLY E 22 29.20 -16.79 -9.42
CA GLY E 22 30.30 -16.38 -10.27
C GLY E 22 31.33 -15.55 -9.52
N ALA E 23 32.20 -14.90 -10.28
CA ALA E 23 33.22 -14.06 -9.69
C ALA E 23 32.60 -12.75 -9.22
N PRO E 24 33.25 -12.09 -8.25
CA PRO E 24 32.72 -10.79 -7.82
C PRO E 24 32.89 -9.76 -8.93
N VAL E 25 31.95 -8.82 -8.99
CA VAL E 25 31.98 -7.78 -10.00
C VAL E 25 31.53 -6.50 -9.37
N HIS E 26 32.33 -5.46 -9.53
CA HIS E 26 32.03 -4.16 -8.96
C HIS E 26 31.37 -3.27 -10.00
N LEU E 27 30.36 -2.51 -9.56
CA LEU E 27 29.69 -1.58 -10.45
C LEU E 27 29.07 -0.45 -9.64
N THR E 28 28.52 0.55 -10.32
CA THR E 28 27.98 1.71 -9.64
C THR E 28 26.54 1.97 -10.04
N ILE E 29 25.64 1.46 -9.22
CA ILE E 29 24.21 1.65 -9.41
C ILE E 29 23.80 3.01 -8.83
N ASP E 30 23.48 3.94 -9.72
CA ASP E 30 22.98 5.25 -9.34
C ASP E 30 23.92 5.99 -8.40
N GLY E 31 25.21 5.71 -8.54
CA GLY E 31 26.24 6.36 -7.75
C GLY E 31 26.54 5.62 -6.46
N VAL E 32 26.17 4.34 -6.41
CA VAL E 32 26.40 3.53 -5.23
C VAL E 32 27.15 2.27 -5.64
N GLU E 33 28.24 1.98 -4.94
CA GLU E 33 29.06 0.84 -5.28
C GLU E 33 28.38 -0.46 -4.87
N VAL E 34 28.48 -1.45 -5.75
CA VAL E 34 27.92 -2.76 -5.49
C VAL E 34 28.88 -3.82 -5.98
N THR E 35 28.96 -4.92 -5.25
CA THR E 35 29.76 -6.06 -5.67
C THR E 35 28.91 -7.30 -5.67
N VAL E 36 28.78 -7.92 -6.85
CA VAL E 36 27.90 -9.07 -6.99
C VAL E 36 28.41 -10.00 -8.06
N PRO E 37 27.94 -11.26 -8.04
CA PRO E 37 28.34 -12.23 -9.06
C PRO E 37 28.15 -11.70 -10.47
N ALA E 38 28.69 -12.42 -11.45
CA ALA E 38 28.81 -11.89 -12.81
C ALA E 38 27.48 -11.81 -13.52
N GLY E 39 26.83 -12.94 -13.70
CA GLY E 39 25.58 -13.00 -14.42
C GLY E 39 24.47 -12.21 -13.78
N THR E 40 24.67 -11.82 -12.52
CA THR E 40 23.65 -11.10 -11.79
C THR E 40 23.25 -9.86 -12.54
N SER E 41 21.97 -9.56 -12.52
CA SER E 41 21.42 -8.45 -13.26
C SER E 41 21.64 -7.13 -12.55
N VAL E 42 21.20 -6.09 -13.22
CA VAL E 42 21.27 -4.74 -12.72
C VAL E 42 20.19 -4.52 -11.69
N LEU E 43 19.07 -5.19 -11.89
CA LEU E 43 17.90 -5.01 -11.09
C LEU E 43 18.10 -5.59 -9.71
N ARG E 44 18.61 -6.83 -9.68
CA ARG E 44 18.89 -7.49 -8.43
C ARG E 44 19.96 -6.75 -7.64
N ALA E 45 20.97 -6.26 -8.35
CA ALA E 45 22.04 -5.51 -7.72
C ALA E 45 21.51 -4.24 -7.11
N ALA E 46 20.71 -3.52 -7.88
CA ALA E 46 20.10 -2.29 -7.43
C ALA E 46 19.21 -2.53 -6.24
N ALA E 47 18.66 -3.75 -6.17
CA ALA E 47 17.82 -4.14 -5.06
C ALA E 47 18.66 -4.35 -3.82
N GLU E 48 19.78 -5.03 -4.04
CA GLU E 48 20.75 -5.31 -3.00
C GLU E 48 21.37 -4.02 -2.46
N ALA E 49 21.32 -2.98 -3.26
CA ALA E 49 21.92 -1.71 -2.91
C ALA E 49 20.90 -0.74 -2.33
N GLY E 50 19.62 -1.12 -2.40
CA GLY E 50 18.57 -0.32 -1.80
C GLY E 50 17.85 0.58 -2.78
N ILE E 51 18.49 0.83 -3.92
CA ILE E 51 17.90 1.65 -4.96
C ILE E 51 16.90 0.79 -5.75
N SER E 52 15.63 1.10 -5.57
CA SER E 52 14.56 0.33 -6.19
C SER E 52 14.25 0.82 -7.58
N ILE E 53 14.01 -0.13 -8.47
CA ILE E 53 13.63 0.18 -9.84
C ILE E 53 12.24 -0.39 -10.07
N PRO E 54 11.34 0.36 -10.78
CA PRO E 54 9.96 -0.06 -11.23
C PRO E 54 9.94 -1.36 -12.05
N LYS E 55 9.28 -2.40 -11.56
CA LYS E 55 9.23 -3.71 -12.27
C LYS E 55 7.84 -4.32 -12.10
N LEU E 56 7.31 -4.98 -13.13
CA LEU E 56 6.01 -5.69 -13.02
C LEU E 56 6.18 -7.16 -13.46
N CYS E 57 6.93 -7.41 -14.53
CA CYS E 57 7.01 -8.78 -15.10
C CYS E 57 8.21 -9.56 -14.56
N ALA E 58 9.02 -8.98 -13.68
CA ALA E 58 10.24 -9.68 -13.23
C ALA E 58 10.01 -10.23 -11.82
N THR E 59 10.26 -11.53 -11.62
CA THR E 59 10.14 -12.15 -10.29
C THR E 59 11.35 -13.08 -10.08
N ASP E 60 11.76 -13.32 -8.83
CA ASP E 60 12.98 -14.14 -8.55
C ASP E 60 12.71 -15.61 -8.88
N ASN E 61 11.47 -16.06 -8.70
CA ASN E 61 11.09 -17.44 -8.88
C ASN E 61 11.47 -17.90 -10.27
N VAL E 62 11.54 -16.95 -11.19
CA VAL E 62 11.68 -17.27 -12.60
C VAL E 62 12.71 -16.42 -13.28
N GLU E 63 12.97 -16.75 -14.53
CA GLU E 63 13.89 -15.99 -15.35
C GLU E 63 13.17 -14.79 -15.95
N PRO E 64 13.90 -13.69 -16.14
CA PRO E 64 13.37 -12.40 -16.55
C PRO E 64 12.98 -12.35 -18.01
N VAL E 65 12.06 -11.46 -18.37
CA VAL E 65 11.60 -11.33 -19.79
C VAL E 65 11.22 -9.86 -19.98
N GLY E 66 11.64 -9.22 -21.08
CA GLY E 66 11.37 -7.77 -21.21
C GLY E 66 9.99 -7.48 -21.73
N SER E 67 8.95 -7.68 -20.92
CA SER E 67 7.56 -7.48 -21.38
C SER E 67 7.02 -6.11 -20.94
N CYS E 68 7.12 -5.79 -19.65
CA CYS E 68 6.62 -4.49 -19.13
C CYS E 68 7.41 -3.33 -19.73
N ARG E 69 8.75 -3.47 -19.80
CA ARG E 69 9.63 -2.40 -20.35
C ARG E 69 9.70 -1.25 -19.36
N LEU E 70 9.33 -1.48 -18.10
CA LEU E 70 9.28 -0.40 -17.07
C LEU E 70 10.58 -0.35 -16.25
N CYS E 71 11.50 -1.29 -16.46
CA CYS E 71 12.78 -1.33 -15.69
C CYS E 71 13.90 -0.78 -16.57
N MET E 72 13.55 0.12 -17.49
CA MET E 72 14.47 0.77 -18.37
C MET E 72 15.39 1.72 -17.62
N VAL E 73 16.66 1.72 -18.01
CA VAL E 73 17.65 2.57 -17.40
C VAL E 73 18.65 3.05 -18.43
N GLU E 74 19.25 4.20 -18.16
CA GLU E 74 20.30 4.73 -19.00
C GLU E 74 21.65 4.24 -18.54
N ILE E 75 22.37 3.60 -19.44
CA ILE E 75 23.69 3.06 -19.12
C ILE E 75 24.75 3.68 -20.00
N GLU E 76 25.87 4.07 -19.37
CA GLU E 76 26.96 4.67 -20.09
C GLU E 76 27.65 3.62 -20.94
N GLY E 77 27.71 3.87 -22.24
CA GLY E 77 28.32 2.93 -23.17
C GLY E 77 27.29 2.13 -23.95
N MET E 78 26.02 2.35 -23.64
CA MET E 78 24.95 1.73 -24.40
C MET E 78 24.10 2.74 -25.11
N ARG E 79 23.36 2.27 -26.10
CA ARG E 79 22.46 3.11 -26.87
C ARG E 79 21.03 2.87 -26.42
N GLY E 80 20.34 3.95 -26.07
CA GLY E 80 18.94 3.87 -25.73
C GLY E 80 18.70 3.60 -24.27
N THR E 81 17.57 2.96 -23.99
CA THR E 81 17.13 2.70 -22.64
C THR E 81 16.89 1.21 -22.45
N PRO E 82 17.96 0.44 -22.24
CA PRO E 82 17.88 -1.01 -22.08
C PRO E 82 17.28 -1.42 -20.76
N THR E 83 16.85 -2.67 -20.69
CA THR E 83 16.25 -3.19 -19.48
C THR E 83 17.27 -3.73 -18.51
N SER E 84 16.95 -3.61 -17.23
CA SER E 84 17.79 -4.07 -16.16
C SER E 84 17.57 -5.55 -15.87
N CYS E 85 16.38 -6.02 -16.21
CA CYS E 85 16.02 -7.40 -15.99
C CYS E 85 16.86 -8.31 -16.85
N THR E 86 17.20 -7.80 -18.03
CA THR E 86 17.86 -8.60 -19.04
C THR E 86 19.31 -8.19 -19.20
N THR E 87 19.67 -7.10 -18.55
CA THR E 87 21.01 -6.56 -18.71
C THR E 87 21.93 -7.03 -17.59
N PRO E 88 22.78 -8.01 -17.88
CA PRO E 88 23.75 -8.49 -16.90
C PRO E 88 24.84 -7.47 -16.64
N VAL E 89 25.31 -7.40 -15.40
CA VAL E 89 26.32 -6.44 -15.03
C VAL E 89 27.63 -6.75 -15.70
N ALA E 90 28.49 -5.74 -15.71
CA ALA E 90 29.86 -5.89 -16.17
C ALA E 90 30.71 -4.92 -15.39
N PRO E 91 32.01 -5.20 -15.26
CA PRO E 91 32.85 -4.38 -14.39
C PRO E 91 33.01 -2.95 -14.90
N GLY E 92 32.96 -2.01 -13.96
CA GLY E 92 33.13 -0.61 -14.30
C GLY E 92 31.92 0.00 -14.97
N MET E 93 30.81 -0.72 -14.94
CA MET E 93 29.57 -0.22 -15.51
C MET E 93 28.93 0.81 -14.61
N ARG E 94 28.56 1.93 -15.21
CA ARG E 94 27.90 3.01 -14.47
C ARG E 94 26.52 3.22 -15.04
N VAL E 95 25.51 3.02 -14.20
CA VAL E 95 24.14 3.07 -14.64
C VAL E 95 23.32 4.10 -13.88
N HIS E 96 22.43 4.76 -14.62
CA HIS E 96 21.52 5.75 -14.06
C HIS E 96 20.12 5.20 -14.05
N THR E 97 19.41 5.43 -12.96
CA THR E 97 18.14 4.78 -12.70
C THR E 97 16.94 5.70 -12.87
N GLN E 98 17.12 6.99 -12.62
CA GLN E 98 15.99 7.91 -12.75
C GLN E 98 16.34 9.24 -13.40
N THR E 99 16.11 9.30 -14.70
CA THR E 99 16.21 10.52 -15.47
C THR E 99 14.82 10.96 -15.92
N PRO E 100 14.69 12.16 -16.49
CA PRO E 100 13.42 12.67 -17.03
C PRO E 100 12.87 11.81 -18.15
N GLN E 101 13.77 11.33 -19.00
CA GLN E 101 13.43 10.51 -20.14
C GLN E 101 12.73 9.26 -19.70
N LEU E 102 13.35 8.59 -18.74
CA LEU E 102 12.88 7.32 -18.25
C LEU E 102 11.56 7.49 -17.58
N GLN E 103 11.43 8.58 -16.85
CA GLN E 103 10.18 8.91 -16.19
C GLN E 103 9.07 8.99 -17.22
N LYS E 104 9.34 9.74 -18.28
CA LYS E 104 8.36 9.92 -19.34
C LYS E 104 7.95 8.60 -19.94
N LEU E 105 8.93 7.78 -20.26
CA LEU E 105 8.66 6.51 -20.92
C LEU E 105 7.85 5.58 -20.03
N ARG E 106 8.22 5.53 -18.76
CA ARG E 106 7.54 4.66 -17.83
C ARG E 106 6.09 5.10 -17.65
N ARG E 107 5.89 6.41 -17.57
CA ARG E 107 4.55 6.95 -17.49
C ARG E 107 3.76 6.52 -18.70
N GLY E 108 4.39 6.58 -19.86
CA GLY E 108 3.72 6.22 -21.11
C GLY E 108 3.30 4.77 -21.16
N VAL E 109 4.20 3.92 -20.69
CA VAL E 109 3.94 2.50 -20.65
C VAL E 109 2.78 2.19 -19.71
N MET E 110 2.80 2.79 -18.53
CA MET E 110 1.72 2.59 -17.58
C MET E 110 0.41 3.14 -18.11
N GLU E 111 0.49 4.24 -18.83
CA GLU E 111 -0.64 4.79 -19.53
C GLU E 111 -1.26 3.77 -20.45
N LEU E 112 -0.42 3.12 -21.24
CA LEU E 112 -0.89 2.09 -22.14
C LEU E 112 -1.52 0.94 -21.40
N TYR E 113 -0.91 0.57 -20.29
CA TYR E 113 -1.42 -0.53 -19.50
C TYR E 113 -2.83 -0.24 -19.05
N ILE E 114 -2.93 0.86 -18.33
CA ILE E 114 -4.14 1.28 -17.67
C ILE E 114 -5.23 1.70 -18.64
N SER E 115 -4.85 2.01 -19.87
CA SER E 115 -5.80 2.22 -20.92
C SER E 115 -6.63 0.99 -21.20
N ASP E 116 -6.15 -0.16 -20.72
CA ASP E 116 -6.84 -1.42 -20.90
C ASP E 116 -7.11 -2.09 -19.56
N HIS E 117 -7.24 -1.29 -18.52
CA HIS E 117 -7.49 -1.80 -17.19
C HIS E 117 -8.70 -1.15 -16.57
N PRO E 118 -9.47 -1.91 -15.79
CA PRO E 118 -10.60 -1.31 -15.11
C PRO E 118 -10.19 -0.56 -13.87
N LEU E 119 -10.95 0.47 -13.56
CA LEU E 119 -10.70 1.26 -12.38
C LEU E 119 -11.50 0.71 -11.22
N ASP E 120 -11.33 -0.57 -10.95
CA ASP E 120 -12.05 -1.21 -9.86
C ASP E 120 -11.19 -1.33 -8.63
N CYS E 121 -10.08 -0.62 -8.60
CA CYS E 121 -9.35 -0.47 -7.36
C CYS E 121 -10.37 0.07 -6.40
N LEU E 122 -10.14 -0.17 -5.12
CA LEU E 122 -11.01 0.33 -4.06
C LEU E 122 -12.21 -0.56 -3.87
N THR E 123 -12.39 -1.49 -4.78
CA THR E 123 -13.32 -2.58 -4.58
C THR E 123 -12.79 -3.84 -5.27
N CYS E 124 -11.48 -3.90 -5.44
CA CYS E 124 -10.82 -5.10 -5.94
C CYS E 124 -10.17 -5.80 -4.78
N ALA E 125 -10.01 -7.10 -4.94
CA ALA E 125 -9.50 -7.96 -3.90
C ALA E 125 -8.07 -7.63 -3.54
N ALA E 126 -7.26 -7.34 -4.55
CA ALA E 126 -5.85 -7.15 -4.33
C ALA E 126 -5.48 -5.72 -4.09
N ASN E 127 -6.29 -5.02 -3.31
CA ASN E 127 -6.00 -3.65 -3.04
C ASN E 127 -5.05 -3.60 -1.86
N GLY E 128 -3.93 -2.93 -2.06
CA GLY E 128 -2.87 -2.93 -1.08
C GLY E 128 -1.82 -3.96 -1.40
N ASP E 129 -2.15 -4.87 -2.31
CA ASP E 129 -1.25 -5.93 -2.70
C ASP E 129 -1.21 -6.14 -4.21
N CYS E 130 -1.30 -5.05 -4.96
CA CYS E 130 -1.19 -5.13 -6.41
C CYS E 130 0.07 -4.43 -6.85
N GLU E 131 0.89 -5.15 -7.59
CA GLU E 131 2.17 -4.65 -8.05
C GLU E 131 2.04 -3.74 -9.24
N LEU E 132 0.80 -3.51 -9.67
CA LEU E 132 0.51 -2.61 -10.76
C LEU E 132 0.16 -1.25 -10.22
N GLN E 133 -0.65 -1.25 -9.17
CA GLN E 133 -1.12 -0.06 -8.51
C GLN E 133 0.05 0.75 -7.96
N ASP E 134 0.94 0.04 -7.29
CA ASP E 134 2.05 0.66 -6.62
C ASP E 134 3.17 1.06 -7.56
N MET E 135 3.18 0.51 -8.76
CA MET E 135 4.15 0.93 -9.77
C MET E 135 3.51 1.97 -10.68
N ALA E 136 2.21 2.18 -10.51
CA ALA E 136 1.52 3.25 -11.20
C ALA E 136 1.53 4.51 -10.39
N GLY E 137 1.65 4.37 -9.08
CA GLY E 137 1.83 5.53 -8.23
C GLY E 137 3.27 5.92 -8.12
N ALA E 138 4.17 4.95 -8.29
CA ALA E 138 5.58 5.20 -8.17
C ALA E 138 6.07 6.06 -9.30
N VAL E 139 5.86 5.58 -10.51
CA VAL E 139 6.32 6.27 -11.68
C VAL E 139 5.72 7.66 -11.78
N GLY E 140 4.52 7.83 -11.23
CA GLY E 140 3.87 9.12 -11.23
C GLY E 140 2.84 9.33 -12.31
N LEU E 141 1.93 8.37 -12.45
CA LEU E 141 0.86 8.49 -13.41
C LEU E 141 -0.26 9.37 -12.88
N ARG E 142 -0.75 10.27 -13.72
CA ARG E 142 -1.72 11.26 -13.30
C ARG E 142 -2.79 11.51 -14.35
N GLU E 143 -2.64 10.94 -15.53
CA GLU E 143 -3.55 11.18 -16.62
C GLU E 143 -3.47 10.11 -17.68
N VAL E 144 -4.63 9.71 -18.18
CA VAL E 144 -4.72 8.79 -19.30
C VAL E 144 -5.48 9.46 -20.44
N ARG E 145 -4.86 9.47 -21.61
CA ARG E 145 -5.33 10.31 -22.71
C ARG E 145 -6.01 9.53 -23.82
N TYR E 146 -5.89 8.21 -23.79
CA TYR E 146 -6.46 7.39 -24.84
C TYR E 146 -7.94 7.11 -24.61
N GLN E 147 -8.78 7.67 -25.47
CA GLN E 147 -10.20 7.38 -25.43
C GLN E 147 -10.43 6.00 -26.03
N ALA E 148 -10.15 4.98 -25.23
CA ALA E 148 -10.18 3.61 -25.69
C ALA E 148 -11.57 3.11 -26.11
N LYS E 149 -11.58 2.27 -27.13
CA LYS E 149 -12.81 1.66 -27.62
C LYS E 149 -12.69 0.16 -27.58
N ASP E 150 -11.51 -0.34 -27.91
CA ASP E 150 -11.23 -1.75 -27.85
C ASP E 150 -10.66 -2.11 -26.49
N THR E 151 -11.44 -2.81 -25.69
CA THR E 151 -11.02 -3.24 -24.37
C THR E 151 -11.41 -4.67 -24.08
N HIS E 152 -10.87 -5.18 -22.99
CA HIS E 152 -11.14 -6.54 -22.56
C HIS E 152 -12.10 -6.60 -21.37
N PHE E 153 -12.12 -5.54 -20.57
CA PHE E 153 -12.92 -5.53 -19.36
C PHE E 153 -14.36 -5.15 -19.61
N ALA E 154 -14.57 -4.27 -20.57
CA ALA E 154 -15.88 -3.77 -20.88
C ALA E 154 -16.79 -4.88 -21.37
N ARG E 155 -17.84 -5.15 -20.60
CA ARG E 155 -18.86 -6.11 -21.00
C ARG E 155 -19.58 -5.61 -22.21
N ARG E 156 -20.03 -4.38 -22.12
CA ARG E 156 -20.80 -3.75 -23.18
C ARG E 156 -19.94 -2.76 -23.93
N ASP E 157 -19.68 -3.08 -25.20
CA ASP E 157 -19.04 -2.13 -26.10
C ASP E 157 -20.13 -1.32 -26.76
N ALA E 158 -19.77 -0.63 -27.83
CA ALA E 158 -20.75 0.02 -28.68
C ALA E 158 -21.32 -1.00 -29.64
N THR E 159 -22.59 -0.86 -29.98
CA THR E 159 -23.24 -1.74 -30.94
C THR E 159 -23.52 -3.13 -30.38
N GLY E 160 -23.09 -3.39 -29.15
CA GLY E 160 -23.37 -4.66 -28.52
C GLY E 160 -22.31 -5.15 -27.54
N PRO E 161 -22.35 -6.45 -27.21
CA PRO E 161 -21.42 -7.08 -26.28
C PRO E 161 -19.99 -7.06 -26.80
N ASN E 162 -19.04 -7.11 -25.87
CA ASN E 162 -17.64 -7.18 -26.24
C ASN E 162 -17.26 -8.63 -26.51
N PRO E 163 -16.70 -8.92 -27.70
CA PRO E 163 -16.27 -10.29 -27.99
C PRO E 163 -15.02 -10.65 -27.21
N ARG E 164 -14.25 -9.62 -26.88
CA ARG E 164 -13.01 -9.78 -26.17
C ARG E 164 -13.23 -10.15 -24.72
N TYR E 165 -14.40 -9.80 -24.21
CA TYR E 165 -14.72 -10.04 -22.81
C TYR E 165 -14.80 -11.51 -22.52
N ILE E 166 -14.02 -11.95 -21.55
CA ILE E 166 -14.04 -13.33 -21.12
C ILE E 166 -14.56 -13.37 -19.70
N PRO E 167 -15.64 -14.13 -19.47
CA PRO E 167 -16.18 -14.11 -18.12
C PRO E 167 -15.29 -14.82 -17.13
N LYS E 168 -15.48 -14.49 -15.87
CA LYS E 168 -14.74 -15.09 -14.78
C LYS E 168 -14.82 -16.60 -14.80
N ASP E 169 -13.96 -17.23 -14.00
CA ASP E 169 -13.87 -18.67 -13.97
C ASP E 169 -13.63 -19.13 -12.54
N ASN E 170 -14.71 -19.42 -11.83
CA ASN E 170 -14.63 -19.80 -10.44
C ASN E 170 -14.80 -21.30 -10.26
N SER E 171 -14.42 -22.05 -11.29
CA SER E 171 -14.54 -23.50 -11.26
C SER E 171 -13.69 -24.08 -10.15
N ASN E 172 -12.52 -23.49 -9.97
CA ASN E 172 -11.65 -23.87 -8.88
C ASN E 172 -12.23 -23.33 -7.59
N PRO E 173 -12.17 -24.13 -6.52
CA PRO E 173 -12.74 -23.76 -5.23
C PRO E 173 -11.81 -22.98 -4.33
N TYR E 174 -10.64 -22.66 -4.85
CA TYR E 174 -9.62 -22.02 -4.05
C TYR E 174 -9.12 -20.74 -4.69
N PHE E 175 -9.13 -20.67 -6.02
CA PHE E 175 -8.85 -19.40 -6.66
C PHE E 175 -9.63 -19.16 -7.92
N SER E 176 -9.60 -17.90 -8.34
CA SER E 176 -10.44 -17.40 -9.41
C SER E 176 -9.66 -16.60 -10.42
N TYR E 177 -10.09 -16.70 -11.67
CA TYR E 177 -9.42 -16.08 -12.79
C TYR E 177 -10.28 -15.03 -13.49
N ASP E 178 -9.94 -13.77 -13.27
CA ASP E 178 -10.62 -12.67 -13.93
C ASP E 178 -9.71 -11.93 -14.89
N PRO E 179 -9.70 -12.33 -16.16
CA PRO E 179 -8.76 -11.88 -17.18
C PRO E 179 -8.95 -10.44 -17.59
N ALA E 180 -10.03 -9.84 -17.09
CA ALA E 180 -10.36 -8.48 -17.40
C ALA E 180 -9.26 -7.57 -16.93
N LYS E 181 -8.55 -8.05 -15.92
CA LYS E 181 -7.51 -7.31 -15.27
C LYS E 181 -6.13 -7.86 -15.59
N CYS E 182 -6.04 -8.65 -16.65
CA CYS E 182 -4.78 -9.24 -17.02
C CYS E 182 -3.91 -8.30 -17.79
N ILE E 183 -2.74 -8.06 -17.25
CA ILE E 183 -1.62 -7.61 -18.01
C ILE E 183 -0.89 -8.90 -18.31
N VAL E 184 -0.19 -8.94 -19.41
CA VAL E 184 0.25 -10.19 -19.99
C VAL E 184 1.71 -10.48 -19.65
N CYS E 185 2.12 -9.96 -18.50
CA CYS E 185 3.43 -10.25 -17.92
C CYS E 185 3.86 -11.70 -17.98
N MET E 186 2.89 -12.60 -17.98
CA MET E 186 3.13 -14.03 -18.15
C MET E 186 3.91 -14.71 -17.02
N ARG E 187 3.96 -14.09 -15.86
CA ARG E 187 4.52 -14.72 -14.67
C ARG E 187 3.84 -16.01 -14.30
N CYS E 188 2.56 -16.10 -14.63
CA CYS E 188 1.74 -17.24 -14.30
C CYS E 188 2.24 -18.48 -15.02
N VAL E 189 2.39 -18.29 -16.32
CA VAL E 189 2.92 -19.28 -17.21
C VAL E 189 4.31 -19.71 -16.81
N ARG E 190 5.16 -18.72 -16.66
CA ARG E 190 6.55 -18.91 -16.36
C ARG E 190 6.71 -19.72 -15.09
N ALA E 191 5.79 -19.53 -14.16
CA ALA E 191 5.83 -20.25 -12.91
C ALA E 191 5.37 -21.67 -13.03
N CYS E 192 4.27 -21.88 -13.73
CA CYS E 192 3.78 -23.24 -13.89
C CYS E 192 4.75 -24.05 -14.74
N GLU E 193 5.61 -23.39 -15.48
CA GLU E 193 6.50 -24.12 -16.38
C GLU E 193 7.94 -24.23 -15.90
N GLU E 194 8.41 -23.27 -15.12
CA GLU E 194 9.78 -23.28 -14.63
C GLU E 194 9.85 -23.84 -13.24
N VAL E 195 8.95 -23.37 -12.41
CA VAL E 195 8.94 -23.67 -11.00
C VAL E 195 8.30 -25.00 -10.68
N GLN E 196 7.00 -25.10 -10.91
CA GLN E 196 6.29 -26.34 -10.68
C GLN E 196 6.73 -27.40 -11.65
N GLY E 197 6.41 -27.20 -12.91
CA GLY E 197 6.87 -28.09 -13.95
C GLY E 197 5.79 -28.82 -14.70
N THR E 198 4.56 -28.36 -14.58
CA THR E 198 3.45 -28.92 -15.34
C THR E 198 2.82 -27.86 -16.22
N PHE E 199 3.16 -27.89 -17.50
CA PHE E 199 2.79 -26.83 -18.42
C PHE E 199 1.30 -26.80 -18.67
N ALA E 200 0.56 -26.22 -17.74
CA ALA E 200 -0.89 -26.18 -17.81
C ALA E 200 -1.40 -24.90 -18.39
N LEU E 201 -0.52 -23.93 -18.49
CA LEU E 201 -0.89 -22.60 -18.90
C LEU E 201 -0.16 -22.19 -20.14
N THR E 202 -0.86 -21.48 -21.00
CA THR E 202 -0.25 -20.94 -22.17
C THR E 202 -0.88 -19.63 -22.53
N VAL E 203 -0.39 -19.05 -23.61
CA VAL E 203 -0.84 -17.77 -24.09
C VAL E 203 -1.51 -17.95 -25.42
N MET E 204 -2.82 -17.95 -25.42
CA MET E 204 -3.56 -18.13 -26.64
C MET E 204 -3.74 -16.78 -27.31
N GLY E 205 -3.08 -16.63 -28.44
CA GLY E 205 -3.30 -15.48 -29.28
C GLY E 205 -2.04 -14.75 -29.65
N ARG E 206 -2.19 -13.80 -30.57
CA ARG E 206 -1.07 -13.05 -31.07
C ARG E 206 -1.34 -11.57 -30.98
N GLY E 207 -0.86 -10.97 -29.89
CA GLY E 207 -0.95 -9.55 -29.70
C GLY E 207 -1.94 -9.12 -28.67
N PHE E 208 -2.75 -8.16 -29.03
CA PHE E 208 -3.77 -7.63 -28.16
C PHE E 208 -4.76 -8.72 -27.80
N ASP E 209 -4.90 -9.66 -28.71
CA ASP E 209 -5.81 -10.78 -28.55
C ASP E 209 -5.21 -11.87 -27.68
N ALA E 210 -4.06 -11.59 -27.10
CA ALA E 210 -3.35 -12.60 -26.34
C ALA E 210 -3.94 -12.69 -24.97
N ARG E 211 -4.46 -13.87 -24.68
CA ARG E 211 -5.04 -14.10 -23.38
C ARG E 211 -4.46 -15.35 -22.79
N ILE E 212 -4.19 -15.28 -21.50
CA ILE E 212 -3.75 -16.43 -20.78
C ILE E 212 -4.86 -17.44 -20.82
N SER E 213 -4.49 -18.70 -20.87
CA SER E 213 -5.49 -19.73 -20.88
C SER E 213 -4.89 -21.10 -20.71
N PRO E 214 -5.59 -21.96 -19.98
CA PRO E 214 -5.36 -23.39 -19.99
C PRO E 214 -6.20 -24.01 -21.09
N ALA E 215 -5.65 -24.96 -21.82
CA ALA E 215 -6.41 -25.54 -22.92
C ALA E 215 -7.60 -26.29 -22.40
N ALA E 216 -8.57 -25.55 -21.87
CA ALA E 216 -9.80 -26.14 -21.41
C ALA E 216 -10.81 -25.06 -21.02
N PRO E 217 -12.09 -25.45 -20.93
CA PRO E 217 -13.16 -24.52 -20.58
C PRO E 217 -12.92 -23.84 -19.25
N ASP E 218 -12.29 -24.57 -18.34
CA ASP E 218 -12.04 -24.08 -16.99
C ASP E 218 -10.77 -24.68 -16.44
N PHE E 219 -10.24 -24.06 -15.40
CA PHE E 219 -8.99 -24.48 -14.80
C PHE E 219 -9.07 -25.90 -14.30
N LEU E 220 -10.17 -26.22 -13.64
CA LEU E 220 -10.38 -27.51 -13.03
C LEU E 220 -10.24 -28.65 -14.02
N SER E 221 -10.88 -28.51 -15.16
CA SER E 221 -10.84 -29.52 -16.21
C SER E 221 -9.44 -29.74 -16.74
N SER E 222 -8.57 -28.79 -16.44
CA SER E 222 -7.24 -28.76 -17.01
C SER E 222 -6.28 -29.73 -16.34
N ASP E 223 -5.01 -29.53 -16.67
CA ASP E 223 -3.93 -30.25 -16.02
C ASP E 223 -3.48 -29.53 -14.76
N CYS E 224 -4.02 -28.34 -14.53
CA CYS E 224 -3.75 -27.62 -13.30
C CYS E 224 -4.28 -28.37 -12.13
N VAL E 225 -3.36 -28.72 -11.24
CA VAL E 225 -3.75 -29.37 -10.03
C VAL E 225 -4.12 -28.33 -8.97
N SER E 226 -3.13 -27.62 -8.47
CA SER E 226 -3.30 -26.41 -7.70
C SER E 226 -1.88 -26.00 -7.39
N CYS E 227 -1.67 -25.31 -6.27
CA CYS E 227 -0.38 -24.81 -5.80
C CYS E 227 -0.11 -23.36 -6.03
N GLY E 228 -1.09 -22.64 -6.54
CA GLY E 228 -1.10 -21.21 -6.39
C GLY E 228 0.23 -20.53 -6.54
N ALA E 229 1.09 -21.12 -7.36
CA ALA E 229 2.28 -20.46 -7.83
C ALA E 229 1.85 -19.38 -8.80
N CYS E 230 0.98 -19.79 -9.69
CA CYS E 230 0.31 -18.92 -10.61
C CYS E 230 -0.33 -17.75 -9.88
N VAL E 231 -0.81 -18.02 -8.68
CA VAL E 231 -1.48 -17.03 -7.85
C VAL E 231 -0.52 -16.17 -7.06
N GLN E 232 0.50 -16.82 -6.52
CA GLN E 232 1.51 -16.17 -5.73
C GLN E 232 2.26 -15.17 -6.57
N ALA E 233 2.21 -15.37 -7.88
CA ALA E 233 2.96 -14.51 -8.79
C ALA E 233 2.15 -13.45 -9.49
N CYS E 234 0.89 -13.73 -9.77
CA CYS E 234 0.00 -12.71 -10.34
C CYS E 234 -0.06 -11.49 -9.46
N PRO E 235 0.40 -10.34 -9.97
CA PRO E 235 0.28 -9.06 -9.29
C PRO E 235 -1.10 -8.45 -9.27
N THR E 236 -1.92 -8.75 -10.27
CA THR E 236 -3.07 -7.94 -10.54
C THR E 236 -4.41 -8.61 -10.32
N ALA E 237 -4.54 -9.39 -9.27
CA ALA E 237 -5.84 -9.84 -8.82
C ALA E 237 -6.67 -10.54 -9.87
N THR E 238 -6.05 -10.85 -10.99
CA THR E 238 -6.69 -11.61 -12.02
C THR E 238 -6.85 -13.01 -11.51
N LEU E 239 -5.74 -13.56 -11.08
CA LEU E 239 -5.71 -14.81 -10.36
C LEU E 239 -5.62 -14.50 -8.91
N VAL E 240 -6.68 -14.83 -8.18
CA VAL E 240 -6.74 -14.43 -6.80
C VAL E 240 -7.39 -15.49 -5.94
N GLU E 241 -6.94 -15.57 -4.70
CA GLU E 241 -7.51 -16.46 -3.72
C GLU E 241 -8.87 -15.96 -3.29
N LYS E 242 -9.82 -16.88 -3.20
CA LYS E 242 -11.18 -16.53 -2.86
C LYS E 242 -11.33 -16.05 -1.42
N SER E 243 -10.50 -16.60 -0.55
CA SER E 243 -10.54 -16.23 0.85
C SER E 243 -10.13 -14.79 1.04
N VAL E 244 -9.61 -14.18 -0.03
CA VAL E 244 -9.24 -12.78 -0.03
C VAL E 244 -10.34 -11.93 -0.64
N GLU E 245 -11.17 -12.58 -1.45
CA GLU E 245 -12.34 -11.92 -2.00
C GLU E 245 -13.38 -11.75 -0.92
N ARG E 246 -13.66 -12.84 -0.22
CA ARG E 246 -14.62 -12.85 0.85
C ARG E 246 -14.14 -11.99 2.00
N ILE E 247 -13.08 -12.48 2.64
CA ILE E 247 -12.42 -11.74 3.69
C ILE E 247 -11.58 -10.66 3.05
N GLY E 248 -11.15 -9.70 3.84
CA GLY E 248 -10.35 -8.61 3.34
C GLY E 248 -8.90 -8.96 3.10
N THR E 249 -8.14 -7.98 2.64
CA THR E 249 -6.73 -8.18 2.41
C THR E 249 -6.04 -8.08 3.76
N PRO E 250 -5.08 -8.98 4.02
CA PRO E 250 -4.44 -9.13 5.32
C PRO E 250 -3.48 -8.01 5.69
N GLU E 251 -2.99 -8.07 6.91
CA GLU E 251 -2.10 -7.05 7.42
C GLU E 251 -0.78 -7.64 7.87
N ARG E 252 -0.85 -8.69 8.69
CA ARG E 252 0.37 -9.26 9.24
C ARG E 252 0.70 -10.65 8.73
N LYS E 253 1.91 -11.10 9.02
CA LYS E 253 2.40 -12.38 8.53
C LYS E 253 3.08 -13.16 9.64
N VAL E 254 2.86 -14.47 9.65
CA VAL E 254 3.46 -15.30 10.68
C VAL E 254 3.98 -16.61 10.11
N VAL E 255 5.22 -16.94 10.40
CA VAL E 255 5.86 -18.07 9.76
C VAL E 255 5.59 -19.38 10.48
N THR E 256 5.21 -20.38 9.70
CA THR E 256 4.88 -21.69 10.22
C THR E 256 5.38 -22.73 9.25
N THR E 257 4.99 -23.98 9.49
CA THR E 257 5.27 -25.05 8.55
C THR E 257 4.02 -25.86 8.30
N CYS E 258 4.06 -26.64 7.23
CA CYS E 258 2.96 -27.48 6.85
C CYS E 258 2.90 -28.74 7.69
N ALA E 259 1.69 -29.26 7.85
CA ALA E 259 1.43 -30.41 8.68
C ALA E 259 1.28 -31.64 7.81
N TYR E 260 2.14 -31.72 6.82
CA TYR E 260 2.03 -32.70 5.77
C TYR E 260 3.40 -33.07 5.17
N CYS E 261 3.47 -34.23 4.54
CA CYS E 261 4.42 -34.51 3.45
C CYS E 261 5.89 -34.59 3.81
N GLY E 262 6.26 -34.13 5.00
CA GLY E 262 7.62 -34.30 5.45
C GLY E 262 8.70 -33.60 4.66
N VAL E 263 8.29 -32.66 3.82
CA VAL E 263 9.22 -31.86 3.07
C VAL E 263 9.56 -30.63 3.88
N GLY E 264 8.58 -30.15 4.62
CA GLY E 264 8.78 -29.05 5.52
C GLY E 264 8.60 -27.73 4.83
N CYS E 265 7.65 -27.70 3.92
CA CYS E 265 7.41 -26.51 3.15
C CYS E 265 6.94 -25.43 4.09
N SER E 266 7.83 -24.49 4.35
CA SER E 266 7.57 -23.35 5.23
C SER E 266 6.66 -22.31 4.63
N PHE E 267 5.73 -21.84 5.43
CA PHE E 267 4.74 -20.88 4.98
C PHE E 267 4.74 -19.66 5.85
N GLU E 268 4.11 -18.60 5.37
CA GLU E 268 3.82 -17.44 6.16
C GLU E 268 2.33 -17.23 6.03
N ALA E 269 1.65 -17.31 7.16
CA ALA E 269 0.23 -17.17 7.24
C ALA E 269 -0.12 -15.71 7.32
N HIS E 270 -0.96 -15.26 6.41
CA HIS E 270 -1.36 -13.88 6.37
C HIS E 270 -2.62 -13.72 7.17
N MET E 271 -2.62 -12.71 8.01
CA MET E 271 -3.61 -12.58 9.04
C MET E 271 -4.17 -11.17 9.10
N LEU E 272 -5.49 -11.14 9.22
CA LEU E 272 -6.26 -9.93 9.40
C LEU E 272 -6.98 -10.04 10.73
N GLY E 273 -6.32 -9.62 11.80
CA GLY E 273 -6.79 -9.89 13.14
C GLY E 273 -6.42 -11.29 13.62
N ASP E 274 -7.43 -12.15 13.67
CA ASP E 274 -7.23 -13.54 14.08
C ASP E 274 -7.82 -14.47 13.03
N GLN E 275 -8.34 -13.89 11.96
CA GLN E 275 -8.95 -14.65 10.90
C GLN E 275 -7.91 -14.97 9.85
N LEU E 276 -7.73 -16.25 9.57
CA LEU E 276 -6.73 -16.68 8.62
C LEU E 276 -7.23 -16.50 7.21
N VAL E 277 -6.60 -15.57 6.51
CA VAL E 277 -7.03 -15.18 5.19
C VAL E 277 -6.41 -16.10 4.17
N ARG E 278 -5.11 -16.35 4.34
CA ARG E 278 -4.41 -17.22 3.45
C ARG E 278 -3.07 -17.65 3.98
N MET E 279 -2.43 -18.54 3.24
CA MET E 279 -1.11 -19.04 3.58
C MET E 279 -0.27 -18.97 2.33
N VAL E 280 0.88 -18.33 2.42
CA VAL E 280 1.73 -18.17 1.25
C VAL E 280 3.16 -18.50 1.59
N PRO E 281 3.84 -19.25 0.71
CA PRO E 281 5.22 -19.60 0.97
C PRO E 281 6.14 -18.42 1.22
N TRP E 282 7.30 -18.70 1.78
CA TRP E 282 8.08 -17.70 2.48
C TRP E 282 9.34 -17.29 1.74
N LYS E 283 9.79 -18.13 0.81
CA LYS E 283 11.07 -17.94 0.16
C LYS E 283 12.18 -18.29 1.12
N GLY E 284 11.85 -19.19 2.03
CA GLY E 284 12.82 -19.70 2.97
C GLY E 284 12.64 -21.17 3.20
N GLY E 285 13.62 -21.76 3.86
CA GLY E 285 13.68 -23.20 4.00
C GLY E 285 14.32 -23.71 2.75
N ALA E 286 15.33 -24.55 2.92
CA ALA E 286 15.97 -25.17 1.76
C ALA E 286 14.99 -26.13 1.13
N ALA E 287 13.92 -26.42 1.87
CA ALA E 287 12.93 -27.38 1.47
C ALA E 287 12.01 -26.81 0.42
N ASN E 288 11.60 -25.58 0.62
CA ASN E 288 10.78 -24.89 -0.35
C ASN E 288 11.30 -23.49 -0.55
N ARG E 289 11.66 -23.17 -1.78
CA ARG E 289 12.15 -21.83 -2.06
C ARG E 289 11.03 -20.98 -2.62
N GLY E 290 9.91 -20.95 -1.92
CA GLY E 290 8.77 -20.17 -2.32
C GLY E 290 7.76 -20.94 -3.14
N HIS E 291 7.70 -22.25 -2.91
CA HIS E 291 6.79 -23.11 -3.63
C HIS E 291 6.06 -24.00 -2.65
N SER E 292 5.08 -24.74 -3.14
CA SER E 292 4.13 -25.42 -2.30
C SER E 292 3.40 -26.52 -3.01
N CYS E 293 2.29 -26.91 -2.40
CA CYS E 293 1.29 -27.72 -3.03
C CYS E 293 -0.06 -27.20 -2.65
N VAL E 294 -1.08 -27.95 -3.01
CA VAL E 294 -2.44 -27.55 -2.76
C VAL E 294 -2.82 -27.68 -1.30
N LYS E 295 -2.35 -28.76 -0.70
CA LYS E 295 -2.69 -29.11 0.66
C LYS E 295 -2.24 -28.10 1.68
N GLY E 296 -1.06 -27.57 1.49
CA GLY E 296 -0.48 -26.64 2.43
C GLY E 296 -0.94 -25.23 2.18
N ARG E 297 -0.95 -24.88 0.90
CA ARG E 297 -1.31 -23.57 0.45
C ARG E 297 -2.75 -23.25 0.78
N PHE E 298 -3.63 -24.22 0.58
CA PHE E 298 -5.05 -23.97 0.63
C PHE E 298 -5.81 -24.73 1.70
N ALA E 299 -5.52 -26.01 1.87
CA ALA E 299 -6.22 -26.81 2.85
C ALA E 299 -5.79 -26.57 4.27
N TYR E 300 -6.45 -25.62 4.92
CA TYR E 300 -6.22 -25.32 6.31
C TYR E 300 -7.56 -25.05 6.95
N GLY E 301 -8.61 -25.56 6.32
CA GLY E 301 -9.97 -25.33 6.76
C GLY E 301 -10.56 -26.40 7.64
N TYR E 302 -9.78 -27.44 7.92
CA TYR E 302 -10.20 -28.46 8.86
C TYR E 302 -10.24 -27.90 10.27
N ALA E 303 -9.50 -26.82 10.49
CA ALA E 303 -9.38 -26.24 11.81
C ALA E 303 -10.58 -25.39 12.17
N THR E 304 -11.54 -25.32 11.26
CA THR E 304 -12.67 -24.42 11.40
C THR E 304 -13.94 -25.12 10.96
N HIS E 305 -13.85 -26.45 10.91
CA HIS E 305 -14.96 -27.27 10.48
C HIS E 305 -15.91 -27.44 11.65
N GLN E 306 -17.18 -27.60 11.33
CA GLN E 306 -18.20 -27.76 12.35
C GLN E 306 -18.03 -29.08 13.08
N ASP E 307 -17.38 -30.03 12.42
CA ASP E 307 -17.25 -31.38 12.94
C ASP E 307 -16.11 -31.50 13.93
N ARG E 308 -15.30 -30.45 14.04
CA ARG E 308 -14.23 -30.47 15.02
C ARG E 308 -14.81 -30.52 16.40
N ILE E 309 -14.09 -31.18 17.30
CA ILE E 309 -14.53 -31.36 18.66
C ILE E 309 -13.71 -30.49 19.59
N LEU E 310 -14.39 -29.87 20.54
CA LEU E 310 -13.79 -28.81 21.33
C LEU E 310 -13.86 -29.07 22.82
N LYS E 311 -14.54 -30.15 23.21
CA LYS E 311 -14.65 -30.47 24.62
C LYS E 311 -14.43 -31.95 24.89
N PRO E 312 -13.76 -32.26 26.01
CA PRO E 312 -13.51 -33.65 26.38
C PRO E 312 -14.79 -34.45 26.55
N MET E 313 -14.70 -35.75 26.41
CA MET E 313 -15.87 -36.61 26.44
C MET E 313 -15.49 -37.96 27.03
N ILE E 314 -16.40 -38.54 27.79
CA ILE E 314 -16.15 -39.84 28.40
C ILE E 314 -17.39 -40.69 28.26
N ARG E 315 -17.18 -41.99 28.22
CA ARG E 315 -18.21 -42.92 27.82
C ARG E 315 -18.46 -43.94 28.90
N ASP E 316 -17.37 -44.54 29.36
CA ASP E 316 -17.40 -45.61 30.34
C ASP E 316 -17.88 -46.92 29.70
N LYS E 317 -18.31 -46.85 28.45
CA LYS E 317 -18.62 -48.05 27.68
C LYS E 317 -18.90 -47.68 26.22
N ILE E 318 -18.28 -48.41 25.30
CA ILE E 318 -18.27 -48.03 23.89
C ILE E 318 -19.65 -48.05 23.25
N THR E 319 -20.52 -48.93 23.73
CA THR E 319 -21.86 -49.02 23.18
C THR E 319 -22.65 -47.79 23.60
N ASP E 320 -22.38 -47.34 24.81
CA ASP E 320 -23.06 -46.18 25.36
C ASP E 320 -22.60 -44.94 24.60
N PRO E 321 -23.44 -43.90 24.60
CA PRO E 321 -23.11 -42.65 23.92
C PRO E 321 -22.11 -41.83 24.68
N TRP E 322 -21.66 -40.74 24.07
CA TRP E 322 -20.68 -39.88 24.70
C TRP E 322 -21.35 -38.98 25.71
N ARG E 323 -20.54 -38.17 26.37
CA ARG E 323 -21.04 -37.19 27.31
C ARG E 323 -20.07 -36.02 27.36
N GLU E 324 -20.49 -34.89 26.83
CA GLU E 324 -19.65 -33.70 26.83
C GLU E 324 -19.35 -33.34 28.27
N VAL E 325 -18.06 -33.17 28.56
CA VAL E 325 -17.58 -33.12 29.92
C VAL E 325 -16.39 -32.17 29.99
N ASN E 326 -16.15 -31.58 31.15
CA ASN E 326 -15.00 -30.70 31.32
C ASN E 326 -13.73 -31.53 31.45
N TRP E 327 -12.62 -30.85 31.71
CA TRP E 327 -11.32 -31.49 31.74
C TRP E 327 -11.08 -32.32 32.97
N THR E 328 -11.35 -31.71 34.12
CA THR E 328 -10.95 -32.24 35.40
C THR E 328 -11.48 -33.64 35.66
N GLU E 329 -12.80 -33.80 35.58
CA GLU E 329 -13.41 -35.08 35.92
C GLU E 329 -13.02 -36.13 34.89
N ALA E 330 -12.80 -35.69 33.66
CA ALA E 330 -12.39 -36.58 32.59
C ALA E 330 -11.02 -37.18 32.92
N LEU E 331 -10.08 -36.31 33.22
CA LEU E 331 -8.73 -36.73 33.58
C LEU E 331 -8.75 -37.58 34.84
N ASP E 332 -9.66 -37.26 35.75
CA ASP E 332 -9.79 -38.03 36.98
C ASP E 332 -10.17 -39.46 36.66
N PHE E 333 -11.23 -39.60 35.88
CA PHE E 333 -11.72 -40.89 35.43
C PHE E 333 -10.61 -41.68 34.77
N THR E 334 -9.93 -40.99 33.86
CA THR E 334 -8.84 -41.55 33.08
C THR E 334 -7.78 -42.14 33.99
N ALA E 335 -7.23 -41.30 34.85
CA ALA E 335 -6.12 -41.67 35.70
C ALA E 335 -6.53 -42.76 36.67
N THR E 336 -7.78 -42.71 37.12
CA THR E 336 -8.29 -43.74 38.01
C THR E 336 -8.22 -45.09 37.35
N ARG E 337 -8.83 -45.17 36.16
CA ARG E 337 -8.87 -46.43 35.43
C ARG E 337 -7.45 -46.90 35.14
N LEU E 338 -6.58 -45.94 34.84
CA LEU E 338 -5.20 -46.26 34.49
C LEU E 338 -4.48 -46.89 35.66
N ARG E 339 -4.60 -46.29 36.83
CA ARG E 339 -3.93 -46.79 38.01
C ARG E 339 -4.51 -48.15 38.38
N ALA E 340 -5.81 -48.29 38.19
CA ALA E 340 -6.47 -49.54 38.48
C ALA E 340 -5.83 -50.65 37.66
N LEU E 341 -5.70 -50.38 36.36
CA LEU E 341 -5.17 -51.36 35.43
C LEU E 341 -3.69 -51.62 35.65
N ARG E 342 -3.01 -50.59 36.07
CA ARG E 342 -1.58 -50.65 36.32
C ARG E 342 -1.29 -51.52 37.55
N ASP E 343 -2.20 -51.48 38.51
CA ASP E 343 -2.06 -52.28 39.72
C ASP E 343 -2.53 -53.71 39.45
N SER E 344 -3.49 -53.86 38.54
CA SER E 344 -4.08 -55.15 38.28
C SER E 344 -3.24 -56.03 37.35
N HIS E 345 -2.94 -55.51 36.17
CA HIS E 345 -2.24 -56.29 35.14
C HIS E 345 -0.77 -55.93 34.99
N GLY E 346 -0.34 -54.85 35.65
CA GLY E 346 1.04 -54.42 35.57
C GLY E 346 1.25 -53.23 34.65
N ALA E 347 2.39 -52.57 34.79
CA ALA E 347 2.70 -51.37 34.01
C ALA E 347 2.87 -51.71 32.53
N ASP E 348 3.27 -52.95 32.25
CA ASP E 348 3.49 -53.40 30.89
C ASP E 348 2.16 -53.61 30.18
N ALA E 349 1.07 -53.44 30.91
CA ALA E 349 -0.27 -53.56 30.36
C ALA E 349 -0.76 -52.24 29.82
N LEU E 350 0.13 -51.25 29.77
CA LEU E 350 -0.20 -49.95 29.22
C LEU E 350 0.55 -49.70 27.94
N GLY E 351 0.41 -48.48 27.42
CA GLY E 351 1.10 -48.10 26.21
C GLY E 351 0.60 -46.81 25.62
N VAL E 352 1.37 -46.27 24.68
CA VAL E 352 0.99 -45.07 23.98
C VAL E 352 1.21 -45.25 22.50
N ILE E 353 0.76 -44.27 21.73
CA ILE E 353 1.02 -44.22 20.31
C ILE E 353 1.21 -42.77 19.94
N THR E 354 2.45 -42.40 19.69
CA THR E 354 2.80 -41.02 19.41
C THR E 354 2.32 -40.62 18.02
N SER E 355 2.21 -39.32 17.78
CA SER E 355 1.80 -38.84 16.47
C SER E 355 2.89 -38.00 15.86
N SER E 356 3.31 -38.42 14.68
CA SER E 356 4.29 -37.69 13.91
C SER E 356 3.74 -36.32 13.54
N ARG E 357 2.44 -36.27 13.33
CA ARG E 357 1.77 -35.04 12.97
C ARG E 357 2.03 -33.98 14.01
N CYS E 358 2.27 -34.43 15.24
CA CYS E 358 2.54 -33.55 16.36
C CYS E 358 3.98 -33.08 16.35
N THR E 359 4.30 -32.14 17.23
CA THR E 359 5.67 -31.65 17.34
C THR E 359 6.56 -32.71 17.96
N ASN E 360 7.83 -32.38 18.14
CA ASN E 360 8.79 -33.28 18.74
C ASN E 360 8.78 -33.10 20.25
N GLU E 361 8.36 -31.92 20.67
CA GLU E 361 8.22 -31.63 22.08
C GLU E 361 7.16 -32.52 22.73
N GLU E 362 5.99 -32.53 22.12
CA GLU E 362 4.87 -33.32 22.59
C GLU E 362 5.22 -34.79 22.53
N THR E 363 6.00 -35.13 21.53
CA THR E 363 6.49 -36.48 21.34
C THR E 363 7.33 -36.93 22.53
N TYR E 364 8.26 -36.05 22.89
CA TYR E 364 9.13 -36.26 24.04
C TYR E 364 8.32 -36.41 25.32
N LEU E 365 7.35 -35.52 25.49
CA LEU E 365 6.46 -35.60 26.65
C LEU E 365 5.72 -36.92 26.72
N VAL E 366 5.29 -37.41 25.57
CA VAL E 366 4.47 -38.61 25.55
C VAL E 366 5.32 -39.81 25.89
N GLN E 367 6.51 -39.87 25.32
CA GLN E 367 7.38 -41.01 25.60
C GLN E 367 7.83 -40.96 27.05
N LYS E 368 7.95 -39.76 27.61
CA LYS E 368 8.23 -39.62 29.03
C LYS E 368 7.07 -40.21 29.82
N LEU E 369 5.87 -39.80 29.45
CA LEU E 369 4.65 -40.24 30.12
C LEU E 369 4.58 -41.75 30.11
N ALA E 370 5.11 -42.33 29.05
CA ALA E 370 5.05 -43.77 28.88
C ALA E 370 6.15 -44.46 29.66
N ARG E 371 7.27 -43.79 29.84
CA ARG E 371 8.41 -44.40 30.51
C ARG E 371 8.50 -43.98 31.97
N ALA E 372 8.51 -42.68 32.19
CA ALA E 372 8.68 -42.13 33.53
C ALA E 372 7.48 -42.42 34.41
N VAL E 373 6.29 -42.21 33.86
CA VAL E 373 5.06 -42.28 34.62
C VAL E 373 4.46 -43.68 34.68
N PHE E 374 4.00 -44.17 33.53
CA PHE E 374 3.37 -45.47 33.47
C PHE E 374 4.34 -46.52 33.99
N GLY E 375 5.62 -46.35 33.62
CA GLY E 375 6.65 -47.27 34.03
C GLY E 375 6.85 -48.40 33.05
N THR E 376 7.02 -48.05 31.78
CA THR E 376 7.20 -49.05 30.73
C THR E 376 8.00 -48.53 29.56
N ASN E 377 8.05 -49.32 28.50
CA ASN E 377 8.73 -48.95 27.26
C ASN E 377 7.78 -49.15 26.09
N ASN E 378 6.54 -49.46 26.39
CA ASN E 378 5.55 -49.72 25.35
C ASN E 378 5.01 -48.43 24.73
N THR E 379 5.86 -47.76 23.96
CA THR E 379 5.41 -46.67 23.11
C THR E 379 5.68 -47.03 21.64
N ASP E 380 5.17 -46.21 20.74
CA ASP E 380 5.38 -46.43 19.31
C ASP E 380 4.90 -45.24 18.51
N THR E 381 4.89 -45.38 17.19
CA THR E 381 4.41 -44.31 16.33
C THR E 381 4.14 -44.80 14.93
N CYS E 382 3.88 -43.87 14.02
CA CYS E 382 3.48 -44.19 12.66
C CYS E 382 4.63 -44.77 11.85
N ALA E 383 5.84 -44.61 12.33
CA ALA E 383 7.01 -44.99 11.58
C ALA E 383 7.25 -46.49 11.54
N ARG E 384 6.52 -47.27 12.34
CA ARG E 384 6.63 -48.71 12.22
C ARG E 384 6.20 -49.15 10.85
N VAL E 385 5.37 -48.34 10.22
CA VAL E 385 4.72 -48.73 8.98
C VAL E 385 5.22 -47.86 7.83
N CYS E 386 5.84 -46.74 8.16
CA CYS E 386 6.53 -45.92 7.16
C CYS E 386 7.96 -45.69 7.56
N HIS E 387 8.86 -46.42 6.92
CA HIS E 387 10.30 -46.23 7.04
C HIS E 387 10.88 -46.66 8.37
N SER E 388 10.51 -47.85 8.84
CA SER E 388 11.27 -48.47 9.92
C SER E 388 12.44 -49.29 9.40
N PRO E 389 12.23 -50.08 8.33
CA PRO E 389 13.33 -50.90 7.84
C PRO E 389 14.53 -50.07 7.47
N THR E 390 14.23 -48.85 7.06
CA THR E 390 15.24 -47.89 6.71
C THR E 390 16.21 -47.67 7.85
N GLY E 391 15.63 -47.49 9.03
CA GLY E 391 16.39 -47.14 10.21
C GLY E 391 17.14 -48.33 10.76
N TYR E 392 16.93 -49.49 10.15
CA TYR E 392 17.67 -50.68 10.50
C TYR E 392 18.81 -50.90 9.53
N GLY E 393 18.49 -50.85 8.25
CA GLY E 393 19.49 -51.03 7.22
C GLY E 393 20.57 -49.98 7.26
N LEU E 394 20.16 -48.72 7.22
CA LEU E 394 21.11 -47.63 7.22
C LEU E 394 21.90 -47.58 8.53
N LYS E 395 21.43 -48.32 9.52
CA LYS E 395 22.07 -48.33 10.81
C LYS E 395 23.10 -49.43 10.84
N GLN E 396 22.79 -50.51 10.17
CA GLN E 396 23.67 -51.65 10.09
C GLN E 396 24.81 -51.39 9.11
N THR E 397 24.55 -50.48 8.18
CA THR E 397 25.54 -50.15 7.16
C THR E 397 26.34 -48.90 7.48
N PHE E 398 25.66 -47.77 7.65
CA PHE E 398 26.34 -46.50 7.84
C PHE E 398 26.55 -46.17 9.31
N GLY E 399 25.46 -46.04 10.04
CA GLY E 399 25.51 -45.72 11.46
C GLY E 399 24.37 -44.82 11.90
N THR E 400 23.65 -44.27 10.92
CA THR E 400 22.49 -43.43 11.21
C THR E 400 21.20 -43.98 10.62
N SER E 401 20.12 -43.88 11.38
CA SER E 401 18.80 -44.18 10.87
C SER E 401 18.16 -42.91 10.34
N ALA E 402 18.85 -42.24 9.41
CA ALA E 402 18.36 -40.98 8.87
C ALA E 402 18.88 -40.72 7.46
N GLY E 403 18.42 -39.63 6.86
CA GLY E 403 18.80 -39.28 5.51
C GLY E 403 20.29 -39.07 5.36
N THR E 404 20.69 -38.62 4.18
CA THR E 404 22.10 -38.44 3.87
C THR E 404 22.40 -37.05 3.34
N GLN E 405 21.39 -36.44 2.73
CA GLN E 405 21.57 -35.17 2.05
C GLN E 405 20.36 -34.27 2.26
N ASP E 406 20.47 -33.05 1.74
CA ASP E 406 19.35 -32.12 1.73
C ASP E 406 18.54 -32.33 0.46
N PHE E 407 17.68 -31.37 0.17
CA PHE E 407 16.95 -31.35 -1.09
C PHE E 407 17.58 -30.38 -2.07
N ASP E 408 18.55 -29.61 -1.59
CA ASP E 408 19.29 -28.70 -2.43
C ASP E 408 20.39 -29.42 -3.20
N SER E 409 20.66 -30.66 -2.78
CA SER E 409 21.68 -31.48 -3.41
C SER E 409 21.31 -31.88 -4.82
N VAL E 410 20.04 -32.18 -5.01
CA VAL E 410 19.53 -32.66 -6.30
C VAL E 410 19.91 -31.71 -7.41
N GLU E 411 20.07 -30.44 -7.06
CA GLU E 411 20.44 -29.41 -8.02
C GLU E 411 21.78 -29.70 -8.67
N GLU E 412 22.55 -30.57 -8.03
CA GLU E 412 23.92 -30.82 -8.43
C GLU E 412 24.12 -32.23 -8.95
N THR E 413 23.06 -33.02 -8.93
CA THR E 413 23.15 -34.39 -9.41
C THR E 413 23.08 -34.44 -10.92
N ASP E 414 23.45 -35.59 -11.44
CA ASP E 414 23.48 -35.81 -12.88
C ASP E 414 22.68 -37.04 -13.21
N LEU E 415 22.03 -37.60 -12.19
CA LEU E 415 21.19 -38.77 -12.38
C LEU E 415 20.38 -39.07 -11.15
N ALA E 416 19.16 -39.55 -11.37
CA ALA E 416 18.23 -39.84 -10.31
C ALA E 416 17.69 -41.24 -10.45
N LEU E 417 17.90 -42.05 -9.43
CA LEU E 417 17.38 -43.39 -9.40
C LEU E 417 16.30 -43.46 -8.34
N VAL E 418 15.10 -43.78 -8.77
CA VAL E 418 13.94 -43.71 -7.91
C VAL E 418 13.33 -45.08 -7.75
N ILE E 419 13.46 -45.63 -6.55
CA ILE E 419 12.89 -46.91 -6.24
C ILE E 419 11.74 -46.71 -5.29
N GLY E 420 10.56 -47.16 -5.68
CA GLY E 420 9.40 -47.06 -4.82
C GLY E 420 9.08 -45.66 -4.37
N ALA E 421 8.75 -44.79 -5.30
CA ALA E 421 8.27 -43.48 -4.93
C ALA E 421 7.51 -42.79 -6.04
N ASN E 422 6.64 -41.87 -5.64
CA ASN E 422 5.84 -41.09 -6.57
C ASN E 422 5.80 -39.66 -6.05
N PRO E 423 6.94 -38.97 -6.15
CA PRO E 423 7.16 -37.64 -5.59
C PRO E 423 6.20 -36.58 -6.07
N THR E 424 5.45 -36.85 -7.11
CA THR E 424 4.53 -35.86 -7.62
C THR E 424 3.28 -35.79 -6.77
N ASP E 425 3.08 -36.83 -5.99
CA ASP E 425 1.89 -36.97 -5.19
C ASP E 425 2.27 -36.99 -3.73
N GLY E 426 3.26 -37.82 -3.41
CA GLY E 426 3.88 -37.82 -2.12
C GLY E 426 4.58 -36.53 -1.74
N HIS E 427 5.65 -36.22 -2.45
CA HIS E 427 6.45 -35.05 -2.16
C HIS E 427 6.60 -34.11 -3.34
N PRO E 428 5.54 -33.35 -3.65
CA PRO E 428 5.42 -32.51 -4.83
C PRO E 428 6.53 -31.51 -5.02
N VAL E 429 6.85 -30.80 -3.96
CA VAL E 429 7.82 -29.72 -4.00
C VAL E 429 9.22 -30.22 -4.27
N PHE E 430 9.45 -31.49 -3.99
CA PHE E 430 10.71 -32.11 -4.29
C PHE E 430 10.75 -32.51 -5.75
N ALA E 431 9.62 -33.01 -6.22
CA ALA E 431 9.50 -33.44 -7.60
C ALA E 431 9.67 -32.26 -8.52
N SER E 432 9.27 -31.08 -8.05
CA SER E 432 9.46 -29.89 -8.84
C SER E 432 10.93 -29.65 -9.11
N ARG E 433 11.71 -29.69 -8.03
CA ARG E 433 13.13 -29.43 -8.10
C ARG E 433 13.85 -30.53 -8.86
N LEU E 434 13.22 -31.68 -8.87
CA LEU E 434 13.72 -32.80 -9.65
C LEU E 434 13.51 -32.60 -11.13
N ARG E 435 12.32 -32.13 -11.48
CA ARG E 435 11.98 -31.88 -12.87
C ARG E 435 12.81 -30.73 -13.40
N LYS E 436 13.11 -29.78 -12.53
CA LYS E 436 13.92 -28.64 -12.91
C LYS E 436 15.27 -29.10 -13.40
N ARG E 437 15.71 -30.23 -12.87
CA ARG E 437 17.00 -30.79 -13.16
C ARG E 437 16.93 -31.75 -14.33
N LEU E 438 15.80 -32.44 -14.42
CA LEU E 438 15.55 -33.32 -15.55
C LEU E 438 15.49 -32.55 -16.85
N ARG E 439 14.83 -31.41 -16.80
CA ARG E 439 14.69 -30.54 -17.95
C ARG E 439 16.01 -29.87 -18.29
N ALA E 440 16.98 -30.01 -17.38
CA ALA E 440 18.28 -29.40 -17.56
C ALA E 440 19.33 -30.46 -17.86
N GLY E 441 18.87 -31.60 -18.36
CA GLY E 441 19.77 -32.61 -18.87
C GLY E 441 19.86 -33.90 -18.09
N ALA E 442 19.71 -33.83 -16.78
CA ALA E 442 19.87 -34.99 -15.92
C ALA E 442 19.01 -36.16 -16.38
N LYS E 443 19.34 -37.35 -15.89
CA LYS E 443 18.71 -38.56 -16.35
C LYS E 443 17.95 -39.25 -15.24
N LEU E 444 17.09 -40.18 -15.63
CA LEU E 444 16.15 -40.79 -14.70
C LEU E 444 16.02 -42.29 -14.89
N ILE E 445 16.05 -43.01 -13.77
CA ILE E 445 15.70 -44.42 -13.76
C ILE E 445 14.58 -44.59 -12.76
N VAL E 446 13.53 -45.29 -13.18
CA VAL E 446 12.38 -45.54 -12.33
C VAL E 446 12.11 -47.03 -12.28
N VAL E 447 11.90 -47.55 -11.08
CA VAL E 447 11.85 -48.98 -10.87
C VAL E 447 10.48 -49.45 -10.40
N ASP E 448 9.50 -48.55 -10.45
CA ASP E 448 8.16 -48.91 -10.06
C ASP E 448 7.50 -49.77 -11.13
N PRO E 449 6.44 -50.51 -10.76
CA PRO E 449 5.58 -51.30 -11.64
C PRO E 449 4.39 -50.52 -12.13
N ARG E 450 4.44 -49.21 -11.91
CA ARG E 450 3.26 -48.37 -12.07
C ARG E 450 3.73 -47.04 -12.63
N ARG E 451 3.39 -46.77 -13.88
CA ARG E 451 3.86 -45.56 -14.54
C ARG E 451 3.46 -44.33 -13.78
N ILE E 452 4.46 -43.64 -13.28
CA ILE E 452 4.24 -42.46 -12.46
C ILE E 452 4.38 -41.22 -13.33
N ASP E 453 3.81 -40.12 -12.87
CA ASP E 453 3.75 -38.90 -13.65
C ASP E 453 5.09 -38.19 -13.69
N LEU E 454 6.07 -38.72 -12.97
CA LEU E 454 7.41 -38.19 -13.00
C LEU E 454 8.10 -38.60 -14.28
N LEU E 455 7.59 -39.68 -14.85
CA LEU E 455 8.12 -40.23 -16.08
C LEU E 455 7.61 -39.47 -17.27
N ASN E 456 6.40 -38.95 -17.13
CA ASN E 456 5.76 -38.19 -18.18
C ASN E 456 5.90 -36.72 -17.89
N THR E 457 7.00 -36.32 -17.28
CA THR E 457 7.23 -34.90 -17.08
C THR E 457 7.61 -34.27 -18.41
N PRO E 458 7.26 -32.99 -18.59
CA PRO E 458 7.55 -32.29 -19.84
C PRO E 458 9.00 -31.90 -20.01
N HIS E 459 9.46 -31.89 -21.26
CA HIS E 459 10.84 -31.50 -21.57
C HIS E 459 11.81 -32.43 -20.88
N ARG E 460 11.36 -33.63 -20.60
CA ARG E 460 12.18 -34.63 -19.94
C ARG E 460 13.38 -34.97 -20.77
N GLY E 461 14.49 -35.26 -20.09
CA GLY E 461 15.66 -35.78 -20.75
C GLY E 461 15.48 -37.24 -21.03
N GLU E 462 16.53 -38.03 -20.79
CA GLU E 462 16.45 -39.46 -20.98
C GLU E 462 15.76 -40.13 -19.80
N ALA E 463 15.13 -41.27 -20.05
CA ALA E 463 14.44 -41.99 -19.00
C ALA E 463 14.39 -43.48 -19.24
N TRP E 464 14.69 -44.24 -18.20
CA TRP E 464 14.53 -45.68 -18.22
C TRP E 464 13.51 -46.08 -17.18
N HIS E 465 12.67 -47.04 -17.53
CA HIS E 465 11.63 -47.50 -16.66
C HIS E 465 11.62 -49.01 -16.51
N LEU E 466 11.92 -49.47 -15.30
CA LEU E 466 11.88 -50.88 -15.00
C LEU E 466 10.55 -51.25 -14.40
N GLN E 467 9.61 -51.62 -15.25
CA GLN E 467 8.27 -51.94 -14.80
C GLN E 467 8.22 -53.40 -14.41
N LEU E 468 8.50 -53.63 -13.13
CA LEU E 468 8.67 -54.96 -12.59
C LEU E 468 7.42 -55.48 -11.93
N LYS E 469 7.55 -56.61 -11.25
CA LYS E 469 6.48 -57.19 -10.47
C LYS E 469 6.72 -56.91 -8.99
N PRO E 470 5.71 -56.40 -8.28
CA PRO E 470 5.91 -55.97 -6.89
C PRO E 470 6.38 -57.09 -5.99
N GLY E 471 7.36 -56.78 -5.14
CA GLY E 471 7.96 -57.79 -4.29
C GLY E 471 9.38 -58.09 -4.71
N THR E 472 9.59 -58.11 -6.01
CA THR E 472 10.88 -58.40 -6.58
C THR E 472 11.68 -57.12 -6.75
N ASN E 473 12.18 -56.61 -5.64
CA ASN E 473 12.84 -55.32 -5.60
C ASN E 473 14.28 -55.44 -5.18
N VAL E 474 14.60 -56.57 -4.57
CA VAL E 474 15.95 -56.87 -4.13
C VAL E 474 16.68 -57.64 -5.22
N ALA E 475 15.93 -58.42 -5.97
CA ALA E 475 16.49 -59.22 -7.05
C ALA E 475 17.11 -58.30 -8.06
N VAL E 476 16.36 -57.25 -8.38
CA VAL E 476 16.74 -56.26 -9.34
C VAL E 476 18.02 -55.53 -8.92
N MET E 477 18.10 -55.18 -7.65
CA MET E 477 19.27 -54.50 -7.12
C MET E 477 20.48 -55.41 -7.15
N THR E 478 20.25 -56.65 -6.79
CA THR E 478 21.31 -57.65 -6.78
C THR E 478 21.85 -57.81 -8.19
N ALA E 479 20.95 -57.76 -9.17
CA ALA E 479 21.34 -57.93 -10.55
C ALA E 479 22.10 -56.71 -11.04
N MET E 480 21.67 -55.54 -10.62
CA MET E 480 22.42 -54.32 -10.89
C MET E 480 23.85 -54.44 -10.40
N ALA E 481 23.99 -54.94 -9.18
CA ALA E 481 25.30 -55.10 -8.56
C ALA E 481 26.11 -56.17 -9.30
N HIS E 482 25.42 -57.20 -9.74
CA HIS E 482 26.05 -58.28 -10.49
C HIS E 482 26.63 -57.74 -11.76
N VAL E 483 25.87 -56.86 -12.41
CA VAL E 483 26.31 -56.21 -13.62
C VAL E 483 27.54 -55.38 -13.34
N ILE E 484 27.45 -54.55 -12.31
CA ILE E 484 28.54 -53.64 -12.00
C ILE E 484 29.82 -54.38 -11.66
N VAL E 485 29.69 -55.55 -11.03
CA VAL E 485 30.86 -56.28 -10.56
C VAL E 485 31.41 -57.18 -11.65
N THR E 486 30.52 -57.75 -12.45
CA THR E 486 30.90 -58.56 -13.59
C THR E 486 31.76 -57.71 -14.51
N GLU E 487 31.19 -56.56 -14.89
CA GLU E 487 31.96 -55.48 -15.46
C GLU E 487 32.82 -54.88 -14.37
N GLN E 488 33.60 -53.87 -14.71
CA GLN E 488 34.43 -53.19 -13.72
C GLN E 488 34.22 -51.70 -13.84
N ILE E 489 33.22 -51.20 -13.12
CA ILE E 489 32.79 -49.83 -13.24
C ILE E 489 32.87 -49.14 -11.89
N PHE E 490 32.83 -49.93 -10.82
CA PHE E 490 32.81 -49.39 -9.47
C PHE E 490 34.07 -48.62 -9.17
N ASP E 491 34.01 -47.88 -8.07
CA ASP E 491 35.13 -47.07 -7.61
C ASP E 491 35.91 -47.83 -6.55
N LYS E 492 37.19 -48.05 -6.81
CA LYS E 492 38.04 -48.83 -5.91
C LYS E 492 38.63 -47.93 -4.84
N ARG E 493 38.91 -46.70 -5.22
CA ARG E 493 39.46 -45.73 -4.31
C ARG E 493 38.52 -45.53 -3.15
N PHE E 494 37.24 -45.35 -3.49
CA PHE E 494 36.23 -45.08 -2.49
C PHE E 494 36.13 -46.23 -1.51
N ILE E 495 36.12 -47.45 -2.06
CA ILE E 495 35.99 -48.64 -1.24
C ILE E 495 37.16 -48.74 -0.28
N GLY E 496 38.37 -48.55 -0.80
CA GLY E 496 39.56 -48.66 0.02
C GLY E 496 39.60 -47.60 1.10
N ASP E 497 39.06 -46.42 0.79
CA ASP E 497 39.20 -45.28 1.67
C ASP E 497 38.14 -45.24 2.76
N ARG E 498 36.88 -45.17 2.34
CA ARG E 498 35.78 -44.90 3.25
C ARG E 498 35.11 -46.18 3.74
N CYS E 499 35.32 -47.28 3.02
CA CYS E 499 34.77 -48.57 3.41
C CYS E 499 35.86 -49.58 3.67
N ASP E 500 35.47 -50.82 3.92
CA ASP E 500 36.40 -51.90 4.17
C ASP E 500 36.63 -52.70 2.89
N TRP E 501 37.73 -53.43 2.85
CA TRP E 501 38.07 -54.21 1.66
C TRP E 501 37.82 -55.69 1.88
N ASP E 502 37.96 -56.14 3.12
CA ASP E 502 37.79 -57.55 3.43
C ASP E 502 36.37 -57.96 3.13
N GLU E 503 35.45 -57.02 3.30
CA GLU E 503 34.03 -57.28 3.16
C GLU E 503 33.61 -57.09 1.71
N TRP E 504 34.28 -56.16 1.04
CA TRP E 504 34.01 -55.87 -0.37
C TRP E 504 34.29 -57.10 -1.22
N ALA E 505 35.38 -57.79 -0.90
CA ALA E 505 35.74 -59.01 -1.61
C ALA E 505 34.64 -60.05 -1.51
N ASP E 506 34.17 -60.26 -0.29
CA ASP E 506 33.14 -61.25 -0.04
C ASP E 506 31.87 -60.88 -0.78
N TYR E 507 31.50 -59.62 -0.70
CA TYR E 507 30.31 -59.15 -1.37
C TYR E 507 30.40 -59.36 -2.86
N ALA E 508 31.57 -59.09 -3.42
CA ALA E 508 31.77 -59.17 -4.85
C ALA E 508 31.68 -60.63 -5.29
N GLU E 509 32.27 -61.50 -4.49
CA GLU E 509 32.29 -62.91 -4.79
C GLU E 509 30.91 -63.52 -4.67
N PHE E 510 30.08 -62.91 -3.83
CA PHE E 510 28.71 -63.34 -3.64
C PHE E 510 27.85 -62.92 -4.80
N VAL E 511 27.92 -61.63 -5.09
CA VAL E 511 27.12 -60.99 -6.12
C VAL E 511 27.52 -61.47 -7.50
N ALA E 512 28.79 -61.80 -7.67
CA ALA E 512 29.32 -62.16 -8.96
C ALA E 512 28.71 -63.45 -9.48
N ASN E 513 27.96 -64.12 -8.63
CA ASN E 513 27.29 -65.36 -9.00
C ASN E 513 26.37 -65.09 -10.18
N PRO E 514 26.29 -66.06 -11.11
CA PRO E 514 25.48 -65.90 -12.31
C PRO E 514 24.00 -66.14 -12.07
N GLU E 515 23.65 -66.52 -10.86
CA GLU E 515 22.26 -66.79 -10.52
C GLU E 515 21.55 -65.48 -10.25
N TYR E 516 22.30 -64.52 -9.72
CA TYR E 516 21.79 -63.19 -9.48
C TYR E 516 21.96 -62.31 -10.71
N ALA E 517 22.03 -62.92 -11.88
CA ALA E 517 22.24 -62.18 -13.11
C ALA E 517 20.91 -61.78 -13.74
N PRO E 518 20.89 -60.66 -14.47
CA PRO E 518 19.68 -60.11 -15.08
C PRO E 518 18.99 -61.03 -16.06
N GLU E 519 19.75 -61.99 -16.58
CA GLU E 519 19.26 -62.88 -17.62
C GLU E 519 18.33 -63.94 -17.06
N ALA E 520 18.38 -64.15 -15.75
CA ALA E 520 17.60 -65.18 -15.09
C ALA E 520 16.40 -64.59 -14.38
N VAL E 521 16.62 -63.46 -13.73
CA VAL E 521 15.60 -62.81 -12.93
C VAL E 521 14.50 -62.25 -13.82
N GLU E 522 14.80 -62.07 -15.10
CA GLU E 522 13.85 -61.54 -16.06
C GLU E 522 12.55 -62.35 -16.06
N SER E 523 12.66 -63.61 -15.68
CA SER E 523 11.51 -64.51 -15.67
C SER E 523 10.55 -64.14 -14.55
N LEU E 524 11.07 -64.09 -13.33
CA LEU E 524 10.26 -63.82 -12.15
C LEU E 524 10.00 -62.34 -11.95
N THR E 525 10.89 -61.51 -12.47
CA THR E 525 10.83 -60.08 -12.25
C THR E 525 9.89 -59.40 -13.23
N GLY E 526 10.00 -59.78 -14.49
CA GLY E 526 9.14 -59.23 -15.52
C GLY E 526 9.83 -58.11 -16.29
N VAL E 527 10.92 -57.60 -15.73
CA VAL E 527 11.68 -56.57 -16.39
C VAL E 527 12.57 -57.21 -17.44
N PRO E 528 12.84 -56.50 -18.55
CA PRO E 528 13.80 -57.04 -19.50
C PRO E 528 15.22 -57.04 -18.98
N ALA E 529 16.11 -57.71 -19.69
CA ALA E 529 17.50 -57.84 -19.28
C ALA E 529 18.36 -56.68 -19.79
N GLY E 530 18.26 -56.42 -21.09
CA GLY E 530 19.07 -55.39 -21.72
C GLY E 530 18.85 -54.05 -21.08
N LEU E 531 17.60 -53.78 -20.76
CA LEU E 531 17.20 -52.51 -20.17
C LEU E 531 17.87 -52.32 -18.83
N LEU E 532 17.89 -53.40 -18.06
CA LEU E 532 18.50 -53.41 -16.75
C LEU E 532 19.99 -53.17 -16.85
N ARG E 533 20.64 -53.88 -17.78
CA ARG E 533 22.06 -53.71 -17.98
C ARG E 533 22.38 -52.26 -18.30
N GLN E 534 21.56 -51.69 -19.18
CA GLN E 534 21.74 -50.32 -19.64
C GLN E 534 21.64 -49.35 -18.48
N ALA E 535 20.59 -49.52 -17.70
CA ALA E 535 20.34 -48.67 -16.55
C ALA E 535 21.48 -48.73 -15.56
N ALA E 536 22.00 -49.94 -15.35
CA ALA E 536 23.07 -50.14 -14.40
C ALA E 536 24.32 -49.45 -14.87
N ARG E 537 24.63 -49.61 -16.14
CA ARG E 537 25.79 -48.98 -16.73
C ARG E 537 25.68 -47.48 -16.59
N ALA E 538 24.48 -46.97 -16.80
CA ALA E 538 24.23 -45.55 -16.76
C ALA E 538 24.39 -44.99 -15.36
N TYR E 539 23.94 -45.74 -14.38
CA TYR E 539 24.06 -45.33 -12.99
C TYR E 539 25.51 -45.36 -12.56
N ALA E 540 26.21 -46.41 -12.95
CA ALA E 540 27.57 -46.64 -12.53
C ALA E 540 28.54 -45.70 -13.23
N ALA E 541 28.11 -45.20 -14.38
CA ALA E 541 28.96 -44.37 -15.22
C ALA E 541 28.93 -42.93 -14.79
N ALA E 542 27.76 -42.48 -14.33
CA ALA E 542 27.56 -41.08 -14.04
C ALA E 542 28.48 -40.59 -12.93
N PRO E 543 28.84 -39.30 -12.97
CA PRO E 543 29.71 -38.74 -11.94
C PRO E 543 29.03 -38.63 -10.59
N ASN E 544 27.88 -37.97 -10.60
CA ASN E 544 27.13 -37.73 -9.39
C ASN E 544 25.71 -38.23 -9.56
N ALA E 545 25.42 -39.38 -8.97
CA ALA E 545 24.09 -39.96 -9.04
C ALA E 545 23.47 -39.97 -7.66
N ALA E 546 22.15 -39.99 -7.60
CA ALA E 546 21.46 -39.94 -6.33
C ALA E 546 20.24 -40.85 -6.32
N ILE E 547 20.05 -41.53 -5.20
CA ILE E 547 18.95 -42.44 -5.03
C ILE E 547 17.93 -41.85 -4.11
N TYR E 548 16.67 -41.90 -4.53
CA TYR E 548 15.57 -41.45 -3.71
C TYR E 548 14.53 -42.56 -3.62
N TYR E 549 14.41 -43.18 -2.46
CA TYR E 549 13.50 -44.30 -2.32
C TYR E 549 12.42 -44.06 -1.29
N GLY E 550 11.36 -44.83 -1.38
CA GLY E 550 10.22 -44.70 -0.51
C GLY E 550 9.64 -46.01 -0.03
N LEU E 551 8.35 -46.16 -0.22
CA LEU E 551 7.60 -47.26 0.36
C LEU E 551 7.52 -48.51 -0.48
N GLY E 552 8.10 -48.47 -1.66
CA GLY E 552 8.07 -49.64 -2.50
C GLY E 552 9.08 -50.66 -2.06
N VAL E 553 10.05 -50.19 -1.30
CA VAL E 553 11.11 -51.05 -0.81
C VAL E 553 10.85 -51.49 0.62
N THR E 554 10.42 -50.56 1.45
CA THR E 554 10.23 -50.79 2.86
C THR E 554 9.08 -51.73 3.15
N GLU E 555 7.89 -51.27 2.78
CA GLU E 555 6.69 -52.01 3.08
C GLU E 555 6.66 -53.29 2.30
N HIS E 556 7.46 -54.24 2.74
CA HIS E 556 7.52 -55.55 2.14
C HIS E 556 8.12 -56.54 3.12
N SER E 557 8.06 -57.81 2.75
CA SER E 557 8.61 -58.87 3.56
C SER E 557 10.13 -58.80 3.57
N GLN E 558 10.69 -58.03 2.63
CA GLN E 558 12.11 -57.73 2.62
C GLN E 558 12.32 -56.25 2.36
N GLY E 559 12.29 -55.47 3.43
CA GLY E 559 12.49 -54.04 3.33
C GLY E 559 13.87 -53.62 3.78
N SER E 560 14.27 -54.17 4.91
CA SER E 560 15.56 -53.88 5.49
C SER E 560 16.63 -54.38 4.54
N THR E 561 16.38 -55.57 4.01
CA THR E 561 17.26 -56.22 3.06
C THR E 561 17.47 -55.35 1.84
N THR E 562 16.37 -54.84 1.31
CA THR E 562 16.39 -54.00 0.14
C THR E 562 17.14 -52.70 0.38
N VAL E 563 16.87 -52.07 1.51
CA VAL E 563 17.53 -50.83 1.85
C VAL E 563 19.02 -51.03 1.94
N ILE E 564 19.40 -52.16 2.51
CA ILE E 564 20.79 -52.54 2.64
C ILE E 564 21.42 -52.71 1.26
N ALA E 565 20.71 -53.38 0.36
CA ALA E 565 21.18 -53.60 -0.99
C ALA E 565 21.44 -52.28 -1.68
N ILE E 566 20.53 -51.35 -1.43
CA ILE E 566 20.58 -50.04 -2.04
C ILE E 566 21.81 -49.28 -1.55
N ALA E 567 22.04 -49.34 -0.25
CA ALA E 567 23.21 -48.66 0.31
C ALA E 567 24.48 -49.31 -0.20
N ASN E 568 24.44 -50.62 -0.40
CA ASN E 568 25.57 -51.33 -0.99
C ASN E 568 25.90 -50.79 -2.36
N LEU E 569 24.88 -50.65 -3.20
CA LEU E 569 25.08 -50.05 -4.52
C LEU E 569 25.69 -48.66 -4.39
N ALA E 570 25.13 -47.87 -3.50
CA ALA E 570 25.56 -46.48 -3.36
C ALA E 570 27.01 -46.39 -2.91
N MET E 571 27.45 -47.37 -2.14
CA MET E 571 28.82 -47.36 -1.62
C MET E 571 29.78 -47.93 -2.65
N MET E 572 29.29 -48.91 -3.39
CA MET E 572 30.04 -49.54 -4.46
C MET E 572 30.40 -48.53 -5.54
N THR E 573 29.41 -47.77 -5.96
CA THR E 573 29.58 -46.86 -7.06
C THR E 573 30.32 -45.60 -6.64
N GLY E 574 30.11 -45.19 -5.39
CA GLY E 574 30.84 -44.07 -4.83
C GLY E 574 30.00 -42.82 -4.74
N ASN E 575 28.69 -43.00 -4.78
CA ASN E 575 27.76 -41.89 -4.79
C ASN E 575 27.37 -41.48 -3.39
N ILE E 576 28.35 -41.29 -2.52
CA ILE E 576 28.09 -40.98 -1.12
C ILE E 576 29.08 -39.97 -0.58
N GLY E 577 28.60 -39.08 0.28
CA GLY E 577 29.47 -38.14 0.96
C GLY E 577 29.80 -36.95 0.09
N ARG E 578 28.80 -36.44 -0.60
CA ARG E 578 28.99 -35.34 -1.52
C ARG E 578 27.65 -34.75 -1.91
N PRO E 579 27.60 -33.43 -2.16
CA PRO E 579 26.37 -32.82 -2.64
C PRO E 579 26.05 -33.26 -4.06
N GLY E 580 24.89 -33.86 -4.25
CA GLY E 580 24.48 -34.35 -5.54
C GLY E 580 24.30 -35.85 -5.54
N VAL E 581 24.74 -36.49 -4.46
CA VAL E 581 24.67 -37.93 -4.36
C VAL E 581 24.30 -38.33 -2.95
N GLY E 582 23.84 -39.57 -2.82
CA GLY E 582 23.49 -40.10 -1.52
C GLY E 582 22.46 -41.19 -1.64
N VAL E 583 21.97 -41.63 -0.49
CA VAL E 583 20.87 -42.56 -0.44
C VAL E 583 19.77 -41.93 0.40
N ASN E 584 18.87 -41.21 -0.25
CA ASN E 584 17.84 -40.47 0.42
C ASN E 584 16.53 -41.22 0.50
N PRO E 585 16.10 -41.57 1.72
CA PRO E 585 14.74 -42.04 1.86
C PRO E 585 13.80 -40.87 2.03
N LEU E 586 12.66 -40.94 1.36
CA LEU E 586 11.70 -39.87 1.43
C LEU E 586 10.73 -40.09 2.56
N ARG E 587 11.03 -39.47 3.70
CA ARG E 587 10.18 -39.57 4.86
C ARG E 587 8.85 -38.97 4.52
N GLY E 588 7.83 -39.42 5.22
CA GLY E 588 6.48 -39.02 4.92
C GLY E 588 5.94 -37.96 5.83
N GLN E 589 5.21 -38.40 6.84
CA GLN E 589 4.59 -37.49 7.78
C GLN E 589 5.60 -36.51 8.33
N ASN E 590 5.10 -35.35 8.68
CA ASN E 590 5.90 -34.37 9.38
C ASN E 590 6.35 -34.95 10.69
N ASN E 591 7.59 -34.68 11.03
CA ASN E 591 8.10 -35.05 12.34
C ASN E 591 8.00 -36.54 12.60
N VAL E 592 8.09 -37.32 11.54
CA VAL E 592 8.43 -38.74 11.69
C VAL E 592 9.87 -38.82 12.17
N GLN E 593 10.74 -38.05 11.53
CA GLN E 593 12.13 -38.05 11.90
C GLN E 593 12.31 -37.53 13.31
N GLY E 594 11.62 -36.44 13.62
CA GLY E 594 11.65 -35.88 14.96
C GLY E 594 11.14 -36.89 15.97
N SER E 595 10.04 -37.52 15.65
CA SER E 595 9.43 -38.52 16.52
C SER E 595 10.38 -39.66 16.82
N CYS E 596 10.99 -40.21 15.79
CA CYS E 596 11.88 -41.35 15.95
C CYS E 596 13.13 -40.90 16.70
N ASP E 597 13.48 -39.63 16.53
CA ASP E 597 14.65 -39.07 17.19
C ASP E 597 14.38 -38.87 18.66
N MET E 598 13.15 -38.45 18.97
CA MET E 598 12.72 -38.34 20.35
C MET E 598 12.02 -39.60 20.79
N GLY E 599 12.77 -40.70 20.79
CA GLY E 599 12.22 -41.97 21.20
C GLY E 599 11.14 -42.46 20.26
N SER E 600 9.94 -42.60 20.79
CA SER E 600 8.81 -43.03 20.00
C SER E 600 9.07 -44.39 19.39
N PHE E 601 10.03 -45.09 19.96
CA PHE E 601 10.28 -46.47 19.61
C PHE E 601 10.45 -47.23 20.92
N PRO E 602 10.00 -48.48 20.94
CA PRO E 602 10.01 -49.25 22.18
C PRO E 602 11.36 -49.88 22.50
N HIS E 603 12.38 -49.52 21.75
CA HIS E 603 13.69 -50.11 21.96
C HIS E 603 14.76 -49.05 22.10
N GLU E 604 14.36 -47.79 22.21
CA GLU E 604 15.33 -46.73 22.25
C GLU E 604 14.91 -45.54 23.08
N PHE E 605 15.90 -44.70 23.36
CA PHE E 605 15.69 -43.43 24.03
C PHE E 605 15.92 -42.33 23.01
N PRO E 606 15.64 -41.09 23.39
CA PRO E 606 15.94 -39.97 22.50
C PRO E 606 17.41 -39.95 22.09
N GLY E 607 17.66 -40.13 20.81
CA GLY E 607 19.03 -40.15 20.30
C GLY E 607 19.38 -41.48 19.68
N TYR E 608 18.37 -42.29 19.42
CA TYR E 608 18.56 -43.60 18.83
C TYR E 608 19.49 -44.42 19.69
N ARG E 609 19.49 -44.11 20.99
CA ARG E 609 20.26 -44.85 21.96
C ARG E 609 19.43 -45.97 22.54
N HIS E 610 19.94 -47.19 22.45
CA HIS E 610 19.19 -48.35 22.92
C HIS E 610 18.82 -48.17 24.37
N VAL E 611 17.88 -48.99 24.81
CA VAL E 611 17.25 -48.85 26.11
C VAL E 611 18.02 -49.67 27.14
N SER E 612 18.80 -50.64 26.66
CA SER E 612 19.55 -51.53 27.54
C SER E 612 20.87 -50.91 27.95
N ASP E 613 21.21 -49.79 27.32
CA ASP E 613 22.42 -49.06 27.68
C ASP E 613 22.27 -48.45 29.07
N ASP E 614 23.02 -48.98 30.03
CA ASP E 614 22.95 -48.51 31.40
C ASP E 614 23.45 -47.08 31.54
N ALA E 615 24.43 -46.72 30.74
CA ALA E 615 25.05 -45.40 30.81
C ALA E 615 24.04 -44.32 30.46
N THR E 616 23.05 -44.68 29.65
CA THR E 616 22.04 -43.75 29.18
C THR E 616 20.85 -43.76 30.12
N ARG E 617 20.47 -44.96 30.55
CA ARG E 617 19.39 -45.14 31.49
C ARG E 617 19.70 -44.39 32.77
N GLY E 618 20.96 -44.39 33.16
CA GLY E 618 21.38 -43.68 34.34
C GLY E 618 21.18 -42.18 34.18
N LEU E 619 21.65 -41.67 33.04
CA LEU E 619 21.52 -40.26 32.74
C LEU E 619 20.08 -39.84 32.85
N PHE E 620 19.21 -40.65 32.29
CA PHE E 620 17.80 -40.28 32.21
C PHE E 620 17.08 -40.48 33.53
N GLU E 621 17.49 -41.47 34.31
CA GLU E 621 16.94 -41.68 35.64
C GLU E 621 17.25 -40.46 36.47
N ARG E 622 18.47 -39.96 36.29
CA ARG E 622 18.95 -38.80 37.01
C ARG E 622 18.23 -37.53 36.57
N THR E 623 17.93 -37.45 35.28
CA THR E 623 17.35 -36.24 34.72
C THR E 623 15.86 -36.15 35.01
N TRP E 624 15.21 -37.30 35.06
CA TRP E 624 13.77 -37.38 35.29
C TRP E 624 13.49 -37.74 36.73
N GLY E 625 14.49 -38.23 37.43
CA GLY E 625 14.34 -38.59 38.83
C GLY E 625 13.34 -39.71 39.01
N VAL E 626 13.58 -40.80 38.31
CA VAL E 626 12.71 -41.96 38.38
C VAL E 626 13.45 -43.17 37.86
N THR E 627 13.02 -44.35 38.30
CA THR E 627 13.61 -45.59 37.84
C THR E 627 12.97 -46.04 36.54
N LEU E 628 13.80 -46.34 35.55
CA LEU E 628 13.32 -46.73 34.23
C LEU E 628 13.53 -48.22 33.99
N SER E 629 12.94 -48.73 32.92
CA SER E 629 13.10 -50.13 32.56
C SER E 629 14.18 -50.29 31.52
N SER E 630 14.81 -51.47 31.53
CA SER E 630 15.91 -51.76 30.64
C SER E 630 15.43 -52.61 29.48
N GLU E 631 14.24 -53.18 29.62
CA GLU E 631 13.68 -54.02 28.59
C GLU E 631 12.91 -53.20 27.58
N PRO E 632 12.97 -53.59 26.30
CA PRO E 632 12.31 -52.88 25.21
C PRO E 632 10.82 -53.20 25.16
N GLY E 633 10.02 -52.21 24.78
CA GLY E 633 8.58 -52.37 24.80
C GLY E 633 8.01 -53.04 23.58
N LEU E 634 6.69 -53.07 23.51
CA LEU E 634 5.98 -53.73 22.43
C LEU E 634 5.83 -52.82 21.23
N ARG E 635 5.48 -53.41 20.09
CA ARG E 635 5.17 -52.65 18.90
C ARG E 635 3.70 -52.88 18.56
N ILE E 636 3.13 -52.00 17.76
CA ILE E 636 1.70 -51.96 17.54
C ILE E 636 1.08 -53.33 17.27
N PRO E 637 1.64 -54.09 16.32
CA PRO E 637 1.07 -55.41 16.07
C PRO E 637 1.12 -56.28 17.31
N ASN E 638 2.21 -56.12 18.05
CA ASN E 638 2.40 -56.86 19.29
C ASN E 638 1.33 -56.43 20.28
N MET E 639 1.08 -55.14 20.35
CA MET E 639 0.04 -54.61 21.22
C MET E 639 -1.28 -55.26 20.94
N LEU E 640 -1.63 -55.31 19.68
CA LEU E 640 -2.94 -55.78 19.29
C LEU E 640 -3.07 -57.26 19.53
N ASP E 641 -2.03 -58.02 19.20
CA ASP E 641 -2.07 -59.46 19.43
C ASP E 641 -2.19 -59.73 20.91
N ALA E 642 -1.47 -58.96 21.71
CA ALA E 642 -1.51 -59.10 23.14
C ALA E 642 -2.92 -58.90 23.62
N ALA E 643 -3.43 -57.69 23.37
CA ALA E 643 -4.74 -57.29 23.84
C ALA E 643 -5.81 -58.27 23.40
N VAL E 644 -5.63 -58.89 22.24
CA VAL E 644 -6.51 -59.97 21.84
C VAL E 644 -6.34 -61.14 22.80
N GLU E 645 -5.10 -61.43 23.13
CA GLU E 645 -4.77 -62.53 24.02
C GLU E 645 -4.92 -62.11 25.48
N GLY E 646 -4.83 -60.81 25.72
CA GLY E 646 -4.89 -60.29 27.06
C GLY E 646 -3.63 -59.52 27.42
N ARG E 647 -3.34 -59.41 28.71
CA ARG E 647 -2.12 -58.76 29.20
C ARG E 647 -1.82 -57.45 28.50
N PHE E 648 -2.86 -56.78 28.02
CA PHE E 648 -2.77 -55.42 27.53
C PHE E 648 -4.16 -54.80 27.58
N LYS E 649 -4.31 -53.73 28.36
CA LYS E 649 -5.64 -53.22 28.67
C LYS E 649 -5.79 -51.73 28.43
N ALA E 650 -4.69 -51.01 28.34
CA ALA E 650 -4.75 -49.56 28.19
C ALA E 650 -4.03 -49.07 26.95
N LEU E 651 -4.37 -47.86 26.52
CA LEU E 651 -3.75 -47.28 25.34
C LEU E 651 -4.10 -45.80 25.22
N TYR E 652 -3.07 -44.99 24.99
CA TYR E 652 -3.24 -43.56 24.84
C TYR E 652 -2.88 -43.13 23.44
N VAL E 653 -3.86 -43.21 22.55
CA VAL E 653 -3.65 -42.92 21.15
C VAL E 653 -3.61 -41.43 20.88
N GLN E 654 -2.41 -40.93 20.64
CA GLN E 654 -2.21 -39.56 20.22
C GLN E 654 -2.14 -39.44 18.72
N GLY E 655 -2.94 -38.51 18.18
CA GLY E 655 -2.86 -38.14 16.79
C GLY E 655 -2.58 -39.24 15.78
N GLU E 656 -3.34 -40.33 15.85
CA GLU E 656 -3.21 -41.39 14.88
C GLU E 656 -4.46 -42.25 14.80
N ASP E 657 -4.78 -42.68 13.59
CA ASP E 657 -5.94 -43.53 13.34
C ASP E 657 -5.52 -44.97 13.13
N ILE E 658 -5.47 -45.72 14.21
CA ILE E 658 -4.96 -47.07 14.20
C ILE E 658 -5.87 -48.03 13.47
N LEU E 659 -7.01 -47.57 12.99
CA LEU E 659 -7.99 -48.48 12.41
C LEU E 659 -7.96 -48.45 10.90
N GLN E 660 -8.14 -47.26 10.36
CA GLN E 660 -8.17 -47.06 8.92
C GLN E 660 -6.76 -47.04 8.35
N SER E 661 -5.80 -46.70 9.21
CA SER E 661 -4.42 -46.57 8.81
C SER E 661 -3.57 -47.67 9.40
N ASP E 662 -4.14 -48.87 9.48
CA ASP E 662 -3.40 -50.05 9.87
C ASP E 662 -4.04 -51.28 9.28
N PRO E 663 -3.24 -52.34 9.11
CA PRO E 663 -3.61 -53.52 8.34
C PRO E 663 -4.41 -54.57 9.10
N ASP E 664 -5.12 -55.40 8.34
CA ASP E 664 -5.96 -56.42 8.93
C ASP E 664 -6.94 -55.73 9.86
N THR E 665 -7.76 -54.87 9.28
CA THR E 665 -8.69 -54.03 10.03
C THR E 665 -9.54 -54.84 10.99
N ARG E 666 -9.96 -56.03 10.57
CA ARG E 666 -10.74 -56.89 11.45
C ARG E 666 -10.00 -57.16 12.73
N HIS E 667 -8.75 -57.57 12.58
CA HIS E 667 -7.92 -57.97 13.70
C HIS E 667 -7.66 -56.81 14.64
N VAL E 668 -7.31 -55.67 14.06
CA VAL E 668 -7.01 -54.49 14.87
C VAL E 668 -8.25 -54.05 15.61
N SER E 669 -9.42 -54.19 15.00
CA SER E 669 -10.66 -53.82 15.65
C SER E 669 -10.92 -54.74 16.83
N ALA E 670 -10.79 -56.04 16.58
CA ALA E 670 -11.03 -57.04 17.61
C ALA E 670 -10.04 -56.87 18.76
N GLY E 671 -8.88 -56.32 18.46
CA GLY E 671 -7.86 -56.11 19.46
C GLY E 671 -8.03 -54.80 20.20
N LEU E 672 -8.71 -53.87 19.56
CA LEU E 672 -8.96 -52.56 20.12
C LEU E 672 -10.20 -52.58 20.99
N ALA E 673 -11.08 -53.54 20.73
CA ALA E 673 -12.30 -53.69 21.48
C ALA E 673 -11.99 -54.35 22.82
N ALA E 674 -11.17 -55.38 22.77
CA ALA E 674 -10.75 -56.07 23.97
C ALA E 674 -9.69 -55.23 24.67
N MET E 675 -10.12 -54.06 25.13
CA MET E 675 -9.23 -53.12 25.78
C MET E 675 -10.05 -52.24 26.71
N ASP E 676 -9.82 -52.40 28.01
CA ASP E 676 -10.67 -51.78 29.01
C ASP E 676 -10.61 -50.27 28.95
N LEU E 677 -9.63 -49.76 28.23
CA LEU E 677 -9.47 -48.33 28.08
C LEU E 677 -8.60 -48.00 26.89
N VAL E 678 -9.10 -47.13 26.04
CA VAL E 678 -8.35 -46.63 24.91
C VAL E 678 -8.67 -45.16 24.71
N ILE E 679 -7.74 -44.33 25.16
CA ILE E 679 -7.91 -42.90 25.09
C ILE E 679 -7.64 -42.42 23.68
N VAL E 680 -8.20 -41.27 23.35
CA VAL E 680 -7.97 -40.65 22.06
C VAL E 680 -7.68 -39.18 22.24
N HIS E 681 -6.77 -38.67 21.41
CA HIS E 681 -6.29 -37.32 21.53
C HIS E 681 -6.20 -36.69 20.15
N ASP E 682 -7.25 -36.85 19.37
CA ASP E 682 -7.32 -36.24 18.05
C ASP E 682 -8.18 -35.00 18.07
N LEU E 683 -8.40 -34.44 16.89
CA LEU E 683 -9.20 -33.26 16.70
C LEU E 683 -10.63 -33.63 16.42
N PHE E 684 -10.79 -34.58 15.52
CA PHE E 684 -12.10 -35.00 15.05
C PHE E 684 -12.41 -36.40 15.52
N LEU E 685 -13.63 -36.84 15.24
CA LEU E 685 -14.06 -38.16 15.65
C LEU E 685 -13.62 -39.18 14.62
N ASN E 686 -12.46 -39.76 14.86
CA ASN E 686 -11.86 -40.70 13.92
C ASN E 686 -12.48 -42.08 14.04
N GLU E 687 -12.06 -42.94 13.14
CA GLU E 687 -12.51 -44.32 13.08
C GLU E 687 -12.06 -45.09 14.30
N THR E 688 -11.02 -44.58 14.93
CA THR E 688 -10.48 -45.19 16.13
C THR E 688 -11.39 -44.96 17.32
N ALA E 689 -12.10 -43.85 17.29
CA ALA E 689 -12.93 -43.44 18.42
C ALA E 689 -14.22 -44.23 18.50
N ASN E 690 -14.43 -45.08 17.52
CA ASN E 690 -15.60 -45.94 17.51
C ASN E 690 -15.48 -47.06 18.52
N TYR E 691 -14.28 -47.20 19.08
CA TYR E 691 -13.97 -48.27 20.01
C TYR E 691 -13.37 -47.67 21.27
N ALA E 692 -13.59 -46.38 21.46
CA ALA E 692 -12.97 -45.64 22.53
C ALA E 692 -13.83 -45.51 23.76
N HIS E 693 -13.20 -45.09 24.84
CA HIS E 693 -13.86 -44.86 26.11
C HIS E 693 -13.69 -43.42 26.53
N VAL E 694 -12.68 -42.76 25.97
CA VAL E 694 -12.33 -41.42 26.36
C VAL E 694 -11.98 -40.62 25.12
N PHE E 695 -11.94 -39.31 25.26
CA PHE E 695 -11.61 -38.43 24.16
C PHE E 695 -11.05 -37.13 24.67
N LEU E 696 -9.96 -36.68 24.08
CA LEU E 696 -9.38 -35.40 24.41
C LEU E 696 -9.11 -34.61 23.14
N PRO E 697 -9.62 -33.38 23.07
CA PRO E 697 -9.29 -32.54 21.92
C PRO E 697 -7.81 -32.23 21.82
N GLY E 698 -7.34 -32.06 20.60
CA GLY E 698 -5.98 -31.64 20.38
C GLY E 698 -5.95 -30.25 19.79
N SER E 699 -4.83 -29.89 19.22
CA SER E 699 -4.67 -28.58 18.62
C SER E 699 -4.02 -28.72 17.27
N THR E 700 -4.33 -27.82 16.37
CA THR E 700 -3.73 -27.85 15.05
C THR E 700 -2.39 -27.14 15.10
N PHE E 701 -1.64 -27.25 14.01
CA PHE E 701 -0.33 -26.65 13.91
C PHE E 701 -0.41 -25.13 13.95
N LEU E 702 -1.62 -24.60 13.81
CA LEU E 702 -1.84 -23.17 13.83
C LEU E 702 -1.93 -22.66 15.25
N GLU E 703 -2.33 -23.55 16.13
CA GLU E 703 -2.57 -23.23 17.53
C GLU E 703 -1.38 -23.62 18.38
N LYS E 704 -0.55 -24.50 17.84
CA LYS E 704 0.62 -25.00 18.52
C LYS E 704 1.78 -24.01 18.52
N ASP E 705 2.89 -24.45 19.07
CA ASP E 705 4.14 -23.71 19.09
C ASP E 705 5.24 -24.73 19.37
N GLY E 706 6.26 -24.78 18.51
CA GLY E 706 7.29 -25.79 18.67
C GLY E 706 8.14 -25.99 17.44
N THR E 707 8.37 -27.25 17.08
CA THR E 707 9.19 -27.55 15.91
C THR E 707 8.74 -28.79 15.16
N PHE E 708 9.26 -28.91 13.95
CA PHE E 708 9.04 -30.06 13.10
C PHE E 708 10.35 -30.46 12.45
N THR E 709 10.73 -31.72 12.63
CA THR E 709 11.95 -32.25 12.07
C THR E 709 11.66 -33.09 10.84
N ASN E 710 12.03 -32.57 9.67
CA ASN E 710 11.67 -33.18 8.41
C ASN E 710 12.64 -34.24 7.94
N ALA E 711 12.50 -34.62 6.67
CA ALA E 711 13.25 -35.73 6.10
C ALA E 711 14.72 -35.41 5.92
N GLU E 712 15.02 -34.15 5.64
CA GLU E 712 16.40 -33.74 5.47
C GLU E 712 16.94 -33.25 6.81
N ARG E 713 16.34 -33.76 7.88
CA ARG E 713 16.82 -33.54 9.23
C ARG E 713 16.74 -32.09 9.65
N ARG E 714 16.08 -31.27 8.85
CA ARG E 714 15.91 -29.86 9.14
C ARG E 714 14.88 -29.69 10.23
N ILE E 715 15.15 -28.76 11.14
CA ILE E 715 14.24 -28.45 12.21
C ILE E 715 13.58 -27.11 11.96
N ASN E 716 12.40 -27.16 11.36
CA ASN E 716 11.65 -25.96 11.08
C ASN E 716 10.86 -25.58 12.34
N ARG E 717 10.56 -24.30 12.49
CA ARG E 717 9.91 -23.82 13.69
C ARG E 717 8.46 -23.52 13.42
N VAL E 718 7.61 -23.85 14.38
CA VAL E 718 6.17 -23.70 14.25
C VAL E 718 5.68 -22.67 15.23
N ARG E 719 4.89 -21.73 14.72
CA ARG E 719 4.47 -20.59 15.49
C ARG E 719 2.97 -20.59 15.70
N ARG E 720 2.53 -19.77 16.64
CA ARG E 720 1.13 -19.68 17.02
C ARG E 720 0.49 -18.44 16.41
N VAL E 721 -0.56 -18.66 15.62
CA VAL E 721 -1.23 -17.58 14.91
C VAL E 721 -2.63 -17.44 15.44
N MET E 722 -3.29 -18.58 15.61
CA MET E 722 -4.61 -18.63 16.18
C MET E 722 -4.48 -18.86 17.68
N ALA E 723 -5.61 -19.14 18.33
CA ALA E 723 -5.61 -19.48 19.72
C ALA E 723 -6.35 -20.79 19.92
N PRO E 724 -5.86 -21.66 20.81
CA PRO E 724 -6.46 -22.98 20.94
C PRO E 724 -7.93 -22.91 21.28
N LYS E 725 -8.75 -23.46 20.41
CA LYS E 725 -10.19 -23.40 20.56
C LYS E 725 -10.61 -24.24 21.76
N ALA E 726 -9.93 -25.36 21.95
CA ALA E 726 -10.18 -26.24 23.08
C ALA E 726 -9.48 -25.72 24.33
N GLY E 727 -8.71 -24.66 24.19
CA GLY E 727 -8.11 -23.98 25.32
C GLY E 727 -6.71 -24.42 25.63
N PHE E 728 -6.40 -25.66 25.28
CA PHE E 728 -5.09 -26.22 25.57
C PHE E 728 -4.53 -27.01 24.41
N ALA E 729 -3.25 -26.81 24.14
CA ALA E 729 -2.58 -27.58 23.11
C ALA E 729 -2.32 -28.98 23.65
N ASP E 730 -1.51 -29.74 22.92
CA ASP E 730 -1.36 -31.16 23.18
C ASP E 730 -0.34 -31.47 24.27
N TRP E 731 0.74 -30.69 24.33
CA TRP E 731 1.71 -30.85 25.40
C TRP E 731 1.09 -30.46 26.74
N GLU E 732 0.25 -29.43 26.68
CA GLU E 732 -0.49 -29.00 27.86
C GLU E 732 -1.35 -30.13 28.36
N VAL E 733 -2.06 -30.78 27.46
CA VAL E 733 -2.91 -31.90 27.81
C VAL E 733 -2.11 -33.05 28.35
N THR E 734 -0.95 -33.28 27.77
CA THR E 734 -0.13 -34.40 28.17
C THR E 734 0.33 -34.21 29.60
N GLN E 735 0.79 -33.02 29.92
CA GLN E 735 1.26 -32.74 31.26
C GLN E 735 0.08 -32.75 32.21
N MET E 736 -1.08 -32.32 31.73
CA MET E 736 -2.29 -32.38 32.53
C MET E 736 -2.47 -33.79 33.01
N LEU E 737 -2.49 -34.71 32.05
CA LEU E 737 -2.71 -36.12 32.32
C LEU E 737 -1.66 -36.68 33.26
N ALA E 738 -0.40 -36.33 33.00
CA ALA E 738 0.70 -36.87 33.78
C ALA E 738 0.65 -36.40 35.23
N ASN E 739 0.44 -35.10 35.41
CA ASN E 739 0.33 -34.53 36.75
C ASN E 739 -0.89 -35.09 37.46
N ALA E 740 -1.94 -35.38 36.69
CA ALA E 740 -3.15 -35.94 37.24
C ALA E 740 -2.89 -37.35 37.71
N LEU E 741 -1.94 -38.01 37.07
CA LEU E 741 -1.59 -39.36 37.46
C LEU E 741 -0.68 -39.32 38.68
N GLY E 742 0.23 -38.35 38.72
CA GLY E 742 1.07 -38.17 39.87
C GLY E 742 2.53 -37.87 39.61
N ALA E 743 2.88 -37.67 38.34
CA ALA E 743 4.26 -37.40 38.00
C ALA E 743 4.74 -36.08 38.61
N GLY E 744 4.13 -34.99 38.19
CA GLY E 744 4.50 -33.68 38.70
C GLY E 744 5.48 -32.92 37.85
N TRP E 745 5.12 -32.68 36.59
CA TRP E 745 5.93 -31.82 35.73
C TRP E 745 5.36 -30.41 35.77
N HIS E 746 6.19 -29.42 35.45
CA HIS E 746 5.74 -28.04 35.40
C HIS E 746 6.36 -27.32 34.22
N TYR E 747 5.63 -27.29 33.11
CA TYR E 747 6.06 -26.61 31.90
C TYR E 747 5.11 -25.48 31.55
N THR E 748 5.68 -24.34 31.18
CA THR E 748 4.89 -23.16 30.84
C THR E 748 5.11 -22.78 29.38
N HIS E 749 6.14 -23.34 28.78
CA HIS E 749 6.46 -23.05 27.39
C HIS E 749 7.37 -24.16 26.86
N PRO E 750 7.15 -24.58 25.61
CA PRO E 750 7.91 -25.71 25.08
C PRO E 750 9.39 -25.41 24.86
N SER E 751 9.78 -24.16 25.02
CA SER E 751 11.17 -23.79 24.93
C SER E 751 11.93 -24.50 26.04
N GLU E 752 11.28 -24.62 27.19
CA GLU E 752 11.85 -25.32 28.34
C GLU E 752 12.09 -26.78 27.99
N ILE E 753 11.16 -27.35 27.25
CA ILE E 753 11.24 -28.75 26.88
C ILE E 753 12.38 -28.97 25.91
N MET E 754 12.48 -28.07 24.94
CA MET E 754 13.54 -28.15 23.95
C MET E 754 14.88 -28.02 24.66
N ALA E 755 14.88 -27.22 25.73
CA ALA E 755 16.08 -27.06 26.55
C ALA E 755 16.44 -28.38 27.23
N GLU E 756 15.42 -29.01 27.82
CA GLU E 756 15.59 -30.32 28.44
C GLU E 756 16.20 -31.30 27.47
N ILE E 757 15.67 -31.29 26.26
CA ILE E 757 16.12 -32.22 25.23
C ILE E 757 17.58 -31.95 24.87
N ALA E 758 17.90 -30.69 24.65
CA ALA E 758 19.25 -30.29 24.30
C ALA E 758 20.19 -30.77 25.39
N ALA E 759 19.68 -30.78 26.61
CA ALA E 759 20.47 -31.19 27.76
C ALA E 759 20.69 -32.69 27.77
N THR E 760 19.64 -33.44 27.46
CA THR E 760 19.71 -34.90 27.54
C THR E 760 20.42 -35.54 26.35
N THR E 761 19.83 -35.37 25.17
CA THR E 761 20.32 -36.03 23.98
C THR E 761 21.34 -35.17 23.24
N PRO E 762 22.33 -35.82 22.59
CA PRO E 762 23.31 -35.09 21.80
C PRO E 762 22.80 -34.81 20.40
N GLY E 763 23.35 -33.79 19.77
CA GLY E 763 22.86 -33.34 18.48
C GLY E 763 22.02 -32.09 18.63
N PHE E 764 21.14 -32.09 19.61
CA PHE E 764 20.24 -30.96 19.84
C PHE E 764 20.80 -30.00 20.88
N ALA E 765 22.05 -30.22 21.28
CA ALA E 765 22.63 -29.49 22.40
C ALA E 765 22.72 -28.00 22.08
N ALA E 766 22.85 -27.69 20.80
CA ALA E 766 23.02 -26.32 20.36
C ALA E 766 21.69 -25.71 19.94
N VAL E 767 20.64 -26.52 19.96
CA VAL E 767 19.34 -26.08 19.49
C VAL E 767 18.71 -25.10 20.46
N THR E 768 18.25 -23.99 19.91
CA THR E 768 17.54 -22.98 20.66
C THR E 768 16.59 -22.27 19.72
N TYR E 769 15.47 -21.80 20.26
CA TYR E 769 14.45 -21.19 19.42
C TYR E 769 14.99 -19.94 18.74
N GLU E 770 15.87 -19.23 19.42
CA GLU E 770 16.44 -18.02 18.87
C GLU E 770 17.28 -18.34 17.65
N MET E 771 17.98 -19.47 17.71
CA MET E 771 18.77 -19.93 16.57
C MET E 771 17.88 -20.17 15.37
N LEU E 772 16.80 -20.92 15.59
CA LEU E 772 15.84 -21.22 14.54
C LEU E 772 15.25 -19.94 13.96
N ASP E 773 15.08 -18.95 14.82
CA ASP E 773 14.48 -17.68 14.41
C ASP E 773 15.45 -16.90 13.53
N ALA E 774 16.73 -16.98 13.88
CA ALA E 774 17.74 -16.20 13.18
C ALA E 774 18.27 -16.94 11.95
N ARG E 775 18.83 -18.11 12.18
CA ARG E 775 19.36 -18.92 11.10
C ARG E 775 18.27 -19.28 10.11
N GLY E 776 17.05 -19.44 10.64
CA GLY E 776 15.93 -19.87 9.85
C GLY E 776 15.63 -21.34 9.99
N SER E 777 16.66 -22.16 10.13
CA SER E 777 16.47 -23.59 10.26
C SER E 777 17.78 -24.30 10.59
N VAL E 778 17.65 -25.52 11.10
CA VAL E 778 18.80 -26.28 11.55
C VAL E 778 18.68 -27.75 11.25
N GLN E 779 19.81 -28.36 10.95
CA GLN E 779 19.92 -29.81 10.81
C GLN E 779 20.36 -30.40 12.16
N TRP E 780 19.63 -31.39 12.64
CA TRP E 780 19.67 -31.73 14.07
C TRP E 780 21.03 -32.19 14.58
N PRO E 781 21.91 -32.67 13.70
CA PRO E 781 23.26 -32.91 14.22
C PRO E 781 24.01 -31.59 14.42
N CYS E 782 23.65 -30.87 15.48
CA CYS E 782 24.25 -29.57 15.75
C CYS E 782 24.77 -29.48 17.17
N ASN E 783 25.99 -29.96 17.36
CA ASN E 783 26.67 -29.86 18.64
C ASN E 783 27.70 -28.75 18.56
N GLU E 784 28.54 -28.65 19.58
CA GLU E 784 29.65 -27.70 19.55
C GLU E 784 30.46 -27.93 18.28
N LYS E 785 30.55 -29.19 17.88
CA LYS E 785 31.03 -29.53 16.55
C LYS E 785 29.87 -29.41 15.57
N ALA E 786 30.14 -28.84 14.40
CA ALA E 786 29.09 -28.57 13.43
C ALA E 786 28.00 -27.74 14.07
N PRO E 787 28.34 -26.50 14.48
CA PRO E 787 27.40 -25.61 15.16
C PRO E 787 26.31 -25.10 14.22
N GLU E 788 26.70 -24.73 13.01
CA GLU E 788 25.75 -24.25 12.01
C GLU E 788 24.75 -25.34 11.68
N GLY E 789 25.26 -26.56 11.60
CA GLY E 789 24.45 -27.71 11.27
C GLY E 789 25.22 -28.65 10.36
N SER E 790 24.58 -29.74 9.98
CA SER E 790 25.20 -30.74 9.13
C SER E 790 24.33 -31.04 7.92
N PRO E 791 24.39 -30.16 6.91
CA PRO E 791 23.57 -30.30 5.71
C PRO E 791 23.75 -31.64 5.02
N ILE E 792 24.93 -32.22 5.16
CA ILE E 792 25.22 -33.50 4.51
C ILE E 792 25.86 -34.45 5.53
N MET E 793 25.37 -35.68 5.53
CA MET E 793 25.87 -36.70 6.44
C MET E 793 26.97 -37.50 5.76
N HIS E 794 27.87 -38.07 6.56
CA HIS E 794 28.91 -38.92 6.03
C HIS E 794 29.86 -38.16 5.11
N VAL E 795 29.98 -36.86 5.31
CA VAL E 795 30.78 -36.03 4.41
C VAL E 795 32.26 -36.36 4.57
N GLU E 796 32.66 -36.67 5.80
CA GLU E 796 34.02 -37.09 6.08
C GLU E 796 34.01 -38.38 6.87
N GLY E 797 34.07 -39.49 6.15
CA GLY E 797 34.04 -40.79 6.78
C GLY E 797 32.68 -41.06 7.38
N PHE E 798 32.32 -42.33 7.47
CA PHE E 798 31.01 -42.70 7.97
C PHE E 798 30.97 -42.58 9.48
N VAL E 799 29.78 -42.72 10.05
CA VAL E 799 29.57 -42.52 11.48
C VAL E 799 30.19 -43.66 12.28
N ARG E 800 29.87 -44.90 11.93
CA ARG E 800 30.46 -46.04 12.61
C ARG E 800 31.96 -46.08 12.32
N GLY E 801 32.38 -45.36 11.28
CA GLY E 801 33.78 -45.26 10.93
C GLY E 801 34.06 -45.89 9.59
N LYS E 802 33.44 -47.03 9.34
CA LYS E 802 33.63 -47.76 8.10
C LYS E 802 32.32 -48.38 7.63
N GLY E 803 32.00 -48.15 6.36
CA GLY E 803 30.83 -48.76 5.77
C GLY E 803 30.91 -50.26 5.87
N ARG E 804 29.78 -50.93 5.62
CA ARG E 804 29.72 -52.36 5.74
C ARG E 804 28.94 -52.97 4.59
N PHE E 805 29.55 -53.94 3.92
CA PHE E 805 28.94 -54.61 2.79
C PHE E 805 28.24 -55.87 3.26
N ILE E 806 27.02 -56.05 2.81
CA ILE E 806 26.19 -57.13 3.31
C ILE E 806 25.58 -57.90 2.17
N ARG E 807 25.52 -59.21 2.34
CA ARG E 807 25.06 -60.11 1.31
C ARG E 807 23.55 -60.22 1.33
N THR E 808 22.92 -59.63 0.33
CA THR E 808 21.48 -59.65 0.19
C THR E 808 21.03 -60.74 -0.77
N ALA E 809 19.86 -61.30 -0.52
CA ALA E 809 19.30 -62.32 -1.39
C ALA E 809 17.80 -62.16 -1.49
N TYR E 810 17.22 -62.68 -2.56
CA TYR E 810 15.80 -62.55 -2.81
C TYR E 810 15.04 -63.72 -2.25
N LEU E 811 14.23 -63.46 -1.24
CA LEU E 811 13.37 -64.47 -0.67
C LEU E 811 11.98 -64.39 -1.25
N PRO E 812 11.50 -65.47 -1.90
CA PRO E 812 10.15 -65.45 -2.44
C PRO E 812 9.11 -65.17 -1.39
N THR E 813 8.35 -64.11 -1.60
CA THR E 813 7.31 -63.72 -0.67
C THR E 813 6.23 -64.78 -0.50
N ASP E 814 5.60 -64.73 0.66
CA ASP E 814 4.58 -65.68 1.06
C ASP E 814 3.22 -65.30 0.51
N GLU E 815 3.15 -64.10 -0.04
CA GLU E 815 1.90 -63.57 -0.55
C GLU E 815 1.81 -63.81 -2.05
N LYS E 816 2.37 -64.93 -2.49
CA LYS E 816 2.33 -65.26 -3.90
C LYS E 816 0.89 -65.47 -4.31
N THR E 817 0.67 -65.57 -5.61
CA THR E 817 -0.67 -65.54 -6.16
C THR E 817 -1.10 -66.90 -6.65
N GLY E 818 -2.40 -67.14 -6.64
CA GLY E 818 -2.96 -68.38 -7.10
C GLY E 818 -4.27 -68.20 -7.85
N PRO E 819 -4.97 -69.31 -8.08
CA PRO E 819 -6.21 -69.35 -8.86
C PRO E 819 -7.28 -68.39 -8.36
N ARG E 820 -7.55 -68.46 -7.07
CA ARG E 820 -8.61 -67.67 -6.47
C ARG E 820 -8.11 -66.29 -6.09
N PHE E 821 -6.79 -66.12 -6.08
CA PHE E 821 -6.19 -64.82 -5.89
C PHE E 821 -5.09 -64.61 -6.93
N PRO E 822 -5.50 -64.50 -8.20
CA PRO E 822 -4.61 -64.42 -9.36
C PRO E 822 -3.92 -63.07 -9.48
N LEU E 823 -4.68 -62.01 -9.22
CA LEU E 823 -4.16 -60.66 -9.34
C LEU E 823 -3.35 -60.28 -8.12
N LEU E 824 -2.62 -59.19 -8.24
CA LEU E 824 -1.95 -58.58 -7.10
C LEU E 824 -2.64 -57.29 -6.73
N LEU E 825 -2.07 -56.61 -5.76
CA LEU E 825 -2.64 -55.40 -5.24
C LEU E 825 -1.55 -54.46 -4.79
N THR E 826 -1.89 -53.18 -4.77
CA THR E 826 -0.97 -52.18 -4.32
C THR E 826 -1.77 -51.02 -3.77
N THR E 827 -1.28 -50.41 -2.71
CA THR E 827 -1.93 -49.28 -2.10
C THR E 827 -0.98 -48.13 -2.11
N GLY E 828 -1.53 -46.93 -2.31
CA GLY E 828 -0.72 -45.79 -2.56
C GLY E 828 -1.40 -44.50 -2.22
N ARG E 829 -1.28 -43.52 -3.12
CA ARG E 829 -1.62 -42.17 -2.77
C ARG E 829 -2.10 -41.27 -3.86
N ILE E 830 -2.53 -40.10 -3.42
CA ILE E 830 -3.05 -39.08 -4.28
C ILE E 830 -2.56 -37.75 -3.77
N LEU E 831 -2.55 -36.78 -4.66
CA LEU E 831 -2.02 -35.47 -4.38
C LEU E 831 -2.92 -34.66 -3.48
N SER E 832 -4.20 -34.72 -3.77
CA SER E 832 -5.18 -33.87 -3.13
C SER E 832 -5.42 -34.28 -1.70
N GLN E 833 -5.57 -35.58 -1.50
CA GLN E 833 -5.92 -36.10 -0.20
C GLN E 833 -4.76 -36.68 0.54
N TYR E 834 -4.79 -36.50 1.85
CA TYR E 834 -3.78 -37.06 2.72
C TYR E 834 -4.24 -38.45 3.16
N ASN E 835 -3.46 -39.08 4.04
CA ASN E 835 -3.59 -40.49 4.34
C ASN E 835 -5.00 -40.99 4.57
N VAL E 836 -5.69 -40.41 5.54
CA VAL E 836 -7.05 -40.85 5.86
C VAL E 836 -8.02 -39.71 5.65
N GLY E 837 -7.46 -38.52 5.49
CA GLY E 837 -8.23 -37.37 5.07
C GLY E 837 -9.14 -36.82 6.13
N ALA E 838 -8.82 -37.12 7.37
CA ALA E 838 -9.54 -36.55 8.49
C ALA E 838 -9.40 -35.04 8.42
N GLN E 839 -8.29 -34.61 7.85
CA GLN E 839 -7.96 -33.21 7.75
C GLN E 839 -8.34 -32.64 6.40
N THR E 840 -8.67 -33.52 5.48
CA THR E 840 -8.63 -33.21 4.07
C THR E 840 -9.94 -33.51 3.37
N ARG E 841 -10.66 -34.51 3.86
CA ARG E 841 -12.02 -34.76 3.41
C ARG E 841 -12.93 -33.67 3.93
N ARG E 842 -12.45 -32.94 4.92
CA ARG E 842 -13.18 -31.83 5.48
C ARG E 842 -12.76 -30.53 4.80
N THR E 843 -12.36 -30.65 3.55
CA THR E 843 -11.99 -29.52 2.73
C THR E 843 -12.60 -29.65 1.34
N GLU E 844 -12.25 -28.71 0.48
CA GLU E 844 -12.77 -28.68 -0.87
C GLU E 844 -11.91 -29.48 -1.83
N ASN E 845 -11.11 -30.38 -1.30
CA ASN E 845 -10.24 -31.21 -2.11
C ASN E 845 -10.90 -32.53 -2.46
N THR E 846 -12.18 -32.64 -2.16
CA THR E 846 -12.97 -33.80 -2.56
C THR E 846 -13.42 -33.65 -4.00
N VAL E 847 -12.89 -32.64 -4.67
CA VAL E 847 -13.20 -32.35 -6.04
C VAL E 847 -12.39 -33.24 -6.96
N TRP E 848 -11.09 -33.16 -6.79
CA TRP E 848 -10.14 -33.93 -7.57
C TRP E 848 -10.24 -35.40 -7.21
N HIS E 849 -10.67 -35.66 -5.99
CA HIS E 849 -10.76 -37.01 -5.48
C HIS E 849 -11.79 -37.11 -4.38
N GLY E 850 -12.99 -37.55 -4.73
CA GLY E 850 -14.05 -37.67 -3.75
C GLY E 850 -14.42 -39.12 -3.49
N GLU E 851 -13.92 -40.00 -4.33
CA GLU E 851 -14.10 -41.41 -4.15
C GLU E 851 -12.86 -42.19 -4.52
N ASP E 852 -12.50 -43.17 -3.69
CA ASP E 852 -11.39 -44.03 -3.98
C ASP E 852 -11.72 -44.93 -5.16
N ARG E 853 -10.74 -45.20 -6.00
CA ARG E 853 -10.98 -45.96 -7.20
C ARG E 853 -9.85 -46.94 -7.45
N LEU E 854 -10.15 -47.93 -8.28
CA LEU E 854 -9.27 -49.05 -8.51
C LEU E 854 -8.66 -49.01 -9.90
N GLU E 855 -7.37 -48.71 -9.98
CA GLU E 855 -6.71 -48.64 -11.28
C GLU E 855 -6.39 -50.03 -11.80
N ILE E 856 -7.36 -50.62 -12.46
CA ILE E 856 -7.19 -51.94 -13.04
C ILE E 856 -6.74 -51.86 -14.49
N HIS E 857 -6.16 -52.95 -14.97
CA HIS E 857 -5.70 -53.04 -16.34
C HIS E 857 -6.83 -53.53 -17.24
N PRO E 858 -6.86 -53.08 -18.50
CA PRO E 858 -7.96 -53.45 -19.39
C PRO E 858 -8.04 -54.95 -19.64
N THR E 859 -6.95 -55.53 -20.11
CA THR E 859 -6.95 -56.93 -20.49
C THR E 859 -7.28 -57.81 -19.30
N ASP E 860 -7.01 -57.30 -18.11
CA ASP E 860 -7.32 -58.02 -16.89
C ASP E 860 -8.73 -57.69 -16.45
N ALA E 861 -9.43 -56.92 -17.28
CA ALA E 861 -10.80 -56.50 -16.97
C ALA E 861 -11.79 -57.03 -17.98
N GLU E 862 -11.36 -57.16 -19.23
CA GLU E 862 -12.23 -57.57 -20.31
C GLU E 862 -12.88 -58.90 -19.99
N THR E 863 -12.05 -59.85 -19.56
CA THR E 863 -12.51 -61.19 -19.24
C THR E 863 -13.39 -61.18 -17.99
N ARG E 864 -13.35 -60.07 -17.25
CA ARG E 864 -14.13 -59.95 -16.05
C ARG E 864 -15.42 -59.19 -16.32
N GLY E 865 -15.35 -58.28 -17.29
CA GLY E 865 -16.52 -57.51 -17.68
C GLY E 865 -16.58 -56.15 -17.03
N ILE E 866 -15.40 -55.63 -16.69
CA ILE E 866 -15.31 -54.35 -16.02
C ILE E 866 -15.35 -53.20 -16.99
N ARG E 867 -15.94 -52.10 -16.56
CA ARG E 867 -15.96 -50.87 -17.32
C ARG E 867 -15.77 -49.69 -16.38
N ASP E 868 -15.24 -48.60 -16.91
CA ASP E 868 -14.95 -47.44 -16.11
C ASP E 868 -16.21 -46.86 -15.49
N GLY E 869 -16.30 -46.95 -14.17
CA GLY E 869 -17.41 -46.41 -13.42
C GLY E 869 -18.25 -47.50 -12.81
N ASP E 870 -17.77 -48.73 -12.95
CA ASP E 870 -18.48 -49.90 -12.45
C ASP E 870 -18.01 -50.26 -11.06
N TRP E 871 -18.86 -50.96 -10.33
CA TRP E 871 -18.57 -51.37 -8.96
C TRP E 871 -18.04 -52.79 -8.95
N VAL E 872 -16.97 -53.01 -8.18
CA VAL E 872 -16.31 -54.29 -8.11
C VAL E 872 -16.05 -54.65 -6.66
N ARG E 873 -15.67 -55.91 -6.46
CA ARG E 873 -15.30 -56.38 -5.14
C ARG E 873 -13.91 -57.01 -5.17
N LEU E 874 -13.18 -56.73 -4.10
CA LEU E 874 -11.85 -57.29 -3.88
C LEU E 874 -11.89 -58.47 -2.93
N ALA E 875 -12.16 -59.64 -3.47
CA ALA E 875 -12.28 -60.82 -2.65
C ALA E 875 -10.89 -61.34 -2.31
N SER E 876 -10.31 -60.79 -1.25
CA SER E 876 -9.02 -61.26 -0.78
C SER E 876 -9.15 -62.27 0.35
N ARG E 877 -8.02 -62.60 0.94
CA ARG E 877 -7.94 -63.60 1.98
C ARG E 877 -8.28 -63.03 3.35
N ALA E 878 -7.83 -61.81 3.60
CA ALA E 878 -7.94 -61.21 4.91
C ALA E 878 -9.20 -60.37 5.02
N GLY E 879 -10.02 -60.40 3.98
CA GLY E 879 -11.25 -59.64 4.00
C GLY E 879 -11.93 -59.51 2.66
N GLU E 880 -12.73 -58.46 2.53
CA GLU E 880 -13.48 -58.21 1.32
C GLU E 880 -13.99 -56.78 1.34
N THR E 881 -14.08 -56.18 0.16
CA THR E 881 -14.40 -54.77 0.06
C THR E 881 -15.00 -54.46 -1.30
N THR E 882 -15.79 -53.40 -1.37
CA THR E 882 -16.39 -52.97 -2.62
C THR E 882 -15.86 -51.61 -2.99
N LEU E 883 -15.68 -51.38 -4.29
CA LEU E 883 -14.99 -50.21 -4.75
C LEU E 883 -15.30 -49.92 -6.21
N ARG E 884 -15.15 -48.66 -6.60
CA ARG E 884 -15.43 -48.26 -7.97
C ARG E 884 -14.17 -48.39 -8.80
N ALA E 885 -14.34 -48.81 -10.05
CA ALA E 885 -13.21 -49.18 -10.89
C ALA E 885 -12.75 -48.06 -11.82
N THR E 886 -11.58 -48.27 -12.41
CA THR E 886 -10.99 -47.32 -13.34
C THR E 886 -9.97 -48.07 -14.19
N VAL E 887 -10.25 -48.18 -15.47
CA VAL E 887 -9.38 -48.94 -16.35
C VAL E 887 -8.29 -48.04 -16.86
N THR E 888 -7.05 -48.52 -16.81
CA THR E 888 -5.92 -47.70 -17.15
C THR E 888 -4.72 -48.57 -17.46
N ASP E 889 -3.94 -48.16 -18.46
CA ASP E 889 -2.72 -48.88 -18.83
C ASP E 889 -1.52 -48.45 -18.00
N ARG E 890 -1.79 -47.67 -16.96
CA ARG E 890 -0.77 -47.18 -16.07
C ARG E 890 -0.03 -48.34 -15.44
N VAL E 891 -0.81 -49.24 -14.85
CA VAL E 891 -0.30 -50.43 -14.21
C VAL E 891 -0.02 -51.52 -15.22
N SER E 892 0.76 -52.50 -14.81
CA SER E 892 1.02 -53.66 -15.65
C SER E 892 -0.06 -54.70 -15.43
N PRO E 893 -0.20 -55.62 -16.38
CA PRO E 893 -1.22 -56.66 -16.26
C PRO E 893 -0.89 -57.63 -15.13
N GLY E 894 -1.88 -57.94 -14.32
CA GLY E 894 -1.65 -58.72 -13.11
C GLY E 894 -1.25 -57.86 -11.94
N VAL E 895 -1.63 -56.59 -12.00
CA VAL E 895 -1.35 -55.65 -10.93
C VAL E 895 -2.53 -54.71 -10.79
N VAL E 896 -2.80 -54.29 -9.56
CA VAL E 896 -3.94 -53.47 -9.25
C VAL E 896 -3.55 -52.43 -8.22
N TYR E 897 -4.16 -51.27 -8.28
CA TYR E 897 -3.77 -50.16 -7.45
C TYR E 897 -4.98 -49.52 -6.81
N THR E 898 -4.89 -49.32 -5.50
CA THR E 898 -5.99 -48.79 -4.73
C THR E 898 -5.51 -47.62 -3.90
N THR E 899 -6.44 -46.95 -3.26
CA THR E 899 -6.12 -45.83 -2.43
C THR E 899 -6.96 -45.90 -1.15
N PHE E 900 -6.35 -45.56 -0.03
CA PHE E 900 -6.96 -45.76 1.27
C PHE E 900 -7.42 -44.47 1.95
N HIS E 901 -7.53 -43.40 1.20
CA HIS E 901 -7.77 -42.09 1.76
C HIS E 901 -9.18 -41.96 2.30
N HIS E 902 -10.09 -42.77 1.77
CA HIS E 902 -11.49 -42.68 2.13
C HIS E 902 -11.90 -43.89 2.98
N PRO E 903 -12.65 -43.64 4.06
CA PRO E 903 -13.07 -44.68 5.00
C PRO E 903 -14.33 -45.40 4.59
N ASP E 904 -15.13 -44.72 3.77
CA ASP E 904 -16.34 -45.31 3.24
C ASP E 904 -15.95 -46.62 2.58
N THR E 905 -14.77 -46.62 1.99
CA THR E 905 -14.14 -47.83 1.52
C THR E 905 -13.14 -48.31 2.56
N GLN E 906 -13.22 -49.57 2.90
CA GLN E 906 -12.33 -50.15 3.90
C GLN E 906 -11.28 -50.98 3.20
N ALA E 907 -10.12 -50.36 2.98
CA ALA E 907 -9.12 -50.93 2.11
C ALA E 907 -8.09 -51.77 2.85
N ASN E 908 -7.77 -51.37 4.07
CA ASN E 908 -6.75 -52.09 4.83
C ASN E 908 -7.32 -53.35 5.47
N VAL E 909 -8.60 -53.60 5.24
CA VAL E 909 -9.22 -54.84 5.66
C VAL E 909 -8.79 -55.95 4.72
N VAL E 910 -8.54 -55.57 3.48
CA VAL E 910 -8.02 -56.48 2.48
C VAL E 910 -6.59 -56.84 2.80
N THR E 911 -5.89 -55.83 3.31
CA THR E 911 -4.48 -55.92 3.56
C THR E 911 -4.16 -56.95 4.61
N THR E 912 -3.01 -57.58 4.47
CA THR E 912 -2.70 -58.78 5.22
C THR E 912 -1.70 -58.47 6.32
N ASP E 913 -1.55 -59.41 7.26
CA ASP E 913 -0.73 -59.21 8.43
C ASP E 913 0.76 -59.38 8.19
N THR E 914 1.12 -59.85 7.00
CA THR E 914 2.51 -60.16 6.71
C THR E 914 3.35 -58.89 6.75
N SER E 915 4.58 -59.02 7.21
CA SER E 915 5.41 -57.87 7.52
C SER E 915 6.89 -58.14 7.37
N ASP E 916 7.68 -57.09 7.53
CA ASP E 916 9.13 -57.17 7.48
C ASP E 916 9.65 -58.07 8.59
N TRP E 917 10.90 -58.49 8.47
CA TRP E 917 11.47 -59.43 9.43
C TRP E 917 12.05 -58.68 10.62
N ALA E 918 12.62 -57.52 10.36
CA ALA E 918 13.25 -56.74 11.40
C ALA E 918 12.28 -55.88 12.18
N THR E 919 11.68 -54.90 11.50
CA THR E 919 10.86 -53.90 12.16
C THR E 919 9.38 -54.22 12.11
N ASN E 920 9.03 -55.29 11.42
CA ASN E 920 7.64 -55.72 11.37
C ASN E 920 6.75 -54.70 10.69
N CYS E 921 7.31 -53.97 9.72
CA CYS E 921 6.51 -53.08 8.88
C CYS E 921 5.70 -53.93 7.93
N PRO E 922 4.43 -53.60 7.74
CA PRO E 922 3.56 -54.54 7.03
C PRO E 922 3.74 -54.58 5.53
N GLU E 923 3.11 -55.58 4.93
CA GLU E 923 3.13 -55.75 3.50
C GLU E 923 1.90 -55.11 2.90
N TYR E 924 1.97 -53.80 2.71
CA TYR E 924 0.88 -53.04 2.15
C TYR E 924 0.84 -53.15 0.65
N LYS E 925 2.02 -53.20 0.06
CA LYS E 925 2.18 -53.07 -1.36
C LYS E 925 2.03 -54.38 -2.09
N VAL E 926 1.70 -55.43 -1.35
CA VAL E 926 1.48 -56.73 -1.94
C VAL E 926 0.35 -57.43 -1.24
N THR E 927 -0.62 -57.86 -2.03
CA THR E 927 -1.74 -58.59 -1.49
C THR E 927 -2.47 -59.30 -2.62
N ALA E 928 -2.54 -60.61 -2.52
CA ALA E 928 -3.22 -61.41 -3.51
C ALA E 928 -4.70 -61.18 -3.44
N VAL E 929 -5.30 -60.69 -4.52
CA VAL E 929 -6.70 -60.37 -4.52
C VAL E 929 -7.42 -60.93 -5.73
N GLN E 930 -8.74 -60.79 -5.69
CA GLN E 930 -9.60 -61.20 -6.76
C GLN E 930 -10.60 -60.09 -7.02
N VAL E 931 -10.39 -59.38 -8.12
CA VAL E 931 -11.29 -58.31 -8.49
C VAL E 931 -12.38 -58.87 -9.37
N ALA E 932 -13.61 -58.69 -8.94
CA ALA E 932 -14.75 -59.18 -9.71
C ALA E 932 -15.85 -58.15 -9.71
N ALA E 933 -16.89 -58.37 -10.51
CA ALA E 933 -17.98 -57.42 -10.59
C ALA E 933 -19.04 -57.73 -9.55
N SER E 934 -19.62 -56.68 -8.98
CA SER E 934 -20.62 -56.83 -7.95
C SER E 934 -21.44 -55.56 -7.74
N ASN E 935 -22.55 -55.73 -7.04
CA ASN E 935 -23.48 -54.64 -6.78
C ASN E 935 -23.64 -54.39 -5.29
N GLY E 936 -23.96 -55.44 -4.55
CA GLY E 936 -24.09 -55.33 -3.11
C GLY E 936 -22.76 -54.91 -2.54
N PRO E 937 -22.75 -53.88 -1.68
CA PRO E 937 -21.45 -53.33 -1.32
C PRO E 937 -20.56 -54.34 -0.59
N SER E 938 -21.02 -54.83 0.55
CA SER E 938 -20.23 -55.77 1.33
C SER E 938 -20.96 -56.19 2.60
N ASP E 939 -20.34 -57.10 3.33
CA ASP E 939 -20.85 -57.53 4.62
C ASP E 939 -20.12 -56.82 5.74
N TRP E 940 -18.91 -56.35 5.46
CA TRP E 940 -18.08 -55.71 6.46
C TRP E 940 -18.39 -54.23 6.55
N GLN E 941 -18.50 -53.59 5.40
CA GLN E 941 -18.72 -52.16 5.34
C GLN E 941 -20.03 -51.79 6.02
N GLN E 942 -21.03 -52.62 5.84
CA GLN E 942 -22.33 -52.40 6.46
C GLN E 942 -22.21 -52.35 7.98
N ASP E 943 -21.61 -53.41 8.54
CA ASP E 943 -21.42 -53.48 9.98
C ASP E 943 -20.57 -52.34 10.48
N TYR E 944 -19.57 -51.97 9.71
CA TYR E 944 -18.68 -50.89 10.10
C TYR E 944 -19.45 -49.59 10.22
N ALA E 945 -20.25 -49.29 9.21
CA ALA E 945 -21.03 -48.07 9.20
C ALA E 945 -22.02 -48.10 10.35
N ALA E 946 -22.60 -49.26 10.60
CA ALA E 946 -23.55 -49.42 11.69
C ALA E 946 -22.90 -49.04 13.01
N GLN E 947 -21.73 -49.63 13.25
CA GLN E 947 -20.95 -49.38 14.45
C GLN E 947 -20.61 -47.90 14.59
N ALA E 948 -20.13 -47.32 13.49
CA ALA E 948 -19.65 -45.96 13.49
C ALA E 948 -20.77 -44.98 13.75
N ALA E 949 -21.97 -45.37 13.33
CA ALA E 949 -23.14 -44.52 13.48
C ALA E 949 -23.68 -44.65 14.89
N ALA E 950 -23.60 -45.86 15.42
CA ALA E 950 -24.08 -46.13 16.76
C ALA E 950 -23.05 -45.76 17.81
N ALA E 951 -21.93 -45.19 17.38
CA ALA E 951 -20.84 -44.87 18.29
C ALA E 951 -20.43 -43.40 18.24
N ARG E 952 -20.75 -42.74 17.13
CA ARG E 952 -20.41 -41.34 16.98
C ARG E 952 -21.58 -40.45 17.37
N ARG E 953 -22.49 -40.99 18.17
CA ARG E 953 -23.62 -40.23 18.66
C ARG E 953 -23.33 -39.71 20.06
N ILE E 954 -23.74 -38.46 20.30
CA ILE E 954 -23.39 -37.77 21.53
C ILE E 954 -24.65 -37.49 22.34
N GLU E 955 -24.47 -37.25 23.64
CA GLU E 955 -25.57 -37.02 24.54
C GLU E 955 -25.20 -36.00 25.61
N MET F 1 12.72 -24.13 -82.74
CA MET F 1 13.47 -23.00 -82.13
C MET F 1 13.34 -23.06 -80.62
N LYS F 2 14.43 -22.74 -79.93
CA LYS F 2 14.45 -22.81 -78.47
C LYS F 2 13.54 -21.77 -77.86
N ILE F 3 12.88 -22.17 -76.78
CA ILE F 3 11.96 -21.29 -76.07
C ILE F 3 12.28 -21.31 -74.59
N TRP F 4 12.31 -20.13 -74.00
CA TRP F 4 12.60 -19.99 -72.58
C TRP F 4 11.45 -19.28 -71.87
N LEU F 5 10.46 -20.05 -71.45
CA LEU F 5 9.31 -19.50 -70.76
C LEU F 5 9.51 -19.57 -69.25
N PRO F 6 9.44 -18.41 -68.56
CA PRO F 6 9.73 -18.41 -67.12
C PRO F 6 8.83 -19.30 -66.29
N CYS F 7 9.38 -19.79 -65.18
CA CYS F 7 8.64 -20.66 -64.26
C CYS F 7 8.38 -19.93 -62.94
N ASP F 8 8.75 -18.67 -62.89
CA ASP F 8 8.63 -17.87 -61.68
C ASP F 8 7.17 -17.54 -61.40
N ALA F 9 6.88 -17.22 -60.13
CA ALA F 9 5.54 -16.86 -59.72
C ALA F 9 5.11 -15.57 -60.41
N ALA F 10 6.08 -14.71 -60.66
CA ALA F 10 5.84 -13.44 -61.32
C ALA F 10 5.35 -13.66 -62.74
N ALA F 11 5.47 -14.88 -63.23
CA ALA F 11 5.10 -15.22 -64.58
C ALA F 11 3.83 -16.06 -64.60
N LYS F 12 3.79 -17.06 -63.71
CA LYS F 12 2.65 -17.93 -63.58
C LYS F 12 1.41 -17.14 -63.17
N ALA F 13 1.64 -16.04 -62.46
CA ALA F 13 0.56 -15.18 -62.03
C ALA F 13 -0.09 -14.49 -63.21
N CYS F 14 0.73 -13.90 -64.05
CA CYS F 14 0.25 -13.14 -65.21
C CYS F 14 -0.24 -14.06 -66.32
N GLY F 15 -0.14 -15.37 -66.11
CA GLY F 15 -0.70 -16.33 -67.04
C GLY F 15 0.31 -17.02 -67.92
N ALA F 16 1.53 -17.16 -67.44
CA ALA F 16 2.60 -17.78 -68.21
C ALA F 16 2.22 -19.20 -68.64
N GLU F 17 1.49 -19.89 -67.78
CA GLU F 17 1.06 -21.25 -68.06
C GLU F 17 0.10 -21.28 -69.24
N ALA F 18 -0.76 -20.27 -69.32
CA ALA F 18 -1.70 -20.15 -70.42
C ALA F 18 -0.92 -19.98 -71.72
N VAL F 19 0.17 -19.24 -71.63
CA VAL F 19 1.03 -19.01 -72.78
C VAL F 19 1.65 -20.32 -73.21
N LEU F 20 2.05 -21.11 -72.22
CA LEU F 20 2.63 -22.41 -72.48
C LEU F 20 1.64 -23.27 -73.24
N ALA F 21 0.41 -23.30 -72.73
CA ALA F 21 -0.67 -24.04 -73.35
C ALA F 21 -0.87 -23.62 -74.80
N ALA F 22 -0.91 -22.31 -75.02
CA ALA F 22 -1.17 -21.77 -76.34
C ALA F 22 -0.05 -22.13 -77.30
N LEU F 23 1.18 -22.05 -76.81
CA LEU F 23 2.34 -22.42 -77.61
C LEU F 23 2.26 -23.86 -78.04
N ARG F 24 1.99 -24.73 -77.08
CA ARG F 24 1.94 -26.16 -77.35
C ARG F 24 0.82 -26.46 -78.32
N LEU F 25 -0.30 -25.74 -78.16
CA LEU F 25 -1.44 -25.87 -79.03
C LEU F 25 -1.07 -25.53 -80.47
N GLU F 26 -0.44 -24.39 -80.63
CA GLU F 26 -0.07 -23.89 -81.96
C GLU F 26 0.92 -24.83 -82.62
N ALA F 27 1.87 -25.33 -81.83
CA ALA F 27 2.89 -26.22 -82.35
C ALA F 27 2.26 -27.53 -82.79
N GLU F 28 1.31 -28.01 -82.00
CA GLU F 28 0.52 -29.17 -82.37
C GLU F 28 -0.23 -28.91 -83.66
N LYS F 29 -0.67 -27.68 -83.84
CA LYS F 29 -1.38 -27.27 -85.04
C LYS F 29 -0.41 -26.84 -86.13
N ARG F 30 0.79 -26.43 -85.72
CA ARG F 30 1.82 -26.03 -86.66
C ARG F 30 3.11 -26.75 -86.34
N GLY F 31 3.38 -27.82 -87.09
CA GLY F 31 4.53 -28.65 -86.86
C GLY F 31 5.83 -27.88 -86.72
N GLY F 32 6.45 -28.01 -85.55
CA GLY F 32 7.70 -27.34 -85.26
C GLY F 32 8.50 -28.10 -84.23
N ALA F 33 9.64 -27.54 -83.84
CA ALA F 33 10.50 -28.16 -82.84
C ALA F 33 9.82 -28.13 -81.47
N LEU F 34 9.44 -26.94 -81.04
CA LEU F 34 8.76 -26.76 -79.76
C LEU F 34 9.63 -27.26 -78.62
N ASP F 35 10.78 -26.61 -78.51
CA ASP F 35 11.74 -26.88 -77.44
C ASP F 35 11.59 -25.82 -76.35
N ILE F 36 11.02 -26.23 -75.21
CA ILE F 36 10.72 -25.27 -74.14
C ILE F 36 11.68 -25.41 -72.97
N ALA F 37 12.04 -24.25 -72.41
CA ALA F 37 12.80 -24.20 -71.17
C ALA F 37 11.94 -23.50 -70.13
N ARG F 38 12.35 -23.59 -68.88
CA ARG F 38 11.55 -23.08 -67.78
C ARG F 38 12.41 -22.28 -66.82
N ASN F 39 13.16 -21.33 -67.37
CA ASN F 39 14.08 -20.53 -66.60
C ASN F 39 13.36 -19.69 -65.56
N GLY F 40 14.13 -18.97 -64.76
CA GLY F 40 13.58 -18.10 -63.74
C GLY F 40 13.17 -16.77 -64.33
N SER F 41 13.32 -15.71 -63.54
CA SER F 41 13.03 -14.37 -64.02
C SER F 41 14.30 -13.56 -64.20
N ARG F 42 14.37 -12.87 -65.33
CA ARG F 42 15.49 -11.99 -65.61
C ARG F 42 15.50 -10.81 -64.67
N GLY F 43 14.31 -10.41 -64.23
CA GLY F 43 14.16 -9.32 -63.29
C GLY F 43 13.34 -8.17 -63.79
N MET F 44 12.80 -8.30 -65.00
CA MET F 44 11.95 -7.28 -65.58
C MET F 44 10.53 -7.78 -65.62
N ILE F 45 9.76 -7.35 -64.63
CA ILE F 45 8.47 -7.92 -64.32
C ILE F 45 7.37 -7.31 -65.18
N TRP F 46 7.66 -6.15 -65.75
CA TRP F 46 6.66 -5.45 -66.53
C TRP F 46 6.37 -6.17 -67.84
N LEU F 47 7.17 -7.18 -68.12
CA LEU F 47 6.99 -8.00 -69.31
C LEU F 47 7.33 -9.45 -68.97
N GLU F 48 7.07 -9.83 -67.73
CA GLU F 48 7.59 -11.08 -67.18
C GLU F 48 7.26 -12.30 -68.04
N PRO F 49 6.05 -12.33 -68.63
CA PRO F 49 5.76 -13.46 -69.52
C PRO F 49 6.51 -13.32 -70.84
N LEU F 50 7.83 -13.27 -70.76
CA LEU F 50 8.66 -13.00 -71.92
C LEU F 50 9.19 -14.30 -72.51
N LEU F 51 9.01 -14.44 -73.81
CA LEU F 51 9.38 -15.67 -74.50
C LEU F 51 10.73 -15.52 -75.20
N GLU F 52 11.79 -15.65 -74.42
CA GLU F 52 13.14 -15.53 -74.96
C GLU F 52 13.43 -16.64 -75.94
N VAL F 53 13.74 -16.27 -77.18
CA VAL F 53 14.02 -17.24 -78.24
C VAL F 53 15.48 -17.15 -78.64
N GLU F 54 16.09 -18.30 -78.86
CA GLU F 54 17.50 -18.36 -79.19
C GLU F 54 17.78 -17.93 -80.62
N THR F 55 18.90 -17.26 -80.81
CA THR F 55 19.40 -16.88 -82.12
C THR F 55 20.92 -16.84 -82.04
N PRO F 56 21.59 -16.92 -83.19
CA PRO F 56 23.06 -16.89 -83.20
C PRO F 56 23.61 -15.64 -82.52
N ALA F 57 22.81 -14.59 -82.51
CA ALA F 57 23.22 -13.31 -81.93
C ALA F 57 23.06 -13.33 -80.42
N GLY F 58 22.10 -14.10 -79.93
CA GLY F 58 21.81 -14.16 -78.51
C GLY F 58 20.44 -14.71 -78.19
N ARG F 59 19.69 -13.98 -77.38
CA ARG F 59 18.34 -14.40 -77.02
C ARG F 59 17.40 -13.22 -77.12
N ILE F 60 16.50 -13.28 -78.10
CA ILE F 60 15.58 -12.18 -78.34
C ILE F 60 14.38 -12.32 -77.43
N GLY F 61 14.08 -11.23 -76.72
CA GLY F 61 12.99 -11.22 -75.76
C GLY F 61 11.72 -10.66 -76.33
N PHE F 62 10.60 -11.10 -75.78
CA PHE F 62 9.28 -10.63 -76.19
C PHE F 62 8.59 -9.99 -75.00
N GLY F 63 7.54 -9.23 -75.28
CA GLY F 63 6.87 -8.48 -74.25
C GLY F 63 6.02 -9.32 -73.32
N PRO F 64 5.05 -8.69 -72.68
CA PRO F 64 4.12 -9.40 -71.79
C PRO F 64 3.20 -10.30 -72.60
N MET F 65 3.76 -11.44 -73.01
CA MET F 65 3.07 -12.33 -73.93
C MET F 65 1.76 -12.84 -73.35
N THR F 66 0.69 -12.54 -74.07
CA THR F 66 -0.60 -13.15 -73.78
C THR F 66 -0.82 -14.29 -74.78
N PRO F 67 -1.66 -15.26 -74.42
CA PRO F 67 -1.86 -16.46 -75.24
C PRO F 67 -2.49 -16.15 -76.60
N ALA F 68 -3.13 -14.99 -76.68
CA ALA F 68 -3.83 -14.57 -77.89
C ALA F 68 -2.85 -14.03 -78.91
N ASP F 69 -1.65 -13.72 -78.43
CA ASP F 69 -0.63 -13.06 -79.24
C ASP F 69 0.38 -14.08 -79.72
N VAL F 70 0.29 -15.29 -79.16
CA VAL F 70 1.10 -16.42 -79.56
C VAL F 70 1.01 -16.73 -81.07
N PRO F 71 -0.20 -16.66 -81.65
CA PRO F 71 -0.35 -16.90 -83.09
C PRO F 71 0.59 -16.02 -83.92
N ALA F 72 0.98 -14.90 -83.34
CA ALA F 72 1.90 -13.98 -84.00
C ALA F 72 3.27 -14.61 -84.18
N LEU F 73 3.52 -15.68 -83.43
CA LEU F 73 4.77 -16.41 -83.54
C LEU F 73 4.71 -17.43 -84.66
N PHE F 74 5.84 -18.06 -84.93
CA PHE F 74 5.93 -19.11 -85.94
C PHE F 74 5.70 -18.58 -87.35
N ASP F 75 5.56 -17.26 -87.49
CA ASP F 75 5.38 -16.64 -88.79
C ASP F 75 6.50 -15.64 -89.06
N ALA F 76 6.75 -14.77 -88.09
CA ALA F 76 7.84 -13.80 -88.19
C ALA F 76 8.17 -13.22 -86.83
N LEU F 77 9.42 -13.37 -86.42
CA LEU F 77 9.88 -12.87 -85.13
C LEU F 77 10.35 -11.42 -85.22
N GLU F 78 10.40 -10.90 -86.44
CA GLU F 78 10.91 -9.54 -86.67
C GLU F 78 9.77 -8.54 -86.69
N SER F 79 8.65 -8.94 -87.27
CA SER F 79 7.51 -8.04 -87.45
C SER F 79 6.54 -8.19 -86.31
N HIS F 80 7.01 -8.71 -85.19
CA HIS F 80 6.15 -8.94 -84.05
C HIS F 80 5.91 -7.63 -83.29
N PRO F 81 4.68 -7.42 -82.81
CA PRO F 81 4.39 -6.19 -82.07
C PRO F 81 5.17 -6.09 -80.77
N LYS F 82 5.12 -7.14 -79.97
CA LYS F 82 5.87 -7.20 -78.73
C LYS F 82 7.26 -7.78 -78.96
N ALA F 83 8.07 -7.06 -79.72
CA ALA F 83 9.42 -7.50 -80.02
C ALA F 83 10.41 -6.54 -79.38
N LEU F 84 11.37 -7.09 -78.64
CA LEU F 84 12.26 -6.31 -77.80
C LEU F 84 13.71 -6.41 -78.24
N GLY F 85 14.02 -7.45 -79.02
CA GLY F 85 15.38 -7.71 -79.41
C GLY F 85 16.14 -8.42 -78.30
N LEU F 86 17.45 -8.26 -78.29
CA LEU F 86 18.27 -8.90 -77.27
C LEU F 86 17.89 -8.41 -75.89
N VAL F 87 17.44 -9.34 -75.07
CA VAL F 87 17.02 -9.06 -73.70
C VAL F 87 18.18 -8.49 -72.89
N GLU F 88 19.40 -8.93 -73.19
CA GLU F 88 20.57 -8.51 -72.45
C GLU F 88 20.97 -7.08 -72.79
N GLU F 89 20.37 -6.55 -73.84
CA GLU F 89 20.75 -5.25 -74.37
C GLU F 89 19.79 -4.18 -73.91
N ILE F 90 18.83 -4.57 -73.08
CA ILE F 90 17.86 -3.63 -72.58
C ILE F 90 18.53 -2.76 -71.51
N PRO F 91 18.32 -1.43 -71.58
CA PRO F 91 19.00 -0.51 -70.68
C PRO F 91 18.72 -0.79 -69.21
N PHE F 92 17.57 -1.40 -68.94
CA PHE F 92 17.21 -1.78 -67.59
C PHE F 92 18.09 -2.91 -67.10
N PHE F 93 18.69 -3.63 -68.05
CA PHE F 93 19.53 -4.77 -67.75
C PHE F 93 21.00 -4.42 -67.90
N LYS F 94 21.29 -3.53 -68.84
CA LYS F 94 22.65 -3.15 -69.16
C LYS F 94 23.30 -2.36 -68.05
N ARG F 95 22.51 -1.54 -67.39
CA ARG F 95 23.02 -0.64 -66.35
C ARG F 95 23.26 -1.36 -65.05
N GLN F 96 22.99 -2.66 -65.03
CA GLN F 96 23.16 -3.46 -63.82
C GLN F 96 24.54 -4.08 -63.71
N THR F 97 25.14 -3.94 -62.54
CA THR F 97 26.38 -4.63 -62.22
C THR F 97 26.11 -6.13 -62.19
N ARG F 98 25.07 -6.50 -61.46
CA ARG F 98 24.52 -7.85 -61.50
C ARG F 98 25.53 -8.95 -61.19
N LEU F 99 26.02 -8.99 -59.96
CA LEU F 99 26.93 -10.04 -59.52
C LEU F 99 26.17 -11.23 -58.91
N THR F 100 25.46 -10.95 -57.82
CA THR F 100 24.79 -11.99 -57.06
C THR F 100 23.72 -12.69 -57.89
N PHE F 101 22.95 -11.93 -58.65
CA PHE F 101 21.89 -12.48 -59.47
C PHE F 101 22.39 -12.80 -60.87
N ALA F 102 23.70 -12.98 -61.01
CA ALA F 102 24.34 -13.07 -62.31
C ALA F 102 23.74 -14.18 -63.16
N ARG F 103 23.55 -15.34 -62.56
CA ARG F 103 23.13 -16.53 -63.30
C ARG F 103 21.73 -16.96 -62.93
N CYS F 104 20.85 -15.98 -62.73
CA CYS F 104 19.50 -16.25 -62.27
C CYS F 104 18.55 -16.62 -63.40
N GLY F 105 18.34 -15.69 -64.32
CA GLY F 105 17.27 -15.82 -65.29
C GLY F 105 17.69 -16.34 -66.65
N ARG F 106 18.86 -16.97 -66.72
CA ARG F 106 19.39 -17.44 -67.98
C ARG F 106 19.73 -18.92 -67.93
N ILE F 107 19.30 -19.59 -66.86
CA ILE F 107 19.51 -21.01 -66.73
C ILE F 107 18.25 -21.69 -66.22
N GLU F 108 18.15 -22.97 -66.49
CA GLU F 108 17.14 -23.77 -65.84
C GLU F 108 17.59 -23.99 -64.40
N PRO F 109 16.77 -23.59 -63.43
CA PRO F 109 17.20 -23.53 -62.03
C PRO F 109 17.61 -24.88 -61.46
N LEU F 110 16.91 -25.94 -61.85
CA LEU F 110 17.18 -27.28 -61.34
C LEU F 110 18.04 -28.07 -62.30
N SER F 111 18.89 -27.37 -63.05
CA SER F 111 19.81 -28.02 -63.97
C SER F 111 21.24 -27.86 -63.48
N LEU F 112 21.79 -28.94 -62.94
CA LEU F 112 23.15 -28.91 -62.41
C LEU F 112 24.17 -28.67 -63.49
N ALA F 113 23.88 -29.16 -64.69
CA ALA F 113 24.79 -29.03 -65.80
C ALA F 113 25.05 -27.56 -66.10
N GLN F 114 23.97 -26.80 -66.22
CA GLN F 114 24.05 -25.39 -66.54
C GLN F 114 24.70 -24.62 -65.42
N PHE F 115 24.32 -24.94 -64.18
CA PHE F 115 24.87 -24.27 -63.04
C PHE F 115 26.38 -24.46 -62.96
N ALA F 116 26.81 -25.68 -63.25
CA ALA F 116 28.22 -26.04 -63.18
C ALA F 116 28.97 -25.34 -64.29
N ALA F 117 28.34 -25.30 -65.45
CA ALA F 117 28.89 -24.63 -66.61
C ALA F 117 28.86 -23.12 -66.41
N ALA F 118 28.09 -22.69 -65.41
CA ALA F 118 27.95 -21.28 -65.09
C ALA F 118 28.82 -20.89 -63.90
N GLU F 119 29.95 -21.56 -63.78
CA GLU F 119 30.89 -21.32 -62.69
C GLU F 119 30.33 -21.89 -61.39
N GLY F 120 29.48 -22.90 -61.51
CA GLY F 120 28.82 -23.48 -60.36
C GLY F 120 29.70 -24.41 -59.56
N TRP F 121 29.45 -24.45 -58.25
CA TRP F 121 30.17 -25.34 -57.35
C TRP F 121 31.66 -25.03 -57.34
N ALA F 122 32.01 -23.77 -57.61
CA ALA F 122 33.40 -23.36 -57.63
C ALA F 122 33.87 -23.02 -56.24
N GLY F 123 33.15 -22.11 -55.59
CA GLY F 123 33.52 -21.64 -54.28
C GLY F 123 33.53 -22.77 -53.27
N LEU F 124 32.57 -23.67 -53.40
CA LEU F 124 32.45 -24.80 -52.50
C LEU F 124 33.65 -25.71 -52.65
N ARG F 125 33.99 -26.03 -53.90
CA ARG F 125 35.10 -26.92 -54.18
C ARG F 125 36.43 -26.26 -53.87
N LYS F 126 36.39 -24.95 -53.68
CA LYS F 126 37.57 -24.19 -53.33
C LYS F 126 37.78 -24.09 -51.83
N ALA F 127 36.68 -24.07 -51.09
CA ALA F 127 36.73 -23.81 -49.66
C ALA F 127 37.23 -25.02 -48.89
N LEU F 128 36.83 -26.20 -49.33
CA LEU F 128 37.17 -27.43 -48.63
C LEU F 128 38.68 -27.62 -48.58
N LYS F 129 39.37 -27.08 -49.57
CA LYS F 129 40.82 -27.11 -49.60
C LYS F 129 41.37 -26.14 -48.57
N MET F 130 40.66 -25.04 -48.40
CA MET F 130 41.05 -24.01 -47.46
C MET F 130 40.81 -24.48 -46.05
N THR F 131 41.14 -23.64 -45.09
CA THR F 131 40.89 -23.97 -43.70
C THR F 131 39.65 -23.24 -43.19
N PRO F 132 39.09 -23.70 -42.06
CA PRO F 132 37.93 -23.06 -41.45
C PRO F 132 38.19 -21.62 -41.03
N ALA F 133 39.46 -21.28 -40.86
CA ALA F 133 39.85 -19.96 -40.39
C ALA F 133 40.27 -19.06 -41.54
N GLU F 134 40.90 -19.65 -42.54
CA GLU F 134 41.30 -18.90 -43.73
C GLU F 134 40.06 -18.36 -44.43
N VAL F 135 39.06 -19.22 -44.57
CA VAL F 135 37.83 -18.85 -45.24
C VAL F 135 37.13 -17.74 -44.46
N VAL F 136 37.18 -17.86 -43.13
CA VAL F 136 36.56 -16.89 -42.26
C VAL F 136 37.21 -15.54 -42.45
N GLU F 137 38.54 -15.51 -42.49
CA GLU F 137 39.25 -14.26 -42.68
C GLU F 137 39.03 -13.70 -44.08
N GLU F 138 38.84 -14.57 -45.04
CA GLU F 138 38.55 -14.13 -46.39
C GLU F 138 37.23 -13.38 -46.41
N VAL F 139 36.24 -13.99 -45.77
CA VAL F 139 34.91 -13.41 -45.67
C VAL F 139 34.94 -12.12 -44.88
N LEU F 140 35.84 -12.06 -43.90
CA LEU F 140 35.96 -10.92 -43.03
C LEU F 140 36.61 -9.73 -43.71
N ALA F 141 37.59 -10.02 -44.57
CA ALA F 141 38.34 -9.00 -45.25
C ALA F 141 37.39 -8.06 -45.98
N SER F 142 36.41 -8.67 -46.65
CA SER F 142 35.36 -7.92 -47.30
C SER F 142 34.46 -7.25 -46.27
N GLY F 143 34.28 -7.91 -45.14
CA GLY F 143 33.37 -7.43 -44.11
C GLY F 143 32.02 -7.19 -44.75
N LEU F 144 31.36 -8.27 -45.14
CA LEU F 144 30.35 -8.16 -46.17
C LEU F 144 29.21 -7.24 -45.76
N ARG F 145 28.25 -7.73 -44.97
CA ARG F 145 27.43 -6.93 -44.07
C ARG F 145 26.23 -7.74 -43.63
N GLY F 146 25.40 -7.16 -42.76
CA GLY F 146 24.06 -7.65 -42.56
C GLY F 146 23.12 -7.05 -43.60
N ARG F 147 22.50 -7.90 -44.39
CA ARG F 147 21.66 -7.45 -45.49
C ARG F 147 20.20 -7.29 -45.08
N GLY F 148 19.76 -8.11 -44.13
CA GLY F 148 18.37 -8.11 -43.72
C GLY F 148 18.12 -7.21 -42.52
N GLY F 149 18.99 -6.22 -42.33
CA GLY F 149 18.88 -5.34 -41.20
C GLY F 149 19.77 -4.11 -41.28
N ALA F 150 20.28 -3.70 -40.12
CA ALA F 150 21.15 -2.54 -40.03
C ALA F 150 22.47 -2.81 -40.73
N GLY F 151 22.97 -4.03 -40.55
CA GLY F 151 24.22 -4.44 -41.16
C GLY F 151 25.32 -4.68 -40.15
N PHE F 152 25.53 -5.94 -39.84
CA PHE F 152 26.62 -6.35 -38.97
C PHE F 152 27.62 -7.16 -39.77
N PRO F 153 28.92 -6.93 -39.54
CA PRO F 153 29.89 -7.73 -40.30
C PRO F 153 29.73 -9.21 -40.03
N THR F 154 29.44 -9.97 -41.08
CA THR F 154 29.19 -11.39 -40.95
C THR F 154 30.46 -12.11 -40.50
N GLY F 155 31.60 -11.55 -40.84
CA GLY F 155 32.86 -12.15 -40.49
C GLY F 155 32.99 -12.27 -38.99
N ILE F 156 32.62 -11.22 -38.29
CA ILE F 156 32.72 -11.16 -36.85
C ILE F 156 31.81 -12.21 -36.24
N LYS F 157 30.64 -12.37 -36.83
CA LYS F 157 29.68 -13.35 -36.36
C LYS F 157 30.24 -14.74 -36.49
N TRP F 158 30.81 -15.01 -37.65
CA TRP F 158 31.37 -16.32 -37.94
C TRP F 158 32.49 -16.62 -36.97
N ARG F 159 33.28 -15.60 -36.70
CA ARG F 159 34.39 -15.72 -35.78
C ARG F 159 33.90 -16.06 -34.39
N THR F 160 32.87 -15.33 -33.95
CA THR F 160 32.30 -15.52 -32.63
C THR F 160 31.76 -16.92 -32.47
N VAL F 161 31.10 -17.42 -33.50
CA VAL F 161 30.52 -18.75 -33.45
C VAL F 161 31.61 -19.81 -33.45
N ALA F 162 32.65 -19.58 -34.24
CA ALA F 162 33.72 -20.55 -34.38
C ALA F 162 34.50 -20.65 -33.07
N ALA F 163 34.64 -19.51 -32.39
CA ALA F 163 35.34 -19.47 -31.11
C ALA F 163 34.39 -19.76 -29.97
N ALA F 164 33.61 -20.82 -30.11
CA ALA F 164 32.63 -21.20 -29.10
C ALA F 164 32.41 -22.70 -29.14
N GLN F 165 32.64 -23.34 -28.01
CA GLN F 165 32.72 -24.80 -27.96
C GLN F 165 31.39 -25.47 -27.65
N ALA F 166 31.06 -26.47 -28.47
CA ALA F 166 29.87 -27.27 -28.29
C ALA F 166 29.90 -28.44 -29.26
N ASP F 167 29.11 -29.46 -28.97
CA ASP F 167 29.13 -30.68 -29.76
C ASP F 167 28.49 -30.46 -31.13
N GLN F 168 27.55 -29.54 -31.19
CA GLN F 168 26.78 -29.32 -32.41
C GLN F 168 26.39 -27.86 -32.57
N LYS F 169 27.00 -27.21 -33.54
CA LYS F 169 26.63 -25.86 -33.89
C LYS F 169 25.64 -25.90 -35.04
N TYR F 170 25.06 -24.76 -35.37
CA TYR F 170 23.99 -24.70 -36.35
C TYR F 170 24.16 -23.53 -37.29
N ILE F 171 23.44 -23.59 -38.39
CA ILE F 171 23.43 -22.50 -39.35
C ILE F 171 22.03 -22.33 -39.89
N VAL F 172 21.61 -21.08 -40.02
CA VAL F 172 20.25 -20.76 -40.39
C VAL F 172 20.20 -19.62 -41.39
N CYS F 173 19.37 -19.79 -42.40
CA CYS F 173 19.09 -18.74 -43.37
C CYS F 173 17.68 -18.23 -43.17
N ASN F 174 17.58 -16.95 -42.87
CA ASN F 174 16.30 -16.33 -42.56
C ASN F 174 15.68 -15.69 -43.78
N VAL F 175 15.19 -16.51 -44.70
CA VAL F 175 14.43 -16.01 -45.84
C VAL F 175 12.97 -15.97 -45.44
N ASP F 176 12.60 -14.90 -44.75
CA ASP F 176 11.23 -14.68 -44.30
C ASP F 176 10.87 -13.25 -44.58
N GLU F 177 11.15 -12.82 -45.80
CA GLU F 177 10.95 -11.44 -46.19
C GLU F 177 9.46 -11.14 -46.28
N GLY F 178 8.84 -10.97 -45.11
CA GLY F 178 7.42 -10.65 -45.04
C GLY F 178 7.16 -9.21 -45.38
N ASP F 179 8.23 -8.50 -45.70
CA ASP F 179 8.16 -7.11 -46.06
C ASP F 179 7.51 -6.91 -47.41
N SER F 180 7.08 -5.68 -47.67
CA SER F 180 6.48 -5.32 -48.93
C SER F 180 7.53 -4.72 -49.85
N GLY F 181 7.50 -5.13 -51.11
CA GLY F 181 8.46 -4.65 -52.08
C GLY F 181 9.69 -5.53 -52.13
N SER F 182 9.90 -6.27 -51.04
CA SER F 182 11.00 -7.19 -50.96
C SER F 182 10.61 -8.55 -51.53
N PHE F 183 11.16 -8.87 -52.69
CA PHE F 183 10.88 -10.13 -53.35
C PHE F 183 12.10 -10.70 -54.03
N ALA F 184 13.26 -10.18 -53.67
CA ALA F 184 14.52 -10.60 -54.27
C ALA F 184 14.84 -12.04 -53.90
N ASP F 185 14.56 -12.36 -52.65
CA ASP F 185 14.84 -13.68 -52.12
C ASP F 185 14.08 -14.73 -52.89
N ARG F 186 12.83 -14.41 -53.19
CA ARG F 186 11.97 -15.31 -53.95
C ARG F 186 12.56 -15.59 -55.32
N MET F 187 12.99 -14.54 -56.00
CA MET F 187 13.58 -14.69 -57.32
C MET F 187 14.83 -15.53 -57.24
N LEU F 188 15.59 -15.35 -56.17
CA LEU F 188 16.86 -16.03 -56.03
C LEU F 188 16.74 -17.50 -55.66
N ILE F 189 15.66 -17.87 -54.98
CA ILE F 189 15.50 -19.28 -54.60
C ILE F 189 14.54 -19.97 -55.54
N GLU F 190 13.92 -19.20 -56.43
CA GLU F 190 13.11 -19.76 -57.50
C GLU F 190 13.97 -19.91 -58.75
N GLY F 191 14.91 -18.99 -58.89
CA GLY F 191 15.86 -19.02 -59.99
C GLY F 191 17.24 -18.96 -59.38
N ASP F 192 18.11 -19.88 -59.76
CA ASP F 192 19.40 -20.02 -59.11
C ASP F 192 19.25 -20.38 -57.63
N PRO F 193 18.67 -21.56 -57.34
CA PRO F 193 18.59 -22.01 -55.95
C PRO F 193 19.93 -22.46 -55.42
N PHE F 194 20.67 -23.14 -56.29
CA PHE F 194 21.89 -23.84 -55.89
C PHE F 194 22.91 -22.94 -55.24
N CYS F 195 22.82 -21.64 -55.52
CA CYS F 195 23.76 -20.70 -54.93
C CYS F 195 23.58 -20.69 -53.43
N LEU F 196 22.34 -20.82 -52.99
CA LEU F 196 22.03 -20.82 -51.57
C LEU F 196 22.58 -22.08 -50.91
N VAL F 197 22.39 -23.21 -51.58
CA VAL F 197 22.91 -24.48 -51.10
C VAL F 197 24.40 -24.34 -50.90
N GLU F 198 25.03 -23.78 -51.92
CA GLU F 198 26.47 -23.59 -51.94
C GLU F 198 26.95 -22.72 -50.80
N GLY F 199 26.30 -21.59 -50.62
CA GLY F 199 26.68 -20.64 -49.60
C GLY F 199 26.52 -21.22 -48.22
N MET F 200 25.43 -21.93 -47.99
CA MET F 200 25.22 -22.55 -46.70
C MET F 200 26.26 -23.63 -46.46
N ALA F 201 26.60 -24.39 -47.50
CA ALA F 201 27.58 -25.46 -47.36
C ALA F 201 28.92 -24.88 -46.96
N ILE F 202 29.28 -23.80 -47.64
CA ILE F 202 30.52 -23.12 -47.38
C ILE F 202 30.55 -22.58 -45.97
N ALA F 203 29.46 -21.92 -45.57
CA ALA F 203 29.38 -21.29 -44.27
C ALA F 203 29.40 -22.33 -43.16
N GLY F 204 28.90 -23.52 -43.45
CA GLY F 204 28.86 -24.60 -42.48
C GLY F 204 30.20 -25.25 -42.34
N HIS F 205 30.91 -25.37 -43.46
CA HIS F 205 32.28 -25.85 -43.42
C HIS F 205 33.13 -24.87 -42.64
N ALA F 206 32.83 -23.59 -42.83
CA ALA F 206 33.63 -22.51 -42.28
C ALA F 206 33.47 -22.41 -40.78
N VAL F 207 32.23 -22.27 -40.34
CA VAL F 207 31.92 -22.09 -38.94
C VAL F 207 32.32 -23.32 -38.13
N GLY F 208 31.96 -24.49 -38.64
CA GLY F 208 32.16 -25.72 -37.90
C GLY F 208 30.88 -26.46 -37.59
N ALA F 209 29.90 -26.35 -38.49
CA ALA F 209 28.63 -27.04 -38.32
C ALA F 209 28.48 -28.19 -39.30
N THR F 210 27.45 -29.00 -39.07
CA THR F 210 27.12 -30.10 -39.95
C THR F 210 25.65 -30.05 -40.32
N ARG F 211 24.86 -29.45 -39.44
CA ARG F 211 23.43 -29.35 -39.63
C ARG F 211 23.05 -27.92 -39.98
N GLY F 212 22.14 -27.76 -40.92
CA GLY F 212 21.74 -26.45 -41.38
C GLY F 212 20.27 -26.36 -41.69
N TYR F 213 19.72 -25.16 -41.61
CA TYR F 213 18.30 -24.96 -41.86
C TYR F 213 18.05 -23.73 -42.70
N VAL F 214 16.90 -23.74 -43.37
CA VAL F 214 16.46 -22.60 -44.15
C VAL F 214 14.98 -22.37 -43.87
N TYR F 215 14.66 -21.12 -43.55
CA TYR F 215 13.31 -20.77 -43.14
C TYR F 215 12.59 -20.04 -44.24
N ILE F 216 11.67 -20.74 -44.89
CA ILE F 216 10.86 -20.17 -45.93
C ILE F 216 9.50 -19.81 -45.38
N ARG F 217 8.89 -18.78 -45.93
CA ARG F 217 7.53 -18.45 -45.58
C ARG F 217 6.56 -19.42 -46.22
N SER F 218 5.30 -19.25 -45.87
CA SER F 218 4.23 -20.05 -46.45
C SER F 218 3.60 -19.30 -47.61
N GLU F 219 3.93 -18.02 -47.71
CA GLU F 219 3.41 -17.20 -48.80
C GLU F 219 4.33 -17.30 -50.00
N TYR F 220 5.34 -18.16 -49.91
CA TYR F 220 6.25 -18.45 -51.01
C TYR F 220 6.34 -19.95 -51.31
N PRO F 221 5.22 -20.59 -51.66
CA PRO F 221 5.12 -22.04 -51.86
C PRO F 221 5.95 -22.62 -52.99
N ASP F 222 5.94 -21.96 -54.15
CA ASP F 222 6.66 -22.46 -55.31
C ASP F 222 8.14 -22.45 -55.01
N ALA F 223 8.56 -21.42 -54.29
CA ALA F 223 9.94 -21.29 -53.86
C ALA F 223 10.30 -22.41 -52.91
N ILE F 224 9.33 -22.80 -52.08
CA ILE F 224 9.55 -23.85 -51.11
C ILE F 224 9.82 -25.14 -51.86
N ALA F 225 8.95 -25.41 -52.82
CA ALA F 225 9.07 -26.60 -53.65
C ALA F 225 10.43 -26.66 -54.33
N VAL F 226 10.82 -25.53 -54.90
CA VAL F 226 12.09 -25.43 -55.59
C VAL F 226 13.25 -25.73 -54.66
N MET F 227 13.24 -25.13 -53.48
CA MET F 227 14.36 -25.29 -52.56
C MET F 227 14.42 -26.72 -52.09
N ARG F 228 13.27 -27.36 -51.96
CA ARG F 228 13.23 -28.75 -51.58
C ARG F 228 13.89 -29.58 -52.65
N ALA F 229 13.53 -29.30 -53.90
CA ALA F 229 14.10 -30.02 -55.02
C ALA F 229 15.60 -29.82 -55.08
N ALA F 230 16.04 -28.61 -54.74
CA ALA F 230 17.45 -28.25 -54.77
C ALA F 230 18.23 -29.04 -53.73
N ILE F 231 17.73 -29.01 -52.51
CA ILE F 231 18.38 -29.70 -51.41
C ILE F 231 18.39 -31.19 -51.71
N ALA F 232 17.37 -31.66 -52.40
CA ALA F 232 17.24 -33.08 -52.69
C ALA F 232 18.15 -33.51 -53.84
N MET F 233 18.45 -32.57 -54.72
CA MET F 233 19.28 -32.85 -55.89
C MET F 233 20.76 -32.82 -55.58
N ALA F 234 21.16 -31.93 -54.67
CA ALA F 234 22.56 -31.64 -54.46
C ALA F 234 23.15 -32.47 -53.33
N LYS F 235 22.53 -33.60 -53.04
CA LYS F 235 22.96 -34.42 -51.93
C LYS F 235 24.39 -34.91 -52.12
N PRO F 236 24.73 -35.35 -53.33
CA PRO F 236 26.12 -35.73 -53.62
C PRO F 236 27.10 -34.58 -53.42
N PHE F 237 26.71 -33.38 -53.85
CA PHE F 237 27.57 -32.22 -53.71
C PHE F 237 27.60 -31.74 -52.27
N LEU F 238 26.68 -32.24 -51.45
CA LEU F 238 26.56 -31.79 -50.08
C LEU F 238 27.37 -32.68 -49.15
N ALA F 239 27.30 -33.98 -49.41
CA ALA F 239 28.02 -34.97 -48.61
C ALA F 239 29.52 -34.68 -48.64
N GLU F 240 29.99 -34.19 -49.78
CA GLU F 240 31.39 -33.85 -49.96
C GLU F 240 31.87 -32.90 -48.87
N ALA F 241 30.95 -32.10 -48.36
CA ALA F 241 31.28 -31.10 -47.35
C ALA F 241 30.86 -31.55 -45.96
N GLY F 242 30.16 -32.67 -45.88
CA GLY F 242 29.65 -33.15 -44.61
C GLY F 242 28.63 -32.17 -44.08
N PHE F 243 27.57 -31.97 -44.87
CA PHE F 243 26.57 -30.97 -44.58
C PHE F 243 25.20 -31.48 -44.97
N GLU F 244 24.26 -31.40 -44.04
CA GLU F 244 22.90 -31.81 -44.30
C GLU F 244 21.97 -30.67 -43.93
N MET F 245 21.30 -30.13 -44.93
CA MET F 245 20.46 -28.96 -44.74
C MET F 245 19.01 -29.35 -44.92
N GLU F 246 18.13 -28.67 -44.21
CA GLU F 246 16.71 -28.94 -44.31
C GLU F 246 15.90 -27.65 -44.41
N VAL F 247 14.74 -27.76 -45.03
CA VAL F 247 13.86 -26.62 -45.20
C VAL F 247 12.81 -26.64 -44.12
N ARG F 248 12.45 -25.46 -43.64
CA ARG F 248 11.39 -25.34 -42.66
C ARG F 248 10.47 -24.21 -43.06
N VAL F 249 9.20 -24.56 -43.15
CA VAL F 249 8.18 -23.64 -43.56
C VAL F 249 7.67 -22.86 -42.35
N GLY F 250 7.43 -21.58 -42.56
CA GLY F 250 6.87 -20.75 -41.51
C GLY F 250 5.41 -21.06 -41.33
N ALA F 251 4.71 -20.20 -40.61
CA ALA F 251 3.28 -20.37 -40.41
C ALA F 251 2.53 -19.06 -40.41
N GLY F 252 3.04 -18.08 -41.15
CA GLY F 252 2.34 -16.83 -41.31
C GLY F 252 2.51 -15.89 -40.14
N ALA F 253 3.74 -15.48 -39.90
CA ALA F 253 4.04 -14.56 -38.83
C ALA F 253 5.25 -13.70 -39.14
N TYR F 254 4.98 -12.44 -39.42
CA TYR F 254 6.02 -11.48 -39.79
C TYR F 254 7.16 -11.46 -38.79
N VAL F 255 6.79 -11.48 -37.52
CA VAL F 255 7.74 -11.30 -36.44
C VAL F 255 8.79 -12.39 -36.43
N CYS F 256 8.49 -13.50 -37.12
CA CYS F 256 9.40 -14.64 -37.13
C CYS F 256 10.61 -14.34 -38.01
N GLY F 257 10.63 -13.14 -38.57
CA GLY F 257 11.80 -12.67 -39.29
C GLY F 257 12.92 -12.27 -38.36
N GLU F 258 12.56 -11.93 -37.12
CA GLU F 258 13.55 -11.67 -36.10
C GLU F 258 14.27 -12.98 -35.78
N GLU F 259 15.58 -12.90 -35.55
CA GLU F 259 16.39 -14.08 -35.35
C GLU F 259 15.90 -14.96 -34.20
N THR F 260 15.64 -14.33 -33.06
CA THR F 260 15.26 -15.05 -31.86
C THR F 260 13.96 -15.79 -32.08
N SER F 261 12.96 -15.07 -32.56
CA SER F 261 11.66 -15.65 -32.79
C SER F 261 11.74 -16.74 -33.83
N LEU F 262 12.58 -16.52 -34.81
CA LEU F 262 12.80 -17.50 -35.86
C LEU F 262 13.25 -18.80 -35.25
N LEU F 263 14.34 -18.75 -34.51
CA LEU F 263 14.93 -19.96 -33.96
C LEU F 263 14.09 -20.52 -32.80
N ASN F 264 13.15 -19.73 -32.32
CA ASN F 264 12.17 -20.19 -31.36
C ASN F 264 11.12 -21.02 -32.07
N SER F 265 10.85 -20.62 -33.29
CA SER F 265 9.87 -21.28 -34.14
C SER F 265 10.43 -22.57 -34.71
N LEU F 266 11.73 -22.57 -34.98
CA LEU F 266 12.42 -23.78 -35.37
C LEU F 266 12.33 -24.81 -34.26
N GLU F 267 12.48 -24.34 -33.03
CA GLU F 267 12.55 -25.22 -31.87
C GLU F 267 11.23 -25.91 -31.54
N GLY F 268 10.18 -25.56 -32.26
CA GLY F 268 8.88 -26.12 -32.01
C GLY F 268 7.97 -25.27 -31.14
N LYS F 269 8.47 -24.12 -30.70
CA LYS F 269 7.73 -23.26 -29.81
C LYS F 269 7.05 -22.13 -30.54
N ARG F 270 6.49 -21.17 -29.81
CA ARG F 270 5.74 -20.10 -30.40
C ARG F 270 6.64 -18.88 -30.54
N GLY F 271 6.49 -18.18 -31.67
CA GLY F 271 7.43 -17.16 -32.05
C GLY F 271 7.41 -15.91 -31.21
N THR F 272 7.70 -16.07 -29.93
CA THR F 272 7.87 -14.94 -29.05
C THR F 272 9.32 -14.55 -28.98
N VAL F 273 9.57 -13.28 -29.28
CA VAL F 273 10.92 -12.76 -29.27
C VAL F 273 11.54 -12.91 -27.90
N ARG F 274 12.81 -13.25 -27.88
CA ARG F 274 13.59 -13.35 -26.67
C ARG F 274 14.33 -12.06 -26.42
N ALA F 275 14.57 -11.74 -25.15
CA ALA F 275 15.47 -10.66 -24.81
C ALA F 275 16.88 -11.07 -25.17
N LYS F 276 17.80 -10.11 -25.16
CA LYS F 276 19.14 -10.35 -25.67
C LYS F 276 20.25 -10.19 -24.66
N PRO F 277 20.13 -10.83 -23.49
CA PRO F 277 21.37 -10.95 -22.73
C PRO F 277 22.35 -11.89 -23.43
N PRO F 278 21.90 -13.10 -23.83
CA PRO F 278 22.72 -13.96 -24.68
C PRO F 278 22.39 -13.78 -26.14
N LEU F 279 23.39 -13.85 -27.01
CA LEU F 279 23.14 -13.82 -28.43
C LEU F 279 23.03 -15.24 -28.97
N PRO F 280 22.29 -15.41 -30.07
CA PRO F 280 22.10 -16.71 -30.69
C PRO F 280 23.41 -17.36 -31.08
N ALA F 281 24.41 -16.54 -31.32
CA ALA F 281 25.73 -17.02 -31.68
C ALA F 281 26.31 -17.79 -30.51
N LEU F 282 26.03 -17.33 -29.31
CA LEU F 282 26.48 -17.99 -28.11
C LEU F 282 25.54 -19.11 -27.72
N LYS F 283 24.26 -18.78 -27.70
CA LYS F 283 23.22 -19.72 -27.33
C LYS F 283 21.96 -19.47 -28.14
N GLY F 284 21.82 -20.21 -29.22
CA GLY F 284 20.68 -20.05 -30.10
C GLY F 284 19.80 -21.26 -30.18
N LEU F 285 19.97 -22.01 -31.26
CA LEU F 285 19.13 -23.15 -31.52
C LEU F 285 19.46 -24.27 -30.56
N PHE F 286 18.47 -24.65 -29.76
CA PHE F 286 18.63 -25.73 -28.81
C PHE F 286 19.78 -25.47 -27.85
N GLY F 287 19.96 -24.20 -27.50
CA GLY F 287 21.00 -23.80 -26.58
C GLY F 287 22.38 -23.81 -27.20
N LYS F 288 22.46 -24.19 -28.46
CA LYS F 288 23.74 -24.29 -29.14
C LYS F 288 24.09 -23.01 -29.88
N PRO F 289 25.39 -22.84 -30.19
CA PRO F 289 25.81 -21.71 -31.02
C PRO F 289 25.29 -21.87 -32.43
N THR F 290 24.74 -20.81 -32.99
CA THR F 290 24.18 -20.88 -34.32
C THR F 290 24.46 -19.60 -35.07
N VAL F 291 24.72 -19.73 -36.36
CA VAL F 291 24.99 -18.59 -37.21
C VAL F 291 23.74 -18.31 -38.03
N VAL F 292 23.10 -17.20 -37.74
CA VAL F 292 21.87 -16.84 -38.44
C VAL F 292 22.16 -15.72 -39.42
N ASN F 293 21.66 -15.88 -40.64
CA ASN F 293 21.95 -14.93 -41.70
C ASN F 293 20.84 -14.80 -42.71
N ASN F 294 20.89 -13.72 -43.47
CA ASN F 294 20.00 -13.51 -44.58
C ASN F 294 20.50 -14.27 -45.80
N LEU F 295 19.61 -14.46 -46.76
CA LEU F 295 19.92 -15.19 -47.97
C LEU F 295 20.95 -14.47 -48.80
N LEU F 296 20.77 -13.17 -48.95
CA LEU F 296 21.66 -12.35 -49.75
C LEU F 296 23.08 -12.35 -49.19
N SER F 297 23.19 -12.53 -47.88
CA SER F 297 24.49 -12.54 -47.24
C SER F 297 25.18 -13.87 -47.43
N LEU F 298 24.39 -14.91 -47.68
CA LEU F 298 24.92 -16.24 -47.92
C LEU F 298 25.05 -16.52 -49.40
N ALA F 299 24.46 -15.67 -50.22
CA ALA F 299 24.53 -15.82 -51.67
C ALA F 299 25.81 -15.21 -52.20
N ALA F 300 26.40 -14.33 -51.39
CA ALA F 300 27.62 -13.62 -51.78
C ALA F 300 28.86 -14.35 -51.30
N VAL F 301 28.68 -15.26 -50.36
CA VAL F 301 29.80 -15.96 -49.73
C VAL F 301 30.61 -16.75 -50.75
N PRO F 302 29.95 -17.60 -51.54
CA PRO F 302 30.70 -18.41 -52.50
C PRO F 302 31.41 -17.54 -53.52
N TRP F 303 30.66 -16.58 -54.06
CA TRP F 303 31.20 -15.65 -55.03
C TRP F 303 32.40 -14.92 -54.45
N ILE F 304 32.29 -14.56 -53.17
CA ILE F 304 33.35 -13.83 -52.49
C ILE F 304 34.60 -14.67 -52.44
N ILE F 305 34.47 -15.83 -51.81
CA ILE F 305 35.64 -16.66 -51.51
C ILE F 305 36.27 -17.16 -52.80
N ALA F 306 35.46 -17.28 -53.84
CA ALA F 306 35.92 -17.85 -55.09
C ALA F 306 36.60 -16.80 -55.95
N HIS F 307 35.86 -15.73 -56.23
CA HIS F 307 36.35 -14.68 -57.10
C HIS F 307 37.32 -13.75 -56.38
N GLY F 308 37.50 -13.97 -55.09
CA GLY F 308 38.39 -13.14 -54.30
C GLY F 308 37.66 -12.03 -53.56
N ALA F 309 37.98 -11.89 -52.28
CA ALA F 309 37.34 -10.88 -51.43
C ALA F 309 37.63 -9.48 -51.93
N LYS F 310 38.84 -9.27 -52.41
CA LYS F 310 39.31 -7.96 -52.82
C LYS F 310 38.46 -7.41 -53.96
N ALA F 311 37.93 -8.31 -54.77
CA ALA F 311 37.10 -7.92 -55.91
C ALA F 311 35.76 -7.43 -55.39
N TYR F 312 35.21 -8.16 -54.44
CA TYR F 312 33.95 -7.78 -53.81
C TYR F 312 34.11 -6.48 -53.06
N GLU F 313 35.33 -6.24 -52.59
CA GLU F 313 35.63 -5.05 -51.81
C GLU F 313 35.71 -3.80 -52.68
N SER F 314 35.72 -4.01 -53.99
CA SER F 314 35.86 -2.92 -54.94
C SER F 314 34.56 -2.13 -55.09
N PHE F 315 33.46 -2.85 -55.32
CA PHE F 315 32.17 -2.24 -55.52
C PHE F 315 31.63 -1.65 -54.22
N GLY F 316 30.91 -0.54 -54.34
CA GLY F 316 30.22 0.03 -53.20
C GLY F 316 30.81 1.33 -52.72
N MET F 317 30.30 1.82 -51.60
CA MET F 317 30.81 3.04 -50.99
C MET F 317 31.92 2.71 -49.99
N ASP F 318 32.32 3.71 -49.20
CA ASP F 318 33.43 3.52 -48.27
C ASP F 318 33.10 2.46 -47.23
N ARG F 319 31.88 2.52 -46.71
CA ARG F 319 31.46 1.61 -45.65
C ARG F 319 30.67 0.44 -46.22
N SER F 320 29.67 0.76 -47.02
CA SER F 320 28.88 -0.24 -47.70
C SER F 320 29.61 -0.73 -48.94
N ARG F 321 30.02 -2.00 -48.94
CA ARG F 321 30.74 -2.57 -50.08
C ARG F 321 29.97 -3.71 -50.72
N GLY F 322 30.14 -3.84 -52.03
CA GLY F 322 29.47 -4.90 -52.77
C GLY F 322 28.20 -4.41 -53.42
N THR F 323 27.63 -5.25 -54.27
CA THR F 323 26.41 -4.90 -54.99
C THR F 323 25.18 -5.16 -54.14
N ILE F 324 24.13 -4.42 -54.44
CA ILE F 324 22.86 -4.58 -53.77
C ILE F 324 21.76 -4.66 -54.81
N PRO F 325 20.74 -5.49 -54.56
CA PRO F 325 19.55 -5.48 -55.39
C PRO F 325 18.51 -4.50 -54.89
N LEU F 326 17.96 -3.71 -55.81
CA LEU F 326 16.89 -2.80 -55.48
C LEU F 326 15.63 -3.35 -56.09
N GLN F 327 14.70 -3.73 -55.22
CA GLN F 327 13.41 -4.22 -55.66
C GLN F 327 12.47 -3.04 -55.78
N ILE F 328 11.74 -3.00 -56.88
CA ILE F 328 10.91 -1.86 -57.19
C ILE F 328 9.52 -2.32 -57.58
N GLY F 329 8.54 -1.98 -56.76
CA GLY F 329 7.18 -2.42 -56.96
C GLY F 329 6.14 -1.36 -56.74
N GLY F 330 4.88 -1.78 -56.74
CA GLY F 330 3.77 -0.87 -56.60
C GLY F 330 3.46 -0.15 -57.90
N ASN F 331 2.89 1.04 -57.77
CA ASN F 331 2.57 1.85 -58.93
C ASN F 331 3.86 2.35 -59.56
N VAL F 332 4.36 1.59 -60.51
CA VAL F 332 5.58 1.95 -61.21
C VAL F 332 5.60 1.26 -62.56
N LYS F 333 6.02 1.99 -63.57
CA LYS F 333 5.97 1.48 -64.93
C LYS F 333 6.82 0.24 -65.09
N ARG F 334 8.14 0.39 -64.90
CA ARG F 334 9.05 -0.74 -65.03
C ARG F 334 9.50 -1.20 -63.67
N GLY F 335 8.79 -2.17 -63.12
CA GLY F 335 9.12 -2.70 -61.82
C GLY F 335 10.22 -3.73 -61.88
N GLY F 336 10.28 -4.58 -60.86
CA GLY F 336 11.18 -5.70 -60.87
C GLY F 336 12.41 -5.50 -60.01
N LEU F 337 13.56 -5.84 -60.59
CA LEU F 337 14.80 -5.86 -59.83
C LEU F 337 15.92 -5.16 -60.55
N PHE F 338 16.74 -4.46 -59.78
CA PHE F 338 17.90 -3.75 -60.33
C PHE F 338 19.11 -3.95 -59.42
N GLU F 339 20.03 -4.81 -59.82
CA GLU F 339 21.22 -5.03 -59.01
C GLU F 339 22.33 -4.11 -59.46
N THR F 340 22.89 -3.36 -58.51
CA THR F 340 23.94 -2.40 -58.83
C THR F 340 24.75 -2.03 -57.60
N GLY F 341 25.85 -1.32 -57.82
CA GLY F 341 26.63 -0.81 -56.72
C GLY F 341 25.92 0.37 -56.08
N PHE F 342 26.16 0.59 -54.80
CA PHE F 342 25.53 1.68 -54.08
C PHE F 342 25.92 3.02 -54.70
N GLY F 343 25.33 4.09 -54.18
CA GLY F 343 25.66 5.43 -54.63
C GLY F 343 24.71 5.98 -55.67
N ILE F 344 23.78 5.14 -56.11
CA ILE F 344 22.76 5.58 -57.06
C ILE F 344 21.59 6.19 -56.32
N THR F 345 21.02 7.23 -56.89
CA THR F 345 19.91 7.94 -56.27
C THR F 345 18.58 7.32 -56.64
N LEU F 346 17.59 7.46 -55.78
CA LEU F 346 16.26 6.94 -56.07
C LEU F 346 15.61 7.85 -57.12
N GLY F 347 16.14 9.05 -57.26
CA GLY F 347 15.71 9.95 -58.31
C GLY F 347 15.82 9.24 -59.63
N GLU F 348 17.01 8.74 -59.91
CA GLU F 348 17.30 8.04 -61.15
C GLU F 348 16.52 6.74 -61.23
N LEU F 349 16.48 6.01 -60.12
CA LEU F 349 15.91 4.67 -60.11
C LEU F 349 14.41 4.69 -60.31
N VAL F 350 13.80 5.84 -60.07
CA VAL F 350 12.36 5.93 -60.05
C VAL F 350 11.81 6.76 -61.18
N GLU F 351 12.60 7.71 -61.69
CA GLU F 351 12.12 8.57 -62.75
C GLU F 351 12.82 8.29 -64.08
N ASP F 352 14.07 7.85 -64.00
CA ASP F 352 14.87 7.65 -65.19
C ASP F 352 14.90 6.19 -65.61
N ILE F 353 15.29 5.34 -64.68
CA ILE F 353 15.42 3.93 -64.93
C ILE F 353 14.07 3.26 -65.06
N CYS F 354 13.24 3.40 -64.04
CA CYS F 354 11.95 2.74 -63.99
C CYS F 354 10.82 3.64 -64.48
N GLY F 355 11.17 4.60 -65.33
CA GLY F 355 10.17 5.50 -65.88
C GLY F 355 9.44 6.22 -64.77
N GLY F 356 8.11 6.23 -64.83
CA GLY F 356 7.32 6.83 -63.77
C GLY F 356 6.34 5.89 -63.11
N THR F 357 5.05 6.12 -63.36
CA THR F 357 3.99 5.36 -62.73
C THR F 357 3.11 4.67 -63.76
N ALA F 358 2.50 3.58 -63.33
CA ALA F 358 1.63 2.79 -64.19
C ALA F 358 0.45 3.63 -64.62
N SER F 359 -0.02 4.47 -63.72
CA SER F 359 -1.20 5.29 -63.97
C SER F 359 -0.82 6.55 -64.74
N GLY F 360 0.48 6.77 -64.91
CA GLY F 360 0.97 7.92 -65.63
C GLY F 360 1.06 9.15 -64.74
N ARG F 361 0.43 9.08 -63.58
CA ARG F 361 0.47 10.16 -62.62
C ARG F 361 1.87 10.31 -62.06
N PRO F 362 2.14 11.44 -61.39
CA PRO F 362 3.40 11.66 -60.68
C PRO F 362 3.53 10.78 -59.45
N VAL F 363 4.66 10.88 -58.76
CA VAL F 363 4.85 10.14 -57.52
C VAL F 363 4.84 11.11 -56.36
N LYS F 364 4.12 10.74 -55.31
CA LYS F 364 4.04 11.58 -54.13
C LYS F 364 4.86 10.98 -53.01
N ALA F 365 5.13 9.69 -53.13
CA ALA F 365 5.78 8.97 -52.06
C ALA F 365 6.61 7.82 -52.59
N VAL F 366 7.65 7.47 -51.86
CA VAL F 366 8.47 6.32 -52.18
C VAL F 366 8.94 5.69 -50.89
N GLN F 367 8.46 4.50 -50.60
CA GLN F 367 8.68 3.88 -49.31
C GLN F 367 9.82 2.87 -49.32
N VAL F 368 11.01 3.35 -48.97
CA VAL F 368 12.18 2.51 -48.81
C VAL F 368 11.98 1.65 -47.59
N GLY F 369 12.61 0.48 -47.59
CA GLY F 369 12.38 -0.47 -46.52
C GLY F 369 10.95 -0.94 -46.61
N GLY F 370 10.58 -1.84 -45.72
CA GLY F 370 9.20 -2.30 -45.70
C GLY F 370 8.28 -1.28 -45.07
N PRO F 371 7.25 -1.76 -44.37
CA PRO F 371 6.36 -0.90 -43.59
C PRO F 371 7.01 -0.43 -42.30
N LEU F 372 8.25 -0.84 -42.12
CA LEU F 372 9.10 -0.33 -41.07
C LEU F 372 10.00 0.75 -41.62
N GLY F 373 9.54 1.40 -42.68
CA GLY F 373 10.36 2.36 -43.38
C GLY F 373 9.60 3.58 -43.82
N ALA F 374 10.33 4.66 -44.01
CA ALA F 374 9.75 5.97 -44.17
C ALA F 374 9.26 6.23 -45.57
N TYR F 375 8.50 7.31 -45.70
CA TYR F 375 7.91 7.69 -46.96
C TYR F 375 8.64 8.87 -47.56
N HIS F 376 9.73 8.59 -48.26
CA HIS F 376 10.51 9.67 -48.83
C HIS F 376 9.81 10.24 -50.06
N PRO F 377 9.63 11.56 -50.10
CA PRO F 377 9.03 12.23 -51.25
C PRO F 377 10.04 12.50 -52.36
N VAL F 378 9.59 13.24 -53.37
CA VAL F 378 10.43 13.56 -54.51
C VAL F 378 11.61 14.42 -54.10
N SER F 379 11.40 15.26 -53.10
CA SER F 379 12.42 16.20 -52.66
C SER F 379 13.69 15.50 -52.20
N ASP F 380 13.57 14.23 -51.83
CA ASP F 380 14.71 13.46 -51.36
C ASP F 380 15.39 12.69 -52.48
N TYR F 381 15.16 13.10 -53.72
CA TYR F 381 15.78 12.47 -54.88
C TYR F 381 17.29 12.65 -54.89
N HIS F 382 17.78 13.54 -54.04
CA HIS F 382 19.21 13.82 -53.94
C HIS F 382 19.84 12.92 -52.89
N LEU F 383 19.26 11.74 -52.70
CA LEU F 383 19.64 10.85 -51.60
C LEU F 383 20.09 9.49 -52.11
N PRO F 384 21.41 9.30 -52.29
CA PRO F 384 21.92 8.02 -52.76
C PRO F 384 21.67 6.89 -51.77
N PHE F 385 21.67 5.65 -52.26
CA PHE F 385 21.37 4.50 -51.42
C PHE F 385 22.60 4.02 -50.65
N CYS F 386 22.45 3.95 -49.34
CA CYS F 386 23.44 3.35 -48.47
C CYS F 386 22.84 3.30 -47.07
N TYR F 387 23.31 2.35 -46.26
CA TYR F 387 22.76 2.17 -44.92
C TYR F 387 22.88 3.48 -44.14
N GLU F 388 24.03 4.12 -44.29
CA GLU F 388 24.42 5.25 -43.44
C GLU F 388 23.62 6.52 -43.69
N GLN F 389 23.61 6.99 -44.93
CA GLN F 389 22.95 8.24 -45.26
C GLN F 389 21.45 8.13 -45.05
N PHE F 390 20.90 6.98 -45.35
CA PHE F 390 19.47 6.75 -45.17
C PHE F 390 19.10 6.58 -43.70
N ALA F 391 20.00 5.99 -42.92
CA ALA F 391 19.76 5.88 -41.48
C ALA F 391 19.87 7.23 -40.81
N GLY F 392 20.68 8.11 -41.39
CA GLY F 392 20.89 9.43 -40.83
C GLY F 392 19.85 10.42 -41.30
N GLN F 393 19.35 10.23 -42.51
CA GLN F 393 18.33 11.11 -43.06
C GLN F 393 16.94 10.57 -42.74
N GLY F 394 16.70 10.36 -41.44
CA GLY F 394 15.40 9.94 -40.95
C GLY F 394 14.74 8.85 -41.77
N GLY F 395 15.38 7.68 -41.82
CA GLY F 395 14.84 6.59 -42.63
C GLY F 395 15.48 5.24 -42.39
N LEU F 396 15.47 4.41 -43.44
CA LEU F 396 15.99 3.05 -43.36
C LEU F 396 16.16 2.41 -44.72
N VAL F 397 17.18 1.57 -44.85
CA VAL F 397 17.30 0.67 -45.98
C VAL F 397 17.76 -0.68 -45.46
N GLY F 398 16.85 -1.63 -45.56
CA GLY F 398 17.09 -2.98 -45.10
C GLY F 398 17.24 -3.90 -46.29
N HIS F 399 16.13 -4.56 -46.64
CA HIS F 399 16.12 -5.42 -47.82
C HIS F 399 15.93 -4.60 -49.10
N ALA F 400 16.16 -3.29 -49.01
CA ALA F 400 16.18 -2.43 -50.20
C ALA F 400 14.84 -2.39 -50.89
N GLY F 401 13.78 -2.68 -50.13
CA GLY F 401 12.44 -2.60 -50.65
C GLY F 401 12.16 -1.22 -51.20
N LEU F 402 11.29 -1.15 -52.18
CA LEU F 402 10.93 0.11 -52.78
C LEU F 402 9.58 0.04 -53.49
N VAL F 403 8.57 0.65 -52.88
CA VAL F 403 7.25 0.75 -53.51
C VAL F 403 7.03 2.19 -53.93
N VAL F 404 5.90 2.43 -54.59
CA VAL F 404 5.60 3.77 -55.08
C VAL F 404 4.12 4.07 -54.97
N HIS F 405 3.81 5.34 -54.70
CA HIS F 405 2.44 5.80 -54.64
C HIS F 405 2.29 7.10 -55.40
N ASP F 406 1.19 7.24 -56.12
CA ASP F 406 0.92 8.42 -56.89
C ASP F 406 0.01 9.38 -56.14
N ASP F 407 -0.35 10.47 -56.80
CA ASP F 407 -1.10 11.56 -56.18
C ASP F 407 -2.47 11.12 -55.68
N THR F 408 -2.94 9.97 -56.13
CA THR F 408 -4.25 9.47 -55.77
C THR F 408 -4.20 8.66 -54.50
N ALA F 409 -3.13 8.84 -53.72
CA ALA F 409 -2.96 8.13 -52.47
C ALA F 409 -3.34 9.01 -51.29
N ASP F 410 -3.77 8.38 -50.20
CA ASP F 410 -4.08 9.11 -48.99
C ASP F 410 -3.13 8.66 -47.89
N MET F 411 -2.28 9.57 -47.46
CA MET F 411 -1.22 9.24 -46.53
C MET F 411 -1.79 8.80 -45.20
N LEU F 412 -2.98 9.29 -44.88
CA LEU F 412 -3.65 8.94 -43.65
C LEU F 412 -3.91 7.45 -43.62
N LYS F 413 -4.47 6.95 -44.70
CA LYS F 413 -4.83 5.56 -44.82
C LYS F 413 -3.60 4.67 -44.63
N LEU F 414 -2.49 5.10 -45.19
CA LEU F 414 -1.26 4.33 -45.14
C LEU F 414 -0.66 4.32 -43.75
N ALA F 415 -0.65 5.50 -43.15
CA ALA F 415 -0.14 5.65 -41.79
C ALA F 415 -0.96 4.81 -40.85
N ARG F 416 -2.23 4.64 -41.17
CA ARG F 416 -3.10 3.82 -40.37
C ARG F 416 -2.80 2.35 -40.57
N PHE F 417 -2.58 1.99 -41.83
CA PHE F 417 -2.30 0.62 -42.19
C PHE F 417 -1.02 0.16 -41.51
N ALA F 418 -0.10 1.08 -41.31
CA ALA F 418 1.15 0.78 -40.62
C ALA F 418 0.92 0.23 -39.21
N MET F 419 0.19 0.98 -38.41
CA MET F 419 -0.13 0.54 -37.06
C MET F 419 -1.02 -0.69 -37.09
N GLU F 420 -1.91 -0.75 -38.06
CA GLU F 420 -2.80 -1.88 -38.19
C GLU F 420 -1.99 -3.15 -38.43
N PHE F 421 -0.90 -2.99 -39.15
CA PHE F 421 0.04 -4.06 -39.40
C PHE F 421 0.74 -4.46 -38.12
N CYS F 422 1.41 -3.48 -37.52
CA CYS F 422 2.10 -3.70 -36.25
C CYS F 422 1.18 -4.32 -35.21
N ALA F 423 -0.12 -4.21 -35.45
CA ALA F 423 -1.13 -4.72 -34.55
C ALA F 423 -1.48 -6.16 -34.86
N ILE F 424 -1.66 -6.44 -36.14
CA ILE F 424 -2.03 -7.76 -36.58
C ILE F 424 -0.81 -8.66 -36.61
N GLU F 425 0.35 -8.06 -36.80
CA GLU F 425 1.62 -8.75 -36.73
C GLU F 425 2.36 -8.36 -35.47
N SER F 426 2.22 -9.16 -34.43
CA SER F 426 2.79 -8.82 -33.14
C SER F 426 2.81 -10.01 -32.22
N CYS F 427 3.99 -10.38 -31.76
CA CYS F 427 4.14 -11.53 -30.89
C CYS F 427 3.28 -11.36 -29.67
N GLY F 428 3.15 -10.12 -29.22
CA GLY F 428 2.35 -9.82 -28.06
C GLY F 428 3.12 -10.00 -26.77
N THR F 429 4.40 -9.72 -26.84
CA THR F 429 5.30 -9.96 -25.73
C THR F 429 5.52 -8.70 -24.93
N CYS F 430 5.75 -7.59 -25.63
CA CYS F 430 6.01 -6.35 -24.93
C CYS F 430 4.85 -5.43 -25.20
N THR F 431 4.59 -4.58 -24.22
CA THR F 431 3.40 -3.77 -24.15
C THR F 431 3.27 -2.72 -25.25
N PRO F 432 4.37 -2.04 -25.58
CA PRO F 432 4.34 -1.00 -26.61
C PRO F 432 4.00 -1.43 -28.04
N CYS F 433 3.83 -2.71 -28.30
CA CYS F 433 3.33 -3.13 -29.60
C CYS F 433 1.99 -3.81 -29.46
N ARG F 434 1.75 -4.45 -28.33
CA ARG F 434 0.43 -4.99 -28.06
C ARG F 434 -0.57 -3.88 -28.11
N ILE F 435 -0.37 -2.93 -27.22
CA ILE F 435 -1.37 -1.93 -26.94
C ILE F 435 -1.13 -0.67 -27.71
N GLY F 436 0.14 -0.30 -27.82
CA GLY F 436 0.52 0.95 -28.43
C GLY F 436 -0.05 1.05 -29.81
N ALA F 437 -0.06 -0.07 -30.51
CA ALA F 437 -0.45 -0.12 -31.90
C ALA F 437 -1.94 0.05 -32.07
N VAL F 438 -2.69 -0.78 -31.35
CA VAL F 438 -4.14 -0.78 -31.42
C VAL F 438 -4.71 0.48 -30.80
N ARG F 439 -3.85 1.25 -30.14
CA ARG F 439 -4.25 2.53 -29.61
C ARG F 439 -3.91 3.65 -30.59
N GLY F 440 -2.81 3.50 -31.28
CA GLY F 440 -2.40 4.46 -32.28
C GLY F 440 -3.39 4.45 -33.42
N VAL F 441 -3.97 3.28 -33.66
CA VAL F 441 -4.92 3.14 -34.73
C VAL F 441 -6.23 3.84 -34.40
N GLU F 442 -6.45 4.12 -33.12
CA GLU F 442 -7.61 4.89 -32.67
C GLU F 442 -7.26 6.37 -32.69
N VAL F 443 -6.03 6.66 -32.30
CA VAL F 443 -5.53 8.01 -32.27
C VAL F 443 -5.53 8.63 -33.66
N ILE F 444 -5.17 7.83 -34.66
CA ILE F 444 -5.10 8.32 -36.00
C ILE F 444 -6.51 8.59 -36.51
N ASP F 445 -7.44 7.75 -36.11
CA ASP F 445 -8.84 8.01 -36.42
C ASP F 445 -9.31 9.33 -35.81
N ARG F 446 -8.91 9.56 -34.58
CA ARG F 446 -9.25 10.80 -33.88
C ARG F 446 -8.69 11.98 -34.64
N ILE F 447 -7.49 11.82 -35.17
CA ILE F 447 -6.87 12.88 -35.95
C ILE F 447 -7.67 13.11 -37.23
N ALA F 448 -8.13 12.01 -37.81
CA ALA F 448 -8.92 12.07 -39.03
C ALA F 448 -10.19 12.86 -38.77
N ALA F 449 -10.71 12.72 -37.56
CA ALA F 449 -11.85 13.52 -37.13
C ALA F 449 -11.46 14.99 -37.10
N GLY F 450 -10.36 15.30 -36.43
CA GLY F 450 -9.83 16.65 -36.43
C GLY F 450 -9.29 17.12 -35.10
N ASP F 451 -9.36 16.25 -34.10
CA ASP F 451 -8.89 16.58 -32.76
C ASP F 451 -7.45 17.07 -32.78
N ALA F 452 -7.11 17.88 -31.79
CA ALA F 452 -5.80 18.50 -31.70
C ALA F 452 -5.05 17.97 -30.49
N SER F 453 -5.75 17.18 -29.69
CA SER F 453 -5.17 16.55 -28.52
C SER F 453 -4.61 15.19 -28.87
N ALA F 454 -4.37 14.98 -30.16
CA ALA F 454 -3.99 13.68 -30.67
C ALA F 454 -2.55 13.64 -31.20
N MET F 455 -2.20 14.65 -31.98
CA MET F 455 -0.90 14.70 -32.63
C MET F 455 0.26 14.60 -31.62
N PRO F 456 0.22 15.40 -30.55
CA PRO F 456 1.26 15.27 -29.53
C PRO F 456 1.20 13.95 -28.81
N LEU F 457 -0.01 13.46 -28.63
CA LEU F 457 -0.24 12.17 -28.05
C LEU F 457 0.41 11.12 -28.90
N LEU F 458 0.17 11.24 -30.19
CA LEU F 458 0.76 10.35 -31.18
C LEU F 458 2.26 10.37 -31.15
N ASP F 459 2.82 11.56 -31.01
CA ASP F 459 4.26 11.73 -30.97
C ASP F 459 4.86 11.04 -29.76
N ASP F 460 4.25 11.24 -28.61
CA ASP F 460 4.71 10.62 -27.38
C ASP F 460 4.64 9.11 -27.48
N LEU F 461 3.54 8.63 -28.04
CA LEU F 461 3.35 7.22 -28.27
C LEU F 461 4.46 6.66 -29.14
N CYS F 462 4.71 7.33 -30.24
CA CYS F 462 5.74 6.92 -31.18
C CYS F 462 7.06 6.84 -30.49
N GLN F 463 7.30 7.80 -29.60
CA GLN F 463 8.58 7.91 -28.93
C GLN F 463 8.79 6.75 -27.97
N THR F 464 7.75 6.44 -27.21
CA THR F 464 7.86 5.36 -26.24
C THR F 464 7.94 4.03 -26.97
N MET F 465 7.33 3.94 -28.14
CA MET F 465 7.41 2.74 -28.94
C MET F 465 8.81 2.54 -29.49
N LYS F 466 9.43 3.64 -29.92
CA LYS F 466 10.81 3.61 -30.38
C LYS F 466 11.74 3.16 -29.27
N LEU F 467 11.66 3.84 -28.14
CA LEU F 467 12.64 3.65 -27.06
C LEU F 467 12.40 2.42 -26.21
N GLY F 468 11.17 1.95 -26.17
CA GLY F 468 10.81 0.90 -25.24
C GLY F 468 10.64 -0.46 -25.85
N SER F 469 10.09 -0.48 -27.05
CA SER F 469 9.80 -1.73 -27.69
C SER F 469 11.05 -2.58 -27.83
N LEU F 470 10.80 -3.87 -27.86
CA LEU F 470 11.83 -4.88 -27.78
C LEU F 470 12.42 -5.22 -29.12
N CYS F 471 11.56 -5.32 -30.12
CA CYS F 471 12.00 -5.66 -31.45
C CYS F 471 11.82 -4.41 -32.28
N ALA F 472 12.02 -4.52 -33.57
CA ALA F 472 11.94 -3.37 -34.43
C ALA F 472 10.51 -3.09 -34.84
N LEU F 473 9.74 -4.15 -34.98
CA LEU F 473 8.38 -4.04 -35.48
C LEU F 473 7.55 -3.05 -34.69
N GLY F 474 7.98 -2.75 -33.48
CA GLY F 474 7.30 -1.79 -32.65
C GLY F 474 8.24 -0.67 -32.29
N GLY F 475 9.34 -0.61 -32.99
CA GLY F 475 10.34 0.42 -32.76
C GLY F 475 10.59 1.22 -34.00
N PHE F 476 10.20 0.65 -35.13
CA PHE F 476 10.39 1.26 -36.43
C PHE F 476 9.06 1.67 -37.04
N THR F 477 8.00 1.04 -36.56
CA THR F 477 6.64 1.37 -36.91
C THR F 477 6.32 2.87 -36.93
N PRO F 478 6.89 3.64 -36.00
CA PRO F 478 6.64 5.08 -35.94
C PRO F 478 7.16 5.89 -37.11
N TYR F 479 8.11 5.33 -37.84
CA TYR F 479 8.79 6.06 -38.89
C TYR F 479 7.86 6.41 -40.03
N PRO F 480 7.10 5.42 -40.53
CA PRO F 480 6.07 5.65 -41.54
C PRO F 480 5.15 6.78 -41.17
N VAL F 481 4.67 6.73 -39.94
CA VAL F 481 3.73 7.68 -39.41
C VAL F 481 4.30 9.08 -39.41
N GLN F 482 5.40 9.23 -38.70
CA GLN F 482 6.03 10.53 -38.51
C GLN F 482 6.44 11.09 -39.86
N SER F 483 6.84 10.21 -40.77
CA SER F 483 7.28 10.62 -42.09
C SER F 483 6.12 11.14 -42.91
N ALA F 484 5.03 10.39 -42.92
CA ALA F 484 3.83 10.79 -43.64
C ALA F 484 3.29 12.10 -43.10
N ILE F 485 3.54 12.32 -41.82
CA ILE F 485 3.02 13.51 -41.15
C ILE F 485 3.88 14.73 -41.41
N ARG F 486 5.20 14.56 -41.39
CA ARG F 486 6.10 15.68 -41.52
C ARG F 486 6.43 16.01 -42.97
N HIS F 487 6.23 15.03 -43.84
CA HIS F 487 6.46 15.22 -45.27
C HIS F 487 5.17 15.58 -46.00
N PHE F 488 4.06 15.04 -45.52
CA PHE F 488 2.76 15.22 -46.17
C PHE F 488 1.72 15.70 -45.19
N PRO F 489 1.82 16.95 -44.75
CA PRO F 489 0.92 17.60 -43.80
C PRO F 489 -0.41 18.00 -44.41
N ALA F 490 -0.49 17.96 -45.73
CA ALA F 490 -1.67 18.45 -46.43
C ALA F 490 -2.77 17.41 -46.44
N ASP F 491 -2.52 16.29 -45.79
CA ASP F 491 -3.44 15.17 -45.78
C ASP F 491 -3.83 14.83 -44.35
N PHE F 492 -3.05 15.33 -43.40
CA PHE F 492 -3.33 15.17 -41.99
C PHE F 492 -3.88 16.46 -41.39
N PRO F 493 -5.21 16.58 -41.30
CA PRO F 493 -5.80 17.79 -40.74
C PRO F 493 -5.59 17.91 -39.23
N THR G 2 -10.59 -43.36 -38.10
CA THR G 2 -9.62 -43.33 -39.19
C THR G 2 -8.69 -42.13 -39.07
N ASP G 3 -9.15 -41.10 -38.39
CA ASP G 3 -8.37 -39.89 -38.21
C ASP G 3 -7.15 -40.20 -37.37
N THR G 4 -7.33 -41.04 -36.36
CA THR G 4 -6.26 -41.41 -35.46
C THR G 4 -5.13 -42.06 -36.23
N ALA G 5 -5.50 -42.87 -37.22
CA ALA G 5 -4.51 -43.59 -38.01
C ALA G 5 -3.65 -42.62 -38.80
N ARG G 6 -4.31 -41.66 -39.43
CA ARG G 6 -3.62 -40.64 -40.22
C ARG G 6 -2.68 -39.85 -39.34
N LEU G 7 -3.19 -39.48 -38.18
CA LEU G 7 -2.43 -38.67 -37.24
C LEU G 7 -1.20 -39.43 -36.77
N ARG G 8 -1.37 -40.71 -36.47
CA ARG G 8 -0.27 -41.56 -36.04
C ARG G 8 0.76 -41.66 -37.13
N ALA G 9 0.28 -41.78 -38.37
CA ALA G 9 1.15 -41.85 -39.52
C ALA G 9 2.02 -40.61 -39.58
N ILE G 10 1.36 -39.48 -39.44
CA ILE G 10 2.02 -38.19 -39.52
C ILE G 10 3.09 -38.08 -38.46
N LEU G 11 2.77 -38.56 -37.28
CA LEU G 11 3.66 -38.46 -36.14
C LEU G 11 4.86 -39.37 -36.32
N ALA G 12 4.62 -40.52 -36.93
CA ALA G 12 5.66 -41.49 -37.18
C ALA G 12 6.62 -40.95 -38.22
N ALA G 13 6.06 -40.21 -39.15
CA ALA G 13 6.82 -39.62 -40.24
C ALA G 13 7.76 -38.52 -39.76
N HIS G 14 7.46 -37.94 -38.60
CA HIS G 14 8.28 -36.88 -38.05
C HIS G 14 8.90 -37.30 -36.73
N ARG G 15 9.33 -38.55 -36.65
CA ARG G 15 9.90 -39.08 -35.42
C ARG G 15 11.39 -38.80 -35.34
N GLY G 16 11.83 -38.32 -34.19
CA GLY G 16 13.24 -38.12 -33.94
C GLY G 16 13.76 -36.79 -34.43
N ARG G 17 12.93 -36.07 -35.18
CA ARG G 17 13.31 -34.77 -35.70
C ARG G 17 13.55 -33.77 -34.58
N GLU G 18 14.19 -32.67 -34.93
CA GLU G 18 14.47 -31.61 -33.98
C GLU G 18 13.43 -30.51 -34.08
N GLY G 19 12.63 -30.35 -33.04
CA GLY G 19 11.59 -29.34 -33.05
C GLY G 19 10.60 -29.61 -34.15
N ALA G 20 9.89 -30.72 -34.02
CA ALA G 20 9.06 -31.22 -35.11
C ALA G 20 7.61 -30.87 -34.93
N LEU G 21 7.32 -29.90 -34.08
CA LEU G 21 5.94 -29.53 -33.82
C LEU G 21 5.33 -28.84 -35.02
N LEU G 22 6.08 -27.91 -35.59
CA LEU G 22 5.60 -27.11 -36.70
C LEU G 22 5.29 -27.94 -37.92
N PRO G 23 6.25 -28.77 -38.37
CA PRO G 23 6.00 -29.65 -39.49
C PRO G 23 4.81 -30.56 -39.29
N ILE G 24 4.72 -31.11 -38.08
CA ILE G 24 3.68 -32.06 -37.75
C ILE G 24 2.34 -31.39 -37.86
N LEU G 25 2.27 -30.16 -37.35
CA LEU G 25 1.04 -29.40 -37.43
C LEU G 25 0.70 -29.05 -38.86
N HIS G 26 1.72 -28.71 -39.64
CA HIS G 26 1.51 -28.37 -41.03
C HIS G 26 0.81 -29.51 -41.71
N ASP G 27 1.34 -30.70 -41.47
CA ASP G 27 0.87 -31.90 -42.12
C ASP G 27 -0.52 -32.28 -41.65
N VAL G 28 -0.75 -32.09 -40.36
CA VAL G 28 -2.05 -32.37 -39.77
C VAL G 28 -3.09 -31.48 -40.40
N GLN G 29 -2.71 -30.24 -40.65
CA GLN G 29 -3.61 -29.28 -41.26
C GLN G 29 -3.88 -29.62 -42.70
N ALA G 30 -2.80 -29.93 -43.40
CA ALA G 30 -2.87 -30.28 -44.81
C ALA G 30 -3.80 -31.46 -45.00
N ALA G 31 -3.82 -32.33 -43.99
CA ALA G 31 -4.62 -33.52 -44.03
C ALA G 31 -6.11 -33.22 -43.87
N PHE G 32 -6.46 -32.63 -42.74
CA PHE G 32 -7.86 -32.36 -42.41
C PHE G 32 -8.34 -31.03 -42.97
N GLY G 33 -7.62 -29.97 -42.63
CA GLY G 33 -8.01 -28.62 -42.98
C GLY G 33 -7.96 -27.69 -41.79
N PHE G 34 -7.72 -28.25 -40.61
CA PHE G 34 -7.60 -27.47 -39.40
C PHE G 34 -7.02 -28.34 -38.31
N ILE G 35 -6.70 -27.74 -37.17
CA ILE G 35 -6.16 -28.48 -36.04
C ILE G 35 -7.27 -28.73 -35.04
N PRO G 36 -7.89 -29.91 -35.12
CA PRO G 36 -8.97 -30.23 -34.18
C PRO G 36 -8.45 -30.43 -32.77
N GLU G 37 -9.20 -29.96 -31.79
CA GLU G 37 -8.79 -30.05 -30.40
C GLU G 37 -8.67 -31.51 -29.96
N ASP G 38 -9.25 -32.39 -30.76
CA ASP G 38 -9.13 -33.82 -30.56
C ASP G 38 -7.71 -34.30 -30.82
N ALA G 39 -6.90 -33.44 -31.41
CA ALA G 39 -5.55 -33.81 -31.81
C ALA G 39 -4.49 -32.89 -31.22
N TYR G 40 -4.81 -32.29 -30.09
CA TYR G 40 -3.84 -31.50 -29.34
C TYR G 40 -3.06 -32.40 -28.40
N ALA G 41 -3.72 -33.45 -27.93
CA ALA G 41 -3.15 -34.35 -26.94
C ALA G 41 -2.10 -35.31 -27.48
N PRO G 42 -2.47 -36.17 -28.44
CA PRO G 42 -1.53 -37.17 -28.97
C PRO G 42 -0.22 -36.59 -29.45
N ILE G 43 -0.30 -35.41 -30.03
CA ILE G 43 0.88 -34.70 -30.48
C ILE G 43 1.79 -34.48 -29.30
N ALA G 44 1.20 -34.00 -28.21
CA ALA G 44 1.93 -33.72 -27.00
C ALA G 44 2.53 -34.98 -26.41
N ALA G 45 1.75 -36.04 -26.47
CA ALA G 45 2.14 -37.33 -25.93
C ALA G 45 3.37 -37.85 -26.66
N ASP G 46 3.39 -37.64 -27.97
CA ASP G 46 4.49 -38.11 -28.80
C ASP G 46 5.72 -37.24 -28.60
N LEU G 47 5.50 -35.93 -28.50
CA LEU G 47 6.62 -34.99 -28.42
C LEU G 47 7.04 -34.67 -27.00
N GLY G 48 6.27 -35.14 -26.03
CA GLY G 48 6.61 -34.94 -24.63
C GLY G 48 6.26 -33.55 -24.17
N LEU G 49 5.32 -32.94 -24.87
CA LEU G 49 4.85 -31.62 -24.53
C LEU G 49 3.57 -31.71 -23.73
N THR G 50 2.93 -30.56 -23.55
CA THR G 50 1.67 -30.47 -22.87
C THR G 50 0.64 -29.85 -23.80
N ARG G 51 -0.60 -30.28 -23.67
CA ARG G 51 -1.70 -29.81 -24.50
C ARG G 51 -1.67 -28.30 -24.66
N ALA G 52 -1.31 -27.63 -23.58
CA ALA G 52 -1.24 -26.18 -23.53
C ALA G 52 -0.25 -25.60 -24.52
N GLU G 53 0.96 -26.16 -24.55
CA GLU G 53 1.99 -25.65 -25.43
C GLU G 53 1.52 -25.75 -26.87
N VAL G 54 0.92 -26.88 -27.17
CA VAL G 54 0.41 -27.15 -28.51
C VAL G 54 -0.64 -26.16 -28.90
N ALA G 55 -1.56 -25.90 -27.98
CA ALA G 55 -2.68 -25.04 -28.29
C ALA G 55 -2.18 -23.62 -28.45
N GLY G 56 -1.14 -23.29 -27.72
CA GLY G 56 -0.57 -21.96 -27.79
C GLY G 56 0.10 -21.72 -29.11
N VAL G 57 0.83 -22.73 -29.56
CA VAL G 57 1.48 -22.68 -30.86
C VAL G 57 0.44 -22.53 -31.96
N VAL G 58 -0.58 -23.35 -31.88
CA VAL G 58 -1.69 -23.31 -32.81
C VAL G 58 -2.36 -21.96 -32.85
N GLY G 59 -2.47 -21.33 -31.69
CA GLY G 59 -3.15 -20.06 -31.57
C GLY G 59 -2.33 -18.90 -32.08
N PHE G 60 -1.02 -18.99 -31.88
CA PHE G 60 -0.13 -17.93 -32.30
C PHE G 60 -0.12 -17.76 -33.79
N TYR G 61 0.16 -18.84 -34.48
CA TYR G 61 0.31 -18.79 -35.93
C TYR G 61 -1.02 -18.79 -36.63
N HIS G 62 -1.05 -18.08 -37.74
CA HIS G 62 -2.26 -17.78 -38.47
C HIS G 62 -2.62 -18.87 -39.47
N ASP G 63 -1.60 -19.55 -39.96
CA ASP G 63 -1.76 -20.51 -41.03
C ASP G 63 -2.34 -21.81 -40.55
N PHE G 64 -2.52 -21.94 -39.24
CA PHE G 64 -3.14 -23.12 -38.66
C PHE G 64 -4.60 -22.84 -38.39
N ARG G 65 -5.46 -23.48 -39.15
CA ARG G 65 -6.88 -23.23 -39.08
C ARG G 65 -7.46 -23.81 -37.80
N LYS G 66 -8.31 -23.02 -37.15
CA LYS G 66 -9.02 -23.47 -35.96
C LYS G 66 -10.35 -24.04 -36.37
N ALA G 67 -10.84 -23.59 -37.52
CA ALA G 67 -12.03 -24.13 -38.12
C ALA G 67 -11.86 -24.18 -39.63
N PRO G 68 -12.54 -25.11 -40.30
CA PRO G 68 -12.33 -25.32 -41.73
C PRO G 68 -12.84 -24.16 -42.58
N ALA G 69 -12.38 -24.10 -43.83
CA ALA G 69 -12.79 -23.05 -44.75
C ALA G 69 -13.81 -23.54 -45.76
N GLY G 70 -14.20 -22.66 -46.66
CA GLY G 70 -15.11 -23.01 -47.72
C GLY G 70 -14.46 -23.91 -48.74
N ARG G 71 -15.23 -24.30 -49.75
CA ARG G 71 -14.70 -25.14 -50.81
C ARG G 71 -13.59 -24.42 -51.54
N HIS G 72 -13.69 -23.10 -51.62
CA HIS G 72 -12.66 -22.28 -52.23
C HIS G 72 -12.12 -21.28 -51.23
N VAL G 73 -10.93 -20.77 -51.52
CA VAL G 73 -10.28 -19.82 -50.64
C VAL G 73 -9.62 -18.73 -51.44
N ILE G 74 -9.72 -17.50 -50.94
CA ILE G 74 -9.20 -16.36 -51.65
C ILE G 74 -8.44 -15.44 -50.73
N LYS G 75 -7.12 -15.49 -50.84
CA LYS G 75 -6.25 -14.61 -50.10
C LYS G 75 -5.97 -13.40 -50.95
N LEU G 76 -6.08 -12.22 -50.36
CA LEU G 76 -5.95 -10.99 -51.09
C LEU G 76 -5.03 -10.03 -50.37
N CYS G 77 -3.89 -9.73 -50.99
CA CYS G 77 -2.90 -8.88 -50.36
C CYS G 77 -3.54 -7.58 -49.94
N ARG G 78 -3.07 -7.05 -48.81
CA ARG G 78 -3.56 -5.79 -48.29
C ARG G 78 -2.36 -4.99 -47.89
N ALA G 79 -1.22 -5.37 -48.45
CA ALA G 79 0.03 -4.76 -48.09
C ALA G 79 0.22 -3.41 -48.78
N GLU G 80 1.43 -2.87 -48.71
CA GLU G 80 1.72 -1.53 -49.22
C GLU G 80 1.53 -1.47 -50.72
N ALA G 81 2.31 -2.28 -51.41
CA ALA G 81 2.43 -2.17 -52.85
C ALA G 81 1.11 -2.48 -53.50
N CYS G 82 0.56 -3.65 -53.20
CA CYS G 82 -0.70 -4.04 -53.79
C CYS G 82 -1.75 -2.98 -53.49
N GLN G 83 -1.65 -2.35 -52.32
CA GLN G 83 -2.55 -1.25 -52.00
C GLN G 83 -2.39 -0.10 -52.99
N ALA G 84 -1.15 0.18 -53.34
CA ALA G 84 -0.85 1.32 -54.20
C ALA G 84 -1.54 1.21 -55.54
N MET G 85 -1.50 0.03 -56.14
CA MET G 85 -2.00 -0.12 -57.50
C MET G 85 -3.47 -0.54 -57.49
N GLY G 86 -4.19 -0.14 -56.46
CA GLY G 86 -5.63 -0.29 -56.43
C GLY G 86 -6.15 -1.64 -55.98
N MET G 87 -5.87 -1.99 -54.72
CA MET G 87 -6.36 -3.25 -54.17
C MET G 87 -7.73 -3.04 -53.55
N ASP G 88 -7.98 -1.83 -53.07
CA ASP G 88 -9.22 -1.53 -52.38
C ASP G 88 -10.43 -1.78 -53.28
N ALA G 89 -10.34 -1.27 -54.51
CA ALA G 89 -11.42 -1.36 -55.46
C ALA G 89 -11.69 -2.81 -55.84
N VAL G 90 -10.61 -3.54 -56.04
CA VAL G 90 -10.67 -4.96 -56.33
C VAL G 90 -11.39 -5.70 -55.23
N GLN G 91 -10.97 -5.41 -54.01
CA GLN G 91 -11.52 -6.00 -52.82
C GLN G 91 -13.02 -5.76 -52.77
N ALA G 92 -13.38 -4.51 -53.00
CA ALA G 92 -14.78 -4.10 -52.99
C ALA G 92 -15.59 -4.88 -54.00
N ARG G 93 -15.10 -4.92 -55.24
CA ARG G 93 -15.80 -5.62 -56.30
C ARG G 93 -16.00 -7.08 -55.94
N LEU G 94 -14.95 -7.70 -55.40
CA LEU G 94 -14.96 -9.12 -55.14
C LEU G 94 -15.92 -9.45 -54.00
N GLU G 95 -15.88 -8.62 -52.97
CA GLU G 95 -16.70 -8.84 -51.79
C GLU G 95 -18.15 -8.44 -52.06
N SER G 96 -18.37 -7.68 -53.12
CA SER G 96 -19.71 -7.41 -53.59
C SER G 96 -20.24 -8.58 -54.40
N ALA G 97 -19.36 -9.15 -55.22
CA ALA G 97 -19.69 -10.30 -56.04
C ALA G 97 -20.10 -11.47 -55.15
N LEU G 98 -19.17 -11.90 -54.32
CA LEU G 98 -19.43 -13.04 -53.44
C LEU G 98 -20.37 -12.65 -52.32
N GLY G 99 -20.41 -11.35 -52.04
CA GLY G 99 -21.24 -10.84 -50.96
C GLY G 99 -20.60 -11.06 -49.61
N LEU G 100 -19.32 -11.41 -49.63
CA LEU G 100 -18.57 -11.70 -48.42
C LEU G 100 -17.47 -10.70 -48.18
N ARG G 101 -17.56 -10.00 -47.06
CA ARG G 101 -16.55 -9.03 -46.69
C ARG G 101 -15.24 -9.71 -46.35
N LEU G 102 -14.25 -8.88 -46.04
CA LEU G 102 -12.93 -9.36 -45.68
C LEU G 102 -12.91 -10.11 -44.35
N GLY G 103 -12.36 -11.32 -44.35
CA GLY G 103 -12.25 -12.10 -43.14
C GLY G 103 -13.46 -12.96 -42.87
N ASP G 104 -14.55 -12.66 -43.54
CA ASP G 104 -15.80 -13.38 -43.36
C ASP G 104 -15.82 -14.59 -44.28
N SER G 105 -16.00 -15.77 -43.69
CA SER G 105 -15.96 -17.01 -44.46
C SER G 105 -17.35 -17.56 -44.71
N SER G 106 -17.40 -18.76 -45.27
CA SER G 106 -18.66 -19.44 -45.50
C SER G 106 -18.39 -20.92 -45.79
N GLU G 107 -19.43 -21.63 -46.19
CA GLU G 107 -19.29 -23.02 -46.64
C GLU G 107 -18.87 -23.02 -48.11
N ALA G 108 -19.15 -21.93 -48.79
CA ALA G 108 -18.88 -21.78 -50.21
C ALA G 108 -17.46 -21.31 -50.45
N VAL G 109 -17.12 -20.17 -49.86
CA VAL G 109 -15.81 -19.57 -50.05
C VAL G 109 -15.28 -19.01 -48.74
N THR G 110 -14.11 -18.39 -48.83
CA THR G 110 -13.49 -17.78 -47.68
C THR G 110 -12.52 -16.71 -48.14
N LEU G 111 -12.89 -15.46 -47.92
CA LEU G 111 -12.03 -14.36 -48.31
C LEU G 111 -11.21 -13.91 -47.12
N GLU G 112 -9.91 -13.75 -47.32
CA GLU G 112 -9.01 -13.39 -46.24
C GLU G 112 -7.81 -12.64 -46.78
N ALA G 113 -6.95 -12.19 -45.88
CA ALA G 113 -5.77 -11.41 -46.26
C ALA G 113 -4.48 -12.14 -45.94
N VAL G 114 -3.42 -11.79 -46.67
CA VAL G 114 -2.17 -12.52 -46.60
C VAL G 114 -0.96 -11.61 -46.35
N TYR G 115 -1.10 -10.35 -46.73
CA TYR G 115 -0.13 -9.29 -46.42
C TYR G 115 1.19 -9.36 -47.17
N CYS G 116 1.35 -10.34 -48.05
CA CYS G 116 2.28 -10.28 -49.20
C CYS G 116 2.32 -11.62 -49.89
N LEU G 117 2.79 -11.62 -51.14
CA LEU G 117 2.93 -12.86 -51.88
C LEU G 117 4.19 -12.88 -52.73
N GLY G 118 4.95 -11.79 -52.73
CA GLY G 118 6.11 -11.66 -53.58
C GLY G 118 5.79 -11.03 -54.92
N LEU G 119 4.50 -10.79 -55.16
CA LEU G 119 4.05 -10.16 -56.39
C LEU G 119 3.94 -8.65 -56.21
N CYS G 120 5.02 -8.03 -55.77
CA CYS G 120 4.98 -6.63 -55.37
C CYS G 120 5.03 -5.68 -56.56
N ALA G 121 5.43 -6.19 -57.72
CA ALA G 121 5.44 -5.41 -58.94
C ALA G 121 4.11 -5.60 -59.63
N CYS G 122 3.75 -6.86 -59.82
CA CYS G 122 2.41 -7.20 -60.24
C CYS G 122 1.50 -6.89 -59.07
N ALA G 123 1.33 -5.62 -58.79
CA ALA G 123 0.88 -5.17 -57.48
C ALA G 123 -0.40 -5.86 -57.04
N PRO G 124 -1.50 -5.65 -57.77
CA PRO G 124 -2.70 -6.28 -57.24
C PRO G 124 -2.60 -7.79 -57.38
N ALA G 125 -2.38 -8.47 -56.27
CA ALA G 125 -2.14 -9.90 -56.29
C ALA G 125 -3.09 -10.64 -55.40
N ALA G 126 -3.27 -11.92 -55.69
CA ALA G 126 -4.13 -12.77 -54.89
C ALA G 126 -3.74 -14.22 -55.03
N MET G 127 -4.20 -15.03 -54.10
CA MET G 127 -4.07 -16.47 -54.19
C MET G 127 -5.44 -17.08 -54.13
N VAL G 128 -5.90 -17.62 -55.25
CA VAL G 128 -7.17 -18.30 -55.31
C VAL G 128 -6.94 -19.79 -55.45
N ASP G 129 -7.25 -20.52 -54.39
CA ASP G 129 -7.19 -21.96 -54.42
C ASP G 129 -5.83 -22.43 -54.94
N ASP G 130 -4.77 -21.91 -54.32
CA ASP G 130 -3.40 -22.37 -54.62
C ASP G 130 -2.91 -21.90 -55.98
N ARG G 131 -3.65 -20.99 -56.60
CA ARG G 131 -3.23 -20.41 -57.87
C ARG G 131 -3.03 -18.92 -57.72
N LEU G 132 -1.84 -18.45 -58.04
CA LEU G 132 -1.53 -17.05 -57.91
C LEU G 132 -2.05 -16.23 -59.08
N VAL G 133 -2.45 -15.00 -58.79
CA VAL G 133 -2.97 -14.12 -59.82
C VAL G 133 -2.45 -12.72 -59.56
N GLY G 134 -2.20 -11.99 -60.63
CA GLY G 134 -1.64 -10.66 -60.54
C GLY G 134 -2.25 -9.71 -61.54
N ARG G 135 -1.93 -8.43 -61.40
CA ARG G 135 -2.47 -7.41 -62.25
C ARG G 135 -3.99 -7.47 -62.22
N LEU G 136 -4.53 -7.71 -61.04
CA LEU G 136 -5.96 -7.81 -60.84
C LEU G 136 -6.62 -6.45 -60.96
N ASP G 137 -7.01 -6.11 -62.18
CA ASP G 137 -7.82 -4.94 -62.43
C ASP G 137 -9.27 -5.38 -62.20
N ALA G 138 -10.22 -4.45 -62.25
CA ALA G 138 -11.61 -4.77 -61.97
C ALA G 138 -12.28 -5.67 -63.02
N ALA G 139 -11.51 -6.18 -63.99
CA ALA G 139 -12.07 -7.06 -65.00
C ALA G 139 -11.77 -8.52 -64.72
N ALA G 140 -10.53 -8.81 -64.34
CA ALA G 140 -10.11 -10.18 -64.09
C ALA G 140 -10.90 -10.77 -62.94
N VAL G 141 -11.49 -9.92 -62.11
CA VAL G 141 -12.27 -10.37 -60.97
C VAL G 141 -13.48 -11.14 -61.47
N ALA G 142 -13.99 -10.75 -62.63
CA ALA G 142 -15.09 -11.45 -63.26
C ALA G 142 -14.70 -12.90 -63.52
N GLY G 143 -13.49 -13.09 -64.03
CA GLY G 143 -12.99 -14.41 -64.35
C GLY G 143 -12.65 -15.19 -63.09
N ILE G 144 -12.28 -14.45 -62.06
CA ILE G 144 -11.98 -15.00 -60.75
C ILE G 144 -13.23 -15.64 -60.17
N VAL G 145 -14.34 -14.92 -60.31
CA VAL G 145 -15.61 -15.34 -59.74
C VAL G 145 -16.27 -16.37 -60.64
N ALA G 146 -15.95 -16.33 -61.93
CA ALA G 146 -16.57 -17.21 -62.91
C ALA G 146 -16.19 -18.67 -62.65
N GLU G 147 -14.91 -18.89 -62.36
CA GLU G 147 -14.42 -20.21 -62.06
C GLU G 147 -14.68 -20.57 -60.61
N LEU G 148 -15.47 -19.76 -59.93
CA LEU G 148 -15.59 -19.84 -58.49
C LEU G 148 -16.96 -19.43 -58.01
N GLY G 149 -17.82 -20.41 -57.78
CA GLY G 149 -19.18 -20.14 -57.33
C GLY G 149 -19.33 -20.24 -55.82
N SER H 2 -2.10 -72.49 11.38
CA SER H 2 -2.06 -72.14 12.83
C SER H 2 -0.63 -71.95 13.30
N ASP H 3 0.09 -71.04 12.65
CA ASP H 3 1.46 -70.73 13.02
C ASP H 3 1.45 -69.54 13.98
N ASP H 4 2.35 -69.59 14.96
CA ASP H 4 2.48 -68.49 15.91
C ASP H 4 3.22 -67.36 15.20
N LYS H 5 2.73 -66.14 15.39
CA LYS H 5 3.31 -64.97 14.76
C LYS H 5 4.79 -64.87 15.16
N ILE H 6 5.06 -65.29 16.38
CA ILE H 6 6.40 -65.22 16.94
C ILE H 6 7.33 -66.17 16.21
N ILE H 7 6.85 -67.38 15.94
CA ILE H 7 7.65 -68.38 15.24
C ILE H 7 7.96 -67.88 13.85
N ARG H 8 6.95 -67.28 13.24
CA ARG H 8 7.06 -66.75 11.90
C ARG H 8 8.16 -65.71 11.82
N MET H 9 8.11 -64.77 12.76
CA MET H 9 9.08 -63.69 12.81
C MET H 9 10.49 -64.22 13.05
N ALA H 10 10.59 -65.20 13.94
CA ALA H 10 11.88 -65.82 14.23
C ALA H 10 12.46 -66.45 12.98
N ASN H 11 11.65 -67.23 12.28
CA ASN H 11 12.09 -67.90 11.06
C ASN H 11 12.49 -66.90 10.00
N GLN H 12 11.77 -65.78 9.92
CA GLN H 12 12.14 -64.71 8.99
C GLN H 12 13.54 -64.16 9.28
N ILE H 13 13.76 -63.83 10.55
CA ILE H 13 15.03 -63.27 10.97
C ILE H 13 16.15 -64.26 10.65
N ALA H 14 15.85 -65.53 10.87
CA ALA H 14 16.80 -66.61 10.57
C ALA H 14 17.10 -66.69 9.08
N ALA H 15 16.05 -66.65 8.29
CA ALA H 15 16.16 -66.74 6.84
C ALA H 15 17.12 -65.67 6.36
N PHE H 16 17.01 -64.50 6.96
CA PHE H 16 17.94 -63.44 6.62
C PHE H 16 19.35 -63.79 7.04
N PHE H 17 19.55 -63.85 8.36
CA PHE H 17 20.89 -63.94 8.90
C PHE H 17 21.63 -65.20 8.48
N ALA H 18 20.93 -66.11 7.81
CA ALA H 18 21.54 -67.33 7.34
C ALA H 18 22.56 -67.08 6.24
N VAL H 19 22.25 -66.17 5.34
CA VAL H 19 23.09 -65.93 4.17
C VAL H 19 24.32 -65.14 4.58
N GLN H 20 24.30 -64.60 5.80
CA GLN H 20 25.39 -63.78 6.25
C GLN H 20 26.66 -64.61 6.40
N PRO H 21 27.81 -63.93 6.44
CA PRO H 21 29.12 -64.57 6.65
C PRO H 21 29.51 -64.57 8.12
N GLY H 22 30.09 -65.66 8.59
CA GLY H 22 30.58 -65.71 9.96
C GLY H 22 29.56 -66.20 10.95
N ASP H 23 29.49 -65.54 12.10
CA ASP H 23 28.52 -65.87 13.12
C ASP H 23 27.12 -65.60 12.63
N ARG H 24 26.32 -66.65 12.49
CA ARG H 24 24.97 -66.51 11.96
C ARG H 24 23.92 -66.60 13.07
N ALA H 25 24.33 -66.99 14.27
CA ALA H 25 23.41 -67.17 15.38
C ALA H 25 23.55 -66.07 16.42
N GLY H 26 24.79 -65.66 16.66
CA GLY H 26 25.06 -64.57 17.57
C GLY H 26 24.21 -63.37 17.26
N PRO H 27 24.24 -62.92 15.99
CA PRO H 27 23.46 -61.76 15.52
C PRO H 27 21.97 -61.96 15.68
N VAL H 28 21.49 -63.16 15.37
CA VAL H 28 20.08 -63.49 15.54
C VAL H 28 19.67 -63.23 16.98
N ALA H 29 20.43 -63.80 17.89
CA ALA H 29 20.15 -63.68 19.31
C ALA H 29 20.22 -62.23 19.75
N ALA H 30 21.20 -61.51 19.20
CA ALA H 30 21.40 -60.13 19.56
C ALA H 30 20.18 -59.33 19.17
N HIS H 31 19.69 -59.59 17.96
CA HIS H 31 18.57 -58.86 17.43
C HIS H 31 17.31 -59.13 18.23
N ILE H 32 17.05 -60.40 18.47
CA ILE H 32 15.88 -60.82 19.22
C ILE H 32 15.93 -60.32 20.65
N SER H 33 17.14 -60.10 21.17
CA SER H 33 17.29 -59.59 22.52
C SER H 33 17.21 -58.07 22.59
N GLU H 34 17.56 -57.41 21.49
CA GLU H 34 17.55 -55.96 21.45
C GLU H 34 16.19 -55.42 21.06
N ASN H 35 15.38 -56.25 20.40
CA ASN H 35 14.15 -55.77 19.80
C ASN H 35 12.89 -56.27 20.49
N TRP H 36 12.89 -57.53 20.90
CA TRP H 36 11.70 -58.14 21.48
C TRP H 36 11.59 -57.88 22.97
N SER H 37 10.37 -58.08 23.49
CA SER H 37 10.09 -57.80 24.89
C SER H 37 10.07 -59.09 25.70
N ALA H 38 9.77 -58.93 26.99
CA ALA H 38 9.86 -60.02 27.95
C ALA H 38 8.96 -61.21 27.63
N PRO H 39 7.63 -60.99 27.57
CA PRO H 39 6.73 -62.12 27.32
C PRO H 39 7.02 -62.83 26.01
N MET H 40 7.38 -62.07 24.99
CA MET H 40 7.64 -62.63 23.68
C MET H 40 8.87 -63.54 23.70
N ARG H 41 9.94 -63.04 24.30
CA ARG H 41 11.17 -63.83 24.44
C ARG H 41 10.87 -65.09 25.22
N ALA H 42 10.06 -64.97 26.26
CA ALA H 42 9.73 -66.11 27.09
C ALA H 42 8.97 -67.16 26.28
N ALA H 43 8.05 -66.69 25.46
CA ALA H 43 7.25 -67.58 24.62
C ALA H 43 8.16 -68.32 23.65
N LEU H 44 9.08 -67.58 23.05
CA LEU H 44 10.02 -68.15 22.11
C LEU H 44 10.89 -69.21 22.76
N LEU H 45 11.39 -68.91 23.94
CA LEU H 45 12.29 -69.82 24.63
C LEU H 45 11.52 -71.07 25.00
N ALA H 46 10.25 -70.88 25.37
CA ALA H 46 9.38 -71.99 25.68
C ALA H 46 9.17 -72.87 24.47
N HIS H 47 9.06 -72.24 23.31
CA HIS H 47 8.88 -72.99 22.06
C HIS H 47 10.12 -73.82 21.77
N VAL H 48 11.28 -73.19 21.87
CA VAL H 48 12.54 -73.85 21.54
C VAL H 48 12.84 -74.96 22.52
N ALA H 49 12.42 -74.78 23.77
CA ALA H 49 12.64 -75.77 24.80
C ALA H 49 11.66 -76.93 24.63
N ALA H 50 10.47 -76.59 24.17
CA ALA H 50 9.42 -77.57 23.91
C ALA H 50 9.63 -78.24 22.57
N GLN H 51 10.57 -77.72 21.79
CA GLN H 51 10.90 -78.28 20.50
C GLN H 51 9.68 -78.29 19.58
N SER H 52 9.10 -77.11 19.39
CA SER H 52 7.97 -76.99 18.49
C SER H 52 8.45 -77.05 17.04
N PRO H 53 7.61 -77.60 16.15
CA PRO H 53 7.95 -77.73 14.73
C PRO H 53 7.67 -76.46 13.94
N GLY H 54 8.13 -76.42 12.70
CA GLY H 54 7.97 -75.24 11.86
C GLY H 54 8.96 -74.18 12.28
N LEU H 55 10.09 -74.61 12.81
CA LEU H 55 11.07 -73.71 13.38
C LEU H 55 12.46 -74.05 12.83
N ASP H 56 13.24 -73.02 12.56
CA ASP H 56 14.55 -73.22 11.94
C ASP H 56 15.59 -73.62 12.98
N PRO H 57 16.49 -74.55 12.61
CA PRO H 57 17.52 -75.03 13.55
C PRO H 57 18.44 -73.91 14.02
N LEU H 58 18.55 -72.87 13.21
CA LEU H 58 19.40 -71.75 13.54
C LEU H 58 18.87 -71.06 14.79
N VAL H 59 17.55 -70.93 14.88
CA VAL H 59 16.95 -70.30 16.04
C VAL H 59 17.11 -71.21 17.25
N ILE H 60 17.04 -72.50 17.02
CA ILE H 60 17.26 -73.48 18.06
C ILE H 60 18.66 -73.29 18.64
N ALA H 61 19.59 -72.97 17.76
CA ALA H 61 20.98 -72.79 18.16
C ALA H 61 21.17 -71.44 18.85
N ALA H 62 20.37 -70.48 18.44
CA ALA H 62 20.53 -69.11 18.89
C ALA H 62 19.77 -68.81 20.19
N ALA H 63 18.82 -69.67 20.53
CA ALA H 63 17.95 -69.45 21.67
C ALA H 63 18.72 -69.35 22.99
N PRO H 64 19.65 -70.29 23.23
CA PRO H 64 20.44 -70.27 24.47
C PRO H 64 21.25 -68.99 24.66
N GLN H 65 21.49 -68.28 23.56
CA GLN H 65 22.30 -67.07 23.59
C GLN H 65 21.45 -65.82 23.78
N ILE H 66 20.14 -66.00 23.82
CA ILE H 66 19.21 -64.88 23.95
C ILE H 66 19.31 -64.28 25.33
N ARG H 67 19.05 -62.99 25.42
CA ARG H 67 18.97 -62.32 26.70
C ARG H 67 17.95 -63.02 27.59
N PRO H 68 18.33 -63.34 28.83
CA PRO H 68 17.45 -64.10 29.72
C PRO H 68 16.26 -63.28 30.19
N VAL H 69 15.20 -63.96 30.60
CA VAL H 69 14.00 -63.29 31.09
C VAL H 69 13.93 -63.33 32.62
N PRO H 70 13.67 -62.18 33.25
CA PRO H 70 13.53 -62.13 34.70
C PRO H 70 12.27 -62.84 35.21
PB MGD I . 21.09 33.56 7.18
O1B MGD I . 19.98 34.34 6.63
O2B MGD I . 20.85 32.15 7.51
O3B MGD I . 21.97 34.29 8.41
O3A MGD I . 21.47 36.87 9.53
PA MGD I . 22.53 35.88 8.38
O1A MGD I . 23.84 35.95 9.05
O2A MGD I . 22.33 36.50 7.06
O5' MGD I . 22.25 33.46 5.77
C5' MGD I . 23.56 33.24 5.96
C4' MGD I . 24.20 32.55 4.67
O4' MGD I . 24.64 31.19 4.79
C3' MGD I . 23.12 32.46 3.56
O3' MGD I . 23.67 33.03 2.43
C2' MGD I . 22.83 30.93 3.43
O2' MGD I . 22.57 30.54 2.16
C1' MGD I . 24.18 30.32 3.83
N9 MGD I . 23.92 28.86 4.23
C8 MGD I . 22.68 28.28 4.60
N7 MGD I . 22.83 26.98 4.89
C5 MGD I . 24.24 26.67 4.73
C6 MGD I . 24.97 25.39 4.91
O6 MGD I . 24.48 24.33 5.27
N1 MGD I . 26.45 25.40 4.65
C2 MGD I . 27.09 26.63 4.23
N2 MGD I . 28.54 26.61 3.99
N3 MGD I . 26.35 27.78 4.08
C4 MGD I . 24.92 27.81 4.32
C10 MGD I . 21.26 36.45 10.78
C11 MGD I . 21.49 37.63 11.87
O11 MGD I . 20.93 38.87 11.47
C12 MGD I . 20.88 37.31 13.25
S12 MGD I . 20.74 35.50 13.39
C13 MGD I . 20.25 38.21 13.96
S13 MGD I . 18.78 37.76 14.95
C14 MGD I . 20.16 39.72 13.57
N15 MGD I . 18.77 40.07 13.21
C16 MGD I . 18.53 41.36 12.63
C17 MGD I . 17.18 42.01 12.81
O17 MGD I . 16.23 41.54 13.45
N18 MGD I . 16.97 43.37 12.17
C19 MGD I . 18.05 43.99 11.40
N19 MGD I . 17.80 45.31 10.79
N20 MGD I . 19.25 43.36 11.25
C21 MGD I . 19.54 42.01 11.86
N22 MGD I . 20.82 41.35 11.69
C23 MGD I . 21.13 39.97 12.31
PB MGD J . 11.85 39.85 16.31
O1B MGD J . 10.71 39.19 15.65
O2B MGD J . 12.72 40.73 15.50
O3B MGD J . 12.77 38.87 17.30
O3A MGD J . 13.56 36.24 16.56
PA MGD J . 12.44 37.25 17.64
O1A MGD J . 12.97 36.92 18.98
O2A MGD J . 11.09 36.85 17.25
O5' MGD J . 11.06 41.03 17.45
C5' MGD J . 10.73 40.69 18.68
C4' MGD J . 9.59 41.65 19.20
O4' MGD J . 9.95 42.69 20.13
C3' MGD J . 9.09 42.50 18.01
O3' MGD J . 7.74 42.66 18.20
C2' MGD J . 9.93 43.80 18.19
O2' MGD J . 9.39 44.88 17.55
C1' MGD J . 9.67 43.96 19.69
N9 MGD J . 10.47 45.13 20.24
C8 MGD J . 11.17 46.16 19.55
N7 MGD J . 11.74 47.01 20.43
C5 MGD J . 11.41 46.53 21.76
C6 MGD J . 11.75 47.07 23.11
O6 MGD J . 12.43 48.06 23.36
N1 MGD J . 11.23 46.30 24.30
C2 MGD J . 10.42 45.11 24.08
N2 MGD J . 9.92 44.38 25.25
N3 MGD J . 10.16 44.70 22.83
C4 MGD J . 10.63 45.38 21.66
C10 MGD J . 14.22 35.24 17.13
C11 MGD J . 14.85 34.18 16.07
O11 MGD J . 13.89 33.59 15.17
C12 MGD J . 15.90 34.81 15.15
S12 MGD J . 16.81 36.07 16.10
C13 MGD J . 16.29 34.14 14.12
S13 MGD J . 18.01 34.20 13.43
C14 MGD J . 15.26 33.41 13.20
N15 MGD J . 14.48 34.40 12.44
C16 MGD J . 13.32 33.92 11.73
C17 MGD J . 12.89 34.64 10.47
O17 MGD J . 13.45 35.62 10.00
N18 MGD J . 11.68 34.09 9.77
C19 MGD J . 10.97 32.92 10.29
N19 MGD J . 9.79 32.43 9.54
N20 MGD J . 11.40 32.30 11.41
C21 MGD J . 12.60 32.78 12.19
N22 MGD J . 13.06 32.11 13.39
C23 MGD J . 14.28 32.64 14.19
MO 6MO K . 19.09 35.39 15.24
FE1 FES L . -13.70 7.43 13.39
FE2 FES L . -13.21 6.19 16.15
S1 FES L . -14.74 7.49 15.31
S2 FES L . -12.96 5.49 14.09
FE1 SF4 M . -7.22 7.61 -2.11
FE2 SF4 M . -7.99 6.46 -4.48
FE3 SF4 M . -7.01 8.99 -4.46
FE4 SF4 M . -9.47 8.46 -3.39
S1 SF4 M . -8.85 8.25 -5.57
S2 SF4 M . -7.84 9.76 -2.48
S3 SF4 M . -9.11 6.40 -2.51
S4 SF4 M . -5.88 7.10 -3.88
FE1 SF4 N . -10.90 14.90 5.63
FE2 SF4 N . -11.79 16.34 3.50
FE3 SF4 N . -9.13 15.86 3.81
FE4 SF4 N . -10.41 17.57 5.51
S1 SF4 N . -10.11 17.85 3.26
S2 SF4 N . -8.94 15.94 6.08
S3 SF4 N . -12.45 16.57 5.66
S4 SF4 N . -10.75 14.32 3.44
FE1 SF4 O . -3.76 23.73 6.80
FE2 SF4 O . -3.15 26.35 6.42
FE3 SF4 O . -1.84 24.92 8.33
FE4 SF4 O . -4.45 25.57 8.69
S1 SF4 O . -2.70 27.02 8.55
S2 SF4 O . -3.50 23.54 9.05
S3 SF4 O . -5.23 25.46 6.55
S4 SF4 O . -1.78 24.57 6.08
FE1 SF4 P . 12.09 24.87 10.98
FE2 SF4 P . 9.61 25.97 11.09
FE3 SF4 P . 11.43 26.59 13.01
FE4 SF4 P . 10.35 24.09 12.95
S1 SF4 P . 9.24 26.03 13.34
S2 SF4 P . 12.55 24.61 13.21
S3 SF4 P . 10.11 23.78 10.70
S4 SF4 P . 11.56 27.08 10.80
S H2S Q . 20.64 34.41 16.38
N1 FMN R . -35.59 16.50 24.20
C2 FMN R . -36.52 17.50 24.55
O2 FMN R . -36.85 17.69 25.71
N3 FMN R . -37.11 18.29 23.54
C4 FMN R . -36.81 18.16 22.19
O4 FMN R . -37.37 18.89 21.37
C4A FMN R . -35.84 17.11 21.81
N5 FMN R . -35.53 16.95 20.56
C5A FMN R . -34.61 15.94 20.26
C6 FMN R . -34.25 15.75 18.90
C7 FMN R . -33.35 14.78 18.52
C7M FMN R . -32.97 14.57 17.10
C8 FMN R . -32.76 13.98 19.53
C8M FMN R . -31.78 12.94 19.18
C9 FMN R . -33.09 14.17 20.85
C9A FMN R . -34.02 15.15 21.26
N10 FMN R . -34.35 15.34 22.60
C10 FMN R . -35.28 16.33 22.93
C1' FMN R . -33.77 14.51 23.72
C2' FMN R . -32.53 15.16 24.40
O2' FMN R . -31.46 14.41 23.93
C3' FMN R . -32.66 15.04 25.96
O3' FMN R . -32.90 13.68 26.14
C4' FMN R . -33.84 15.86 26.56
O4' FMN R . -33.69 17.16 26.06
C5' FMN R . -33.69 15.78 28.13
O5' FMN R . -34.85 16.09 28.71
P FMN R . -35.59 14.86 29.86
O1P FMN R . -35.77 13.68 28.92
O2P FMN R . -36.85 15.56 30.31
O3P FMN R . -34.47 14.75 30.87
FE1 SF4 S . -27.21 12.33 13.93
FE2 SF4 S . -27.06 12.50 11.21
FE3 SF4 S . -25.02 11.38 12.60
FE4 SF4 S . -25.46 14.06 12.79
S1 SF4 S . -24.84 12.91 10.94
S2 SF4 S . -25.03 12.64 14.51
S3 SF4 S . -27.73 14.14 12.65
S4 SF4 S . -27.14 10.60 12.46
PA NAI T . -29.98 9.16 26.24
O1A NAI T . -29.10 8.00 26.45
O2A NAI T . -31.48 8.99 26.31
O5B NAI T . -29.76 10.17 27.71
C5B NAI T . -30.80 10.62 28.45
C4B NAI T . -30.48 11.97 29.21
O4B NAI T . -29.90 11.74 30.50
C3B NAI T . -29.43 12.79 28.45
O3B NAI T . -29.65 14.15 28.62
C2B NAI T . -28.10 12.46 29.15
O2B NAI T . -27.27 13.58 29.27
C1B NAI T . -28.55 12.07 30.57
N9A NAI T . -27.77 10.93 31.07
C8A NAI T . -27.51 9.66 30.42
N7A NAI T . -26.76 8.81 31.14
C5A NAI T . -26.48 9.46 32.33
C6A NAI T . -25.74 9.14 33.51
N6A NAI T . -25.08 7.90 33.71
N1A NAI T . -25.67 10.06 34.52
C2A NAI T . -26.32 11.26 34.35
N3A NAI T . -27.05 11.71 33.29
C4A NAI T . -27.07 10.75 32.32
O3 NAI T . -29.48 9.94 24.91
PN NAI T . -30.19 11.09 24.01
O1N NAI T . -29.17 11.67 23.10
O2N NAI T . -31.06 12.01 24.82
O5D NAI T . -31.44 10.43 22.88
C5D NAI T . -32.48 9.66 23.28
C4D NAI T . -32.53 8.23 22.58
O4D NAI T . -31.66 8.14 21.42
C3D NAI T . -32.02 7.09 23.51
O3D NAI T . -32.98 6.11 23.65
C2D NAI T . -30.80 6.49 22.78
O2D NAI T . -30.83 5.09 22.90
C1D NAI T . -31.07 6.89 21.32
N1N NAI T . -29.79 6.88 20.46
C2N NAI T . -29.69 6.18 19.23
C3N NAI T . -28.49 5.73 18.72
C7N NAI T . -28.47 4.72 17.60
O7N NAI T . -29.47 4.40 16.98
N7N NAI T . -27.28 4.07 17.17
C4N NAI T . -27.25 6.45 19.18
C5N NAI T . -27.42 7.25 20.45
C6N NAI T . -28.64 7.58 20.91
FE1 FES U . -46.95 21.48 10.23
FE2 FES U . -46.59 20.89 13.27
S1 FES U . -46.60 19.68 11.45
S2 FES U . -47.86 22.24 12.08
PB MGD V . -2.83 -39.07 9.43
O1B MGD V . -3.65 -39.28 8.22
O2B MGD V . -2.09 -37.81 9.56
O3B MGD V . -1.87 -40.36 9.89
O3A MGD V . -1.64 -42.87 8.52
PA MGD V . -2.37 -41.97 9.97
O1A MGD V . -1.70 -42.64 11.10
O2A MGD V . -3.83 -42.10 9.78
O5' MGD V . -4.09 -38.95 10.76
C5' MGD V . -3.80 -39.21 12.03
C4' MGD V . -4.78 -38.42 13.01
O4' MGD V . -4.21 -37.36 13.79
C3' MGD V . -5.84 -37.68 12.16
O3' MGD V . -7.07 -38.05 12.67
C2' MGD V . -5.49 -36.16 12.34
O2' MGD V . -6.59 -35.36 12.38
C1' MGD V . -4.87 -36.14 13.74
N9 MGD V . -4.05 -34.87 13.86
C8 MGD V . -3.57 -34.06 12.79
N7 MGD V . -2.87 -33.01 13.27
C5 MGD V . -2.87 -33.12 14.71
C6 MGD V . -2.26 -32.25 15.75
O6 MGD V . -1.61 -31.23 15.55
N1 MGD V . -2.45 -32.65 17.19
C2 MGD V . -3.21 -33.84 17.50
N2 MGD V . -3.38 -34.21 18.91
N3 MGD V . -3.75 -34.60 16.49
C4 MGD V . -3.60 -34.26 15.10
C10 MGD V . -0.33 -42.77 8.27
C11 MGD V . 0.35 -44.23 8.01
O11 MGD V . -0.45 -45.06 7.17
C12 MGD V . 1.74 -44.13 7.33
S12 MGD V . 2.43 -42.50 7.69
C13 MGD V . 2.10 -44.96 6.38
S13 MGD V . 3.12 -44.38 4.98
C14 MGD V . 1.25 -46.19 5.91
N15 MGD V . 0.75 -45.97 4.54
C16 MGD V . -0.22 -46.88 4.03
C17 MGD V . -0.31 -47.11 2.54
O17 MGD V . 0.42 -46.56 1.70
N18 MGD V . -1.36 -48.09 2.04
C19 MGD V . -2.23 -48.77 2.99
N19 MGD V . -3.23 -49.71 2.46
N20 MGD V . -2.12 -48.54 4.33
C21 MGD V . -1.12 -47.58 4.90
N22 MGD V . -1.02 -47.34 6.33
C23 MGD V . 0.02 -46.36 6.93
PB MGD W . 3.47 -44.48 -2.38
O1B MGD W . 3.00 -43.33 -3.18
O2B MGD W . 2.46 -45.32 -1.69
O3B MGD W . 4.75 -44.17 -1.35
O3A MGD W . 4.90 -41.83 0.24
PA MGD W . 5.58 -42.69 -1.24
O1A MGD W . 6.96 -42.95 -0.84
O2A MGD W . 5.28 -41.79 -2.37
O5' MGD W . 4.14 -45.62 -3.62
C5' MGD W . 5.42 -45.56 -4.00
C4' MGD W . 5.56 -46.22 -5.43
O4' MGD W . 6.12 -47.54 -5.51
C3' MGD W . 4.14 -46.50 -5.97
O3' MGD W . 4.21 -46.28 -7.33
C2' MGD W . 3.93 -47.99 -5.58
O2' MGD W . 2.97 -48.62 -6.31
C1' MGD W . 5.29 -48.48 -6.07
N9 MGD W . 5.48 -49.95 -5.72
C8 MGD W . 4.53 -50.90 -5.26
N7 MGD W . 5.13 -52.10 -5.08
C5 MGD W . 6.53 -51.95 -5.44
C6 MGD W . 7.65 -52.92 -5.45
O6 MGD W . 7.61 -54.10 -5.13
N1 MGD W . 9.00 -52.40 -5.90
C2 MGD W . 9.13 -51.02 -6.28
N2 MGD W . 10.44 -50.54 -6.72
N3 MGD W . 8.06 -50.19 -6.25
C4 MGD W . 6.76 -50.64 -5.84
C10 MGD W . 5.79 -41.28 1.08
C11 MGD W . 5.14 -40.22 2.12
O11 MGD W . 4.43 -39.13 1.50
C12 MGD W . 4.12 -40.86 3.07
S12 MGD W . 4.66 -42.55 3.44
C13 MGD W . 3.37 -40.07 3.77
S13 MGD W . 2.77 -40.47 5.48
C14 MGD W . 2.69 -38.83 3.13
N15 MGD W . 1.62 -39.26 2.20
C16 MGD W . 1.05 -38.27 1.34
C17 MGD W . -0.39 -38.42 0.90
O17 MGD W . -1.13 -39.36 1.21
N18 MGD W . -0.94 -37.34 0.00
C19 MGD W . -0.11 -36.20 -0.40
N19 MGD W . -0.71 -35.18 -1.28
N20 MGD W . 1.18 -36.11 0.03
C21 MGD W . 1.81 -37.13 0.93
N22 MGD W . 3.18 -37.02 1.38
C23 MGD W . 3.82 -38.11 2.28
MO 6MO X . 4.16 -42.40 5.92
FE1 FES Y . 9.81 -6.27 -16.94
FE2 FES Y . 12.84 -6.10 -16.50
S1 FES Y . 11.57 -6.55 -18.21
S2 FES Y . 11.11 -4.95 -15.79
FE1 SF4 Z . -4.68 -4.03 -8.75
FE2 SF4 Z . -6.61 -2.08 -8.82
FE3 SF4 Z . -7.34 -4.69 -8.62
FE4 SF4 Z . -6.26 -3.74 -10.95
S1 SF4 Z . -8.24 -3.13 -10.01
S2 SF4 Z . -5.74 -5.69 -9.90
S3 SF4 Z . -4.76 -2.24 -10.14
S4 SF4 Z . -6.16 -3.50 -7.09
FE1 SF4 AA . 0.22 -11.69 -15.38
FE2 SF4 AA . -2.29 -12.11 -16.34
FE3 SF4 AA . -1.74 -12.61 -13.72
FE4 SF4 AA . -0.71 -14.24 -15.66
S1 SF4 AA . -2.91 -13.95 -15.14
S2 SF4 AA . 0.40 -13.38 -13.87
S3 SF4 AA . -0.34 -12.73 -17.33
S4 SF4 AA . -1.67 -10.59 -14.77
FE1 SF4 BA . -1.14 -22.26 -11.29
FE2 SF4 BA . -2.30 -24.73 -11.40
FE3 SF4 BA . 0.02 -24.39 -10.01
FE4 SF4 BA . 0.04 -24.25 -12.72
S1 SF4 BA . -0.47 -26.07 -11.46
S2 SF4 BA . 1.06 -22.83 -11.27
S3 SF4 BA . -1.98 -23.30 -13.14
S4 SF4 BA . -2.00 -23.45 -9.55
FE1 SF4 CA . 3.12 -29.47 2.86
FE2 SF4 CA . 2.78 -29.72 0.17
FE3 SF4 CA . 4.49 -31.40 1.47
FE4 SF4 CA . 5.16 -28.77 1.17
S1 SF4 CA . 4.88 -30.31 -0.48
S2 SF4 CA . 5.33 -30.02 3.07
S3 SF4 CA . 3.11 -27.79 1.33
S4 SF4 CA . 2.24 -31.24 1.75
S H2S DA . 5.60 -42.33 7.50
N1 FMN EA . 16.31 -10.70 -41.78
C2 FMN EA . 16.29 -11.41 -42.99
O2 FMN EA . 17.31 -11.83 -43.52
N3 FMN EA . 15.06 -11.66 -43.64
C4 FMN EA . 13.83 -11.25 -43.14
O4 FMN EA . 12.81 -11.51 -43.75
C4A FMN EA . 13.85 -10.49 -41.85
N5 FMN EA . 12.72 -10.09 -41.35
C5A FMN EA . 12.78 -9.39 -40.14
C6 FMN EA . 11.57 -8.93 -39.57
C7 FMN EA . 11.56 -8.24 -38.39
C7M FMN EA . 10.30 -7.75 -37.77
C8 FMN EA . 12.79 -7.98 -37.74
C8M FMN EA . 12.82 -7.24 -36.47
C9 FMN EA . 13.97 -8.42 -38.28
C9A FMN EA . 14.01 -9.13 -39.49
N10 FMN EA . 15.21 -9.58 -40.05
C10 FMN EA . 15.18 -10.28 -41.26
C1' FMN EA . 16.55 -9.34 -39.40
C2' FMN EA . 17.05 -10.51 -38.52
O2' FMN EA . 16.88 -10.03 -37.22
C3' FMN EA . 18.56 -10.80 -38.82
O3' FMN EA . 19.15 -9.54 -38.68
C4' FMN EA . 18.82 -11.35 -40.26
O4' FMN EA . 17.94 -12.44 -40.41
C5' FMN EA . 20.34 -11.77 -40.30
O5' FMN EA . 20.75 -11.86 -41.57
P FMN EA . 22.20 -10.84 -42.07
O1P FMN EA . 21.68 -9.46 -41.78
O2P FMN EA . 22.36 -11.20 -43.53
O3P FMN EA . 23.23 -11.37 -41.12
FE1 SF4 FA . 8.22 -6.62 -31.24
FE2 SF4 FA . 5.60 -6.04 -30.77
FE3 SF4 FA . 7.35 -6.08 -28.71
FE4 SF4 FA . 6.68 -8.42 -29.91
S1 SF4 FA . 5.30 -7.04 -28.75
S2 SF4 FA . 8.76 -7.76 -29.34
S3 SF4 FA . 6.42 -7.72 -32.08
S4 SF4 FA . 7.37 -4.66 -30.48
PA NAI GA . 20.78 -6.40 -34.64
O1A NAI GA . 21.37 -5.69 -33.48
O2A NAI GA . 20.85 -5.80 -36.01
O5B NAI GA . 21.87 -7.80 -34.91
C5B NAI GA . 22.39 -8.10 -36.13
C4B NAI GA . 22.69 -9.64 -36.31
O4B NAI GA . 24.01 -9.98 -35.87
C3B NAI GA . 21.76 -10.50 -35.44
O3B NAI GA . 21.49 -11.71 -36.07
C2B NAI GA . 22.58 -10.82 -34.18
O2B NAI GA . 22.38 -12.12 -33.74
C1B NAI GA . 24.03 -10.72 -34.69
N9A NAI GA . 24.90 -10.07 -33.70
C8A NAI GA . 24.69 -8.82 -33.01
N7A NAI GA . 25.67 -8.49 -32.15
C5A NAI GA . 26.61 -9.51 -32.23
C6A NAI GA . 27.86 -9.79 -31.59
N6A NAI GA . 28.46 -8.93 -30.64
N1A NAI GA . 28.54 -10.94 -31.94
C2A NAI GA . 27.96 -11.78 -32.86
N3A NAI GA . 26.79 -11.65 -33.52
C4A NAI GA . 26.17 -10.49 -33.16
O3 NAI GA . 19.30 -6.88 -34.19
PN NAI GA . 18.05 -7.46 -35.08
O1N NAI GA . 17.05 -8.03 -34.14
O2N NAI GA . 18.49 -8.23 -36.28
O5D NAI GA . 17.13 -6.14 -35.92
C5D NAI GA . 17.71 -5.23 -36.74
C4D NAI GA . 17.49 -3.71 -36.29
O4D NAI GA . 16.46 -3.58 -35.29
C3D NAI GA . 18.76 -3.11 -35.60
O3D NAI GA . 19.16 -1.96 -36.26
C2D NAI GA . 18.30 -2.73 -34.18
O2D NAI GA . 18.85 -1.50 -33.82
C1D NAI GA . 16.78 -2.60 -34.35
N1N NAI GA . 16.02 -2.75 -33.01
C2N NAI GA . 15.08 -1.80 -32.55
C3N NAI GA . 14.78 -1.61 -31.22
C7N NAI GA . 14.04 -0.39 -30.76
O7N NAI GA . 13.51 0.40 -31.53
N7N NAI GA . 13.89 -0.04 -29.38
C4N NAI GA . 15.04 -2.79 -30.31
C5N NAI GA . 15.99 -3.83 -30.87
C6N NAI GA . 16.28 -3.88 -32.19
FE1 FES HA . 1.09 -7.53 -51.99
FE2 FES HA . 4.16 -8.01 -51.90
S1 FES HA . 2.83 -6.38 -51.31
S2 FES HA . 2.55 -8.46 -53.33
#